data_5E6S
#
_entry.id   5E6S
#
_cell.length_a   151.900
_cell.length_b   118.877
_cell.length_c   150.967
_cell.angle_alpha   90.00
_cell.angle_beta   118.52
_cell.angle_gamma   90.00
#
_symmetry.space_group_name_H-M   'P 1 21 1'
#
loop_
_entity.id
_entity.type
_entity.pdbx_description
1 polymer 'Integrin alpha-L'
2 polymer 'Integrin beta-2'
3 non-polymer 'MAGNESIUM ION'
4 non-polymer 'CALCIUM ION'
5 non-polymer 2-acetamido-2-deoxy-beta-D-glucopyranose
6 water water
#
loop_
_entity_poly.entity_id
_entity_poly.type
_entity_poly.pdbx_seq_one_letter_code
_entity_poly.pdbx_strand_id
1 'polypeptide(L)'
;YNLDVRGARSFSPPRAGRHFGYRVLQVGNGVIVGAPGEGNSTGSLYQCQSGTGHCLPVTLRGSNYTSKYLGMTLATDPTD
GSILACDPGLSRTCDQNTYLSGLCYLFRQNLQGPMLQGRPGFQECIKGNVDLVFLFDGSMSLQPDEFQKILDFMKDVMKK
LSNTSYQFAAVQFSTSYKTEFDFSDYVKWKDPDALLKHVKHMLLLTNTFGAINYVATEVFREELGARPDATKVLIIITDG
EATDSGNIDAAKDIIRYIIGIGKHFQTKESQETLHKFASKPASEFVKILDTFEKLKDLFTELQKKIYVIEGTSKQDLTSF
NMELSSSGISADLSRGHAVVGAVGAKDWAGGFLDLKADLQDDTFIGNEPLTPEVRAGYLGYTVTWLPSRQKTSLLASGAP
RYQHMGRVLLFQEPQGGGHWSQVQTIHGTQIGSYFGGELCGVDVDQDGETELLLIGAPLFYGEQRGGRVFIYQRRQLGFE
EVSELQGDPGYPLGRFGEAITALTDINGDGLVDVAVGAPLEEQGAVYIFNGRHGGLSPQPSQRIEGTQVLSGIQWFGRSI
HGVKDLEGDGLADVAVGAESQMIVLSSRPVVDMVTLMSFSPAEIPVHEVECSYSTSNKMKEGVNITICFQIKSLIPQFQG
RLVARLTYTLQLDGHRTRRRGLFPGGRHELRRNIAVTTSMSCTDFSFHFPVCVQDLISPIRVSLNFSLWEEEGTPRDQRA
QGKDIPPILRPSLHSETWEIPFEKNPAALQTLFQGPLGAQGEKELQALEKENAQLEWELQALEKELAQHHHHHHA
;
A,C,E
2 'polypeptide(L)'
;QECTKFKVSSCRECIESGPGCTWCQKLNFTGPGDPDSIRCDTRPQLLMRGCAADDIMDPTSLAETQEDHNGGQKQLSPQK
VTLYLRPGQAAAFNVTFRRAKGYPIDLYYLMDLSYSMLDDLRNVKKLGGDLLRALNEITESGRIGFGSFVDKTVLPFVNT
HPDKLRNPCPNKEKECQPPFAFRHVLKLTNNSNQFQTEVGKQLISGNLDAPEGGLDAMMQVAACPEEIGWRKVTRLLVFA
TDDGFHFAGDGKLGAILTPNDGRCHLEDNLYKRSNEFDYPSVGQLAHKLAENNIQPIFAVTSRMVKTYEKLTEIIPKSAV
GELSEDSSNVVQLIKNAYNKLSSRVFLDHNALPDTLKVTYDSFCSNGVTHRNQPRGDCDGVQINVPITFQVKVTATECIQ
EQSFVIRALGFTDIVTVQVLPQCECRCRDQSRDRSLCHGKGFLECGICRCDTGYIGKNCEPAALQTLFQGPLGAQGKKKL
QALKKKNAQLKWKLQALKKKLAQHHHHHHA
;
B,D,F
#
loop_
_chem_comp.id
_chem_comp.type
_chem_comp.name
_chem_comp.formula
CA non-polymer 'CALCIUM ION' 'Ca 2'
MG non-polymer 'MAGNESIUM ION' 'Mg 2'
NAG D-saccharide, beta linking 2-acetamido-2-deoxy-beta-D-glucopyranose 'C8 H15 N O6'
#
# COMPACT_ATOMS: atom_id res chain seq x y z
N TYR A 1 -11.21 32.64 72.33
CA TYR A 1 -12.58 33.01 72.03
C TYR A 1 -12.87 34.48 72.35
N ASN A 2 -11.93 35.13 73.03
CA ASN A 2 -12.12 36.48 73.53
C ASN A 2 -11.24 37.51 72.82
N LEU A 3 -10.83 37.23 71.58
CA LEU A 3 -10.06 38.19 70.80
C LEU A 3 -10.99 39.22 70.17
N ASP A 4 -10.67 40.50 70.36
CA ASP A 4 -11.55 41.60 70.00
C ASP A 4 -11.31 42.00 68.55
N VAL A 5 -12.12 41.44 67.64
CA VAL A 5 -11.96 41.75 66.23
C VAL A 5 -12.43 43.16 65.93
N ARG A 6 -13.46 43.64 66.63
CA ARG A 6 -14.02 44.97 66.35
C ARG A 6 -13.07 46.08 66.74
N GLY A 7 -12.07 45.81 67.58
CA GLY A 7 -11.03 46.77 67.88
C GLY A 7 -9.70 46.52 67.20
N ALA A 8 -9.64 45.65 66.20
CA ALA A 8 -8.36 45.32 65.56
C ALA A 8 -7.69 46.56 64.98
N ARG A 9 -6.38 46.62 65.13
CA ARG A 9 -5.58 47.71 64.60
C ARG A 9 -4.74 47.24 63.42
N SER A 10 -4.55 48.13 62.45
CA SER A 10 -3.79 47.85 61.25
C SER A 10 -2.50 48.64 61.22
N PHE A 11 -1.44 48.01 60.74
CA PHE A 11 -0.13 48.63 60.61
C PHE A 11 0.35 48.37 59.19
N SER A 12 0.74 49.43 58.49
CA SER A 12 1.18 49.28 57.11
C SER A 12 1.92 50.53 56.66
N PRO A 13 3.20 50.43 56.32
CA PRO A 13 3.91 51.59 55.78
C PRO A 13 3.37 51.96 54.42
N PRO A 14 3.49 53.23 54.02
CA PRO A 14 2.92 53.64 52.72
C PRO A 14 3.57 52.98 51.51
N ARG A 15 4.79 52.45 51.64
CA ARG A 15 5.47 51.74 50.55
C ARG A 15 5.69 50.26 50.86
N ALA A 16 4.82 49.67 51.68
CA ALA A 16 4.93 48.26 51.99
C ALA A 16 4.75 47.44 50.73
N GLY A 17 5.62 46.44 50.55
CA GLY A 17 5.42 45.48 49.49
C GLY A 17 4.36 44.47 49.89
N ARG A 18 4.04 43.58 48.95
CA ARG A 18 3.02 42.57 49.23
C ARG A 18 3.46 41.62 50.33
N HIS A 19 4.76 41.48 50.57
CA HIS A 19 5.25 40.53 51.54
C HIS A 19 5.68 41.18 52.85
N PHE A 20 5.40 42.47 53.02
CA PHE A 20 5.32 43.02 54.35
C PHE A 20 4.23 42.26 55.11
N GLY A 21 4.59 41.72 56.26
CA GLY A 21 3.71 40.83 56.98
C GLY A 21 4.02 39.36 56.81
N TYR A 22 5.08 39.03 56.07
CA TYR A 22 5.43 37.62 55.88
C TYR A 22 5.86 36.97 57.17
N ARG A 23 6.50 37.72 58.06
CA ARG A 23 6.83 37.27 59.40
C ARG A 23 6.51 38.40 60.36
N VAL A 24 5.92 38.04 61.51
CA VAL A 24 5.65 38.99 62.58
C VAL A 24 6.18 38.40 63.88
N LEU A 25 6.74 39.26 64.73
CA LEU A 25 7.27 38.85 66.03
C LEU A 25 7.07 39.98 67.02
N GLN A 26 6.42 39.67 68.14
CA GLN A 26 6.35 40.60 69.25
C GLN A 26 7.62 40.47 70.07
N VAL A 27 8.41 41.54 70.15
CA VAL A 27 9.61 41.54 70.96
C VAL A 27 9.45 42.58 72.06
N GLY A 28 10.24 42.43 73.10
CA GLY A 28 10.32 43.49 74.09
C GLY A 28 10.75 44.77 73.41
N ASN A 29 9.81 45.72 73.26
CA ASN A 29 9.91 47.07 72.70
C ASN A 29 9.10 47.24 71.41
N GLY A 30 8.32 46.23 71.03
CA GLY A 30 7.36 46.45 69.95
C GLY A 30 7.14 45.17 69.15
N VAL A 31 6.79 45.36 67.88
CA VAL A 31 6.51 44.27 66.96
C VAL A 31 7.45 44.36 65.77
N ILE A 32 8.15 43.28 65.48
CA ILE A 32 9.03 43.20 64.31
C ILE A 32 8.24 42.60 63.16
N VAL A 33 8.47 43.11 61.95
CA VAL A 33 7.81 42.60 60.75
C VAL A 33 8.86 42.32 59.69
N GLY A 34 8.89 41.08 59.19
CA GLY A 34 9.76 40.74 58.08
C GLY A 34 9.06 41.02 56.77
N ALA A 35 9.77 41.67 55.86
CA ALA A 35 9.19 42.13 54.59
C ALA A 35 10.13 41.77 53.46
N PRO A 36 10.11 40.52 52.98
CA PRO A 36 10.91 40.16 51.82
C PRO A 36 10.52 41.01 50.62
N GLY A 37 11.51 41.31 49.79
CA GLY A 37 11.26 42.14 48.63
C GLY A 37 10.69 41.33 47.48
N GLU A 38 9.86 41.99 46.68
CA GLU A 38 9.31 41.36 45.50
C GLU A 38 10.07 41.83 44.29
N GLY A 39 10.26 40.92 43.35
CA GLY A 39 10.81 41.33 42.06
C GLY A 39 12.26 41.74 42.24
N ASN A 40 12.56 43.00 41.94
CA ASN A 40 13.91 43.52 42.07
C ASN A 40 14.21 44.05 43.46
N SER A 41 13.17 44.39 44.22
CA SER A 41 13.34 45.07 45.48
C SER A 41 14.10 44.20 46.48
N THR A 42 14.93 44.83 47.30
CA THR A 42 15.53 44.12 48.41
C THR A 42 14.53 44.00 49.57
N GLY A 43 14.85 43.11 50.50
CA GLY A 43 14.00 42.93 51.65
C GLY A 43 14.40 43.84 52.80
N SER A 44 13.57 43.82 53.85
CA SER A 44 13.88 44.67 55.00
C SER A 44 13.13 44.18 56.22
N LEU A 45 13.60 44.61 57.40
CA LEU A 45 12.92 44.39 58.67
C LEU A 45 12.34 45.71 59.14
N TYR A 46 11.09 45.68 59.60
CA TYR A 46 10.41 46.87 60.08
C TYR A 46 10.21 46.82 61.58
N GLN A 47 10.30 47.99 62.21
CA GLN A 47 9.98 48.16 63.62
C GLN A 47 8.61 48.83 63.71
N CYS A 48 7.67 48.19 64.39
CA CYS A 48 6.33 48.75 64.55
C CYS A 48 6.07 48.97 66.04
N GLN A 49 5.60 50.15 66.40
CA GLN A 49 5.33 50.52 67.78
C GLN A 49 3.83 50.67 67.98
N SER A 50 3.29 50.10 69.06
CA SER A 50 1.85 50.15 69.30
C SER A 50 1.39 51.55 69.66
N GLY A 51 2.16 52.21 70.50
CA GLY A 51 1.79 53.57 70.84
C GLY A 51 1.78 54.50 69.65
N THR A 52 2.80 54.40 68.78
CA THR A 52 2.89 55.23 67.58
C THR A 52 1.90 54.78 66.50
N GLY A 53 1.75 53.47 66.29
CA GLY A 53 0.92 52.98 65.21
C GLY A 53 1.60 52.99 63.85
N HIS A 54 2.89 53.25 63.79
CA HIS A 54 3.61 53.33 62.54
C HIS A 54 4.66 52.23 62.46
N CYS A 55 5.06 51.91 61.23
CA CYS A 55 6.07 50.89 60.99
C CYS A 55 7.21 51.52 60.21
N LEU A 56 8.41 51.45 60.78
CA LEU A 56 9.61 52.06 60.22
C LEU A 56 10.65 51.00 59.88
N PRO A 57 11.30 51.10 58.74
CA PRO A 57 12.33 50.12 58.37
C PRO A 57 13.60 50.32 59.19
N VAL A 58 14.31 49.22 59.39
CA VAL A 58 15.51 49.20 60.22
C VAL A 58 16.73 49.22 59.30
N THR A 59 17.76 49.96 59.71
CA THR A 59 19.04 49.93 59.03
C THR A 59 20.01 49.07 59.82
N LEU A 60 20.60 48.08 59.16
CA LEU A 60 21.62 47.24 59.78
C LEU A 60 23.00 47.89 59.65
N ARG A 61 23.71 47.97 60.76
CA ARG A 61 24.95 48.76 60.88
CA ARG A 61 24.90 48.80 60.78
C ARG A 61 26.12 48.12 60.15
N GLY A 62 26.33 46.81 60.34
CA GLY A 62 27.47 46.15 59.75
C GLY A 62 27.21 45.28 58.55
N SER A 63 26.04 45.33 57.94
CA SER A 63 25.75 44.43 56.81
C SER A 63 26.28 45.03 55.51
N ASN A 64 27.28 44.38 54.92
CA ASN A 64 27.72 44.74 53.57
C ASN A 64 26.67 44.43 52.53
N TYR A 65 25.66 43.66 52.90
CA TYR A 65 24.88 42.94 51.92
C TYR A 65 23.43 42.78 52.38
N THR A 66 22.49 42.94 51.44
CA THR A 66 21.07 42.77 51.69
C THR A 66 20.41 42.31 50.40
N SER A 67 19.74 41.18 50.43
CA SER A 67 19.02 40.65 49.28
C SER A 67 17.52 40.79 49.48
N LYS A 68 16.77 40.37 48.46
CA LYS A 68 15.31 40.34 48.56
C LYS A 68 14.81 39.37 49.62
N TYR A 69 15.66 38.46 50.09
CA TYR A 69 15.22 37.47 51.05
C TYR A 69 15.06 38.05 52.44
N LEU A 70 15.73 39.16 52.76
CA LEU A 70 15.71 39.67 54.13
C LEU A 70 14.28 39.91 54.58
N GLY A 71 13.97 39.44 55.78
CA GLY A 71 12.62 39.43 56.28
C GLY A 71 11.94 38.08 56.22
N MET A 72 12.60 37.10 55.61
CA MET A 72 11.98 35.79 55.43
C MET A 72 12.08 34.94 56.69
N THR A 73 13.05 35.21 57.56
CA THR A 73 13.38 34.31 58.67
C THR A 73 13.58 35.12 59.94
N LEU A 74 12.69 34.92 60.92
CA LEU A 74 12.68 35.68 62.15
C LEU A 74 12.42 34.75 63.32
N ALA A 75 13.27 34.83 64.33
CA ALA A 75 13.06 34.07 65.56
C ALA A 75 13.40 34.93 66.76
N THR A 76 12.76 34.62 67.90
CA THR A 76 13.10 35.27 69.16
C THR A 76 13.17 34.24 70.27
N ASP A 77 14.08 34.50 71.21
CA ASP A 77 14.31 33.64 72.37
C ASP A 77 13.40 34.06 73.51
N PRO A 78 12.50 33.19 73.97
CA PRO A 78 11.60 33.59 75.06
C PRO A 78 12.30 33.88 76.38
N THR A 79 13.53 33.38 76.57
CA THR A 79 14.17 33.49 77.88
C THR A 79 14.89 34.84 78.06
N ASP A 80 15.52 35.36 76.99
CA ASP A 80 16.32 36.57 77.13
C ASP A 80 15.98 37.66 76.12
N GLY A 81 14.95 37.47 75.30
CA GLY A 81 14.54 38.49 74.37
C GLY A 81 15.40 38.66 73.13
N SER A 82 16.40 37.80 72.92
CA SER A 82 17.23 37.94 71.73
C SER A 82 16.40 37.80 70.46
N ILE A 83 16.97 38.26 69.34
CA ILE A 83 16.32 38.21 68.04
C ILE A 83 17.31 37.62 67.04
N LEU A 84 16.86 36.60 66.31
CA LEU A 84 17.62 36.00 65.21
C LEU A 84 16.92 36.31 63.90
N ALA A 85 17.65 36.92 62.96
CA ALA A 85 17.16 37.22 61.63
C ALA A 85 18.20 36.76 60.61
N CYS A 86 17.72 36.18 59.51
CA CYS A 86 18.61 35.61 58.51
C CYS A 86 18.20 36.06 57.11
N ASP A 87 19.21 36.18 56.26
CA ASP A 87 19.06 36.56 54.85
C ASP A 87 19.56 35.38 54.03
N PRO A 88 18.68 34.46 53.63
CA PRO A 88 19.13 33.27 52.88
C PRO A 88 19.31 33.53 51.40
N GLY A 89 19.83 34.70 51.04
CA GLY A 89 20.00 35.06 49.65
C GLY A 89 21.39 35.55 49.30
N LEU A 90 22.40 35.10 50.04
CA LEU A 90 23.78 35.46 49.74
C LEU A 90 24.24 34.69 48.51
N SER A 91 24.11 35.33 47.36
CA SER A 91 24.45 34.72 46.09
C SER A 91 25.84 35.17 45.65
N ARG A 92 26.52 34.29 44.93
CA ARG A 92 27.91 34.51 44.52
C ARG A 92 28.27 33.46 43.48
N THR A 93 29.22 33.79 42.60
CA THR A 93 29.62 32.90 41.54
C THR A 93 31.05 32.40 41.75
N CYS A 94 31.29 31.15 41.34
CA CYS A 94 32.59 30.50 41.44
C CYS A 94 32.86 29.81 40.11
N ASP A 95 33.74 30.40 39.31
CA ASP A 95 33.90 30.03 37.90
C ASP A 95 32.53 30.21 37.27
N GLN A 96 31.94 29.19 36.64
CA GLN A 96 30.61 29.30 36.04
C GLN A 96 29.50 28.86 36.98
N ASN A 97 29.83 28.40 38.17
CA ASN A 97 28.84 27.99 39.16
C ASN A 97 28.38 29.19 39.98
N THR A 98 27.15 29.10 40.47
CA THR A 98 26.62 30.09 41.40
C THR A 98 26.30 29.41 42.73
N TYR A 99 26.75 30.02 43.83
CA TYR A 99 26.48 29.54 45.17
C TYR A 99 25.39 30.37 45.82
N LEU A 100 24.68 29.76 46.76
CA LEU A 100 23.57 30.42 47.44
C LEU A 100 23.50 29.91 48.87
N SER A 101 23.69 30.81 49.84
CA SER A 101 23.62 30.44 51.25
C SER A 101 23.14 31.67 52.01
N GLY A 102 23.21 31.61 53.34
CA GLY A 102 22.61 32.68 54.10
C GLY A 102 23.54 33.55 54.92
N LEU A 103 22.96 34.64 55.41
CA LEU A 103 23.66 35.62 56.22
C LEU A 103 22.74 35.90 57.42
N CYS A 104 23.18 35.53 58.62
CA CYS A 104 22.33 35.58 59.80
C CYS A 104 22.80 36.66 60.78
N TYR A 105 21.83 37.24 61.50
CA TYR A 105 22.05 38.38 62.38
C TYR A 105 21.45 38.08 63.75
N LEU A 106 22.18 38.46 64.80
CA LEU A 106 21.78 38.21 66.18
C LEU A 106 21.76 39.52 66.95
N PHE A 107 20.60 39.85 67.51
CA PHE A 107 20.39 41.12 68.22
C PHE A 107 20.12 40.78 69.68
N ARG A 108 21.08 41.09 70.54
CA ARG A 108 20.95 40.73 71.94
C ARG A 108 19.89 41.57 72.65
N GLN A 109 19.76 42.83 72.27
CA GLN A 109 18.88 43.78 72.95
C GLN A 109 17.62 44.06 72.14
N ASN A 110 17.80 44.51 70.92
CA ASN A 110 16.71 44.84 70.00
C ASN A 110 17.35 45.13 68.65
N LEU A 111 16.50 45.39 67.66
CA LEU A 111 16.98 45.66 66.31
C LEU A 111 17.87 46.90 66.22
N GLN A 112 17.71 47.82 67.14
CA GLN A 112 18.49 49.04 67.13
C GLN A 112 19.84 48.89 67.83
N GLY A 113 20.06 47.82 68.58
CA GLY A 113 21.24 47.70 69.40
C GLY A 113 22.38 46.95 68.73
N PRO A 114 23.36 46.52 69.54
CA PRO A 114 24.50 45.80 68.99
C PRO A 114 24.08 44.51 68.28
N MET A 115 24.77 44.22 67.19
CA MET A 115 24.40 43.13 66.29
C MET A 115 25.61 42.27 65.99
N LEU A 116 25.41 40.96 66.07
CA LEU A 116 26.40 39.98 65.61
C LEU A 116 25.93 39.39 64.29
N GLN A 117 26.89 38.99 63.47
CA GLN A 117 26.56 38.42 62.16
C GLN A 117 27.54 37.30 61.82
N GLY A 118 27.06 36.39 60.98
CA GLY A 118 27.84 35.25 60.53
C GLY A 118 27.23 34.71 59.25
N ARG A 119 27.91 33.72 58.68
CA ARG A 119 27.53 33.09 57.42
C ARG A 119 27.48 31.58 57.62
N PRO A 120 26.37 31.05 58.15
CA PRO A 120 26.30 29.61 58.42
C PRO A 120 26.29 28.79 57.14
N GLY A 121 27.01 27.67 57.19
CA GLY A 121 27.14 26.80 56.04
C GLY A 121 27.61 27.48 54.77
N PHE A 122 28.59 28.37 54.90
CA PHE A 122 29.13 29.13 53.76
C PHE A 122 30.31 28.38 53.16
N GLN A 123 30.17 27.93 51.92
CA GLN A 123 31.25 27.22 51.24
CA GLN A 123 31.24 27.22 51.24
C GLN A 123 32.02 28.21 50.39
N GLU A 124 33.29 28.43 50.73
CA GLU A 124 34.00 29.44 49.99
CA GLU A 124 34.12 29.40 50.01
C GLU A 124 34.34 28.93 48.58
N CYS A 125 34.57 29.88 47.70
CA CYS A 125 34.83 29.57 46.31
C CYS A 125 36.27 29.07 46.12
N ILE A 126 36.42 27.91 45.49
CA ILE A 126 37.72 27.36 45.13
C ILE A 126 37.68 27.02 43.65
N LYS A 127 38.44 27.76 42.83
CA LYS A 127 38.31 27.64 41.39
C LYS A 127 38.98 26.37 40.89
N GLY A 128 39.01 26.21 39.56
CA GLY A 128 39.65 25.07 38.97
C GLY A 128 41.15 25.08 39.16
N ASN A 129 41.76 26.27 39.13
CA ASN A 129 43.18 26.45 39.36
C ASN A 129 43.41 26.86 40.82
N VAL A 130 44.24 26.10 41.53
CA VAL A 130 44.50 26.33 42.94
C VAL A 130 46.01 26.40 43.15
N ASP A 131 46.48 27.52 43.69
CA ASP A 131 47.86 27.66 44.17
C ASP A 131 47.83 27.46 45.69
N LEU A 132 48.47 26.39 46.15
CA LEU A 132 48.40 25.99 47.54
C LEU A 132 49.81 26.00 48.15
N VAL A 133 49.93 26.58 49.32
CA VAL A 133 51.21 26.71 50.01
C VAL A 133 51.15 25.89 51.29
N PHE A 134 52.13 25.00 51.47
CA PHE A 134 52.34 24.30 52.73
C PHE A 134 53.22 25.15 53.63
N LEU A 135 52.68 25.55 54.78
CA LEU A 135 53.41 26.30 55.80
C LEU A 135 53.58 25.38 57.02
N PHE A 136 54.74 24.73 57.11
CA PHE A 136 54.93 23.65 58.07
C PHE A 136 55.88 24.01 59.20
N ASP A 137 55.52 23.59 60.40
CA ASP A 137 56.26 23.87 61.62
C ASP A 137 57.59 23.12 61.62
N GLY A 138 58.66 23.80 62.02
CA GLY A 138 59.94 23.15 62.22
C GLY A 138 60.54 23.50 63.58
N SER A 139 59.70 23.54 64.60
CA SER A 139 60.10 24.12 65.87
C SER A 139 60.91 23.14 66.70
N MET A 140 61.46 23.67 67.79
CA MET A 140 62.32 22.90 68.69
C MET A 140 61.60 21.69 69.28
N SER A 141 60.27 21.69 69.27
CA SER A 141 59.55 20.64 69.97
C SER A 141 59.44 19.34 69.19
N LEU A 142 59.70 19.35 67.88
CA LEU A 142 59.43 18.20 67.05
C LEU A 142 60.58 17.20 67.12
N GLN A 143 60.24 15.92 67.28
CA GLN A 143 61.21 14.87 67.12
C GLN A 143 61.51 14.68 65.63
N PRO A 144 62.67 14.11 65.29
CA PRO A 144 62.96 13.85 63.86
C PRO A 144 61.90 13.01 63.18
N ASP A 145 61.36 12.00 63.89
CA ASP A 145 60.30 11.16 63.33
CA ASP A 145 60.32 11.18 63.27
C ASP A 145 59.04 11.98 63.06
N GLU A 146 58.77 12.97 63.93
CA GLU A 146 57.57 13.78 63.77
C GLU A 146 57.73 14.80 62.65
N PHE A 147 58.91 15.39 62.52
CA PHE A 147 59.20 16.28 61.41
C PHE A 147 59.08 15.56 60.08
N GLN A 148 59.55 14.32 60.01
CA GLN A 148 59.46 13.54 58.79
C GLN A 148 58.01 13.28 58.38
N LYS A 149 57.14 13.01 59.35
CA LYS A 149 55.75 12.70 59.01
C LYS A 149 54.97 13.93 58.55
N ILE A 150 55.36 15.11 59.02
CA ILE A 150 54.85 16.34 58.41
C ILE A 150 55.30 16.42 56.96
N LEU A 151 56.56 16.11 56.68
CA LEU A 151 57.05 16.15 55.31
C LEU A 151 56.39 15.07 54.45
N ASP A 152 56.23 13.86 55.00
CA ASP A 152 55.53 12.81 54.26
C ASP A 152 54.10 13.23 53.94
N PHE A 153 53.45 13.95 54.86
CA PHE A 153 52.10 14.43 54.60
C PHE A 153 52.05 15.34 53.39
N MET A 154 52.99 16.29 53.29
CA MET A 154 53.02 17.20 52.17
C MET A 154 53.26 16.46 50.86
N LYS A 155 54.18 15.49 50.87
CA LYS A 155 54.46 14.71 49.67
C LYS A 155 53.22 13.92 49.23
N ASP A 156 52.55 13.27 50.18
CA ASP A 156 51.36 12.48 49.82
C ASP A 156 50.23 13.36 49.30
N VAL A 157 50.10 14.59 49.80
CA VAL A 157 49.07 15.48 49.29
C VAL A 157 49.39 15.89 47.85
N MET A 158 50.65 16.18 47.57
CA MET A 158 51.05 16.50 46.19
C MET A 158 50.95 15.27 45.29
N LYS A 159 51.24 14.08 45.81
CA LYS A 159 51.10 12.86 45.03
C LYS A 159 49.66 12.64 44.59
N LYS A 160 48.71 12.78 45.53
CA LYS A 160 47.31 12.62 45.19
C LYS A 160 46.85 13.70 44.21
N LEU A 161 47.39 14.91 44.32
CA LEU A 161 46.97 16.04 43.50
C LEU A 161 47.88 16.30 42.31
N SER A 162 48.79 15.39 41.99
CA SER A 162 49.45 15.45 40.70
C SER A 162 48.39 15.29 39.61
N ASN A 163 48.68 15.82 38.43
CA ASN A 163 47.77 15.80 37.28
C ASN A 163 46.43 16.50 37.58
N THR A 164 46.46 17.51 38.45
CA THR A 164 45.35 18.47 38.56
C THR A 164 45.87 19.84 38.14
N SER A 165 45.03 20.86 38.31
CA SER A 165 45.45 22.24 38.11
C SER A 165 46.12 22.82 39.34
N TYR A 166 46.37 22.00 40.36
CA TYR A 166 47.02 22.46 41.57
C TYR A 166 48.49 22.75 41.31
N GLN A 167 48.97 23.89 41.79
CA GLN A 167 50.38 24.20 41.88
C GLN A 167 50.74 24.45 43.34
N PHE A 168 51.94 24.04 43.73
CA PHE A 168 52.28 23.96 45.14
C PHE A 168 53.54 24.76 45.47
N ALA A 169 53.60 25.19 46.72
CA ALA A 169 54.80 25.80 47.30
C ALA A 169 54.86 25.38 48.77
N ALA A 170 56.04 25.53 49.36
CA ALA A 170 56.23 25.11 50.74
C ALA A 170 57.18 26.05 51.44
N VAL A 171 56.85 26.38 52.70
CA VAL A 171 57.66 27.25 53.53
C VAL A 171 57.77 26.63 54.92
N GLN A 172 58.99 26.36 55.36
CA GLN A 172 59.22 26.01 56.75
C GLN A 172 59.26 27.27 57.60
N PHE A 173 58.70 27.18 58.80
CA PHE A 173 58.79 28.31 59.71
C PHE A 173 59.13 27.81 61.10
N SER A 174 59.95 28.59 61.81
CA SER A 174 60.27 28.33 63.20
C SER A 174 60.43 29.68 63.88
N THR A 175 61.67 30.11 64.08
CA THR A 175 61.89 31.52 64.37
C THR A 175 61.84 32.34 63.09
N SER A 176 62.49 31.85 62.03
CA SER A 176 62.51 32.49 60.72
C SER A 176 61.71 31.62 59.74
N TYR A 177 61.72 32.01 58.46
CA TYR A 177 60.93 31.37 57.43
C TYR A 177 61.79 31.16 56.19
N LYS A 178 61.64 30.01 55.55
CA LYS A 178 62.40 29.69 54.35
C LYS A 178 61.49 29.00 53.35
N THR A 179 61.40 29.56 52.14
CA THR A 179 60.70 28.90 51.05
C THR A 179 61.52 27.71 50.57
N GLU A 180 61.02 26.49 50.80
CA GLU A 180 61.76 25.30 50.39
C GLU A 180 61.66 25.04 48.89
N PHE A 181 60.53 25.40 48.27
CA PHE A 181 60.40 25.41 46.82
C PHE A 181 59.23 26.30 46.45
N ASP A 182 59.34 26.98 45.32
CA ASP A 182 58.32 27.92 44.83
CA ASP A 182 58.29 27.90 44.88
C ASP A 182 57.38 27.20 43.87
N PHE A 183 56.35 27.92 43.41
CA PHE A 183 55.43 27.37 42.43
C PHE A 183 56.14 26.99 41.14
N SER A 184 57.06 27.84 40.68
CA SER A 184 57.79 27.53 39.46
C SER A 184 58.69 26.31 39.65
N ASP A 185 59.27 26.14 40.84
CA ASP A 185 60.02 24.92 41.13
C ASP A 185 59.15 23.68 41.00
N TYR A 186 57.90 23.75 41.48
CA TYR A 186 57.00 22.61 41.33
C TYR A 186 56.68 22.35 39.87
N VAL A 187 56.52 23.41 39.07
CA VAL A 187 56.23 23.25 37.65
C VAL A 187 57.37 22.55 36.94
N LYS A 188 58.61 22.84 37.35
CA LYS A 188 59.78 22.29 36.67
C LYS A 188 59.85 20.77 36.81
N TRP A 189 59.54 20.25 38.01
CA TRP A 189 59.77 18.84 38.32
C TRP A 189 58.52 18.04 38.63
N LYS A 190 57.59 18.58 39.43
CA LYS A 190 56.42 17.83 39.92
C LYS A 190 56.83 16.63 40.75
N ASP A 191 58.01 16.67 41.38
CA ASP A 191 58.51 15.56 42.18
C ASP A 191 58.57 15.94 43.65
N PRO A 192 57.63 15.50 44.48
CA PRO A 192 57.68 15.87 45.90
C PRO A 192 58.95 15.43 46.59
N ASP A 193 59.47 14.24 46.27
CA ASP A 193 60.68 13.75 46.93
C ASP A 193 61.87 14.64 46.62
N ALA A 194 61.98 15.12 45.38
CA ALA A 194 63.10 15.96 44.99
C ALA A 194 62.95 17.40 45.48
N LEU A 195 61.71 17.91 45.53
CA LEU A 195 61.48 19.28 45.96
C LEU A 195 61.76 19.47 47.45
N LEU A 196 61.54 18.42 48.26
CA LEU A 196 61.74 18.49 49.70
C LEU A 196 63.02 17.76 50.13
N LYS A 197 63.94 17.53 49.19
CA LYS A 197 65.14 16.74 49.48
C LYS A 197 66.11 17.49 50.39
N HIS A 198 66.17 18.82 50.27
CA HIS A 198 67.15 19.62 50.98
C HIS A 198 66.64 20.19 52.30
N VAL A 199 65.43 19.81 52.73
CA VAL A 199 64.83 20.39 53.93
C VAL A 199 65.65 19.99 55.15
N LYS A 200 65.99 20.96 55.98
CA LYS A 200 66.70 20.73 57.23
C LYS A 200 65.91 21.32 58.39
N HIS A 201 65.74 20.56 59.46
CA HIS A 201 64.92 20.98 60.59
C HIS A 201 65.52 22.20 61.26
N MET A 202 64.72 23.28 61.34
CA MET A 202 65.22 24.53 61.90
C MET A 202 65.45 24.42 63.41
N LEU A 203 64.49 23.82 64.13
CA LEU A 203 64.64 23.52 65.55
C LEU A 203 64.74 24.78 66.41
N LEU A 204 63.84 25.73 66.17
CA LEU A 204 63.77 26.94 66.98
C LEU A 204 62.35 27.20 67.46
N LEU A 205 61.90 28.47 67.41
CA LEU A 205 60.62 28.86 68.02
C LEU A 205 59.47 28.59 67.05
N THR A 206 58.30 29.21 67.29
CA THR A 206 57.11 29.02 66.44
C THR A 206 56.45 30.38 66.21
N ASN A 207 56.87 31.07 65.16
CA ASN A 207 56.39 32.41 64.88
C ASN A 207 55.36 32.34 63.75
N THR A 208 54.12 31.97 64.13
CA THR A 208 53.08 31.73 63.15
C THR A 208 52.62 33.02 62.49
N PHE A 209 52.50 34.11 63.26
CA PHE A 209 52.05 35.37 62.69
C PHE A 209 53.00 35.84 61.59
N GLY A 210 54.29 35.92 61.91
CA GLY A 210 55.26 36.36 60.91
C GLY A 210 55.31 35.43 59.72
N ALA A 211 55.17 34.13 59.95
CA ALA A 211 55.24 33.17 58.86
C ALA A 211 54.10 33.36 57.87
N ILE A 212 52.86 33.47 58.38
CA ILE A 212 51.70 33.64 57.50
C ILE A 212 51.84 34.93 56.68
N ASN A 213 52.26 36.02 57.32
CA ASN A 213 52.53 37.25 56.58
C ASN A 213 53.60 37.04 55.51
N TYR A 214 54.64 36.25 55.83
CA TYR A 214 55.68 35.98 54.85
C TYR A 214 55.11 35.26 53.64
N VAL A 215 54.16 34.35 53.87
CA VAL A 215 53.54 33.65 52.75
C VAL A 215 52.75 34.60 51.87
N ALA A 216 52.02 35.53 52.49
CA ALA A 216 51.15 36.40 51.71
C ALA A 216 51.95 37.38 50.85
N THR A 217 53.10 37.84 51.35
CA THR A 217 53.89 38.86 50.67
C THR A 217 55.09 38.32 49.92
N GLU A 218 55.66 37.18 50.31
CA GLU A 218 56.88 36.70 49.69
C GLU A 218 56.72 35.44 48.87
N VAL A 219 55.60 34.74 48.97
CA VAL A 219 55.43 33.45 48.32
C VAL A 219 54.43 33.53 47.18
N PHE A 220 53.29 34.18 47.40
CA PHE A 220 52.27 34.35 46.36
C PHE A 220 52.70 35.51 45.46
N ARG A 221 53.61 35.20 44.54
CA ARG A 221 54.19 36.19 43.65
C ARG A 221 54.20 35.65 42.23
N GLU A 222 53.84 36.51 41.27
CA GLU A 222 53.74 36.07 39.88
C GLU A 222 55.09 35.65 39.33
N GLU A 223 56.16 36.37 39.66
CA GLU A 223 57.47 36.01 39.16
C GLU A 223 58.00 34.72 39.78
N LEU A 224 57.38 34.24 40.85
CA LEU A 224 57.74 32.97 41.48
C LEU A 224 56.84 31.83 41.01
N GLY A 225 56.02 32.06 39.99
CA GLY A 225 55.17 31.03 39.42
C GLY A 225 53.73 31.02 39.89
N ALA A 226 53.27 32.03 40.61
CA ALA A 226 51.90 32.06 41.10
C ALA A 226 50.97 32.62 40.03
N ARG A 227 49.77 32.03 39.95
CA ARG A 227 48.81 32.39 38.92
C ARG A 227 47.80 33.38 39.48
N PRO A 228 47.71 34.60 38.94
CA PRO A 228 46.82 35.61 39.54
C PRO A 228 45.34 35.25 39.47
N ASP A 229 44.94 34.31 38.64
CA ASP A 229 43.54 33.91 38.55
C ASP A 229 43.24 32.62 39.31
N ALA A 230 44.20 32.11 40.06
CA ALA A 230 43.98 30.91 40.86
C ALA A 230 43.51 31.28 42.26
N THR A 231 42.83 30.34 42.91
CA THR A 231 42.46 30.48 44.31
C THR A 231 43.68 30.25 45.18
N LYS A 232 43.95 31.18 46.10
CA LYS A 232 45.06 31.04 47.02
C LYS A 232 44.61 30.23 48.24
N VAL A 233 45.33 29.16 48.53
CA VAL A 233 45.03 28.28 49.66
C VAL A 233 46.32 28.11 50.46
N LEU A 234 46.18 28.10 51.79
CA LEU A 234 47.30 27.97 52.70
C LEU A 234 46.99 26.86 53.70
N ILE A 235 47.88 25.86 53.78
CA ILE A 235 47.76 24.78 54.75
C ILE A 235 48.87 24.94 55.78
N ILE A 236 48.49 25.18 57.03
CA ILE A 236 49.43 25.44 58.10
C ILE A 236 49.50 24.21 58.98
N ILE A 237 50.71 23.73 59.24
CA ILE A 237 50.93 22.56 60.08
C ILE A 237 51.79 22.98 61.26
N THR A 238 51.27 22.77 62.47
CA THR A 238 51.98 23.22 63.66
C THR A 238 51.75 22.22 64.78
N ASP A 239 52.70 22.16 65.73
CA ASP A 239 52.58 21.27 66.88
C ASP A 239 52.53 22.03 68.20
N GLY A 240 52.34 23.35 68.15
CA GLY A 240 52.31 24.15 69.36
C GLY A 240 51.76 25.53 69.06
N GLU A 241 51.53 26.29 70.13
CA GLU A 241 50.99 27.63 70.00
C GLU A 241 52.04 28.58 69.43
N ALA A 242 51.58 29.71 68.89
CA ALA A 242 52.48 30.69 68.30
C ALA A 242 53.30 31.38 69.38
N THR A 243 54.58 31.61 69.09
CA THR A 243 55.47 32.33 69.99
C THR A 243 55.59 33.81 69.63
N ASP A 244 54.77 34.29 68.70
CA ASP A 244 54.70 35.71 68.38
C ASP A 244 53.26 36.18 68.50
N SER A 245 53.03 37.45 68.18
CA SER A 245 51.70 38.04 68.25
C SER A 245 51.57 39.04 67.12
N GLY A 246 50.33 39.46 66.85
CA GLY A 246 50.09 40.47 65.84
C GLY A 246 48.81 40.26 65.06
N ASN A 247 48.88 40.40 63.74
CA ASN A 247 47.72 40.18 62.88
C ASN A 247 48.17 39.54 61.57
N ILE A 248 47.22 38.88 60.91
CA ILE A 248 47.47 38.27 59.60
C ILE A 248 46.56 38.92 58.59
N ASP A 249 46.31 40.22 58.75
CA ASP A 249 45.43 40.93 57.83
C ASP A 249 45.92 40.81 56.40
N ALA A 250 47.25 40.76 56.21
CA ALA A 250 47.82 40.67 54.87
C ALA A 250 47.40 39.39 54.15
N ALA A 251 47.01 38.36 54.91
CA ALA A 251 46.65 37.06 54.33
C ALA A 251 45.15 36.80 54.37
N LYS A 252 44.35 37.85 54.56
CA LYS A 252 42.91 37.66 54.68
C LYS A 252 42.31 37.10 53.40
N ASP A 253 42.86 37.46 52.25
CA ASP A 253 42.33 36.95 50.99
C ASP A 253 42.66 35.48 50.76
N ILE A 254 43.48 34.87 51.61
CA ILE A 254 43.92 33.51 51.41
C ILE A 254 43.05 32.57 52.23
N ILE A 255 42.59 31.49 51.61
CA ILE A 255 41.84 30.46 52.31
C ILE A 255 42.84 29.66 53.15
N ARG A 256 42.60 29.60 54.46
CA ARG A 256 43.59 29.10 55.41
C ARG A 256 43.02 27.91 56.19
N TYR A 257 43.62 26.73 56.00
CA TYR A 257 43.48 25.59 56.89
C TYR A 257 44.66 25.55 57.85
N ILE A 258 44.40 25.12 59.08
CA ILE A 258 45.46 24.90 60.06
C ILE A 258 45.26 23.53 60.71
N ILE A 259 46.36 22.82 60.91
CA ILE A 259 46.36 21.47 61.45
C ILE A 259 47.19 21.48 62.73
N GLY A 260 46.53 21.31 63.86
CA GLY A 260 47.21 21.27 65.15
C GLY A 260 47.40 19.83 65.59
N ILE A 261 48.65 19.49 65.93
CA ILE A 261 49.05 18.10 66.11
C ILE A 261 49.68 17.93 67.50
N GLY A 262 49.19 16.95 68.25
CA GLY A 262 49.93 16.40 69.37
C GLY A 262 49.54 16.93 70.74
N LYS A 263 50.44 16.67 71.69
CA LYS A 263 50.15 16.90 73.11
C LYS A 263 49.95 18.37 73.45
N HIS A 264 50.54 19.29 72.69
CA HIS A 264 50.41 20.70 73.05
C HIS A 264 49.05 21.28 72.70
N PHE A 265 48.22 20.54 71.97
CA PHE A 265 46.85 20.93 71.68
C PHE A 265 45.86 19.99 72.37
N GLN A 266 46.18 19.62 73.61
CA GLN A 266 45.35 18.67 74.35
C GLN A 266 44.14 19.33 74.98
N THR A 267 44.32 20.52 75.52
CA THR A 267 43.21 21.30 76.05
C THR A 267 42.56 22.09 74.92
N LYS A 268 41.23 22.16 74.95
CA LYS A 268 40.52 22.89 73.90
C LYS A 268 40.77 24.38 73.98
N GLU A 269 41.27 24.89 75.11
CA GLU A 269 41.65 26.29 75.18
C GLU A 269 42.81 26.60 74.24
N SER A 270 43.79 25.69 74.18
CA SER A 270 44.91 25.88 73.27
C SER A 270 44.51 25.64 71.83
N GLN A 271 43.54 24.75 71.61
CA GLN A 271 43.06 24.50 70.25
C GLN A 271 42.39 25.74 69.67
N GLU A 272 41.65 26.49 70.50
CA GLU A 272 41.00 27.70 70.02
C GLU A 272 41.99 28.81 69.70
N THR A 273 43.24 28.73 70.19
CA THR A 273 44.23 29.72 69.79
C THR A 273 44.63 29.59 68.33
N LEU A 274 44.26 28.50 67.67
CA LEU A 274 44.53 28.30 66.26
C LEU A 274 43.44 28.86 65.36
N HIS A 275 42.28 29.20 65.92
CA HIS A 275 41.16 29.67 65.11
C HIS A 275 41.49 31.00 64.43
N LYS A 276 42.19 31.89 65.12
CA LYS A 276 42.51 33.18 64.52
C LYS A 276 43.42 33.09 63.30
N PHE A 277 44.11 31.96 63.11
CA PHE A 277 44.95 31.78 61.94
C PHE A 277 44.21 31.18 60.74
N ALA A 278 43.07 30.52 60.96
CA ALA A 278 42.39 29.79 59.92
C ALA A 278 41.17 30.56 59.40
N SER A 279 40.64 30.09 58.28
CA SER A 279 39.39 30.62 57.75
C SER A 279 38.22 30.24 58.66
N LYS A 280 37.02 30.61 58.24
CA LYS A 280 35.80 30.29 58.98
C LYS A 280 34.83 29.43 58.17
N PRO A 281 34.16 28.50 58.84
CA PRO A 281 34.22 28.30 60.30
C PRO A 281 35.34 27.36 60.74
N ALA A 282 35.70 27.45 62.02
CA ALA A 282 36.78 26.62 62.56
C ALA A 282 36.49 25.13 62.40
N SER A 283 35.22 24.75 62.43
CA SER A 283 34.85 23.34 62.28
C SER A 283 35.26 22.78 60.92
N GLU A 284 35.51 23.63 59.94
CA GLU A 284 35.99 23.20 58.63
C GLU A 284 37.49 23.40 58.47
N PHE A 285 38.03 24.49 58.99
CA PHE A 285 39.41 24.85 58.67
C PHE A 285 40.41 24.56 59.77
N VAL A 286 39.98 24.15 60.95
CA VAL A 286 40.89 23.83 62.05
C VAL A 286 40.78 22.33 62.33
N LYS A 287 41.85 21.61 62.08
CA LYS A 287 41.93 20.18 62.35
C LYS A 287 42.85 19.95 63.55
N ILE A 288 42.34 19.30 64.57
CA ILE A 288 43.11 18.95 65.76
C ILE A 288 43.38 17.45 65.72
N LEU A 289 44.66 17.08 65.68
CA LEU A 289 45.08 15.68 65.68
C LEU A 289 45.78 15.37 66.99
N ASP A 290 45.40 14.27 67.62
CA ASP A 290 46.03 13.91 68.88
C ASP A 290 47.39 13.26 68.68
N THR A 291 47.61 12.68 67.49
CA THR A 291 48.87 12.04 67.14
C THR A 291 49.26 12.41 65.72
N PHE A 292 50.57 12.41 65.47
CA PHE A 292 51.07 12.62 64.11
C PHE A 292 50.65 11.50 63.17
N GLU A 293 50.33 10.32 63.69
CA GLU A 293 49.97 9.21 62.83
C GLU A 293 48.64 9.47 62.13
N LYS A 294 47.76 10.25 62.75
CA LYS A 294 46.49 10.58 62.11
C LYS A 294 46.64 11.55 60.94
N LEU A 295 47.85 12.02 60.64
CA LEU A 295 48.06 12.82 59.42
C LEU A 295 47.76 12.00 58.17
N LYS A 296 48.03 10.69 58.22
CA LYS A 296 47.73 9.84 57.09
C LYS A 296 46.23 9.65 56.91
N ASP A 297 45.47 9.69 58.01
CA ASP A 297 44.02 9.68 57.90
C ASP A 297 43.48 10.95 57.24
N LEU A 298 44.26 12.03 57.24
CA LEU A 298 43.74 13.34 56.88
C LEU A 298 43.50 13.50 55.39
N PHE A 299 44.16 12.70 54.55
CA PHE A 299 44.06 12.90 53.10
C PHE A 299 42.62 12.87 52.61
N THR A 300 41.72 12.26 53.37
CA THR A 300 40.32 12.28 52.97
C THR A 300 39.71 13.67 53.14
N GLU A 301 40.05 14.36 54.22
CA GLU A 301 39.49 15.69 54.43
C GLU A 301 40.27 16.79 53.70
N LEU A 302 41.60 16.77 53.72
CA LEU A 302 42.30 17.91 53.15
C LEU A 302 42.68 17.69 51.69
N GLN A 303 42.26 16.58 51.08
CA GLN A 303 42.43 16.39 49.65
C GLN A 303 41.10 16.15 48.96
N LYS A 304 40.28 15.23 49.47
CA LYS A 304 38.98 15.00 48.85
C LYS A 304 38.01 16.16 49.10
N LYS A 305 38.18 16.91 50.19
CA LYS A 305 37.27 18.03 50.42
C LYS A 305 37.69 19.30 49.70
N ILE A 306 38.99 19.49 49.45
CA ILE A 306 39.39 20.60 48.61
C ILE A 306 39.07 20.21 47.17
N LEU A 317 28.92 21.47 38.07
CA LEU A 317 28.62 20.60 39.20
C LEU A 317 27.30 19.87 39.01
N THR A 318 27.34 18.54 39.15
CA THR A 318 26.12 17.73 39.18
C THR A 318 25.69 17.38 40.60
N SER A 319 26.63 17.29 41.54
CA SER A 319 26.35 17.01 42.94
C SER A 319 26.80 18.20 43.80
N PHE A 320 26.00 18.52 44.79
CA PHE A 320 26.23 19.69 45.63
C PHE A 320 26.24 19.31 47.10
N ASN A 321 27.19 19.87 47.84
CA ASN A 321 27.25 19.66 49.28
C ASN A 321 26.63 20.84 50.01
N MET A 322 27.38 21.94 50.16
CA MET A 322 26.87 23.14 50.82
C MET A 322 26.91 24.38 49.93
N GLU A 323 27.33 24.24 48.66
CA GLU A 323 27.38 25.38 47.74
C GLU A 323 26.01 26.05 47.59
N LEU A 324 24.94 25.27 47.61
CA LEU A 324 23.58 25.77 47.50
C LEU A 324 22.78 25.42 48.74
N SER A 325 23.40 25.56 49.91
CA SER A 325 22.77 25.10 51.13
C SER A 325 21.48 25.86 51.46
N SER A 326 21.37 27.11 51.00
CA SER A 326 20.24 27.98 51.37
C SER A 326 20.08 28.09 52.88
N SER A 327 21.21 28.14 53.61
CA SER A 327 21.15 28.29 55.05
C SER A 327 20.40 29.56 55.44
N GLY A 328 19.77 29.51 56.61
CA GLY A 328 18.97 30.62 57.09
C GLY A 328 17.58 30.69 56.52
N ILE A 329 17.15 29.69 55.74
CA ILE A 329 15.81 29.71 55.22
C ILE A 329 14.77 29.48 56.32
N SER A 330 15.22 29.00 57.48
CA SER A 330 14.39 28.83 58.65
C SER A 330 15.30 28.90 59.86
N ALA A 331 14.76 29.29 61.00
CA ALA A 331 15.60 29.42 62.18
C ALA A 331 14.75 29.36 63.43
N ASP A 332 15.40 29.00 64.54
CA ASP A 332 14.80 29.08 65.86
C ASP A 332 15.90 29.46 66.84
N LEU A 333 15.47 30.00 67.98
CA LEU A 333 16.41 30.51 68.97
C LEU A 333 15.78 30.31 70.34
N SER A 334 16.41 29.49 71.18
CA SER A 334 15.87 29.14 72.47
C SER A 334 17.01 28.92 73.45
N ARG A 335 16.89 29.53 74.63
CA ARG A 335 17.89 29.39 75.70
C ARG A 335 19.30 29.65 75.21
N GLY A 336 19.47 30.71 74.41
CA GLY A 336 20.78 31.09 73.93
C GLY A 336 21.33 30.22 72.82
N HIS A 337 20.55 29.28 72.30
CA HIS A 337 21.01 28.35 71.28
C HIS A 337 20.26 28.62 69.99
N ALA A 338 21.00 28.81 68.91
CA ALA A 338 20.46 29.15 67.59
C ALA A 338 20.65 28.01 66.61
N VAL A 339 19.64 27.77 65.78
CA VAL A 339 19.69 26.76 64.72
CA VAL A 339 19.69 26.77 64.73
C VAL A 339 19.08 27.38 63.47
N VAL A 340 19.71 27.13 62.33
CA VAL A 340 19.19 27.59 61.05
C VAL A 340 19.07 26.36 60.14
N GLY A 341 17.98 26.29 59.39
CA GLY A 341 17.83 25.24 58.41
C GLY A 341 18.70 25.47 57.19
N ALA A 342 18.98 24.37 56.48
CA ALA A 342 19.82 24.40 55.29
C ALA A 342 19.25 23.39 54.29
N VAL A 343 18.19 23.80 53.59
CA VAL A 343 17.40 22.88 52.77
C VAL A 343 18.20 22.35 51.58
N GLY A 344 19.09 23.17 51.02
CA GLY A 344 19.83 22.74 49.84
C GLY A 344 20.96 21.76 50.11
N ALA A 345 21.29 21.53 51.37
CA ALA A 345 22.43 20.70 51.72
C ALA A 345 22.30 19.31 51.11
N LYS A 346 23.41 18.80 50.57
CA LYS A 346 23.49 17.43 50.07
C LYS A 346 22.44 17.17 49.00
N ASP A 347 22.52 17.95 47.92
CA ASP A 347 21.57 17.88 46.81
C ASP A 347 20.14 18.01 47.32
N TRP A 348 19.92 19.05 48.13
CA TRP A 348 18.61 19.41 48.66
C TRP A 348 18.02 18.31 49.53
N ALA A 349 18.86 17.38 49.98
CA ALA A 349 18.44 16.47 51.03
C ALA A 349 18.10 17.25 52.29
N GLY A 350 18.95 18.22 52.64
CA GLY A 350 18.65 19.13 53.72
C GLY A 350 19.36 18.80 55.00
N GLY A 351 19.00 19.55 56.03
CA GLY A 351 19.62 19.46 57.34
C GLY A 351 19.57 20.82 58.01
N PHE A 352 20.20 20.90 59.18
CA PHE A 352 20.26 22.16 59.91
C PHE A 352 21.69 22.39 60.40
N LEU A 353 21.92 23.58 60.92
CA LEU A 353 23.25 24.03 61.33
C LEU A 353 23.17 24.45 62.80
N ASP A 354 23.79 23.65 63.67
CA ASP A 354 23.96 24.02 65.06
C ASP A 354 24.96 25.16 65.14
N LEU A 355 24.50 26.32 65.60
CA LEU A 355 25.31 27.54 65.55
C LEU A 355 25.95 27.83 66.90
N LYS A 356 27.25 28.05 66.90
CA LYS A 356 27.91 28.68 68.03
C LYS A 356 27.38 30.11 68.16
N ALA A 357 27.20 30.57 69.40
CA ALA A 357 26.38 31.75 69.65
C ALA A 357 27.10 33.08 69.41
N ASP A 358 28.32 33.06 68.90
CA ASP A 358 28.87 34.26 68.30
C ASP A 358 28.71 34.25 66.80
N LEU A 359 28.07 33.20 66.27
CA LEU A 359 27.76 32.99 64.85
C LEU A 359 29.00 32.79 63.99
N GLN A 360 30.14 32.44 64.58
CA GLN A 360 31.37 32.30 63.81
C GLN A 360 31.74 30.85 63.53
N ASP A 361 30.94 29.90 64.02
CA ASP A 361 31.18 28.48 63.81
C ASP A 361 29.84 27.77 63.77
N ASP A 362 29.81 26.61 63.12
CA ASP A 362 28.57 25.86 62.98
C ASP A 362 28.88 24.37 62.89
N THR A 363 27.83 23.57 63.07
CA THR A 363 27.89 22.11 62.99
C THR A 363 26.69 21.64 62.17
N PHE A 364 26.94 20.92 61.09
CA PHE A 364 25.87 20.45 60.21
C PHE A 364 25.33 19.11 60.69
N ILE A 365 24.01 18.94 60.59
CA ILE A 365 23.33 17.69 60.92
C ILE A 365 22.28 17.46 59.86
N GLY A 366 22.31 16.30 59.22
CA GLY A 366 21.37 15.98 58.16
C GLY A 366 20.80 14.59 58.32
N ASN A 367 20.28 14.03 57.22
CA ASN A 367 19.81 12.66 57.24
C ASN A 367 20.97 11.69 57.34
N GLU A 368 20.76 10.57 58.01
CA GLU A 368 21.71 9.48 57.93
CA GLU A 368 21.73 9.47 58.00
C GLU A 368 21.05 8.12 58.09
N PRO A 369 21.41 7.18 57.20
CA PRO A 369 22.41 7.42 56.15
C PRO A 369 21.88 8.21 54.94
N LEU A 370 22.77 8.89 54.23
CA LEU A 370 22.40 9.57 53.00
C LEU A 370 22.05 8.53 51.94
N THR A 371 20.78 8.47 51.59
CA THR A 371 20.29 7.51 50.60
C THR A 371 19.72 8.28 49.41
N PRO A 372 19.44 7.61 48.29
CA PRO A 372 18.79 8.30 47.18
C PRO A 372 17.42 8.86 47.54
N GLU A 373 16.75 8.26 48.53
CA GLU A 373 15.36 8.62 48.81
C GLU A 373 15.24 9.98 49.49
N VAL A 374 16.22 10.35 50.33
CA VAL A 374 16.08 11.60 51.08
C VAL A 374 16.37 12.83 50.23
N ARG A 375 16.93 12.65 49.04
CA ARG A 375 17.32 13.81 48.24
C ARG A 375 16.09 14.56 47.72
N ALA A 376 16.25 15.87 47.60
CA ALA A 376 15.16 16.77 47.21
C ALA A 376 14.02 16.74 48.23
N GLY A 377 14.37 16.50 49.49
CA GLY A 377 13.39 16.43 50.57
C GLY A 377 13.20 17.74 51.32
N TYR A 378 14.18 18.63 51.25
CA TYR A 378 14.15 19.96 51.91
C TYR A 378 14.10 19.85 53.43
N LEU A 379 14.87 18.93 54.02
CA LEU A 379 15.00 18.90 55.47
C LEU A 379 15.63 20.20 55.96
N GLY A 380 15.11 20.71 57.09
CA GLY A 380 15.47 22.04 57.52
C GLY A 380 14.60 23.14 56.95
N TYR A 381 13.53 22.79 56.23
CA TYR A 381 12.57 23.80 55.81
C TYR A 381 11.87 24.42 57.01
N THR A 382 11.70 23.64 58.07
CA THR A 382 11.31 24.15 59.38
C THR A 382 12.28 23.58 60.40
N VAL A 383 12.64 24.38 61.40
CA VAL A 383 13.40 23.89 62.55
C VAL A 383 12.77 24.49 63.81
N THR A 384 12.41 23.64 64.77
CA THR A 384 11.71 24.06 65.96
C THR A 384 12.27 23.33 67.16
N TRP A 385 12.81 24.11 68.11
CA TRP A 385 13.25 23.55 69.38
C TRP A 385 12.06 23.04 70.18
N LEU A 386 12.23 21.88 70.83
CA LEU A 386 11.25 21.32 71.74
C LEU A 386 11.96 21.16 73.08
N PRO A 387 12.05 22.23 73.87
CA PRO A 387 12.88 22.21 75.07
C PRO A 387 12.16 21.61 76.27
N SER A 388 12.97 21.03 77.16
CA SER A 388 12.50 20.49 78.43
C SER A 388 13.59 20.69 79.48
N ARG A 389 13.15 20.80 80.73
CA ARG A 389 14.09 20.99 81.83
C ARG A 389 14.49 19.66 82.48
N GLN A 390 13.57 18.71 82.56
CA GLN A 390 13.81 17.40 83.16
C GLN A 390 14.14 16.35 82.10
N LYS A 391 13.25 16.18 81.13
CA LYS A 391 13.53 15.26 80.03
C LYS A 391 14.52 15.90 79.05
N THR A 392 15.00 15.09 78.11
CA THR A 392 15.95 15.60 77.12
C THR A 392 15.25 16.59 76.21
N SER A 393 16.01 17.57 75.76
CA SER A 393 15.50 18.60 74.87
C SER A 393 15.75 18.19 73.43
N LEU A 394 14.76 18.44 72.58
CA LEU A 394 14.76 17.93 71.22
C LEU A 394 14.65 19.08 70.22
N LEU A 395 14.89 18.73 68.95
CA LEU A 395 14.71 19.63 67.82
C LEU A 395 13.93 18.90 66.74
N ALA A 396 12.81 19.48 66.33
CA ALA A 396 11.99 18.94 65.26
C ALA A 396 12.26 19.71 63.98
N SER A 397 12.46 18.99 62.89
CA SER A 397 12.75 19.61 61.61
C SER A 397 11.98 18.91 60.50
N GLY A 398 11.32 19.71 59.65
CA GLY A 398 10.48 19.17 58.60
C GLY A 398 11.21 19.05 57.29
N ALA A 399 10.91 17.98 56.55
CA ALA A 399 11.35 17.82 55.18
C ALA A 399 10.08 17.70 54.35
N PRO A 400 9.43 18.83 54.07
CA PRO A 400 8.07 18.80 53.51
C PRO A 400 8.00 18.26 52.09
N ARG A 401 9.14 17.98 51.45
CA ARG A 401 9.20 17.43 50.10
C ARG A 401 9.68 15.99 50.03
N TYR A 402 10.03 15.40 51.16
CA TYR A 402 10.55 14.04 51.17
C TYR A 402 9.64 13.10 50.42
N GLN A 403 10.17 12.47 49.37
CA GLN A 403 9.43 11.54 48.53
C GLN A 403 8.15 12.18 47.98
N HIS A 404 8.23 13.50 47.77
CA HIS A 404 7.11 14.33 47.34
C HIS A 404 5.96 14.34 48.35
N MET A 405 6.13 13.71 49.50
CA MET A 405 5.08 13.67 50.51
C MET A 405 5.39 14.50 51.75
N GLY A 406 6.64 14.50 52.18
CA GLY A 406 6.96 15.22 53.40
C GLY A 406 7.10 14.30 54.60
N ARG A 407 8.00 14.68 55.50
CA ARG A 407 8.18 13.95 56.75
C ARG A 407 8.85 14.87 57.75
N VAL A 408 8.81 14.47 59.02
CA VAL A 408 9.41 15.22 60.12
C VAL A 408 10.39 14.32 60.85
N LEU A 409 11.63 14.79 61.01
CA LEU A 409 12.63 14.10 61.81
C LEU A 409 12.74 14.76 63.17
N LEU A 410 12.93 13.96 64.21
CA LEU A 410 13.11 14.44 65.57
C LEU A 410 14.54 14.17 65.99
N PHE A 411 15.24 15.22 66.39
CA PHE A 411 16.64 15.13 66.80
C PHE A 411 16.74 15.43 68.29
N GLN A 412 17.63 14.70 68.96
CA GLN A 412 17.90 14.93 70.37
C GLN A 412 19.24 15.64 70.51
N GLU A 413 19.23 16.75 71.24
CA GLU A 413 20.36 17.54 71.70
C GLU A 413 21.49 16.62 72.18
N PRO A 414 22.75 17.00 71.99
CA PRO A 414 23.85 16.19 72.52
C PRO A 414 23.75 16.07 74.04
N GLN A 415 23.96 14.84 74.53
CA GLN A 415 23.84 14.52 75.95
C GLN A 415 25.21 14.17 76.49
N GLY A 416 25.65 14.90 77.51
CA GLY A 416 26.94 14.62 78.12
C GLY A 416 28.07 14.86 77.15
N GLY A 417 28.91 13.84 76.93
CA GLY A 417 29.99 13.98 75.97
C GLY A 417 29.58 13.74 74.53
N GLY A 418 28.42 13.12 74.33
CA GLY A 418 28.05 12.59 73.03
C GLY A 418 27.63 13.62 71.99
N HIS A 419 26.83 13.16 71.03
CA HIS A 419 26.53 13.88 69.79
C HIS A 419 25.03 14.04 69.59
N TRP A 420 24.68 14.89 68.62
CA TRP A 420 23.32 14.97 68.14
C TRP A 420 22.83 13.59 67.71
N SER A 421 21.60 13.26 68.05
CA SER A 421 21.07 11.95 67.68
C SER A 421 19.66 12.11 67.14
N GLN A 422 19.35 11.31 66.12
CA GLN A 422 18.02 11.29 65.52
C GLN A 422 17.19 10.21 66.20
N VAL A 423 16.10 10.61 66.85
CA VAL A 423 15.37 9.69 67.72
C VAL A 423 14.03 9.23 67.14
N GLN A 424 13.51 9.90 66.13
CA GLN A 424 12.24 9.49 65.55
C GLN A 424 12.07 10.11 64.17
N THR A 425 11.36 9.38 63.30
CA THR A 425 10.89 9.89 62.02
C THR A 425 9.38 9.71 61.94
N ILE A 426 8.71 10.72 61.37
CA ILE A 426 7.25 10.74 61.27
C ILE A 426 6.92 11.06 59.83
N HIS A 427 6.33 10.10 59.11
CA HIS A 427 6.11 10.22 57.67
C HIS A 427 4.72 10.73 57.37
N GLY A 428 4.63 11.68 56.43
CA GLY A 428 3.36 12.04 55.84
C GLY A 428 2.89 11.03 54.81
N THR A 429 1.60 11.10 54.47
CA THR A 429 0.95 10.09 53.64
C THR A 429 0.38 10.59 52.31
N GLN A 430 0.33 11.91 52.08
CA GLN A 430 -0.28 12.46 50.87
C GLN A 430 0.73 13.27 50.08
N ILE A 431 0.86 12.93 48.80
CA ILE A 431 1.82 13.62 47.95
C ILE A 431 1.42 15.09 47.81
N GLY A 432 2.40 15.97 47.82
CA GLY A 432 2.13 17.39 47.71
C GLY A 432 1.54 18.05 48.95
N SER A 433 1.28 17.32 50.04
CA SER A 433 0.65 17.94 51.20
C SER A 433 1.58 18.87 51.96
N TYR A 434 2.88 18.83 51.69
CA TYR A 434 3.86 19.62 52.42
C TYR A 434 3.79 19.34 53.93
N PHE A 435 3.57 18.06 54.26
CA PHE A 435 3.67 17.59 55.63
C PHE A 435 5.03 17.94 56.20
N GLY A 436 5.04 18.60 57.34
CA GLY A 436 6.26 19.14 57.91
C GLY A 436 6.64 20.51 57.43
N GLY A 437 5.79 21.18 56.64
CA GLY A 437 6.07 22.54 56.23
C GLY A 437 5.85 23.59 57.31
N GLU A 438 5.25 23.21 58.43
CA GLU A 438 5.09 24.13 59.55
C GLU A 438 5.05 23.31 60.82
N LEU A 439 5.83 23.72 61.81
CA LEU A 439 5.88 23.02 63.09
C LEU A 439 5.66 24.00 64.22
N CYS A 440 5.30 23.45 65.38
CA CYS A 440 5.12 24.23 66.59
C CYS A 440 5.14 23.34 67.84
N GLY A 441 6.04 23.62 68.77
CA GLY A 441 6.00 22.98 70.08
C GLY A 441 5.10 23.73 71.05
N VAL A 442 4.36 22.97 71.86
CA VAL A 442 3.42 23.55 72.81
C VAL A 442 3.66 22.94 74.18
N ASP A 443 3.80 23.80 75.19
CA ASP A 443 3.88 23.37 76.59
C ASP A 443 2.63 23.96 77.25
N VAL A 444 1.56 23.14 77.31
CA VAL A 444 0.24 23.66 77.64
C VAL A 444 0.20 24.18 79.08
N ASP A 445 0.71 23.39 80.03
CA ASP A 445 0.63 23.76 81.44
C ASP A 445 1.75 24.69 81.88
N GLN A 446 2.67 25.05 80.97
CA GLN A 446 3.81 25.90 81.28
CA GLN A 446 3.80 25.92 81.29
C GLN A 446 4.61 25.35 82.46
N ASP A 447 4.90 24.06 82.39
CA ASP A 447 5.68 23.37 83.42
C ASP A 447 7.14 23.18 83.05
N GLY A 448 7.56 23.66 81.87
CA GLY A 448 8.93 23.50 81.42
C GLY A 448 9.19 22.27 80.58
N GLU A 449 8.18 21.44 80.35
CA GLU A 449 8.31 20.27 79.51
C GLU A 449 7.43 20.47 78.27
N THR A 450 8.06 20.48 77.10
CA THR A 450 7.32 20.62 75.84
C THR A 450 6.80 19.24 75.44
N GLU A 451 5.53 18.97 75.74
CA GLU A 451 4.96 17.63 75.55
C GLU A 451 4.21 17.46 74.24
N LEU A 452 4.01 18.53 73.47
CA LEU A 452 3.26 18.48 72.23
C LEU A 452 4.09 19.04 71.08
N LEU A 453 4.05 18.34 69.95
CA LEU A 453 4.56 18.80 68.66
C LEU A 453 3.40 18.84 67.68
N LEU A 454 3.10 20.02 67.15
CA LEU A 454 2.07 20.21 66.14
C LEU A 454 2.72 20.25 64.78
N ILE A 455 2.20 19.44 63.85
CA ILE A 455 2.73 19.35 62.50
C ILE A 455 1.66 19.80 61.53
N GLY A 456 1.98 20.80 60.72
CA GLY A 456 1.06 21.32 59.73
C GLY A 456 1.37 20.73 58.36
N ALA A 457 0.30 20.45 57.62
CA ALA A 457 0.37 19.97 56.24
C ALA A 457 -0.51 20.88 55.40
N PRO A 458 -0.06 22.11 55.14
CA PRO A 458 -0.98 23.15 54.66
C PRO A 458 -1.55 22.91 53.28
N LEU A 459 -0.94 22.07 52.46
CA LEU A 459 -1.47 21.81 51.13
C LEU A 459 -2.30 20.54 51.08
N PHE A 460 -2.62 19.96 52.23
CA PHE A 460 -3.38 18.72 52.29
C PHE A 460 -4.70 18.87 51.56
N TYR A 461 -5.03 17.89 50.73
CA TYR A 461 -6.20 17.95 49.87
C TYR A 461 -7.20 16.86 50.27
N GLY A 462 -8.48 17.22 50.26
CA GLY A 462 -9.51 16.23 50.49
C GLY A 462 -10.61 16.63 51.46
N GLU A 463 -11.78 15.99 51.32
CA GLU A 463 -12.89 16.16 52.26
C GLU A 463 -13.29 17.60 52.45
N GLN A 464 -13.10 18.41 51.41
CA GLN A 464 -13.65 19.77 51.36
C GLN A 464 -13.00 20.69 52.39
N ARG A 465 -11.77 20.39 52.80
CA ARG A 465 -11.00 21.37 53.57
C ARG A 465 -9.53 21.20 53.28
N GLY A 466 -8.86 22.32 53.03
CA GLY A 466 -7.46 22.33 52.67
C GLY A 466 -6.59 22.57 53.89
N GLY A 467 -5.53 21.78 53.99
CA GLY A 467 -4.60 21.93 55.09
C GLY A 467 -5.02 21.14 56.31
N ARG A 468 -4.01 20.66 57.04
CA ARG A 468 -4.20 19.87 58.25
C ARG A 468 -3.16 20.29 59.27
N VAL A 469 -3.52 20.15 60.54
CA VAL A 469 -2.58 20.31 61.65
C VAL A 469 -2.77 19.12 62.57
N PHE A 470 -1.72 18.32 62.74
CA PHE A 470 -1.78 17.11 63.55
C PHE A 470 -1.07 17.34 64.88
N ILE A 471 -1.68 16.87 65.97
CA ILE A 471 -1.13 17.00 67.30
C ILE A 471 -0.42 15.70 67.66
N TYR A 472 0.87 15.81 68.00
CA TYR A 472 1.65 14.70 68.51
C TYR A 472 2.05 14.97 69.95
N GLN A 473 1.97 13.95 70.79
CA GLN A 473 2.32 14.07 72.20
C GLN A 473 3.49 13.15 72.52
N ARG A 474 4.38 13.61 73.38
CA ARG A 474 5.61 12.86 73.69
C ARG A 474 5.29 11.75 74.68
N ARG A 475 5.45 10.51 74.24
CA ARG A 475 5.33 9.35 75.10
C ARG A 475 6.74 8.88 75.46
N GLN A 476 6.83 7.72 76.12
CA GLN A 476 8.15 7.20 76.49
C GLN A 476 8.96 6.88 75.25
N LEU A 477 8.36 6.15 74.30
CA LEU A 477 9.11 5.70 73.14
C LEU A 477 9.24 6.77 72.07
N GLY A 478 8.42 7.79 72.10
CA GLY A 478 8.45 8.83 71.09
C GLY A 478 7.11 9.50 70.99
N PHE A 479 6.98 10.35 69.97
CA PHE A 479 5.78 11.13 69.80
C PHE A 479 4.67 10.28 69.19
N GLU A 480 3.49 10.33 69.81
CA GLU A 480 2.32 9.59 69.37
C GLU A 480 1.26 10.58 68.90
N GLU A 481 0.66 10.29 67.75
CA GLU A 481 -0.42 11.14 67.23
C GLU A 481 -1.65 11.00 68.11
N VAL A 482 -2.07 12.09 68.73
CA VAL A 482 -3.18 12.06 69.66
C VAL A 482 -4.46 12.63 69.04
N SER A 483 -4.34 13.63 68.18
CA SER A 483 -5.55 14.31 67.69
C SER A 483 -5.17 15.18 66.50
N GLU A 484 -6.11 16.03 66.12
CA GLU A 484 -5.97 16.95 65.00
C GLU A 484 -6.69 18.24 65.38
N LEU A 485 -6.14 19.39 64.98
CA LEU A 485 -6.81 20.67 65.17
C LEU A 485 -7.74 20.86 63.97
N GLN A 486 -9.04 20.93 64.23
CA GLN A 486 -10.05 20.84 63.18
C GLN A 486 -10.45 22.24 62.74
N GLY A 487 -10.13 22.59 61.49
CA GLY A 487 -10.60 23.83 60.91
C GLY A 487 -11.89 23.62 60.15
N ASP A 488 -12.47 24.71 59.65
CA ASP A 488 -13.75 24.60 58.99
C ASP A 488 -13.61 23.95 57.61
N PRO A 489 -14.64 23.22 57.18
CA PRO A 489 -14.72 22.81 55.77
C PRO A 489 -15.25 23.94 54.91
N GLY A 490 -15.03 23.82 53.60
CA GLY A 490 -15.48 24.81 52.62
C GLY A 490 -14.37 25.52 51.86
N TYR A 491 -13.10 25.31 52.16
CA TYR A 491 -11.99 25.96 51.46
C TYR A 491 -10.98 24.88 51.11
N PRO A 492 -11.26 24.09 50.07
CA PRO A 492 -10.36 22.97 49.75
C PRO A 492 -8.92 23.39 49.51
N LEU A 493 -8.67 24.67 49.18
CA LEU A 493 -7.32 25.17 48.98
C LEU A 493 -6.90 26.20 50.03
N GLY A 494 -7.57 26.22 51.18
CA GLY A 494 -7.41 27.32 52.13
C GLY A 494 -6.08 27.37 52.85
N ARG A 495 -5.32 26.28 52.83
CA ARG A 495 -3.99 26.25 53.45
C ARG A 495 -4.07 26.46 54.97
N PHE A 496 -5.02 25.77 55.59
CA PHE A 496 -5.07 25.70 57.04
C PHE A 496 -3.79 25.05 57.56
N GLY A 497 -3.08 25.77 58.42
CA GLY A 497 -1.84 25.28 59.00
C GLY A 497 -0.58 25.92 58.44
N GLU A 498 -0.71 26.92 57.55
CA GLU A 498 0.48 27.61 57.06
C GLU A 498 1.22 28.33 58.19
N ALA A 499 0.50 28.72 59.25
CA ALA A 499 1.12 29.32 60.42
C ALA A 499 0.50 28.71 61.67
N ILE A 500 1.36 28.24 62.58
CA ILE A 500 0.93 27.64 63.85
C ILE A 500 1.79 28.26 64.95
N THR A 501 1.15 28.70 66.04
CA THR A 501 1.94 29.29 67.10
C THR A 501 1.23 29.10 68.44
N ALA A 502 2.03 28.93 69.48
CA ALA A 502 1.54 28.92 70.84
C ALA A 502 1.40 30.36 71.33
N LEU A 503 0.26 30.67 71.96
CA LEU A 503 -0.16 32.03 72.22
C LEU A 503 -0.09 32.44 73.68
N THR A 504 0.60 31.69 74.52
CA THR A 504 0.47 31.85 75.98
C THR A 504 -1.02 31.71 76.32
N ASP A 505 -1.47 32.38 77.36
CA ASP A 505 -2.83 32.24 77.87
C ASP A 505 -3.61 33.51 77.56
N ILE A 506 -4.63 33.39 76.71
CA ILE A 506 -5.42 34.55 76.32
C ILE A 506 -6.77 34.60 77.00
N ASN A 507 -7.22 33.52 77.64
CA ASN A 507 -8.50 33.51 78.32
C ASN A 507 -8.37 33.26 79.82
N GLY A 508 -7.16 33.33 80.35
CA GLY A 508 -6.97 33.45 81.79
C GLY A 508 -7.18 32.20 82.62
N ASP A 509 -7.09 31.01 82.03
CA ASP A 509 -7.28 29.77 82.78
C ASP A 509 -5.97 29.07 83.08
N GLY A 510 -4.83 29.69 82.78
CA GLY A 510 -3.53 29.10 83.05
C GLY A 510 -3.02 28.15 81.99
N LEU A 511 -3.75 27.94 80.89
CA LEU A 511 -3.36 26.97 79.87
C LEU A 511 -3.03 27.69 78.57
N VAL A 512 -1.86 27.38 78.00
CA VAL A 512 -1.46 27.94 76.72
C VAL A 512 -2.50 27.60 75.66
N ASP A 513 -2.75 28.55 74.77
CA ASP A 513 -3.65 28.36 73.64
C ASP A 513 -2.85 28.47 72.35
N VAL A 514 -3.46 28.02 71.26
CA VAL A 514 -2.78 27.90 69.97
C VAL A 514 -3.61 28.57 68.88
N ALA A 515 -2.93 29.33 68.02
CA ALA A 515 -3.54 29.93 66.84
C ALA A 515 -3.01 29.24 65.59
N VAL A 516 -3.91 29.00 64.64
CA VAL A 516 -3.58 28.43 63.34
C VAL A 516 -4.09 29.38 62.28
N GLY A 517 -3.22 29.73 61.34
CA GLY A 517 -3.58 30.64 60.27
C GLY A 517 -3.89 29.88 59.00
N ALA A 518 -4.95 30.32 58.31
CA ALA A 518 -5.38 29.72 57.05
C ALA A 518 -5.48 30.84 56.01
N PRO A 519 -4.35 31.25 55.44
CA PRO A 519 -4.32 32.52 54.69
C PRO A 519 -5.08 32.50 53.37
N LEU A 520 -5.46 31.34 52.85
CA LEU A 520 -6.15 31.27 51.57
C LEU A 520 -7.61 30.81 51.72
N GLU A 521 -8.14 30.84 52.93
CA GLU A 521 -9.58 30.63 53.14
C GLU A 521 -10.25 31.96 52.83
N GLU A 522 -10.69 32.10 51.59
CA GLU A 522 -11.15 33.38 51.05
C GLU A 522 -10.06 34.44 51.26
N GLN A 523 -10.34 35.44 52.08
CA GLN A 523 -9.35 36.47 52.33
C GLN A 523 -8.43 36.14 53.50
N GLY A 524 -8.51 34.93 54.03
CA GLY A 524 -7.66 34.51 55.13
C GLY A 524 -8.41 34.47 56.44
N ALA A 525 -7.94 33.64 57.35
CA ALA A 525 -8.61 33.47 58.65
C ALA A 525 -7.61 32.93 59.66
N VAL A 526 -7.92 33.13 60.93
CA VAL A 526 -7.12 32.62 62.03
C VAL A 526 -8.04 31.87 63.00
N TYR A 527 -7.65 30.67 63.38
CA TYR A 527 -8.41 29.85 64.31
C TYR A 527 -7.71 29.82 65.66
N ILE A 528 -8.49 29.89 66.73
CA ILE A 528 -7.98 29.81 68.09
C ILE A 528 -8.39 28.47 68.68
N PHE A 529 -7.42 27.71 69.18
CA PHE A 529 -7.67 26.44 69.86
C PHE A 529 -7.19 26.58 71.30
N ASN A 530 -8.08 26.38 72.26
CA ASN A 530 -7.75 26.62 73.64
C ASN A 530 -7.07 25.42 74.28
N GLY A 531 -6.17 25.69 75.22
CA GLY A 531 -5.54 24.62 75.95
C GLY A 531 -6.48 24.08 77.01
N ARG A 532 -6.53 22.75 77.12
CA ARG A 532 -7.31 22.05 78.10
CA ARG A 532 -7.31 22.08 78.15
C ARG A 532 -6.39 21.18 78.95
N HIS A 533 -6.96 20.56 79.99
CA HIS A 533 -6.20 19.62 80.79
C HIS A 533 -6.00 18.35 79.97
N GLY A 534 -4.76 18.05 79.60
CA GLY A 534 -4.42 16.83 78.87
C GLY A 534 -4.00 17.04 77.44
N GLY A 535 -4.22 18.23 76.89
CA GLY A 535 -3.81 18.50 75.52
C GLY A 535 -4.47 19.78 75.02
N LEU A 536 -4.77 19.77 73.74
CA LEU A 536 -5.44 20.88 73.08
C LEU A 536 -6.84 20.47 72.65
N SER A 537 -7.77 21.43 72.71
CA SER A 537 -9.11 21.19 72.18
C SER A 537 -9.04 21.03 70.67
N PRO A 538 -9.57 19.94 70.11
CA PRO A 538 -9.59 19.80 68.65
C PRO A 538 -10.47 20.80 67.95
N GLN A 539 -11.52 21.29 68.62
CA GLN A 539 -12.40 22.25 67.97
C GLN A 539 -11.99 23.67 68.36
N PRO A 540 -12.10 24.62 67.44
CA PRO A 540 -11.71 26.00 67.74
C PRO A 540 -12.78 26.72 68.54
N SER A 541 -12.34 27.65 69.37
CA SER A 541 -13.28 28.49 70.09
C SER A 541 -13.49 29.84 69.42
N GLN A 542 -12.76 30.14 68.34
CA GLN A 542 -12.89 31.43 67.66
C GLN A 542 -12.31 31.31 66.27
N ARG A 543 -12.97 31.95 65.29
CA ARG A 543 -12.49 31.98 63.92
C ARG A 543 -12.60 33.41 63.43
N ILE A 544 -11.46 34.06 63.22
CA ILE A 544 -11.39 35.47 62.86
C ILE A 544 -11.22 35.57 61.35
N GLU A 545 -12.21 36.17 60.69
CA GLU A 545 -12.19 36.33 59.25
C GLU A 545 -11.46 37.61 58.88
N GLY A 546 -10.51 37.50 57.95
CA GLY A 546 -9.77 38.68 57.52
C GLY A 546 -10.68 39.75 56.95
N THR A 547 -11.72 39.33 56.23
CA THR A 547 -12.72 40.27 55.74
C THR A 547 -13.17 41.21 56.85
N GLN A 548 -13.41 40.69 58.05
CA GLN A 548 -13.92 41.53 59.13
C GLN A 548 -12.87 42.51 59.62
N VAL A 549 -11.59 42.16 59.50
CA VAL A 549 -10.53 43.04 59.96
C VAL A 549 -10.28 44.16 58.96
N LEU A 550 -10.12 43.81 57.69
CA LEU A 550 -9.93 44.80 56.62
C LEU A 550 -10.73 44.34 55.41
N SER A 551 -11.39 45.30 54.75
CA SER A 551 -12.30 44.96 53.67
CA SER A 551 -12.31 44.97 53.66
C SER A 551 -11.58 44.32 52.50
N GLY A 552 -10.42 44.85 52.12
CA GLY A 552 -9.71 44.33 50.96
C GLY A 552 -8.48 43.52 51.27
N ILE A 553 -8.43 42.93 52.45
CA ILE A 553 -7.23 42.26 52.91
C ILE A 553 -7.03 40.93 52.17
N GLN A 554 -5.78 40.49 52.14
CA GLN A 554 -5.46 39.19 51.56
CA GLN A 554 -5.40 39.22 51.53
C GLN A 554 -4.46 38.48 52.46
N TRP A 555 -4.46 37.16 52.36
CA TRP A 555 -3.51 36.29 53.07
C TRP A 555 -3.54 36.51 54.58
N PHE A 556 -4.69 36.88 55.13
CA PHE A 556 -4.76 37.07 56.58
C PHE A 556 -4.46 35.76 57.31
N GLY A 557 -3.49 35.79 58.20
CA GLY A 557 -3.06 34.60 58.90
C GLY A 557 -1.79 33.96 58.36
N ARG A 558 -1.10 34.63 57.43
CA ARG A 558 0.15 34.10 56.91
C ARG A 558 1.22 33.98 57.99
N SER A 559 1.10 34.76 59.06
CA SER A 559 2.06 34.77 60.14
CA SER A 559 2.06 34.75 60.15
C SER A 559 1.33 35.17 61.42
N ILE A 560 1.71 34.56 62.55
CA ILE A 560 1.05 34.82 63.84
C ILE A 560 2.09 34.78 64.95
N HIS A 561 1.98 35.71 65.90
CA HIS A 561 2.81 35.69 67.08
C HIS A 561 2.09 36.43 68.19
N GLY A 562 1.89 35.76 69.31
CA GLY A 562 1.16 36.33 70.43
C GLY A 562 1.66 35.84 71.77
N VAL A 563 2.87 36.24 72.14
CA VAL A 563 3.52 35.79 73.37
C VAL A 563 3.52 36.90 74.36
N LYS A 564 2.97 38.05 73.97
CA LYS A 564 3.28 39.29 74.64
C LYS A 564 2.02 40.12 74.94
N ASP A 565 2.16 41.05 75.89
CA ASP A 565 1.21 42.14 76.15
C ASP A 565 1.95 43.42 75.82
N LEU A 566 1.70 43.97 74.62
CA LEU A 566 2.59 44.99 74.04
C LEU A 566 2.62 46.28 74.85
N GLU A 567 1.51 46.66 75.49
CA GLU A 567 1.40 47.97 76.13
C GLU A 567 1.20 47.90 77.64
N GLY A 568 1.18 46.71 78.24
CA GLY A 568 1.10 46.60 79.68
C GLY A 568 -0.22 47.05 80.24
N ASP A 569 -1.32 46.61 79.64
CA ASP A 569 -2.67 46.90 80.14
C ASP A 569 -3.35 45.66 80.70
N GLY A 570 -2.63 44.55 80.86
CA GLY A 570 -3.20 43.33 81.41
C GLY A 570 -3.83 42.40 80.40
N LEU A 571 -3.91 42.80 79.13
CA LEU A 571 -4.54 42.00 78.09
C LEU A 571 -3.49 41.45 77.13
N ALA A 572 -3.67 40.20 76.71
CA ALA A 572 -2.76 39.59 75.75
C ALA A 572 -2.95 40.20 74.36
N ASP A 573 -1.86 40.25 73.61
CA ASP A 573 -1.86 40.77 72.24
C ASP A 573 -1.41 39.69 71.27
N VAL A 574 -2.04 39.67 70.10
CA VAL A 574 -1.72 38.71 69.05
C VAL A 574 -1.52 39.47 67.76
N ALA A 575 -0.31 39.39 67.21
CA ALA A 575 0.00 39.99 65.92
C ALA A 575 -0.19 38.97 64.80
N VAL A 576 -0.82 39.42 63.72
CA VAL A 576 -1.17 38.56 62.59
C VAL A 576 -0.69 39.25 61.31
N GLY A 577 -0.08 38.47 60.42
CA GLY A 577 0.39 38.99 59.16
C GLY A 577 -0.63 38.82 58.05
N ALA A 578 -0.57 39.70 57.08
CA ALA A 578 -1.38 39.59 55.88
C ALA A 578 -0.62 40.25 54.74
N GLU A 579 -1.24 40.27 53.56
CA GLU A 579 -0.62 40.92 52.41
C GLU A 579 -0.47 42.41 52.70
N SER A 580 0.78 42.87 52.76
CA SER A 580 1.11 44.29 52.98
C SER A 580 0.61 44.82 54.31
N GLN A 581 0.24 43.94 55.25
CA GLN A 581 -0.40 44.36 56.48
C GLN A 581 0.16 43.58 57.66
N MET A 582 0.13 44.23 58.83
CA MET A 582 0.29 43.57 60.11
C MET A 582 -0.82 44.07 61.02
N ILE A 583 -1.44 43.16 61.76
CA ILE A 583 -2.63 43.45 62.54
C ILE A 583 -2.39 43.02 63.97
N VAL A 584 -2.83 43.84 64.93
CA VAL A 584 -2.73 43.50 66.34
C VAL A 584 -4.14 43.30 66.89
N LEU A 585 -4.37 42.13 67.49
CA LEU A 585 -5.62 41.80 68.14
C LEU A 585 -5.36 41.67 69.64
N SER A 586 -6.31 42.16 70.43
CA SER A 586 -6.22 42.15 71.88
CA SER A 586 -6.22 42.16 71.88
C SER A 586 -7.28 41.22 72.47
N SER A 587 -6.87 40.46 73.46
CA SER A 587 -7.79 39.58 74.17
C SER A 587 -8.55 40.39 75.21
N ARG A 588 -9.87 40.32 75.17
CA ARG A 588 -10.71 41.14 76.00
C ARG A 588 -11.72 40.28 76.76
N PRO A 589 -11.98 40.60 78.03
CA PRO A 589 -12.98 39.84 78.80
C PRO A 589 -14.42 40.13 78.39
N GLN B 1 -39.02 8.16 65.13
CA GLN B 1 -39.73 7.59 66.26
C GLN B 1 -39.85 8.56 67.43
N GLU B 2 -39.51 9.83 67.21
CA GLU B 2 -39.32 10.77 68.30
C GLU B 2 -39.76 12.16 67.86
N CYS B 3 -40.47 12.87 68.75
CA CYS B 3 -41.02 14.19 68.41
C CYS B 3 -40.94 15.10 69.64
N THR B 4 -39.86 15.88 69.72
CA THR B 4 -39.79 16.97 70.68
C THR B 4 -40.56 18.17 70.13
N LYS B 5 -41.55 18.64 70.87
CA LYS B 5 -42.32 19.84 70.50
C LYS B 5 -41.82 21.04 71.28
N PHE B 6 -42.00 22.22 70.69
CA PHE B 6 -41.68 23.46 71.37
C PHE B 6 -42.90 24.37 71.39
N LYS B 7 -43.30 24.94 70.25
CA LYS B 7 -44.51 25.75 70.19
C LYS B 7 -45.19 25.57 68.82
N VAL B 8 -45.60 24.34 68.53
CA VAL B 8 -46.35 24.07 67.31
C VAL B 8 -47.70 24.76 67.38
N SER B 9 -48.06 25.48 66.32
CA SER B 9 -49.37 26.11 66.22
C SER B 9 -50.06 25.82 64.89
N SER B 10 -49.47 25.00 64.02
CA SER B 10 -50.08 24.60 62.76
C SER B 10 -49.31 23.42 62.19
N CYS B 11 -49.80 22.90 61.06
CA CYS B 11 -49.26 21.67 60.50
C CYS B 11 -47.81 21.83 60.07
N ARG B 12 -47.51 22.91 59.34
CA ARG B 12 -46.13 23.13 58.89
C ARG B 12 -45.19 23.28 60.07
N GLU B 13 -45.58 24.05 61.09
CA GLU B 13 -44.74 24.20 62.28
C GLU B 13 -44.55 22.87 62.99
N CYS B 14 -45.51 21.95 62.84
CA CYS B 14 -45.35 20.61 63.41
C CYS B 14 -44.28 19.83 62.65
N ILE B 15 -44.42 19.74 61.34
CA ILE B 15 -43.47 18.94 60.56
C ILE B 15 -42.06 19.49 60.69
N GLU B 16 -41.92 20.82 60.65
CA GLU B 16 -40.60 21.42 60.77
C GLU B 16 -39.95 21.13 62.12
N SER B 17 -40.74 20.79 63.14
CA SER B 17 -40.22 20.67 64.49
C SER B 17 -39.32 19.45 64.66
N GLY B 18 -39.46 18.43 63.81
CA GLY B 18 -38.64 17.25 63.92
C GLY B 18 -38.98 16.19 62.90
N PRO B 19 -38.03 15.29 62.64
CA PRO B 19 -38.26 14.24 61.63
C PRO B 19 -39.34 13.24 62.01
N GLY B 20 -39.47 12.93 63.30
CA GLY B 20 -40.46 11.99 63.76
C GLY B 20 -41.81 12.58 64.13
N CYS B 21 -42.03 13.85 63.88
CA CYS B 21 -43.28 14.50 64.22
C CYS B 21 -44.31 14.33 63.10
N THR B 22 -45.56 14.10 63.49
CA THR B 22 -46.67 13.97 62.56
C THR B 22 -47.84 14.81 63.06
N TRP B 23 -48.78 15.08 62.15
CA TRP B 23 -49.89 15.96 62.43
C TRP B 23 -51.21 15.29 62.07
N CYS B 24 -52.20 15.47 62.96
CA CYS B 24 -53.55 14.96 62.76
C CYS B 24 -54.43 16.04 62.16
N GLN B 25 -55.08 15.72 61.03
CA GLN B 25 -55.89 16.68 60.30
C GLN B 25 -57.39 16.48 60.49
N LYS B 26 -57.80 15.84 61.59
CA LYS B 26 -59.22 15.63 61.81
C LYS B 26 -59.86 16.88 62.41
N LEU B 27 -61.13 17.10 62.05
CA LEU B 27 -61.90 18.21 62.60
C LEU B 27 -62.39 17.86 64.00
N ASN B 28 -62.40 18.87 64.87
CA ASN B 28 -62.86 18.71 66.26
C ASN B 28 -62.09 17.61 66.98
N PHE B 29 -60.77 17.64 66.80
CA PHE B 29 -59.89 16.64 67.41
C PHE B 29 -59.43 17.05 68.80
N THR B 30 -59.59 18.30 69.18
CA THR B 30 -59.02 18.83 70.41
C THR B 30 -60.09 19.08 71.48
N GLY B 31 -59.73 18.81 72.73
CA GLY B 31 -60.57 19.15 73.86
C GLY B 31 -60.33 20.58 74.29
N PRO B 32 -61.36 21.21 74.87
CA PRO B 32 -61.23 22.64 75.20
C PRO B 32 -60.05 22.96 76.12
N GLY B 33 -59.86 22.17 77.18
CA GLY B 33 -58.75 22.45 78.08
C GLY B 33 -57.39 22.24 77.43
N ASP B 34 -57.34 21.41 76.35
CA ASP B 34 -56.08 21.12 75.69
C ASP B 34 -55.83 22.09 74.54
N PRO B 35 -54.58 22.47 74.31
CA PRO B 35 -54.28 23.34 73.16
C PRO B 35 -54.36 22.58 71.86
N ASP B 36 -54.04 23.25 70.75
CA ASP B 36 -53.84 22.58 69.48
C ASP B 36 -52.44 22.01 69.35
N SER B 37 -51.62 22.09 70.40
CA SER B 37 -50.30 21.49 70.37
C SER B 37 -50.38 19.97 70.28
N ILE B 38 -51.49 19.37 70.72
CA ILE B 38 -51.60 17.92 70.82
C ILE B 38 -51.84 17.23 69.49
N ARG B 39 -52.05 17.98 68.42
CA ARG B 39 -52.17 17.38 67.09
C ARG B 39 -50.81 16.96 66.52
N CYS B 40 -49.72 17.25 67.25
CA CYS B 40 -48.37 16.97 66.79
C CYS B 40 -47.70 16.02 67.77
N ASP B 41 -47.24 14.89 67.27
CA ASP B 41 -46.61 13.88 68.11
C ASP B 41 -46.12 12.78 67.18
N THR B 42 -45.53 11.75 67.77
CA THR B 42 -45.14 10.59 66.98
C THR B 42 -46.39 9.90 66.43
N ARG B 43 -46.17 9.09 65.40
CA ARG B 43 -47.28 8.34 64.80
C ARG B 43 -47.97 7.43 65.81
N PRO B 44 -47.27 6.60 66.59
CA PRO B 44 -48.00 5.76 67.57
C PRO B 44 -48.72 6.57 68.62
N GLN B 45 -48.16 7.70 69.03
CA GLN B 45 -48.83 8.53 70.02
C GLN B 45 -50.09 9.16 69.44
N LEU B 46 -50.05 9.56 68.17
CA LEU B 46 -51.27 10.10 67.55
C LEU B 46 -52.32 9.01 67.37
N LEU B 47 -51.91 7.80 67.01
CA LEU B 47 -52.85 6.69 66.91
C LEU B 47 -53.44 6.38 68.27
N MET B 48 -52.63 6.46 69.32
CA MET B 48 -53.15 6.29 70.68
C MET B 48 -54.19 7.34 71.02
N ARG B 49 -54.07 8.54 70.46
CA ARG B 49 -55.05 9.59 70.70
C ARG B 49 -56.27 9.51 69.79
N GLY B 50 -56.37 8.46 68.99
CA GLY B 50 -57.56 8.23 68.19
C GLY B 50 -57.50 8.74 66.78
N CYS B 51 -56.38 9.28 66.33
CA CYS B 51 -56.32 9.80 64.98
C CYS B 51 -56.26 8.62 64.00
N ALA B 52 -57.16 8.64 63.02
CA ALA B 52 -57.15 7.60 62.00
C ALA B 52 -55.89 7.72 61.16
N ALA B 53 -55.45 6.58 60.62
CA ALA B 53 -54.22 6.56 59.83
C ALA B 53 -54.29 7.54 58.66
N ASP B 54 -55.46 7.72 58.07
CA ASP B 54 -55.62 8.63 56.94
C ASP B 54 -55.65 10.10 57.33
N ASP B 55 -55.77 10.41 58.62
CA ASP B 55 -55.71 11.79 59.07
C ASP B 55 -54.34 12.15 59.63
N ILE B 56 -53.42 11.19 59.69
CA ILE B 56 -52.06 11.45 60.14
C ILE B 56 -51.27 12.01 58.98
N MET B 57 -50.78 13.24 59.12
CA MET B 57 -49.98 13.89 58.09
C MET B 57 -48.52 13.63 58.40
N ASP B 58 -47.84 12.93 57.50
CA ASP B 58 -46.44 12.55 57.68
C ASP B 58 -45.73 12.65 56.35
N PRO B 59 -45.27 13.84 55.98
CA PRO B 59 -44.60 14.03 54.69
C PRO B 59 -43.30 13.23 54.64
N THR B 60 -43.08 12.58 53.50
CA THR B 60 -41.93 11.72 53.28
C THR B 60 -41.16 12.15 52.05
N SER B 61 -39.84 11.99 52.10
CA SER B 61 -38.99 12.45 51.00
C SER B 61 -39.35 11.73 49.70
N LEU B 62 -39.05 12.40 48.59
CA LEU B 62 -39.54 11.96 47.29
C LEU B 62 -38.57 12.40 46.21
N ALA B 63 -38.40 11.55 45.19
CA ALA B 63 -37.54 11.84 44.05
C ALA B 63 -38.35 11.71 42.76
N GLU B 64 -38.40 12.78 41.98
CA GLU B 64 -39.04 12.78 40.67
C GLU B 64 -38.02 13.11 39.59
N THR B 65 -38.07 12.38 38.48
CA THR B 65 -37.05 12.51 37.44
C THR B 65 -37.70 12.76 36.08
N GLN B 66 -37.12 13.69 35.33
CA GLN B 66 -37.43 13.91 33.92
C GLN B 66 -36.22 13.49 33.10
N GLU B 67 -36.41 12.49 32.23
CA GLU B 67 -35.28 11.94 31.50
C GLU B 67 -34.85 12.82 30.33
N ASP B 68 -35.76 13.04 29.38
CA ASP B 68 -35.43 13.78 28.16
C ASP B 68 -35.73 15.27 28.32
N GLN B 73 -27.55 8.54 22.64
CA GLN B 73 -27.90 9.64 23.51
C GLN B 73 -28.31 9.12 24.89
N LYS B 74 -27.54 8.19 25.43
CA LYS B 74 -27.92 7.51 26.65
C LYS B 74 -26.80 7.44 27.69
N GLN B 75 -25.75 8.26 27.58
CA GLN B 75 -24.59 8.05 28.45
C GLN B 75 -24.91 8.35 29.92
N LEU B 76 -25.54 9.49 30.18
CA LEU B 76 -25.89 9.87 31.54
C LEU B 76 -27.38 10.17 31.58
N SER B 77 -28.15 9.32 32.25
CA SER B 77 -29.57 9.54 32.45
C SER B 77 -29.97 9.22 33.89
N PRO B 78 -30.95 9.94 34.44
CA PRO B 78 -31.70 11.02 33.77
C PRO B 78 -30.92 12.34 33.76
N GLN B 79 -31.44 13.35 33.08
CA GLN B 79 -30.77 14.63 33.02
C GLN B 79 -31.31 15.63 34.05
N LYS B 80 -32.53 15.46 34.53
CA LYS B 80 -33.10 16.35 35.53
C LYS B 80 -33.84 15.55 36.58
N VAL B 81 -33.57 15.86 37.85
CA VAL B 81 -34.21 15.21 38.99
C VAL B 81 -34.71 16.30 39.92
N THR B 82 -35.89 16.09 40.51
CA THR B 82 -36.42 16.99 41.53
C THR B 82 -36.54 16.20 42.83
N LEU B 83 -36.03 16.77 43.92
CA LEU B 83 -36.05 16.12 45.22
C LEU B 83 -36.86 16.95 46.19
N TYR B 84 -37.73 16.29 46.94
CA TYR B 84 -38.50 16.88 48.04
C TYR B 84 -38.02 16.22 49.32
N LEU B 85 -37.27 16.97 50.13
CA LEU B 85 -36.49 16.40 51.23
C LEU B 85 -37.16 16.70 52.57
N ARG B 86 -37.63 15.66 53.24
CA ARG B 86 -38.03 15.77 54.63
C ARG B 86 -36.80 15.61 55.52
N PRO B 87 -36.54 16.57 56.42
CA PRO B 87 -35.30 16.55 57.20
C PRO B 87 -35.08 15.21 57.91
N GLY B 88 -33.87 14.67 57.77
CA GLY B 88 -33.51 13.40 58.34
C GLY B 88 -33.85 12.20 57.48
N GLN B 89 -34.67 12.37 56.45
CA GLN B 89 -35.10 11.27 55.59
C GLN B 89 -34.46 11.41 54.21
N ALA B 90 -33.78 10.35 53.76
CA ALA B 90 -33.06 10.39 52.50
C ALA B 90 -33.97 10.07 51.33
N ALA B 91 -33.75 10.75 50.20
CA ALA B 91 -34.40 10.44 48.93
C ALA B 91 -33.42 9.78 48.00
N ALA B 92 -33.87 8.73 47.31
CA ALA B 92 -33.00 7.92 46.46
C ALA B 92 -33.48 7.95 45.02
N PHE B 93 -32.53 7.90 44.09
CA PHE B 93 -32.78 7.83 42.67
C PHE B 93 -31.52 7.25 42.04
N ASN B 94 -31.68 6.53 40.93
CA ASN B 94 -30.52 5.95 40.26
C ASN B 94 -30.15 6.78 39.05
N VAL B 95 -28.84 6.97 38.89
CA VAL B 95 -28.26 7.52 37.69
C VAL B 95 -27.68 6.35 36.90
N THR B 96 -28.05 6.24 35.64
CA THR B 96 -27.55 5.16 34.80
C THR B 96 -26.45 5.70 33.88
N PHE B 97 -25.31 5.03 33.88
CA PHE B 97 -24.19 5.40 33.02
C PHE B 97 -24.04 4.34 31.93
N ARG B 98 -24.11 4.77 30.68
CA ARG B 98 -23.94 3.87 29.55
C ARG B 98 -22.78 4.42 28.73
N ARG B 99 -21.60 3.84 28.90
CA ARG B 99 -20.42 4.35 28.24
C ARG B 99 -20.63 4.35 26.73
N ALA B 100 -20.55 5.53 26.13
CA ALA B 100 -20.90 5.71 24.72
C ALA B 100 -19.69 5.53 23.83
N LYS B 101 -19.91 5.70 22.53
CA LYS B 101 -18.82 5.73 21.57
C LYS B 101 -17.85 6.85 21.95
N GLY B 102 -16.56 6.57 21.83
CA GLY B 102 -15.56 7.55 22.20
C GLY B 102 -15.64 8.78 21.33
N TYR B 103 -15.48 9.94 21.96
CA TYR B 103 -15.41 11.24 21.28
C TYR B 103 -14.06 11.40 20.60
N PRO B 104 -13.91 12.41 19.74
CA PRO B 104 -12.58 12.76 19.25
C PRO B 104 -11.67 13.15 20.42
N ILE B 105 -10.37 13.09 20.17
CA ILE B 105 -9.37 13.28 21.22
C ILE B 105 -8.46 14.44 20.83
N ASP B 106 -8.37 15.43 21.71
CA ASP B 106 -7.31 16.44 21.69
C ASP B 106 -6.21 15.99 22.65
N LEU B 107 -5.02 15.72 22.11
CA LEU B 107 -3.88 15.34 22.93
C LEU B 107 -2.83 16.44 22.86
N TYR B 108 -2.57 17.07 23.99
CA TYR B 108 -1.48 18.03 24.12
C TYR B 108 -0.29 17.34 24.76
N TYR B 109 0.81 17.27 24.03
CA TYR B 109 2.04 16.62 24.48
C TYR B 109 2.90 17.65 25.19
N LEU B 110 2.96 17.57 26.52
CA LEU B 110 3.75 18.48 27.34
C LEU B 110 5.00 17.76 27.81
N MET B 111 6.14 18.13 27.22
CA MET B 111 7.37 17.36 27.33
C MET B 111 8.43 18.09 28.15
N ASP B 112 9.11 17.34 29.01
CA ASP B 112 10.28 17.81 29.74
C ASP B 112 11.49 17.91 28.81
N LEU B 113 12.17 19.06 28.84
CA LEU B 113 13.33 19.30 27.99
C LEU B 113 14.61 19.49 28.77
N SER B 114 14.70 18.91 29.97
CA SER B 114 15.98 18.83 30.65
C SER B 114 16.93 17.95 29.83
N TYR B 115 18.22 18.09 30.12
CA TYR B 115 19.25 17.50 29.27
C TYR B 115 19.13 15.98 29.18
N SER B 116 18.71 15.32 30.26
CA SER B 116 18.57 13.87 30.19
C SER B 116 17.48 13.44 29.20
N MET B 117 16.72 14.39 28.65
CA MET B 117 15.68 14.12 27.68
C MET B 117 16.16 14.36 26.25
N LEU B 118 17.47 14.44 26.05
CA LEU B 118 18.01 14.74 24.72
C LEU B 118 17.64 13.65 23.73
N ASP B 119 17.92 12.39 24.07
CA ASP B 119 17.52 11.30 23.19
C ASP B 119 15.99 11.20 23.09
N ASP B 120 15.26 11.57 24.15
CA ASP B 120 13.81 11.59 24.07
C ASP B 120 13.34 12.61 23.03
N LEU B 121 13.98 13.77 22.99
CA LEU B 121 13.56 14.81 22.06
C LEU B 121 13.80 14.40 20.62
N ARG B 122 14.86 13.66 20.34
CA ARG B 122 15.14 13.21 18.97
C ARG B 122 14.06 12.27 18.46
N ASN B 123 13.46 11.48 19.35
CA ASN B 123 12.42 10.55 18.94
C ASN B 123 11.08 11.26 18.77
N VAL B 124 10.71 12.07 19.77
CA VAL B 124 9.40 12.72 19.75
C VAL B 124 9.24 13.62 18.53
N LYS B 125 10.34 14.20 18.04
CA LYS B 125 10.29 15.06 16.87
C LYS B 125 9.80 14.34 15.62
N LYS B 126 9.90 13.01 15.59
CA LYS B 126 9.49 12.25 14.43
C LYS B 126 8.21 11.46 14.66
N LEU B 127 7.49 11.70 15.76
CA LEU B 127 6.32 10.90 16.13
C LEU B 127 5.01 11.61 15.90
N GLY B 128 5.02 12.76 15.23
CA GLY B 128 3.78 13.47 14.96
C GLY B 128 2.75 12.61 14.25
N GLY B 129 3.17 11.85 13.24
CA GLY B 129 2.23 11.01 12.51
C GLY B 129 1.80 9.80 13.32
N ASP B 130 2.73 9.24 14.09
CA ASP B 130 2.36 8.10 14.93
C ASP B 130 1.37 8.48 16.00
N LEU B 131 1.42 9.73 16.49
CA LEU B 131 0.49 10.16 17.53
C LEU B 131 -0.91 10.35 16.95
N LEU B 132 -1.01 11.02 15.79
CA LEU B 132 -2.30 11.21 15.15
C LEU B 132 -2.89 9.88 14.68
N ARG B 133 -2.04 8.99 14.16
CA ARG B 133 -2.49 7.66 13.81
C ARG B 133 -3.12 6.96 15.01
N ALA B 134 -2.45 7.03 16.16
CA ALA B 134 -2.96 6.36 17.36
C ALA B 134 -4.29 6.96 17.79
N LEU B 135 -4.41 8.29 17.76
CA LEU B 135 -5.67 8.91 18.16
C LEU B 135 -6.82 8.49 17.26
N ASN B 136 -6.55 8.37 15.96
CA ASN B 136 -7.57 7.96 15.01
C ASN B 136 -7.74 6.45 14.96
N GLU B 137 -6.94 5.69 15.72
CA GLU B 137 -7.21 4.28 15.97
C GLU B 137 -8.12 4.06 17.17
N ILE B 138 -8.07 4.96 18.16
CA ILE B 138 -8.97 4.85 19.30
C ILE B 138 -10.36 5.32 18.92
N THR B 139 -10.46 6.58 18.48
CA THR B 139 -11.72 7.11 17.96
C THR B 139 -11.49 7.65 16.55
N GLU B 140 -11.89 8.89 16.30
CA GLU B 140 -11.69 9.50 15.00
C GLU B 140 -11.47 10.99 15.17
N SER B 141 -10.92 11.62 14.12
CA SER B 141 -10.77 13.07 14.03
C SER B 141 -9.90 13.61 15.17
N GLY B 142 -8.70 13.03 15.30
CA GLY B 142 -7.80 13.41 16.37
C GLY B 142 -6.95 14.64 16.07
N ARG B 143 -6.50 15.28 17.15
CA ARG B 143 -5.63 16.45 17.08
C ARG B 143 -4.52 16.34 18.11
N ILE B 144 -3.37 16.91 17.78
CA ILE B 144 -2.18 16.85 18.63
C ILE B 144 -1.63 18.26 18.83
N GLY B 145 -1.03 18.48 20.01
CA GLY B 145 -0.36 19.72 20.29
C GLY B 145 0.93 19.43 21.05
N PHE B 146 1.73 20.47 21.23
CA PHE B 146 3.01 20.28 21.89
C PHE B 146 3.37 21.49 22.73
N GLY B 147 3.90 21.21 23.93
CA GLY B 147 4.53 22.23 24.75
C GLY B 147 5.73 21.64 25.45
N SER B 148 6.56 22.52 26.01
CA SER B 148 7.79 22.10 26.66
C SER B 148 8.01 22.88 27.95
N PHE B 149 8.77 22.29 28.86
CA PHE B 149 9.04 22.95 30.13
C PHE B 149 10.41 22.54 30.65
N VAL B 150 10.96 23.41 31.50
CA VAL B 150 12.14 23.07 32.27
C VAL B 150 11.85 23.45 33.72
N ASP B 151 12.05 24.71 34.07
CA ASP B 151 11.80 25.17 35.43
C ASP B 151 11.81 26.70 35.45
N LYS B 152 11.50 27.25 36.62
CA LYS B 152 11.63 28.69 36.82
C LYS B 152 13.10 29.09 36.68
N THR B 153 13.32 30.28 36.11
CA THR B 153 14.67 30.73 35.78
C THR B 153 15.25 31.63 36.88
N VAL B 154 15.23 31.17 38.13
CA VAL B 154 15.94 31.86 39.21
C VAL B 154 16.70 30.82 40.01
N LEU B 155 17.71 31.27 40.75
CA LEU B 155 18.37 30.43 41.74
C LEU B 155 17.38 29.95 42.79
N PRO B 156 17.54 28.72 43.28
CA PRO B 156 18.53 27.71 42.85
C PRO B 156 17.97 26.69 41.85
N PHE B 157 16.86 27.04 41.19
CA PHE B 157 16.28 26.13 40.22
C PHE B 157 17.07 26.08 38.92
N VAL B 158 17.69 27.19 38.54
CA VAL B 158 18.66 27.20 37.45
C VAL B 158 19.87 28.00 37.91
N ASN B 159 21.00 27.76 37.25
CA ASN B 159 22.21 28.53 37.50
C ASN B 159 22.11 29.85 36.73
N THR B 160 22.10 30.96 37.45
CA THR B 160 21.88 32.26 36.84
C THR B 160 23.16 32.90 36.33
N HIS B 161 24.28 32.20 36.40
CA HIS B 161 25.50 32.69 35.77
C HIS B 161 25.23 32.91 34.28
N PRO B 162 25.60 34.07 33.72
CA PRO B 162 25.24 34.36 32.33
C PRO B 162 25.73 33.32 31.33
N ASP B 163 26.89 32.71 31.55
CA ASP B 163 27.34 31.65 30.65
C ASP B 163 26.36 30.48 30.67
N LYS B 164 25.83 30.14 31.84
CA LYS B 164 24.95 28.98 31.96
C LYS B 164 23.49 29.30 31.65
N LEU B 165 23.08 30.56 31.78
CA LEU B 165 21.78 30.94 31.22
C LEU B 165 21.80 30.82 29.70
N ARG B 166 22.98 30.99 29.08
CA ARG B 166 23.11 30.84 27.64
C ARG B 166 23.18 29.38 27.23
N ASN B 167 23.93 28.58 27.98
CA ASN B 167 24.05 27.15 27.71
C ASN B 167 23.90 26.38 29.01
N PRO B 168 22.67 26.03 29.39
CA PRO B 168 22.47 25.23 30.62
C PRO B 168 22.95 23.81 30.48
N CYS B 169 23.10 23.31 29.25
CA CYS B 169 23.55 21.96 29.02
C CYS B 169 25.03 21.87 29.35
N PRO B 170 25.59 20.65 29.35
CA PRO B 170 27.05 20.54 29.46
C PRO B 170 27.76 21.32 28.37
N ASN B 171 28.98 21.77 28.68
CA ASN B 171 29.67 22.73 27.83
C ASN B 171 29.93 22.15 26.45
N LYS B 172 30.11 20.83 26.35
CA LYS B 172 30.34 20.21 25.04
C LYS B 172 29.11 20.36 24.15
N GLU B 173 27.92 20.23 24.73
CA GLU B 173 26.68 20.35 23.96
C GLU B 173 26.48 21.79 23.50
N LYS B 174 26.13 21.96 22.22
CA LYS B 174 25.83 23.31 21.77
C LYS B 174 24.72 23.32 20.72
N GLU B 175 23.70 22.47 20.91
CA GLU B 175 22.40 22.73 20.32
C GLU B 175 21.43 22.85 21.47
N CYS B 176 21.66 23.84 22.32
CA CYS B 176 21.03 23.95 23.63
C CYS B 176 20.37 25.31 23.75
N GLN B 177 19.16 25.34 24.33
CA GLN B 177 18.52 26.64 24.50
C GLN B 177 18.53 27.06 25.97
N PRO B 178 18.41 28.37 26.25
CA PRO B 178 18.36 28.82 27.64
C PRO B 178 17.23 28.16 28.37
N PRO B 179 17.33 28.04 29.70
CA PRO B 179 16.21 27.51 30.50
C PRO B 179 14.99 28.41 30.38
N PHE B 180 13.82 27.82 30.65
CA PHE B 180 12.54 28.48 30.49
C PHE B 180 11.50 27.67 31.24
N ALA B 181 10.43 28.35 31.66
CA ALA B 181 9.41 27.68 32.46
C ALA B 181 8.44 26.90 31.58
N PHE B 182 7.73 27.58 30.69
CA PHE B 182 6.78 26.92 29.80
C PHE B 182 6.78 27.61 28.45
N ARG B 183 6.84 26.82 27.37
CA ARG B 183 6.68 27.33 26.01
C ARG B 183 5.61 26.54 25.31
N HIS B 184 4.58 27.23 24.83
CA HIS B 184 3.56 26.64 23.97
C HIS B 184 4.08 26.64 22.54
N VAL B 185 4.25 25.45 21.97
CA VAL B 185 4.89 25.30 20.67
C VAL B 185 3.87 25.12 19.55
N LEU B 186 2.90 24.23 19.73
CA LEU B 186 2.00 23.86 18.65
C LEU B 186 0.56 23.87 19.15
N LYS B 187 -0.27 24.72 18.56
CA LYS B 187 -1.70 24.68 18.82
C LYS B 187 -2.27 23.39 18.25
N LEU B 188 -3.31 22.88 18.91
CA LEU B 188 -3.88 21.58 18.54
C LEU B 188 -4.26 21.53 17.06
N THR B 189 -3.79 20.50 16.35
CA THR B 189 -3.97 20.40 14.91
C THR B 189 -4.01 18.93 14.47
N ASN B 190 -4.72 18.66 13.39
CA ASN B 190 -4.63 17.35 12.73
C ASN B 190 -3.54 17.31 11.68
N ASN B 191 -2.75 18.37 11.55
CA ASN B 191 -1.67 18.47 10.56
C ASN B 191 -0.37 17.99 11.19
N SER B 192 0.00 16.73 10.93
CA SER B 192 1.23 16.18 11.49
C SER B 192 2.47 16.91 11.02
N ASN B 193 2.40 17.57 9.85
CA ASN B 193 3.56 18.30 9.35
C ASN B 193 3.82 19.57 10.14
N GLN B 194 2.77 20.24 10.64
CA GLN B 194 2.99 21.34 11.55
C GLN B 194 3.73 20.87 12.81
N PHE B 195 3.34 19.69 13.32
CA PHE B 195 4.04 19.12 14.46
C PHE B 195 5.50 18.90 14.14
N GLN B 196 5.77 18.29 12.98
CA GLN B 196 7.16 17.96 12.63
C GLN B 196 8.01 19.22 12.51
N THR B 197 7.46 20.29 11.89
CA THR B 197 8.24 21.50 11.69
CA THR B 197 8.21 21.52 11.68
C THR B 197 8.32 22.35 12.96
N GLU B 198 7.24 22.43 13.75
CA GLU B 198 7.28 23.26 14.95
C GLU B 198 8.01 22.58 16.10
N VAL B 199 7.79 21.28 16.30
CA VAL B 199 8.55 20.58 17.34
C VAL B 199 10.00 20.44 16.92
N GLY B 200 10.26 20.42 15.61
CA GLY B 200 11.62 20.29 15.12
C GLY B 200 12.50 21.45 15.50
N LYS B 201 11.92 22.63 15.66
CA LYS B 201 12.67 23.82 16.07
C LYS B 201 13.13 23.78 17.51
N GLN B 202 12.58 22.90 18.34
CA GLN B 202 12.84 22.96 19.78
C GLN B 202 14.19 22.34 20.12
N LEU B 203 14.97 23.04 20.92
CA LEU B 203 16.29 22.58 21.33
C LEU B 203 16.24 22.08 22.78
N ILE B 204 17.12 21.13 23.08
CA ILE B 204 17.21 20.62 24.44
C ILE B 204 17.71 21.72 25.37
N SER B 205 17.51 21.53 26.68
CA SER B 205 17.84 22.58 27.63
C SER B 205 18.41 21.93 28.89
N GLY B 206 18.37 22.67 30.01
CA GLY B 206 19.01 22.22 31.23
C GLY B 206 18.57 23.08 32.40
N ASN B 207 18.88 22.59 33.60
CA ASN B 207 18.64 23.33 34.84
C ASN B 207 19.47 22.74 35.96
N LEU B 208 19.30 23.30 37.15
CA LEU B 208 20.20 23.08 38.27
C LEU B 208 19.72 21.97 39.21
N ASP B 209 18.51 22.09 39.75
CA ASP B 209 18.03 21.13 40.74
C ASP B 209 17.15 20.07 40.10
N ALA B 210 17.06 18.93 40.77
CA ALA B 210 16.41 17.77 40.17
C ALA B 210 14.93 17.96 39.93
N PRO B 211 14.11 18.42 40.89
CA PRO B 211 12.70 18.64 40.59
C PRO B 211 12.57 19.77 39.58
N GLU B 212 11.47 19.74 38.84
CA GLU B 212 11.28 20.68 37.75
C GLU B 212 9.91 21.33 37.87
N GLY B 213 9.65 22.27 36.97
CA GLY B 213 8.46 23.09 37.09
C GLY B 213 7.33 22.70 36.17
N GLY B 214 7.17 21.40 35.92
CA GLY B 214 6.14 20.95 34.99
C GLY B 214 4.72 21.24 35.46
N LEU B 215 4.50 21.30 36.77
CA LEU B 215 3.18 21.68 37.27
C LEU B 215 2.84 23.11 36.87
N ASP B 216 3.83 23.99 36.76
CA ASP B 216 3.56 25.33 36.23
C ASP B 216 3.02 25.24 34.82
N ALA B 217 3.68 24.47 33.96
CA ALA B 217 3.25 24.34 32.58
C ALA B 217 1.86 23.71 32.49
N MET B 218 1.58 22.68 33.30
CA MET B 218 0.26 22.08 33.32
C MET B 218 -0.81 23.10 33.70
N MET B 219 -0.50 23.98 34.64
CA MET B 219 -1.47 25.01 35.03
C MET B 219 -1.74 25.96 33.88
N GLN B 220 -0.69 26.35 33.13
CA GLN B 220 -0.89 27.24 32.00
C GLN B 220 -1.69 26.57 30.89
N VAL B 221 -1.44 25.28 30.65
CA VAL B 221 -2.24 24.55 29.67
C VAL B 221 -3.71 24.57 30.07
N ALA B 222 -3.99 24.39 31.36
CA ALA B 222 -5.38 24.35 31.78
C ALA B 222 -6.01 25.74 31.83
N ALA B 223 -5.20 26.77 32.06
CA ALA B 223 -5.72 28.12 32.18
C ALA B 223 -5.83 28.86 30.84
N CYS B 224 -5.31 28.30 29.76
CA CYS B 224 -5.26 29.00 28.47
C CYS B 224 -5.89 28.14 27.38
N PRO B 225 -7.20 27.87 27.47
CA PRO B 225 -7.83 26.97 26.49
C PRO B 225 -7.87 27.55 25.08
N GLU B 226 -7.96 28.87 24.94
CA GLU B 226 -7.99 29.43 23.59
C GLU B 226 -6.63 29.30 22.91
N GLU B 227 -5.55 29.52 23.66
CA GLU B 227 -4.21 29.40 23.06
C GLU B 227 -3.87 27.94 22.78
N ILE B 228 -4.24 27.04 23.69
CA ILE B 228 -4.00 25.62 23.45
C ILE B 228 -4.91 25.12 22.34
N GLY B 229 -6.13 25.68 22.26
CA GLY B 229 -7.04 25.38 21.18
C GLY B 229 -7.87 24.14 21.41
N TRP B 230 -8.26 23.89 22.66
CA TRP B 230 -9.07 22.72 22.96
C TRP B 230 -10.39 22.79 22.20
N ARG B 231 -10.85 21.64 21.73
CA ARG B 231 -12.24 21.48 21.34
C ARG B 231 -13.05 21.06 22.56
N LYS B 232 -14.36 20.96 22.39
CA LYS B 232 -15.20 20.40 23.45
C LYS B 232 -15.34 18.89 23.24
N VAL B 233 -14.21 18.21 23.37
CA VAL B 233 -14.12 16.77 23.23
C VAL B 233 -13.29 16.19 24.36
N THR B 234 -12.71 15.01 24.14
CA THR B 234 -11.84 14.42 25.14
C THR B 234 -10.49 15.11 25.13
N ARG B 235 -10.06 15.59 26.30
CA ARG B 235 -8.86 16.42 26.42
C ARG B 235 -7.82 15.65 27.22
N LEU B 236 -6.82 15.13 26.52
CA LEU B 236 -5.72 14.40 27.15
C LEU B 236 -4.48 15.27 27.19
N LEU B 237 -3.79 15.27 28.33
CA LEU B 237 -2.59 16.07 28.53
C LEU B 237 -1.46 15.12 28.93
N VAL B 238 -0.64 14.74 27.97
CA VAL B 238 0.51 13.88 28.24
C VAL B 238 1.61 14.70 28.88
N PHE B 239 2.14 14.20 30.00
CA PHE B 239 3.15 14.87 30.80
C PHE B 239 4.35 13.96 30.85
N ALA B 240 5.32 14.19 29.97
CA ALA B 240 6.45 13.28 29.77
C ALA B 240 7.67 13.82 30.47
N THR B 241 8.21 13.07 31.41
CA THR B 241 9.31 13.56 32.22
C THR B 241 10.05 12.39 32.84
N ASP B 242 11.27 12.67 33.28
CA ASP B 242 12.12 11.69 33.97
C ASP B 242 12.52 12.18 35.35
N ASP B 243 11.76 13.12 35.93
CA ASP B 243 12.11 13.72 37.20
C ASP B 243 10.86 13.95 38.02
N GLY B 244 11.08 14.30 39.29
CA GLY B 244 10.03 14.80 40.15
C GLY B 244 9.65 16.22 39.79
N PHE B 245 8.76 16.79 40.60
CA PHE B 245 8.19 18.10 40.31
C PHE B 245 8.18 18.98 41.54
N HIS B 246 8.45 20.27 41.34
CA HIS B 246 8.19 21.25 42.36
C HIS B 246 6.69 21.43 42.53
N PHE B 247 6.30 21.94 43.69
CA PHE B 247 4.93 22.38 43.95
C PHE B 247 4.99 23.46 45.02
N ALA B 248 3.82 24.02 45.34
CA ALA B 248 3.76 25.20 46.20
C ALA B 248 4.60 25.02 47.45
N GLY B 249 5.33 26.08 47.80
CA GLY B 249 6.23 26.03 48.94
C GLY B 249 7.68 26.03 48.51
N ASP B 250 7.97 25.32 47.41
CA ASP B 250 9.34 25.26 46.90
C ASP B 250 9.83 26.62 46.42
N GLY B 251 8.92 27.50 45.99
CA GLY B 251 9.34 28.81 45.50
C GLY B 251 10.09 29.63 46.54
N LYS B 252 9.92 29.29 47.82
CA LYS B 252 10.56 30.09 48.88
C LYS B 252 12.07 30.06 48.74
N LEU B 253 12.63 28.94 48.26
CA LEU B 253 14.07 28.86 48.02
C LEU B 253 14.53 29.91 47.02
N GLY B 254 13.68 30.29 46.08
CA GLY B 254 14.03 31.37 45.17
C GLY B 254 13.35 32.67 45.53
N ALA B 255 12.90 32.81 46.78
CA ALA B 255 12.26 34.03 47.26
C ALA B 255 11.00 34.36 46.47
N ILE B 256 10.27 33.34 46.05
CA ILE B 256 8.99 33.53 45.39
C ILE B 256 7.92 33.19 46.41
N LEU B 257 7.22 34.20 46.91
CA LEU B 257 6.27 34.01 48.01
C LEU B 257 4.82 34.24 47.61
N THR B 258 4.57 34.61 46.37
CA THR B 258 3.22 34.83 45.89
C THR B 258 2.64 33.52 45.36
N PRO B 259 1.46 33.11 45.83
CA PRO B 259 0.87 31.85 45.36
C PRO B 259 0.54 31.91 43.87
N ASN B 260 0.51 30.73 43.25
CA ASN B 260 0.01 30.60 41.89
C ASN B 260 -1.42 31.11 41.81
N ASP B 261 -1.71 31.96 40.84
CA ASP B 261 -3.03 32.60 40.78
C ASP B 261 -4.01 31.86 39.89
N GLY B 262 -3.59 30.78 39.26
CA GLY B 262 -4.48 30.00 38.41
C GLY B 262 -4.95 30.73 37.17
N ARG B 263 -4.31 31.83 36.80
CA ARG B 263 -4.69 32.59 35.61
C ARG B 263 -3.75 32.27 34.45
N CYS B 264 -4.17 32.67 33.25
CA CYS B 264 -3.38 32.50 32.05
C CYS B 264 -2.38 33.65 31.91
N HIS B 265 -1.10 33.31 31.73
CA HIS B 265 -0.04 34.29 31.65
C HIS B 265 0.84 34.05 30.42
N LEU B 266 0.30 33.43 29.39
CA LEU B 266 1.06 33.20 28.17
C LEU B 266 1.20 34.50 27.41
N GLU B 267 2.45 34.97 27.27
CA GLU B 267 2.80 36.09 26.40
C GLU B 267 3.86 35.57 25.44
N ASP B 268 3.60 35.70 24.14
CA ASP B 268 4.46 35.14 23.08
C ASP B 268 4.63 33.64 23.25
N ASN B 269 3.60 32.97 23.76
CA ASN B 269 3.63 31.53 24.00
C ASN B 269 4.66 31.14 25.05
N LEU B 270 5.00 32.07 25.94
CA LEU B 270 5.92 31.83 27.03
C LEU B 270 5.31 32.25 28.36
N TYR B 271 5.52 31.43 29.39
CA TYR B 271 5.14 31.80 30.76
C TYR B 271 6.23 32.76 31.26
N LYS B 272 6.11 34.03 30.83
CA LYS B 272 7.14 35.01 31.11
C LYS B 272 7.19 35.37 32.60
N ARG B 273 6.03 35.56 33.21
CA ARG B 273 5.94 35.96 34.61
C ARG B 273 6.09 34.77 35.57
N SER B 274 6.79 33.71 35.16
CA SER B 274 6.84 32.51 36.02
C SER B 274 7.69 32.72 37.27
N ASN B 275 8.64 33.64 37.24
CA ASN B 275 9.41 33.91 38.45
C ASN B 275 8.68 34.85 39.40
N GLU B 276 7.45 35.24 39.08
CA GLU B 276 6.65 36.08 39.97
C GLU B 276 5.70 35.29 40.84
N PHE B 277 5.32 34.09 40.39
CA PHE B 277 4.34 33.26 41.08
C PHE B 277 4.98 31.95 41.50
N ASP B 278 4.66 31.50 42.71
CA ASP B 278 5.13 30.21 43.20
C ASP B 278 4.51 29.08 42.38
N TYR B 279 5.09 27.90 42.52
CA TYR B 279 4.52 26.71 41.89
C TYR B 279 3.11 26.46 42.43
N PRO B 280 2.23 25.88 41.63
CA PRO B 280 0.89 25.55 42.13
C PRO B 280 0.98 24.42 43.15
N SER B 281 -0.09 24.29 43.91
CA SER B 281 -0.23 23.10 44.73
C SER B 281 -0.86 22.00 43.88
N VAL B 282 -0.72 20.75 44.34
CA VAL B 282 -1.28 19.63 43.60
C VAL B 282 -2.80 19.74 43.56
N GLY B 283 -3.42 20.03 44.70
CA GLY B 283 -4.87 20.19 44.73
C GLY B 283 -5.35 21.33 43.85
N GLN B 284 -4.59 22.43 43.82
CA GLN B 284 -4.96 23.56 42.97
C GLN B 284 -4.97 23.15 41.51
N LEU B 285 -3.98 22.36 41.08
CA LEU B 285 -3.94 21.88 39.71
C LEU B 285 -5.04 20.86 39.44
N ALA B 286 -5.26 19.94 40.38
CA ALA B 286 -6.37 19.00 40.25
C ALA B 286 -7.69 19.72 40.07
N HIS B 287 -7.84 20.88 40.72
CA HIS B 287 -9.06 21.69 40.59
CA HIS B 287 -9.06 21.67 40.57
C HIS B 287 -9.15 22.31 39.20
N LYS B 288 -8.05 22.92 38.75
CA LYS B 288 -8.03 23.55 37.43
C LYS B 288 -8.24 22.51 36.34
N LEU B 289 -7.70 21.30 36.51
CA LEU B 289 -7.81 20.30 35.47
C LEU B 289 -9.23 19.77 35.35
N ALA B 290 -9.91 19.61 36.49
CA ALA B 290 -11.29 19.15 36.48
C ALA B 290 -12.26 20.20 35.95
N GLU B 291 -11.97 21.48 36.18
CA GLU B 291 -12.80 22.55 35.64
C GLU B 291 -12.85 22.50 34.12
N ASN B 292 -11.68 22.44 33.48
CA ASN B 292 -11.56 22.43 32.03
C ASN B 292 -11.59 21.03 31.45
N ASN B 293 -11.89 20.02 32.26
CA ASN B 293 -12.10 18.65 31.79
C ASN B 293 -10.85 18.09 31.11
N ILE B 294 -9.68 18.43 31.64
CA ILE B 294 -8.41 18.01 31.08
C ILE B 294 -7.89 16.82 31.88
N GLN B 295 -7.68 15.69 31.20
CA GLN B 295 -7.27 14.45 31.84
C GLN B 295 -5.78 14.22 31.62
N PRO B 296 -4.95 14.28 32.65
CA PRO B 296 -3.50 14.15 32.43
C PRO B 296 -3.05 12.70 32.34
N ILE B 297 -2.08 12.46 31.48
CA ILE B 297 -1.42 11.17 31.35
C ILE B 297 0.05 11.39 31.73
N PHE B 298 0.44 10.87 32.88
CA PHE B 298 1.80 11.04 33.38
C PHE B 298 2.67 9.94 32.79
N ALA B 299 3.45 10.30 31.78
CA ALA B 299 4.38 9.38 31.11
C ALA B 299 5.76 9.59 31.71
N VAL B 300 6.07 8.83 32.77
CA VAL B 300 7.28 9.04 33.53
C VAL B 300 8.14 7.77 33.51
N THR B 301 9.44 7.95 33.72
CA THR B 301 10.37 6.83 33.70
C THR B 301 10.20 5.97 34.96
N SER B 302 10.83 4.80 34.94
CA SER B 302 10.54 3.72 35.88
C SER B 302 10.67 4.18 37.33
N ARG B 303 11.71 4.93 37.65
CA ARG B 303 11.95 5.33 39.03
C ARG B 303 10.95 6.38 39.52
N MET B 304 10.17 6.99 38.64
CA MET B 304 9.17 7.97 39.04
C MET B 304 7.74 7.44 39.05
N VAL B 305 7.53 6.20 38.57
CA VAL B 305 6.18 5.70 38.39
C VAL B 305 5.39 5.71 39.70
N LYS B 306 5.98 5.15 40.76
CA LYS B 306 5.24 5.05 42.01
C LYS B 306 5.01 6.43 42.62
N THR B 307 5.89 7.39 42.37
CA THR B 307 5.67 8.75 42.83
C THR B 307 4.48 9.39 42.13
N TYR B 308 4.44 9.29 40.79
CA TYR B 308 3.34 9.88 40.05
C TYR B 308 2.03 9.09 40.18
N GLU B 309 2.08 7.82 40.59
CA GLU B 309 0.84 7.08 40.80
CA GLU B 309 0.84 7.09 40.79
C GLU B 309 0.06 7.63 41.99
N LYS B 310 0.75 8.20 42.98
CA LYS B 310 0.05 8.80 44.10
C LYS B 310 -0.75 10.02 43.68
N LEU B 311 -0.43 10.64 42.54
CA LEU B 311 -1.22 11.77 42.06
C LEU B 311 -2.64 11.35 41.68
N THR B 312 -2.84 10.11 41.24
CA THR B 312 -4.17 9.65 40.88
C THR B 312 -5.13 9.62 42.06
N GLU B 313 -4.63 9.71 43.29
CA GLU B 313 -5.52 9.88 44.44
C GLU B 313 -6.11 11.28 44.46
N ILE B 314 -5.30 12.31 44.17
CA ILE B 314 -5.76 13.69 44.19
C ILE B 314 -6.44 14.10 42.88
N ILE B 315 -5.99 13.58 41.74
CA ILE B 315 -6.57 13.90 40.44
C ILE B 315 -7.34 12.67 39.95
N PRO B 316 -8.66 12.62 40.15
CA PRO B 316 -9.39 11.37 39.82
C PRO B 316 -9.23 10.92 38.37
N LYS B 317 -9.29 11.84 37.42
CA LYS B 317 -9.19 11.48 36.01
C LYS B 317 -7.77 11.73 35.52
N SER B 318 -6.86 10.86 35.97
CA SER B 318 -5.48 10.87 35.53
C SER B 318 -4.96 9.44 35.53
N ALA B 319 -3.84 9.23 34.84
CA ALA B 319 -3.28 7.89 34.71
C ALA B 319 -1.78 8.00 34.56
N VAL B 320 -1.10 6.92 34.93
CA VAL B 320 0.36 6.86 34.93
C VAL B 320 0.80 5.70 34.06
N GLY B 321 1.77 5.95 33.19
CA GLY B 321 2.38 4.90 32.40
C GLY B 321 3.88 5.06 32.41
N GLU B 322 4.57 3.90 32.39
CA GLU B 322 6.02 3.90 32.45
C GLU B 322 6.61 4.28 31.10
N LEU B 323 7.36 5.40 31.07
CA LEU B 323 7.98 5.92 29.85
C LEU B 323 9.42 5.41 29.73
N SER B 324 9.82 5.09 28.50
CA SER B 324 11.18 4.61 28.28
C SER B 324 12.19 5.74 28.44
N GLU B 325 13.46 5.35 28.61
CA GLU B 325 14.53 6.32 28.75
C GLU B 325 14.70 7.19 27.51
N ASP B 326 14.18 6.76 26.36
CA ASP B 326 14.20 7.56 25.14
C ASP B 326 12.81 7.88 24.62
N SER B 327 11.77 7.58 25.41
CA SER B 327 10.40 7.94 25.08
C SER B 327 9.86 7.20 23.86
N SER B 328 10.52 6.11 23.47
CA SER B 328 10.17 5.43 22.23
C SER B 328 8.88 4.63 22.34
N ASN B 329 8.35 4.42 23.55
CA ASN B 329 7.15 3.63 23.72
C ASN B 329 5.93 4.49 24.04
N VAL B 330 6.00 5.80 23.76
CA VAL B 330 5.00 6.70 24.32
C VAL B 330 3.63 6.46 23.70
N VAL B 331 3.60 5.91 22.48
CA VAL B 331 2.33 5.70 21.80
C VAL B 331 1.51 4.62 22.49
N GLN B 332 2.15 3.48 22.83
CA GLN B 332 1.40 2.46 23.57
C GLN B 332 1.02 2.95 24.96
N LEU B 333 1.90 3.73 25.59
CA LEU B 333 1.58 4.33 26.87
C LEU B 333 0.27 5.11 26.80
N ILE B 334 0.13 5.94 25.76
CA ILE B 334 -1.10 6.73 25.58
C ILE B 334 -2.30 5.83 25.36
N LYS B 335 -2.14 4.78 24.55
CA LYS B 335 -3.24 3.83 24.33
C LYS B 335 -3.62 3.13 25.63
N ASN B 336 -2.64 2.62 26.37
CA ASN B 336 -2.95 1.97 27.65
C ASN B 336 -3.59 2.97 28.61
N ALA B 337 -3.12 4.22 28.59
CA ALA B 337 -3.65 5.19 29.54
C ALA B 337 -5.08 5.56 29.21
N TYR B 338 -5.41 5.67 27.91
CA TYR B 338 -6.80 5.95 27.52
C TYR B 338 -7.74 4.84 27.97
N ASN B 339 -7.31 3.59 27.87
CA ASN B 339 -8.14 2.49 28.36
C ASN B 339 -8.26 2.53 29.87
N LYS B 340 -7.19 2.90 30.57
CA LYS B 340 -7.24 3.03 32.02
C LYS B 340 -8.22 4.13 32.42
N LEU B 341 -8.17 5.27 31.74
CA LEU B 341 -9.08 6.37 32.06
C LEU B 341 -10.52 6.05 31.72
N SER B 342 -10.76 5.40 30.59
CA SER B 342 -12.13 5.22 30.14
CA SER B 342 -12.13 5.20 30.12
C SER B 342 -12.82 4.01 30.75
N SER B 343 -12.07 3.08 31.31
CA SER B 343 -12.69 1.96 31.98
C SER B 343 -12.99 2.28 33.44
N ARG B 344 -12.60 3.45 33.91
CA ARG B 344 -12.86 3.88 35.28
C ARG B 344 -13.85 5.04 35.21
N VAL B 345 -14.95 4.92 35.95
CA VAL B 345 -16.02 5.92 35.91
C VAL B 345 -16.32 6.37 37.32
N PHE B 346 -16.16 7.66 37.58
CA PHE B 346 -16.50 8.27 38.86
C PHE B 346 -17.74 9.12 38.69
N LEU B 347 -18.66 9.00 39.64
CA LEU B 347 -19.85 9.86 39.70
C LEU B 347 -19.72 10.74 40.94
N ASP B 348 -19.72 12.05 40.74
CA ASP B 348 -19.50 12.99 41.83
C ASP B 348 -20.34 14.24 41.60
N HIS B 349 -20.43 15.06 42.64
CA HIS B 349 -21.23 16.28 42.62
C HIS B 349 -20.35 17.48 42.93
N ASN B 350 -20.87 18.66 42.61
CA ASN B 350 -20.19 19.93 42.90
C ASN B 350 -20.37 20.28 44.38
N ALA B 351 -19.88 21.45 44.79
CA ALA B 351 -19.92 21.83 46.21
C ALA B 351 -21.35 21.91 46.71
N LEU B 352 -21.55 21.47 47.96
CA LEU B 352 -22.85 21.44 48.60
C LEU B 352 -22.85 22.29 49.86
N PRO B 353 -23.98 22.87 50.21
CA PRO B 353 -24.10 23.49 51.53
C PRO B 353 -24.05 22.43 52.61
N ASP B 354 -23.77 22.87 53.83
CA ASP B 354 -23.68 21.93 54.93
C ASP B 354 -25.04 21.34 55.31
N THR B 355 -26.13 21.74 54.66
CA THR B 355 -27.46 21.21 54.95
C THR B 355 -27.79 19.96 54.15
N LEU B 356 -26.97 19.59 53.17
CA LEU B 356 -27.20 18.44 52.30
C LEU B 356 -26.04 17.47 52.38
N LYS B 357 -26.37 16.18 52.44
CA LYS B 357 -25.40 15.09 52.41
C LYS B 357 -25.77 14.14 51.29
N VAL B 358 -24.81 13.86 50.41
CA VAL B 358 -25.02 12.98 49.27
C VAL B 358 -24.09 11.80 49.41
N THR B 359 -24.65 10.60 49.21
CA THR B 359 -23.88 9.37 49.21
CA THR B 359 -23.89 9.36 49.23
C THR B 359 -24.27 8.55 47.99
N TYR B 360 -23.34 7.71 47.54
CA TYR B 360 -23.48 6.97 46.29
C TYR B 360 -23.33 5.47 46.51
N ASP B 361 -24.17 4.69 45.83
CA ASP B 361 -24.06 3.25 45.73
C ASP B 361 -23.70 2.89 44.30
N SER B 362 -22.67 2.07 44.13
CA SER B 362 -22.13 1.75 42.81
C SER B 362 -22.46 0.30 42.48
N PHE B 363 -23.24 0.09 41.43
CA PHE B 363 -23.64 -1.24 40.98
C PHE B 363 -22.93 -1.51 39.67
N CYS B 364 -21.68 -1.98 39.76
CA CYS B 364 -20.80 -2.06 38.60
C CYS B 364 -21.05 -3.34 37.81
N SER B 365 -20.70 -3.29 36.52
CA SER B 365 -20.88 -4.45 35.65
C SER B 365 -19.79 -5.49 35.84
N ASN B 366 -18.66 -5.13 36.47
CA ASN B 366 -17.58 -6.10 36.67
C ASN B 366 -17.76 -6.87 37.97
N GLY B 367 -18.98 -6.96 38.50
CA GLY B 367 -19.29 -7.75 39.67
C GLY B 367 -18.99 -7.11 41.01
N VAL B 368 -18.53 -5.87 41.03
CA VAL B 368 -18.18 -5.15 42.25
C VAL B 368 -19.35 -4.24 42.62
N THR B 369 -19.63 -4.14 43.92
CA THR B 369 -20.68 -3.26 44.43
C THR B 369 -20.15 -2.49 45.63
N HIS B 370 -20.40 -1.19 45.65
CA HIS B 370 -20.08 -0.34 46.79
C HIS B 370 -21.36 0.35 47.24
N ARG B 371 -21.55 0.44 48.55
CA ARG B 371 -22.73 1.07 49.12
C ARG B 371 -22.32 2.20 50.06
N ASN B 372 -23.10 3.28 50.04
CA ASN B 372 -22.94 4.41 50.94
C ASN B 372 -21.50 4.94 50.94
N GLN B 373 -21.08 5.41 49.77
CA GLN B 373 -19.76 5.99 49.60
C GLN B 373 -19.84 7.47 49.23
N PRO B 374 -18.81 8.26 49.54
CA PRO B 374 -18.85 9.69 49.19
C PRO B 374 -18.83 9.97 47.71
N ARG B 375 -18.61 8.96 46.87
CA ARG B 375 -18.45 9.15 45.43
C ARG B 375 -18.74 7.83 44.72
N GLY B 376 -19.39 7.91 43.56
CA GLY B 376 -19.58 6.73 42.75
C GLY B 376 -18.28 6.30 42.09
N ASP B 377 -18.03 5.00 42.10
CA ASP B 377 -16.76 4.47 41.59
C ASP B 377 -17.00 3.08 41.01
N CYS B 378 -16.78 2.93 39.70
CA CYS B 378 -16.82 1.64 39.03
C CYS B 378 -15.60 1.48 38.14
N ASP B 379 -15.11 0.25 38.03
CA ASP B 379 -13.96 -0.05 37.19
C ASP B 379 -14.37 -1.11 36.16
N GLY B 380 -13.53 -1.26 35.15
CA GLY B 380 -13.84 -2.19 34.06
C GLY B 380 -15.11 -1.84 33.32
N VAL B 381 -15.37 -0.55 33.13
CA VAL B 381 -16.60 -0.15 32.45
C VAL B 381 -16.39 -0.33 30.96
N GLN B 382 -17.34 -1.02 30.31
CA GLN B 382 -17.21 -1.39 28.91
C GLN B 382 -18.25 -0.65 28.09
N ILE B 383 -17.92 -0.42 26.81
CA ILE B 383 -18.81 0.28 25.90
C ILE B 383 -20.17 -0.39 25.91
N ASN B 384 -21.22 0.42 26.03
CA ASN B 384 -22.60 -0.01 25.86
C ASN B 384 -23.03 -1.06 26.87
N VAL B 385 -22.32 -1.17 27.99
CA VAL B 385 -22.72 -2.08 29.06
C VAL B 385 -23.08 -1.23 30.28
N PRO B 386 -24.36 -1.05 30.57
CA PRO B 386 -24.74 -0.03 31.56
C PRO B 386 -24.40 -0.42 32.98
N ILE B 387 -24.07 0.59 33.77
CA ILE B 387 -23.86 0.48 35.20
C ILE B 387 -24.84 1.44 35.87
N THR B 388 -25.07 1.23 37.16
CA THR B 388 -26.04 2.02 37.89
C THR B 388 -25.40 2.58 39.15
N PHE B 389 -25.74 3.83 39.45
CA PHE B 389 -25.38 4.47 40.72
C PHE B 389 -26.66 4.91 41.42
N GLN B 390 -26.82 4.49 42.67
CA GLN B 390 -27.95 4.92 43.48
C GLN B 390 -27.50 6.09 44.33
N VAL B 391 -28.13 7.24 44.13
CA VAL B 391 -27.78 8.48 44.82
C VAL B 391 -28.76 8.68 45.97
N LYS B 392 -28.23 8.89 47.17
CA LYS B 392 -29.05 9.15 48.35
C LYS B 392 -28.72 10.54 48.88
N VAL B 393 -29.74 11.39 48.97
CA VAL B 393 -29.58 12.78 49.39
C VAL B 393 -30.41 12.99 50.65
N THR B 394 -29.77 13.51 51.68
CA THR B 394 -30.40 13.77 52.96
C THR B 394 -30.19 15.22 53.36
N ALA B 395 -31.25 15.84 53.88
CA ALA B 395 -31.19 17.18 54.42
C ALA B 395 -31.32 17.15 55.93
N THR B 396 -30.60 18.06 56.60
CA THR B 396 -30.67 18.17 58.05
C THR B 396 -31.66 19.22 58.53
N GLU B 397 -31.89 20.24 57.72
CA GLU B 397 -32.89 21.27 58.01
C GLU B 397 -34.05 21.18 57.03
N CYS B 398 -35.02 22.07 57.24
CA CYS B 398 -36.00 22.43 56.21
C CYS B 398 -35.33 23.47 55.32
N ILE B 399 -34.95 23.06 54.10
CA ILE B 399 -33.99 23.80 53.31
C ILE B 399 -34.70 24.77 52.37
N GLN B 400 -33.96 25.78 51.93
CA GLN B 400 -34.42 26.70 50.89
C GLN B 400 -34.21 26.07 49.52
N GLU B 401 -35.06 26.46 48.56
CA GLU B 401 -34.97 25.88 47.22
C GLU B 401 -33.55 26.03 46.67
N GLN B 402 -33.04 24.96 46.10
CA GLN B 402 -31.63 24.83 45.85
C GLN B 402 -31.40 23.81 44.74
N SER B 403 -30.20 23.82 44.18
CA SER B 403 -29.85 22.86 43.14
C SER B 403 -28.35 22.62 43.13
N PHE B 404 -27.97 21.42 42.71
CA PHE B 404 -26.58 21.07 42.46
C PHE B 404 -26.56 20.14 41.26
N VAL B 405 -25.36 19.85 40.76
CA VAL B 405 -25.23 19.00 39.57
C VAL B 405 -24.43 17.76 39.92
N ILE B 406 -24.62 16.72 39.12
CA ILE B 406 -23.92 15.46 39.26
C ILE B 406 -23.27 15.13 37.92
N ARG B 407 -21.96 14.90 37.93
CA ARG B 407 -21.18 14.60 36.74
CA ARG B 407 -21.20 14.60 36.73
C ARG B 407 -20.63 13.18 36.80
N ALA B 408 -20.44 12.59 35.63
CA ALA B 408 -19.52 11.47 35.50
C ALA B 408 -18.20 12.11 35.10
N LEU B 409 -17.22 12.04 36.01
CA LEU B 409 -16.00 12.82 35.83
C LEU B 409 -15.33 12.48 34.51
N GLY B 410 -14.76 13.50 33.86
CA GLY B 410 -14.19 13.35 32.54
C GLY B 410 -15.12 13.69 31.39
N PHE B 411 -16.39 13.97 31.67
CA PHE B 411 -17.37 14.33 30.66
C PHE B 411 -18.13 15.56 31.11
N THR B 412 -18.71 16.28 30.16
CA THR B 412 -19.45 17.51 30.47
C THR B 412 -20.92 17.27 30.75
N ASP B 413 -21.44 16.07 30.49
CA ASP B 413 -22.85 15.79 30.73
C ASP B 413 -23.13 15.83 32.22
N ILE B 414 -24.27 16.41 32.59
CA ILE B 414 -24.60 16.60 34.00
C ILE B 414 -26.00 16.07 34.28
N VAL B 415 -26.24 15.81 35.56
CA VAL B 415 -27.57 15.56 36.10
C VAL B 415 -27.90 16.73 37.01
N THR B 416 -28.83 17.59 36.57
CA THR B 416 -29.23 18.75 37.36
C THR B 416 -30.25 18.32 38.41
N VAL B 417 -29.87 18.44 39.68
CA VAL B 417 -30.70 17.98 40.79
C VAL B 417 -31.34 19.19 41.45
N GLN B 418 -32.66 19.32 41.27
CA GLN B 418 -33.44 20.38 41.88
C GLN B 418 -33.91 19.91 43.26
N VAL B 419 -33.58 20.67 44.30
CA VAL B 419 -33.83 20.27 45.68
C VAL B 419 -34.84 21.23 46.29
N LEU B 420 -35.93 20.69 46.81
CA LEU B 420 -36.99 21.43 47.45
C LEU B 420 -37.26 20.84 48.83
N PRO B 421 -37.66 21.67 49.79
CA PRO B 421 -38.02 21.16 51.10
C PRO B 421 -39.40 20.50 51.08
N GLN B 422 -39.65 19.67 52.09
CA GLN B 422 -40.98 19.11 52.32
C GLN B 422 -41.35 19.31 53.78
N CYS B 423 -41.75 20.54 54.09
CA CYS B 423 -42.18 20.94 55.42
C CYS B 423 -43.67 21.28 55.43
N GLU B 424 -44.36 20.98 54.33
CA GLU B 424 -45.76 21.29 54.15
C GLU B 424 -46.53 19.99 54.05
N CYS B 425 -47.46 19.79 54.98
CA CYS B 425 -48.52 18.81 54.78
C CYS B 425 -49.39 19.25 53.62
N ARG B 426 -49.68 18.33 52.71
CA ARG B 426 -50.65 18.56 51.65
C ARG B 426 -51.97 17.94 52.13
N CYS B 427 -52.81 18.77 52.73
CA CYS B 427 -53.94 18.28 53.50
C CYS B 427 -55.20 18.20 52.66
N ARG B 428 -56.28 17.76 53.29
CA ARG B 428 -57.50 17.44 52.56
C ARG B 428 -58.22 18.70 52.09
N ASP B 429 -58.97 18.54 51.00
CA ASP B 429 -59.88 19.60 50.56
C ASP B 429 -60.90 19.89 51.64
N GLN B 430 -61.13 21.18 51.91
CA GLN B 430 -62.14 21.54 52.88
C GLN B 430 -63.55 21.31 52.36
N SER B 431 -63.70 20.91 51.09
CA SER B 431 -65.01 20.55 50.55
C SER B 431 -65.63 19.43 51.38
N ARG B 432 -66.96 19.36 51.31
CA ARG B 432 -67.79 18.46 52.13
C ARG B 432 -67.79 18.90 53.59
N ASP B 433 -66.85 19.77 53.97
CA ASP B 433 -66.78 20.33 55.31
C ASP B 433 -67.03 21.83 55.34
N ARG B 434 -67.45 22.41 54.21
CA ARG B 434 -67.79 23.82 54.20
C ARG B 434 -69.03 24.06 55.06
N SER B 435 -69.24 25.34 55.40
CA SER B 435 -69.78 25.88 56.63
C SER B 435 -68.65 26.09 57.62
N LEU B 436 -67.48 25.48 57.37
CA LEU B 436 -66.20 25.84 57.96
C LEU B 436 -66.23 25.87 59.49
N CYS B 437 -65.62 26.91 60.06
CA CYS B 437 -65.39 27.01 61.50
C CYS B 437 -66.39 27.93 62.18
N HIS B 438 -67.63 27.93 61.69
CA HIS B 438 -68.66 28.87 62.17
C HIS B 438 -68.16 30.31 62.08
N GLY B 439 -67.43 30.60 61.01
CA GLY B 439 -66.86 31.92 60.82
C GLY B 439 -66.25 32.02 59.44
N LYS B 440 -65.62 33.17 59.19
CA LYS B 440 -65.03 33.44 57.89
C LYS B 440 -63.69 32.74 57.69
N GLY B 441 -63.08 32.25 58.77
CA GLY B 441 -61.77 31.65 58.65
C GLY B 441 -61.78 30.39 57.81
N PHE B 442 -60.67 30.17 57.10
CA PHE B 442 -60.52 29.01 56.24
C PHE B 442 -59.76 27.91 56.96
N LEU B 443 -59.91 26.69 56.45
CA LEU B 443 -59.32 25.50 57.03
C LEU B 443 -58.02 25.15 56.29
N GLU B 444 -57.02 24.72 57.07
CA GLU B 444 -55.83 24.07 56.52
C GLU B 444 -55.45 22.95 57.46
N CYS B 445 -55.52 21.71 56.98
CA CYS B 445 -55.09 20.54 57.74
C CYS B 445 -55.99 20.25 58.92
N GLY B 446 -57.30 20.38 58.72
CA GLY B 446 -58.26 20.00 59.73
C GLY B 446 -58.24 20.93 60.92
N ILE B 447 -57.29 21.85 60.95
CA ILE B 447 -57.20 22.87 61.98
C ILE B 447 -57.54 24.20 61.34
N CYS B 448 -58.49 24.92 61.94
CA CYS B 448 -58.92 26.19 61.40
C CYS B 448 -57.84 27.24 61.61
N ARG B 449 -57.36 27.82 60.52
CA ARG B 449 -56.51 29.02 60.59
C ARG B 449 -57.40 30.18 60.18
N CYS B 450 -58.04 30.80 61.17
CA CYS B 450 -59.07 31.78 60.89
C CYS B 450 -58.47 33.03 60.24
N ASP B 451 -59.18 33.58 59.26
CA ASP B 451 -58.88 34.91 58.77
C ASP B 451 -58.71 35.85 59.96
N THR B 452 -57.66 36.67 59.92
CA THR B 452 -57.43 37.62 61.00
C THR B 452 -58.68 38.49 61.19
N GLY B 453 -58.96 38.81 62.44
CA GLY B 453 -60.24 39.35 62.81
C GLY B 453 -60.83 38.54 63.94
N TYR B 454 -60.69 39.06 65.16
CA TYR B 454 -61.12 38.41 66.40
C TYR B 454 -60.26 37.18 66.70
N ILE B 455 -60.02 36.32 65.72
CA ILE B 455 -59.06 35.21 65.82
C ILE B 455 -59.35 34.38 67.06
N GLY B 456 -58.32 33.75 67.62
CA GLY B 456 -58.48 32.84 68.73
C GLY B 456 -58.26 31.40 68.31
N LYS B 457 -59.25 30.55 68.58
CA LYS B 457 -59.10 29.11 68.33
C LYS B 457 -60.18 28.56 67.40
N ASN B 458 -61.29 28.07 67.96
CA ASN B 458 -62.37 27.52 67.14
C ASN B 458 -62.78 28.51 66.06
N CYS B 459 -62.62 29.80 66.31
CA CYS B 459 -62.26 30.76 65.28
C CYS B 459 -61.75 32.03 65.93
N TYR C 1 -20.37 -20.13 25.82
CA TYR C 1 -21.38 -19.17 26.24
C TYR C 1 -21.09 -18.65 27.66
N ASN C 2 -20.19 -19.33 28.37
CA ASN C 2 -19.94 -19.01 29.77
C ASN C 2 -18.60 -18.32 30.02
N LEU C 3 -17.93 -17.81 28.99
CA LEU C 3 -16.74 -16.99 29.23
C LEU C 3 -17.17 -15.60 29.67
N ASP C 4 -16.60 -15.12 30.76
CA ASP C 4 -17.05 -13.88 31.40
C ASP C 4 -16.34 -12.69 30.80
N VAL C 5 -16.99 -12.05 29.82
CA VAL C 5 -16.39 -10.92 29.14
C VAL C 5 -16.35 -9.70 30.06
N ARG C 6 -17.32 -9.56 30.96
CA ARG C 6 -17.33 -8.39 31.83
C ARG C 6 -16.21 -8.42 32.86
N GLY C 7 -15.63 -9.60 33.11
CA GLY C 7 -14.54 -9.74 34.06
C GLY C 7 -13.20 -9.88 33.37
N ALA C 8 -13.15 -9.51 32.10
CA ALA C 8 -11.92 -9.62 31.33
C ALA C 8 -10.83 -8.70 31.88
N ARG C 9 -9.59 -9.17 31.80
CA ARG C 9 -8.41 -8.43 32.22
C ARG C 9 -7.41 -8.38 31.08
N SER C 10 -6.72 -7.25 30.96
CA SER C 10 -5.75 -7.03 29.88
C SER C 10 -4.36 -6.90 30.46
N PHE C 11 -3.38 -7.42 29.73
CA PHE C 11 -1.99 -7.42 30.13
C PHE C 11 -1.14 -6.85 29.00
N SER C 12 -0.18 -6.00 29.35
CA SER C 12 0.71 -5.45 28.33
C SER C 12 1.90 -4.77 29.00
N PRO C 13 3.12 -5.07 28.57
CA PRO C 13 4.30 -4.42 29.15
C PRO C 13 4.44 -3.00 28.65
N PRO C 14 5.13 -2.12 29.39
CA PRO C 14 5.26 -0.73 28.94
C PRO C 14 5.95 -0.57 27.61
N ARG C 15 6.80 -1.52 27.19
CA ARG C 15 7.57 -1.40 25.95
C ARG C 15 7.13 -2.43 24.91
N ALA C 16 5.90 -2.93 25.01
CA ALA C 16 5.44 -3.95 24.08
C ALA C 16 5.31 -3.39 22.66
N GLY C 17 5.83 -4.15 21.69
CA GLY C 17 5.56 -3.86 20.29
C GLY C 17 4.19 -4.33 19.86
N ARG C 18 3.86 -4.07 18.58
CA ARG C 18 2.54 -4.42 18.06
CA ARG C 18 2.53 -4.42 18.07
C ARG C 18 2.33 -5.92 17.95
N HIS C 19 3.40 -6.72 18.03
CA HIS C 19 3.29 -8.16 17.93
C HIS C 19 3.49 -8.86 19.26
N PHE C 20 3.50 -8.11 20.37
CA PHE C 20 3.25 -8.74 21.65
C PHE C 20 1.83 -9.30 21.64
N GLY C 21 1.69 -10.57 22.02
CA GLY C 21 0.44 -11.27 21.87
C GLY C 21 0.36 -12.14 20.63
N TYR C 22 1.42 -12.22 19.83
CA TYR C 22 1.39 -13.08 18.65
C TYR C 22 1.22 -14.54 19.04
N ARG C 23 1.78 -14.94 20.18
CA ARG C 23 1.58 -16.26 20.74
C ARG C 23 1.35 -16.13 22.24
N VAL C 24 0.34 -16.84 22.76
CA VAL C 24 0.07 -16.90 24.20
C VAL C 24 0.08 -18.36 24.62
N LEU C 25 0.63 -18.63 25.82
CA LEU C 25 0.78 -19.98 26.32
C LEU C 25 0.55 -19.99 27.83
N GLN C 26 -0.55 -20.58 28.26
CA GLN C 26 -0.83 -20.76 29.69
C GLN C 26 0.00 -21.92 30.20
N VAL C 27 1.15 -21.63 30.79
CA VAL C 27 1.86 -22.62 31.58
C VAL C 27 1.55 -22.31 33.04
N GLY C 28 0.79 -23.20 33.68
CA GLY C 28 0.12 -22.93 34.95
C GLY C 28 0.93 -22.15 35.97
N ASN C 29 0.40 -20.97 36.33
CA ASN C 29 0.88 -19.95 37.27
C ASN C 29 0.84 -18.60 36.57
N GLY C 30 1.06 -18.61 35.27
CA GLY C 30 1.03 -17.41 34.45
C GLY C 30 0.81 -17.76 33.00
N VAL C 31 0.88 -16.73 32.16
CA VAL C 31 0.75 -16.87 30.71
C VAL C 31 2.06 -16.41 30.09
N ILE C 32 2.69 -17.27 29.31
CA ILE C 32 3.86 -16.88 28.52
C ILE C 32 3.35 -16.24 27.23
N VAL C 33 3.96 -15.14 26.82
CA VAL C 33 3.53 -14.40 25.64
C VAL C 33 4.73 -14.21 24.72
N GLY C 34 4.60 -14.67 23.47
CA GLY C 34 5.62 -14.43 22.47
C GLY C 34 5.42 -13.08 21.81
N ALA C 35 6.51 -12.35 21.64
CA ALA C 35 6.46 -10.97 21.13
C ALA C 35 7.58 -10.76 20.11
N PRO C 36 7.42 -11.29 18.89
CA PRO C 36 8.41 -11.01 17.85
C PRO C 36 8.55 -9.52 17.61
N GLY C 37 9.73 -9.14 17.12
CA GLY C 37 10.08 -7.74 17.00
C GLY C 37 9.67 -7.16 15.66
N GLU C 38 9.16 -5.93 15.71
CA GLU C 38 8.80 -5.22 14.51
C GLU C 38 9.92 -4.28 14.12
N GLY C 39 10.24 -4.26 12.84
CA GLY C 39 11.20 -3.27 12.38
C GLY C 39 12.60 -3.61 12.85
N ASN C 40 13.22 -2.70 13.59
CA ASN C 40 14.60 -2.85 14.05
C ASN C 40 14.73 -3.71 15.30
N SER C 41 13.62 -4.05 15.94
CA SER C 41 13.68 -4.65 17.25
C SER C 41 13.93 -6.15 17.18
N THR C 42 14.47 -6.68 18.26
CA THR C 42 14.55 -8.12 18.47
C THR C 42 13.27 -8.60 19.16
N GLY C 43 12.93 -9.86 18.90
CA GLY C 43 11.82 -10.47 19.59
C GLY C 43 12.16 -10.79 21.02
N SER C 44 11.13 -11.09 21.80
CA SER C 44 11.37 -11.48 23.18
C SER C 44 10.18 -12.27 23.67
N LEU C 45 10.43 -13.10 24.69
CA LEU C 45 9.36 -13.75 25.42
C LEU C 45 9.04 -12.95 26.65
N TYR C 46 7.77 -12.97 27.05
CA TYR C 46 7.33 -12.31 28.26
C TYR C 46 6.64 -13.30 29.19
N GLN C 47 6.76 -13.05 30.48
CA GLN C 47 6.11 -13.82 31.53
C GLN C 47 5.14 -12.87 32.26
N CYS C 48 3.85 -13.18 32.19
CA CYS C 48 2.82 -12.34 32.77
C CYS C 48 2.17 -13.09 33.92
N GLN C 49 2.51 -12.69 35.15
CA GLN C 49 1.91 -13.25 36.35
C GLN C 49 0.59 -12.55 36.60
N SER C 50 -0.45 -13.34 36.86
CA SER C 50 -1.77 -12.76 37.03
C SER C 50 -1.90 -12.07 38.39
N GLY C 51 -1.24 -12.62 39.42
CA GLY C 51 -1.28 -11.99 40.72
C GLY C 51 -0.80 -10.56 40.69
N THR C 52 0.37 -10.32 40.08
CA THR C 52 0.86 -8.96 39.94
C THR C 52 0.15 -8.22 38.81
N GLY C 53 -0.34 -8.94 37.80
CA GLY C 53 -0.85 -8.30 36.61
C GLY C 53 0.22 -7.72 35.71
N HIS C 54 1.49 -7.94 36.03
CA HIS C 54 2.62 -7.39 35.28
C HIS C 54 3.20 -8.42 34.32
N CYS C 55 3.83 -7.93 33.26
CA CYS C 55 4.45 -8.76 32.23
C CYS C 55 5.94 -8.46 32.21
N LEU C 56 6.76 -9.46 32.56
CA LEU C 56 8.19 -9.21 32.62
C LEU C 56 8.93 -9.95 31.50
N PRO C 57 9.96 -9.33 30.92
CA PRO C 57 10.71 -9.99 29.85
C PRO C 57 11.53 -11.15 30.38
N VAL C 58 11.62 -12.21 29.58
CA VAL C 58 12.34 -13.42 29.95
C VAL C 58 13.75 -13.34 29.39
N THR C 59 14.74 -13.67 30.21
CA THR C 59 16.14 -13.70 29.77
CA THR C 59 16.14 -13.70 29.77
C THR C 59 16.53 -15.14 29.51
N LEU C 60 16.86 -15.45 28.27
CA LEU C 60 17.37 -16.76 27.89
C LEU C 60 18.84 -16.81 28.25
N ARG C 61 19.17 -17.53 29.32
CA ARG C 61 20.54 -17.53 29.83
C ARG C 61 21.39 -18.57 29.12
N GLY C 62 22.58 -18.15 28.71
CA GLY C 62 23.43 -18.97 27.88
C GLY C 62 23.19 -18.80 26.40
N SER C 63 22.36 -17.84 26.01
CA SER C 63 21.96 -17.64 24.63
C SER C 63 22.89 -16.64 23.97
N ASN C 64 23.57 -17.05 22.89
CA ASN C 64 24.34 -16.10 22.09
C ASN C 64 23.43 -15.08 21.41
N TYR C 65 22.37 -15.57 20.77
CA TYR C 65 21.77 -14.91 19.62
C TYR C 65 20.25 -14.80 19.78
N THR C 66 19.72 -13.62 19.46
CA THR C 66 18.29 -13.37 19.47
C THR C 66 17.94 -12.49 18.28
N SER C 67 17.02 -12.95 17.47
CA SER C 67 16.57 -12.25 16.29
C SER C 67 15.18 -11.69 16.54
N LYS C 68 14.64 -11.03 15.53
CA LYS C 68 13.29 -10.51 15.59
C LYS C 68 12.24 -11.61 15.53
N TYR C 69 12.64 -12.85 15.23
CA TYR C 69 11.71 -13.96 15.17
C TYR C 69 11.36 -14.53 16.55
N LEU C 70 12.20 -14.31 17.57
CA LEU C 70 11.91 -14.85 18.90
C LEU C 70 10.53 -14.41 19.36
N GLY C 71 9.75 -15.36 19.85
CA GLY C 71 8.36 -15.14 20.17
C GLY C 71 7.40 -15.63 19.11
N MET C 72 7.90 -16.03 17.95
CA MET C 72 7.03 -16.49 16.88
C MET C 72 6.51 -17.90 17.15
N THR C 73 7.27 -18.73 17.86
CA THR C 73 6.95 -20.14 18.09
C THR C 73 7.01 -20.44 19.58
N LEU C 74 5.85 -20.76 20.17
CA LEU C 74 5.71 -21.08 21.59
C LEU C 74 4.79 -22.29 21.71
N ALA C 75 5.24 -23.31 22.44
CA ALA C 75 4.45 -24.52 22.59
C ALA C 75 4.79 -25.19 23.91
N THR C 76 3.84 -25.94 24.44
CA THR C 76 4.05 -26.70 25.67
C THR C 76 3.57 -28.12 25.51
N ASP C 77 4.25 -29.05 26.19
CA ASP C 77 3.84 -30.44 26.21
C ASP C 77 2.77 -30.64 27.28
N PRO C 78 1.54 -30.98 26.90
CA PRO C 78 0.50 -31.16 27.92
C PRO C 78 0.75 -32.31 28.88
N THR C 79 1.67 -33.22 28.56
CA THR C 79 1.86 -34.40 29.38
C THR C 79 2.91 -34.20 30.47
N ASP C 80 3.98 -33.46 30.19
CA ASP C 80 5.03 -33.27 31.18
C ASP C 80 5.34 -31.83 31.50
N GLY C 81 4.70 -30.86 30.84
CA GLY C 81 4.88 -29.47 31.19
C GLY C 81 6.01 -28.73 30.50
N SER C 82 6.80 -29.42 29.67
CA SER C 82 7.91 -28.77 28.99
C SER C 82 7.43 -27.57 28.17
N ILE C 83 8.30 -26.58 28.06
CA ILE C 83 8.05 -25.40 27.24
C ILE C 83 9.12 -25.34 26.15
N LEU C 84 8.68 -25.28 24.90
CA LEU C 84 9.57 -25.15 23.76
C LEU C 84 9.36 -23.80 23.10
N ALA C 85 10.44 -23.02 22.98
CA ALA C 85 10.41 -21.76 22.25
C ALA C 85 11.54 -21.80 21.21
N CYS C 86 11.21 -21.42 19.97
CA CYS C 86 12.17 -21.42 18.88
C CYS C 86 12.29 -20.03 18.27
N ASP C 87 13.49 -19.71 17.81
CA ASP C 87 13.81 -18.44 17.15
C ASP C 87 14.19 -18.76 15.72
N PRO C 88 13.23 -18.77 14.79
CA PRO C 88 13.52 -19.21 13.42
C PRO C 88 14.23 -18.17 12.58
N GLY C 89 15.15 -17.42 13.17
CA GLY C 89 15.78 -16.35 12.46
C GLY C 89 17.29 -16.34 12.56
N LEU C 90 17.88 -17.52 12.78
CA LEU C 90 19.34 -17.64 12.82
C LEU C 90 19.87 -17.43 11.42
N SER C 91 20.26 -16.20 11.11
CA SER C 91 20.81 -15.84 9.81
C SER C 91 22.34 -15.81 9.86
N ARG C 92 22.97 -16.20 8.75
CA ARG C 92 24.42 -16.24 8.60
C ARG C 92 24.77 -16.33 7.12
N THR C 93 25.97 -15.88 6.77
CA THR C 93 26.41 -15.89 5.38
C THR C 93 27.46 -16.97 5.16
N CYS C 94 27.37 -17.62 4.00
CA CYS C 94 28.36 -18.59 3.54
C CYS C 94 28.75 -18.19 2.12
N ASP C 95 29.98 -17.69 1.96
CA ASP C 95 30.40 -17.03 0.72
C ASP C 95 29.42 -15.88 0.48
N GLN C 96 28.81 -15.77 -0.71
CA GLN C 96 27.80 -14.75 -0.95
C GLN C 96 26.38 -15.23 -0.66
N ASN C 97 26.22 -16.50 -0.30
CA ASN C 97 24.91 -17.00 0.09
C ASN C 97 24.59 -16.59 1.52
N THR C 98 23.29 -16.54 1.82
CA THR C 98 22.81 -16.35 3.18
C THR C 98 21.93 -17.53 3.56
N TYR C 99 22.17 -18.08 4.75
CA TYR C 99 21.42 -19.21 5.28
C TYR C 99 20.41 -18.74 6.32
N LEU C 100 19.44 -19.59 6.61
CA LEU C 100 18.34 -19.22 7.51
C LEU C 100 17.72 -20.48 8.10
N SER C 101 17.90 -20.67 9.41
CA SER C 101 17.25 -21.75 10.13
C SER C 101 17.05 -21.30 11.57
N GLY C 102 16.67 -22.25 12.44
CA GLY C 102 16.12 -21.93 13.72
C GLY C 102 17.04 -22.25 14.89
N LEU C 103 16.63 -21.72 16.04
CA LEU C 103 17.38 -21.85 17.28
C LEU C 103 16.32 -22.07 18.37
N CYS C 104 16.25 -23.29 18.89
CA CYS C 104 15.17 -23.66 19.81
C CYS C 104 15.66 -23.76 21.25
N TYR C 105 14.76 -23.45 22.19
CA TYR C 105 15.04 -23.48 23.62
C TYR C 105 13.98 -24.31 24.33
N LEU C 106 14.42 -25.28 25.12
CA LEU C 106 13.54 -26.20 25.85
C LEU C 106 13.68 -25.97 27.34
N PHE C 107 12.57 -25.64 27.99
CA PHE C 107 12.50 -25.51 29.45
C PHE C 107 11.73 -26.72 29.97
N ARG C 108 12.45 -27.67 30.57
CA ARG C 108 11.82 -28.89 31.03
C ARG C 108 10.92 -28.65 32.23
N GLN C 109 11.30 -27.72 33.11
CA GLN C 109 10.58 -27.48 34.35
C GLN C 109 9.76 -26.20 34.26
N ASN C 110 10.43 -25.07 34.17
CA ASN C 110 9.78 -23.78 34.01
C ASN C 110 10.80 -22.83 33.41
N LEU C 111 10.38 -21.58 33.19
CA LEU C 111 11.28 -20.60 32.58
C LEU C 111 12.48 -20.29 33.47
N GLN C 112 12.29 -20.36 34.78
CA GLN C 112 13.36 -20.09 35.72
C GLN C 112 14.29 -21.29 35.91
N GLY C 113 13.97 -22.45 35.34
CA GLY C 113 14.77 -23.64 35.52
C GLY C 113 15.83 -23.82 34.45
N PRO C 114 16.47 -24.99 34.43
CA PRO C 114 17.49 -25.26 33.42
C PRO C 114 16.91 -25.21 32.02
N MET C 115 17.73 -24.76 31.07
CA MET C 115 17.31 -24.57 29.70
C MET C 115 18.22 -25.37 28.77
N LEU C 116 17.61 -26.13 27.86
CA LEU C 116 18.35 -26.76 26.78
C LEU C 116 18.18 -25.93 25.50
N GLN C 117 19.23 -25.91 24.67
CA GLN C 117 19.11 -25.23 23.39
C GLN C 117 19.80 -26.04 22.31
N GLY C 118 19.28 -25.90 21.08
CA GLY C 118 19.85 -26.58 19.93
C GLY C 118 19.46 -25.85 18.67
N ARG C 119 20.02 -26.33 17.55
CA ARG C 119 19.83 -25.70 16.24
C ARG C 119 19.29 -26.76 15.28
N PRO C 120 17.97 -26.98 15.29
CA PRO C 120 17.41 -28.03 14.43
C PRO C 120 17.62 -27.74 12.95
N GLY C 121 17.95 -28.79 12.21
CA GLY C 121 18.18 -28.70 10.77
C GLY C 121 19.23 -27.69 10.37
N PHE C 122 20.27 -27.53 11.18
CA PHE C 122 21.30 -26.54 10.93
C PHE C 122 22.29 -27.09 9.91
N GLN C 123 22.56 -26.32 8.86
CA GLN C 123 23.54 -26.70 7.87
CA GLN C 123 23.53 -26.69 7.85
C GLN C 123 24.78 -25.84 8.06
N GLU C 124 25.88 -26.48 8.45
CA GLU C 124 27.14 -25.78 8.65
C GLU C 124 27.60 -25.20 7.32
N CYS C 125 28.37 -24.11 7.38
CA CYS C 125 28.82 -23.42 6.17
C CYS C 125 30.03 -24.12 5.59
N ILE C 126 29.92 -24.51 4.33
CA ILE C 126 31.03 -25.09 3.58
C ILE C 126 31.30 -24.14 2.41
N LYS C 127 32.35 -23.33 2.54
CA LYS C 127 32.66 -22.34 1.51
C LYS C 127 33.07 -23.03 0.22
N GLY C 128 33.31 -22.22 -0.81
CA GLY C 128 33.91 -22.74 -2.03
C GLY C 128 35.32 -23.24 -1.82
N ASN C 129 36.10 -22.53 -0.99
CA ASN C 129 37.48 -22.92 -0.67
C ASN C 129 37.44 -23.80 0.59
N VAL C 130 37.80 -25.07 0.44
CA VAL C 130 37.78 -26.03 1.54
C VAL C 130 39.14 -26.71 1.65
N ASP C 131 39.72 -26.69 2.85
CA ASP C 131 40.89 -27.48 3.20
C ASP C 131 40.40 -28.71 3.94
N LEU C 132 40.41 -29.86 3.27
CA LEU C 132 39.88 -31.09 3.82
C LEU C 132 41.02 -32.07 4.07
N VAL C 133 41.03 -32.66 5.27
CA VAL C 133 42.05 -33.61 5.68
C VAL C 133 41.42 -34.98 5.84
N PHE C 134 42.04 -36.00 5.24
CA PHE C 134 41.65 -37.39 5.47
C PHE C 134 42.47 -37.93 6.64
N LEU C 135 41.80 -38.45 7.66
CA LEU C 135 42.46 -39.05 8.82
C LEU C 135 42.01 -40.51 8.86
N PHE C 136 42.84 -41.40 8.33
CA PHE C 136 42.42 -42.76 8.05
C PHE C 136 43.15 -43.77 8.92
N ASP C 137 42.39 -44.75 9.39
CA ASP C 137 42.88 -45.74 10.33
C ASP C 137 43.87 -46.67 9.65
N GLY C 138 44.91 -47.07 10.38
CA GLY C 138 45.83 -48.07 9.90
C GLY C 138 46.11 -49.17 10.91
N SER C 139 45.13 -49.49 11.75
CA SER C 139 45.35 -50.43 12.85
C SER C 139 45.57 -51.84 12.33
N MET C 140 45.98 -52.71 13.25
CA MET C 140 46.25 -54.11 12.94
C MET C 140 44.99 -54.90 12.66
N SER C 141 43.81 -54.33 12.93
CA SER C 141 42.55 -55.03 12.66
C SER C 141 42.25 -55.10 11.17
N LEU C 142 42.76 -54.14 10.39
CA LEU C 142 42.40 -54.01 8.99
C LEU C 142 43.15 -55.03 8.12
N GLN C 143 42.40 -55.78 7.31
CA GLN C 143 42.98 -56.62 6.28
C GLN C 143 43.60 -55.74 5.19
N PRO C 144 44.56 -56.29 4.42
CA PRO C 144 45.16 -55.48 3.35
C PRO C 144 44.13 -54.99 2.34
N ASP C 145 43.14 -55.84 2.04
CA ASP C 145 42.07 -55.46 1.14
C ASP C 145 41.23 -54.34 1.74
N GLU C 146 40.96 -54.40 3.05
CA GLU C 146 40.18 -53.36 3.70
C GLU C 146 40.95 -52.05 3.78
N PHE C 147 42.24 -52.11 4.08
CA PHE C 147 43.05 -50.90 4.09
C PHE C 147 43.16 -50.30 2.69
N GLN C 148 43.18 -51.14 1.67
CA GLN C 148 43.25 -50.66 0.30
C GLN C 148 41.97 -49.90 -0.08
N LYS C 149 40.82 -50.36 0.40
CA LYS C 149 39.57 -49.68 0.06
C LYS C 149 39.46 -48.34 0.77
N ILE C 150 40.05 -48.22 1.95
CA ILE C 150 40.13 -46.90 2.59
C ILE C 150 40.95 -45.95 1.74
N LEU C 151 42.09 -46.41 1.23
CA LEU C 151 42.89 -45.59 0.32
C LEU C 151 42.14 -45.27 -0.96
N ASP C 152 41.43 -46.27 -1.51
CA ASP C 152 40.65 -46.03 -2.74
C ASP C 152 39.53 -45.03 -2.50
N PHE C 153 38.93 -45.06 -1.30
CA PHE C 153 37.89 -44.09 -0.96
C PHE C 153 38.43 -42.66 -1.00
N MET C 154 39.59 -42.43 -0.39
CA MET C 154 40.19 -41.11 -0.45
C MET C 154 40.56 -40.74 -1.88
N LYS C 155 41.10 -41.70 -2.65
CA LYS C 155 41.43 -41.43 -4.05
C LYS C 155 40.20 -40.98 -4.82
N ASP C 156 39.08 -41.69 -4.66
CA ASP C 156 37.91 -41.40 -5.50
C ASP C 156 37.22 -40.11 -5.06
N VAL C 157 37.31 -39.76 -3.78
CA VAL C 157 36.77 -38.48 -3.35
C VAL C 157 37.58 -37.33 -3.96
N MET C 158 38.91 -37.48 -3.98
CA MET C 158 39.74 -36.40 -4.53
C MET C 158 39.54 -36.25 -6.03
N LYS C 159 39.45 -37.37 -6.76
CA LYS C 159 39.22 -37.32 -8.20
C LYS C 159 37.92 -36.59 -8.53
N LYS C 160 36.84 -36.92 -7.81
CA LYS C 160 35.54 -36.27 -8.04
C LYS C 160 35.57 -34.79 -7.74
N LEU C 161 36.32 -34.37 -6.73
CA LEU C 161 36.49 -32.95 -6.41
C LEU C 161 37.75 -32.35 -7.01
N SER C 162 38.45 -33.07 -7.90
CA SER C 162 39.57 -32.49 -8.60
C SER C 162 39.09 -31.33 -9.46
N ASN C 163 39.92 -30.29 -9.55
CA ASN C 163 39.54 -29.03 -10.21
C ASN C 163 38.27 -28.45 -9.58
N THR C 164 38.16 -28.60 -8.27
CA THR C 164 37.37 -27.71 -7.44
C THR C 164 38.34 -26.87 -6.61
N SER C 165 37.80 -25.92 -5.85
CA SER C 165 38.66 -25.17 -4.94
C SER C 165 39.08 -25.97 -3.70
N TYR C 166 38.65 -27.22 -3.60
CA TYR C 166 39.10 -28.10 -2.53
C TYR C 166 40.59 -28.38 -2.64
N GLN C 167 41.29 -28.31 -1.51
CA GLN C 167 42.63 -28.84 -1.37
C GLN C 167 42.61 -29.94 -0.31
N PHE C 168 43.52 -30.90 -0.44
CA PHE C 168 43.47 -32.10 0.38
C PHE C 168 44.80 -32.34 1.10
N ALA C 169 44.68 -33.06 2.23
CA ALA C 169 45.80 -33.64 2.95
C ALA C 169 45.36 -35.00 3.48
N ALA C 170 46.33 -35.85 3.82
CA ALA C 170 46.05 -37.20 4.26
C ALA C 170 46.97 -37.58 5.42
N VAL C 171 46.38 -38.11 6.48
CA VAL C 171 47.10 -38.47 7.70
C VAL C 171 46.70 -39.89 8.07
N GLN C 172 47.67 -40.78 8.13
CA GLN C 172 47.45 -42.12 8.66
C GLN C 172 47.76 -42.13 10.15
N PHE C 173 46.87 -42.71 10.93
CA PHE C 173 47.07 -42.86 12.36
C PHE C 173 46.84 -44.30 12.78
N SER C 174 47.67 -44.74 13.72
CA SER C 174 47.47 -46.03 14.38
C SER C 174 47.89 -45.87 15.84
N THR C 175 49.13 -46.22 16.16
CA THR C 175 49.72 -45.76 17.41
C THR C 175 50.21 -44.34 17.28
N SER C 176 50.93 -44.04 16.20
CA SER C 176 51.47 -42.73 15.88
C SER C 176 50.72 -42.15 14.69
N TYR C 177 51.19 -40.99 14.22
CA TYR C 177 50.53 -40.29 13.12
C TYR C 177 51.56 -39.88 12.07
N LYS C 178 51.15 -39.92 10.81
CA LYS C 178 52.05 -39.58 9.71
C LYS C 178 51.28 -38.82 8.64
N THR C 179 51.78 -37.64 8.29
CA THR C 179 51.24 -36.89 7.16
C THR C 179 51.73 -37.54 5.87
N GLU C 180 50.84 -38.21 5.15
CA GLU C 180 51.23 -38.83 3.90
C GLU C 180 51.41 -37.81 2.80
N PHE C 181 50.59 -36.76 2.78
CA PHE C 181 50.85 -35.60 1.94
C PHE C 181 50.11 -34.40 2.53
N ASP C 182 50.69 -33.22 2.38
CA ASP C 182 50.09 -32.00 2.89
C ASP C 182 49.37 -31.27 1.75
N PHE C 183 48.84 -30.08 2.06
CA PHE C 183 48.06 -29.34 1.07
C PHE C 183 48.93 -28.89 -0.09
N SER C 184 50.15 -28.40 0.20
CA SER C 184 51.04 -27.97 -0.87
C SER C 184 51.52 -29.13 -1.73
N ASP C 185 51.57 -30.35 -1.20
CA ASP C 185 51.83 -31.51 -2.06
C ASP C 185 50.67 -31.75 -3.01
N TYR C 186 49.44 -31.51 -2.56
CA TYR C 186 48.29 -31.69 -3.44
C TYR C 186 48.29 -30.68 -4.58
N VAL C 187 48.58 -29.41 -4.26
CA VAL C 187 48.65 -28.38 -5.30
C VAL C 187 49.70 -28.74 -6.35
N LYS C 188 50.85 -29.25 -5.90
CA LYS C 188 51.93 -29.54 -6.83
C LYS C 188 51.55 -30.65 -7.80
N TRP C 189 50.93 -31.72 -7.31
CA TRP C 189 50.75 -32.94 -8.09
C TRP C 189 49.32 -33.16 -8.58
N LYS C 190 48.33 -32.99 -7.70
CA LYS C 190 46.92 -33.18 -8.07
C LYS C 190 46.65 -34.60 -8.55
N ASP C 191 47.48 -35.56 -8.16
CA ASP C 191 47.33 -36.95 -8.61
C ASP C 191 47.14 -37.84 -7.38
N PRO C 192 45.90 -38.25 -7.08
CA PRO C 192 45.66 -39.10 -5.91
C PRO C 192 46.50 -40.39 -5.90
N ASP C 193 46.70 -41.02 -7.06
CA ASP C 193 47.50 -42.24 -7.08
C ASP C 193 48.93 -41.96 -6.65
N ALA C 194 49.55 -40.93 -7.25
CA ALA C 194 50.91 -40.57 -6.89
C ALA C 194 51.01 -40.13 -5.44
N LEU C 195 49.95 -39.50 -4.90
CA LEU C 195 50.03 -38.95 -3.56
C LEU C 195 49.99 -40.03 -2.50
N LEU C 196 49.21 -41.09 -2.73
CA LEU C 196 49.10 -42.19 -1.78
C LEU C 196 49.98 -43.38 -2.14
N LYS C 197 50.92 -43.18 -3.06
CA LYS C 197 51.68 -44.31 -3.61
C LYS C 197 52.66 -44.89 -2.61
N HIS C 198 53.16 -44.08 -1.67
CA HIS C 198 54.20 -44.49 -0.74
C HIS C 198 53.66 -44.81 0.66
N VAL C 199 52.34 -44.98 0.80
CA VAL C 199 51.74 -45.25 2.10
C VAL C 199 52.01 -46.69 2.50
N LYS C 200 52.43 -46.90 3.75
CA LYS C 200 52.68 -48.22 4.30
C LYS C 200 51.77 -48.44 5.49
N HIS C 201 51.04 -49.55 5.47
CA HIS C 201 50.09 -49.86 6.54
C HIS C 201 50.82 -49.97 7.88
N MET C 202 50.39 -49.18 8.86
CA MET C 202 51.10 -49.13 10.14
C MET C 202 50.90 -50.40 10.96
N LEU C 203 49.66 -50.89 11.03
CA LEU C 203 49.35 -52.17 11.66
C LEU C 203 49.63 -52.13 13.16
N LEU C 204 49.13 -51.10 13.82
CA LEU C 204 49.28 -50.96 15.27
C LEU C 204 47.93 -50.68 15.93
N LEU C 205 47.87 -49.68 16.83
CA LEU C 205 46.64 -49.42 17.59
C LEU C 205 45.76 -48.37 16.90
N THR C 206 44.99 -47.61 17.68
CA THR C 206 43.97 -46.70 17.15
C THR C 206 43.83 -45.50 18.09
N ASN C 207 44.84 -44.63 18.09
CA ASN C 207 44.87 -43.48 18.99
C ASN C 207 44.17 -42.30 18.32
N THR C 208 42.84 -42.32 18.40
CA THR C 208 42.02 -41.33 17.68
C THR C 208 42.13 -39.96 18.32
N PHE C 209 42.15 -39.90 19.66
CA PHE C 209 42.28 -38.62 20.35
C PHE C 209 43.54 -37.87 19.92
N GLY C 210 44.70 -38.54 19.98
CA GLY C 210 45.94 -37.88 19.62
C GLY C 210 46.03 -37.55 18.14
N ALA C 211 45.42 -38.39 17.30
CA ALA C 211 45.45 -38.14 15.87
C ALA C 211 44.70 -36.87 15.51
N ILE C 212 43.52 -36.66 16.10
CA ILE C 212 42.73 -35.48 15.76
C ILE C 212 43.45 -34.22 16.25
N ASN C 213 44.04 -34.27 17.45
CA ASN C 213 44.89 -33.19 17.93
C ASN C 213 46.05 -32.93 16.96
N TYR C 214 46.61 -34.00 16.40
CA TYR C 214 47.73 -33.87 15.47
C TYR C 214 47.30 -33.14 14.19
N VAL C 215 46.15 -33.53 13.63
CA VAL C 215 45.65 -32.85 12.44
C VAL C 215 45.41 -31.38 12.73
N ALA C 216 44.94 -31.07 13.94
CA ALA C 216 44.56 -29.69 14.26
C ALA C 216 45.78 -28.79 14.43
N THR C 217 46.86 -29.31 15.01
CA THR C 217 48.03 -28.48 15.28
C THR C 217 49.14 -28.62 14.25
N GLU C 218 49.19 -29.72 13.50
CA GLU C 218 50.34 -29.98 12.66
C GLU C 218 50.02 -30.05 11.17
N VAL C 219 48.75 -30.03 10.78
CA VAL C 219 48.38 -30.17 9.38
C VAL C 219 47.71 -28.91 8.85
N PHE C 220 46.79 -28.32 9.62
CA PHE C 220 46.16 -27.05 9.23
C PHE C 220 47.13 -25.92 9.52
N ARG C 221 48.10 -25.74 8.62
CA ARG C 221 49.18 -24.77 8.77
C ARG C 221 49.41 -24.07 7.45
N GLU C 222 49.62 -22.75 7.51
CA GLU C 222 49.85 -21.97 6.29
C GLU C 222 51.11 -22.42 5.56
N GLU C 223 52.19 -22.70 6.30
CA GLU C 223 53.43 -23.11 5.64
C GLU C 223 53.35 -24.49 5.02
N LEU C 224 52.33 -25.28 5.36
CA LEU C 224 52.12 -26.56 4.71
C LEU C 224 51.08 -26.48 3.59
N GLY C 225 50.64 -25.29 3.24
CA GLY C 225 49.73 -25.10 2.11
C GLY C 225 48.32 -24.72 2.48
N ALA C 226 47.98 -24.74 3.77
CA ALA C 226 46.60 -24.44 4.18
C ALA C 226 46.32 -22.96 4.01
N ARG C 227 45.07 -22.65 3.60
CA ARG C 227 44.55 -21.32 3.35
C ARG C 227 43.76 -20.84 4.55
N PRO C 228 44.11 -19.68 5.12
CA PRO C 228 43.43 -19.23 6.34
C PRO C 228 41.96 -18.88 6.17
N ASP C 229 41.50 -18.61 4.95
CA ASP C 229 40.10 -18.29 4.70
C ASP C 229 39.29 -19.48 4.21
N ALA C 230 39.88 -20.68 4.21
CA ALA C 230 39.18 -21.87 3.74
C ALA C 230 38.45 -22.54 4.89
N THR C 231 37.34 -23.22 4.55
CA THR C 231 36.64 -24.03 5.54
C THR C 231 37.46 -25.27 5.86
N LYS C 232 37.69 -25.50 7.15
CA LYS C 232 38.47 -26.65 7.59
C LYS C 232 37.53 -27.83 7.79
N VAL C 233 37.74 -28.92 7.04
CA VAL C 233 36.92 -30.12 7.14
C VAL C 233 37.83 -31.31 7.42
N LEU C 234 37.32 -32.26 8.20
CA LEU C 234 38.06 -33.46 8.57
C LEU C 234 37.18 -34.68 8.37
N ILE C 235 37.66 -35.65 7.59
CA ILE C 235 36.98 -36.92 7.40
C ILE C 235 37.83 -37.99 8.10
N ILE C 236 37.31 -38.53 9.20
CA ILE C 236 37.95 -39.60 9.96
C ILE C 236 37.36 -40.92 9.50
N ILE C 237 38.23 -41.90 9.25
CA ILE C 237 37.82 -43.22 8.82
C ILE C 237 38.46 -44.22 9.77
N THR C 238 37.64 -45.06 10.40
CA THR C 238 38.15 -45.95 11.43
C THR C 238 37.34 -47.25 11.45
N ASP C 239 37.98 -48.32 11.93
CA ASP C 239 37.35 -49.63 11.99
C ASP C 239 37.22 -50.13 13.42
N GLY C 240 37.44 -49.29 14.41
CA GLY C 240 37.29 -49.71 15.79
C GLY C 240 37.34 -48.51 16.73
N GLU C 241 37.14 -48.80 18.01
CA GLU C 241 37.10 -47.76 19.02
C GLU C 241 38.52 -47.28 19.36
N ALA C 242 38.60 -46.04 19.86
CA ALA C 242 39.89 -45.46 20.17
C ALA C 242 40.57 -46.25 21.29
N THR C 243 41.90 -46.32 21.21
CA THR C 243 42.69 -46.99 22.24
C THR C 243 43.42 -46.00 23.15
N ASP C 244 43.20 -44.70 22.96
CA ASP C 244 43.71 -43.68 23.87
C ASP C 244 42.52 -42.95 24.50
N SER C 245 42.81 -41.82 25.14
CA SER C 245 41.78 -41.03 25.81
C SER C 245 42.22 -39.57 25.80
N GLY C 246 41.36 -38.69 26.30
CA GLY C 246 41.69 -37.27 26.33
C GLY C 246 40.59 -36.31 25.91
N ASN C 247 40.96 -35.31 25.13
CA ASN C 247 39.99 -34.37 24.58
C ASN C 247 40.50 -33.90 23.23
N ILE C 248 39.57 -33.35 22.43
CA ILE C 248 39.87 -32.84 21.10
C ILE C 248 39.43 -31.39 21.01
N ASP C 249 39.52 -30.66 22.12
CA ASP C 249 39.05 -29.26 22.12
C ASP C 249 39.76 -28.42 21.07
N ALA C 250 41.02 -28.75 20.75
CA ALA C 250 41.75 -27.96 19.77
C ALA C 250 41.16 -28.07 18.36
N ALA C 251 40.34 -29.08 18.10
CA ALA C 251 39.75 -29.29 16.79
C ALA C 251 38.25 -28.99 16.76
N LYS C 252 37.73 -28.36 17.82
CA LYS C 252 36.29 -28.14 17.92
CA LYS C 252 36.29 -28.14 17.92
C LYS C 252 35.76 -27.33 16.75
N ASP C 253 36.52 -26.34 16.30
CA ASP C 253 36.10 -25.46 15.21
C ASP C 253 36.19 -26.10 13.83
N ILE C 254 36.68 -27.35 13.72
CA ILE C 254 36.76 -28.06 12.45
C ILE C 254 35.48 -28.84 12.22
N ILE C 255 34.96 -28.78 11.00
CA ILE C 255 33.81 -29.61 10.62
C ILE C 255 34.29 -31.04 10.46
N ARG C 256 33.74 -31.95 11.29
CA ARG C 256 34.29 -33.28 11.46
C ARG C 256 33.25 -34.33 11.10
N TYR C 257 33.52 -35.10 10.06
CA TYR C 257 32.81 -36.33 9.75
C TYR C 257 33.67 -37.50 10.21
N ILE C 258 33.02 -38.53 10.73
CA ILE C 258 33.68 -39.78 11.08
C ILE C 258 32.90 -40.92 10.45
N ILE C 259 33.63 -41.93 9.97
CA ILE C 259 33.08 -43.09 9.28
C ILE C 259 33.57 -44.32 10.04
N GLY C 260 32.70 -44.94 10.81
CA GLY C 260 33.03 -46.18 11.48
C GLY C 260 32.57 -47.35 10.62
N ILE C 261 33.48 -48.28 10.36
CA ILE C 261 33.28 -49.32 9.36
C ILE C 261 33.43 -50.68 10.01
N GLY C 262 32.41 -51.52 9.85
CA GLY C 262 32.60 -52.95 10.00
C GLY C 262 32.16 -53.55 11.31
N LYS C 263 32.72 -54.74 11.58
CA LYS C 263 32.23 -55.60 12.66
C LYS C 263 32.34 -54.97 14.04
N HIS C 264 33.31 -54.09 14.26
CA HIS C 264 33.51 -53.54 15.60
C HIS C 264 32.53 -52.43 15.91
N PHE C 265 31.66 -52.07 14.97
CA PHE C 265 30.61 -51.09 15.19
C PHE C 265 29.24 -51.73 15.00
N GLN C 266 29.11 -53.00 15.41
CA GLN C 266 27.84 -53.69 15.26
C GLN C 266 26.84 -53.24 16.32
N THR C 267 27.31 -53.04 17.55
CA THR C 267 26.41 -52.62 18.62
C THR C 267 26.24 -51.11 18.60
N LYS C 268 25.05 -50.67 19.01
CA LYS C 268 24.76 -49.25 19.08
C LYS C 268 25.68 -48.54 20.07
N GLU C 269 26.03 -49.22 21.16
CA GLU C 269 26.91 -48.58 22.15
C GLU C 269 28.27 -48.25 21.53
N SER C 270 28.82 -49.15 20.73
CA SER C 270 30.11 -48.89 20.09
C SER C 270 30.01 -47.76 19.07
N GLN C 271 28.87 -47.65 18.37
CA GLN C 271 28.67 -46.56 17.44
C GLN C 271 28.62 -45.22 18.17
N GLU C 272 28.04 -45.19 19.37
CA GLU C 272 27.95 -43.94 20.11
C GLU C 272 29.32 -43.43 20.56
N THR C 273 30.31 -44.31 20.68
CA THR C 273 31.64 -43.85 21.06
C THR C 273 32.26 -42.91 20.04
N LEU C 274 31.76 -42.92 18.81
CA LEU C 274 32.30 -42.06 17.76
C LEU C 274 31.76 -40.64 17.83
N HIS C 275 30.62 -40.42 18.50
CA HIS C 275 29.97 -39.11 18.43
C HIS C 275 30.86 -38.01 18.97
N LYS C 276 31.62 -38.30 20.04
CA LYS C 276 32.45 -37.26 20.65
C LYS C 276 33.55 -36.77 19.72
N PHE C 277 33.87 -37.51 18.64
CA PHE C 277 34.90 -37.06 17.70
C PHE C 277 34.34 -36.23 16.56
N ALA C 278 33.03 -36.24 16.35
CA ALA C 278 32.41 -35.61 15.20
C ALA C 278 31.67 -34.34 15.58
N SER C 279 31.30 -33.57 14.57
CA SER C 279 30.47 -32.39 14.77
C SER C 279 29.03 -32.80 15.05
N LYS C 280 28.21 -31.83 15.45
CA LYS C 280 26.79 -32.05 15.65
C LYS C 280 25.97 -31.59 14.45
N PRO C 281 24.91 -32.32 14.10
CA PRO C 281 24.40 -33.52 14.79
C PRO C 281 25.06 -34.81 14.35
N ALA C 282 24.96 -35.86 15.17
CA ALA C 282 25.55 -37.14 14.80
C ALA C 282 24.83 -37.77 13.62
N SER C 283 23.54 -37.45 13.43
CA SER C 283 22.79 -38.04 12.32
C SER C 283 23.38 -37.65 10.98
N GLU C 284 24.07 -36.51 10.91
CA GLU C 284 24.73 -36.05 9.70
C GLU C 284 26.22 -36.37 9.67
N PHE C 285 26.92 -36.22 10.79
CA PHE C 285 28.38 -36.27 10.76
C PHE C 285 28.95 -37.62 11.17
N VAL C 286 28.14 -38.54 11.67
CA VAL C 286 28.59 -39.88 12.04
C VAL C 286 28.00 -40.87 11.06
N LYS C 287 28.86 -41.49 10.26
CA LYS C 287 28.45 -42.47 9.26
C LYS C 287 28.88 -43.85 9.72
N ILE C 288 27.93 -44.76 9.85
CA ILE C 288 28.20 -46.14 10.23
C ILE C 288 27.98 -47.01 9.00
N LEU C 289 29.02 -47.75 8.61
CA LEU C 289 28.98 -48.68 7.49
C LEU C 289 29.29 -50.07 8.03
N ASP C 290 28.50 -51.07 7.62
CA ASP C 290 28.76 -52.43 8.07
C ASP C 290 29.72 -53.17 7.16
N THR C 291 29.94 -52.69 5.94
CA THR C 291 30.93 -53.28 5.06
C THR C 291 31.82 -52.21 4.46
N PHE C 292 33.04 -52.60 4.09
CA PHE C 292 33.92 -51.70 3.37
C PHE C 292 33.45 -51.45 1.95
N GLU C 293 32.64 -52.35 1.39
CA GLU C 293 32.12 -52.16 0.03
C GLU C 293 31.13 -51.00 -0.03
N LYS C 294 30.51 -50.66 1.10
CA LYS C 294 29.61 -49.52 1.16
C LYS C 294 30.33 -48.18 1.16
N LEU C 295 31.67 -48.16 1.19
CA LEU C 295 32.38 -46.90 0.97
C LEU C 295 32.20 -46.39 -0.45
N LYS C 296 31.87 -47.27 -1.41
CA LYS C 296 31.57 -46.80 -2.75
C LYS C 296 30.20 -46.12 -2.80
N ASP C 297 29.25 -46.58 -2.00
CA ASP C 297 27.99 -45.86 -1.84
C ASP C 297 28.22 -44.49 -1.21
N LEU C 298 29.27 -44.35 -0.41
CA LEU C 298 29.40 -43.20 0.46
C LEU C 298 29.90 -41.95 -0.25
N PHE C 299 30.52 -42.09 -1.43
CA PHE C 299 30.95 -40.91 -2.19
C PHE C 299 29.78 -39.95 -2.40
N THR C 300 28.60 -40.51 -2.66
CA THR C 300 27.48 -39.73 -3.19
C THR C 300 27.00 -38.68 -2.20
N GLU C 301 26.75 -39.07 -0.95
CA GLU C 301 26.32 -38.10 0.05
C GLU C 301 27.47 -37.24 0.58
N LEU C 302 28.69 -37.80 0.70
CA LEU C 302 29.85 -36.99 1.11
C LEU C 302 30.22 -35.93 0.08
N GLN C 303 30.08 -36.21 -1.23
CA GLN C 303 30.50 -35.27 -2.27
C GLN C 303 29.63 -34.02 -2.33
N LYS C 304 28.31 -34.17 -2.35
CA LYS C 304 27.39 -33.04 -2.41
C LYS C 304 27.29 -32.33 -1.07
N LEU C 317 23.95 -20.69 -4.81
CA LEU C 317 23.01 -21.80 -4.88
C LEU C 317 21.71 -21.40 -5.57
N THR C 318 21.13 -22.34 -6.33
CA THR C 318 19.80 -22.20 -6.88
C THR C 318 18.83 -23.27 -6.39
N SER C 319 19.32 -24.47 -6.07
CA SER C 319 18.52 -25.50 -5.40
C SER C 319 18.99 -25.58 -3.94
N PHE C 320 18.06 -25.40 -3.02
CA PHE C 320 18.37 -25.36 -1.60
C PHE C 320 17.84 -26.62 -0.93
N ASN C 321 18.70 -27.23 -0.11
CA ASN C 321 18.29 -28.34 0.74
C ASN C 321 17.81 -27.81 2.08
N MET C 322 18.72 -27.55 3.01
CA MET C 322 18.38 -27.06 4.34
C MET C 322 19.00 -25.72 4.64
N GLU C 323 19.70 -25.10 3.68
CA GLU C 323 20.31 -23.80 3.90
C GLU C 323 19.28 -22.78 4.37
N LEU C 324 18.08 -22.82 3.82
CA LEU C 324 17.03 -21.85 4.14
C LEU C 324 15.81 -22.57 4.72
N SER C 325 16.06 -23.54 5.58
CA SER C 325 15.01 -24.45 6.03
C SER C 325 13.98 -23.73 6.90
N SER C 326 14.37 -22.62 7.54
CA SER C 326 13.51 -21.87 8.45
C SER C 326 12.94 -22.76 9.55
N SER C 327 13.79 -23.66 10.07
CA SER C 327 13.35 -24.55 11.12
C SER C 327 12.90 -23.76 12.35
N GLY C 328 12.04 -24.38 13.16
CA GLY C 328 11.52 -23.70 14.33
C GLY C 328 10.42 -22.72 14.04
N ILE C 329 9.93 -22.67 12.81
CA ILE C 329 8.84 -21.75 12.46
C ILE C 329 7.51 -22.22 13.03
N SER C 330 7.41 -23.49 13.41
CA SER C 330 6.26 -24.04 14.11
C SER C 330 6.76 -25.16 15.01
N ALA C 331 5.94 -25.52 16.01
CA ALA C 331 6.36 -26.56 16.95
C ALA C 331 5.15 -27.15 17.65
N ASP C 332 5.32 -28.39 18.11
CA ASP C 332 4.32 -29.08 18.91
C ASP C 332 5.03 -30.20 19.67
N LEU C 333 4.55 -30.45 20.89
CA LEU C 333 5.13 -31.43 21.80
C LEU C 333 4.02 -32.34 22.31
N SER C 334 4.32 -33.64 22.40
CA SER C 334 3.35 -34.61 22.87
C SER C 334 4.07 -35.80 23.47
N ARG C 335 3.71 -36.14 24.70
CA ARG C 335 4.23 -37.31 25.41
CA ARG C 335 4.23 -37.33 25.37
C ARG C 335 5.75 -37.34 25.42
N GLY C 336 6.37 -36.16 25.50
CA GLY C 336 7.81 -36.05 25.54
C GLY C 336 8.50 -36.05 24.20
N HIS C 337 7.76 -35.93 23.11
CA HIS C 337 8.31 -35.88 21.76
C HIS C 337 8.06 -34.51 21.14
N ALA C 338 9.13 -33.86 20.69
CA ALA C 338 9.06 -32.51 20.13
C ALA C 338 9.25 -32.55 18.62
N VAL C 339 8.36 -31.86 17.90
CA VAL C 339 8.45 -31.71 16.45
CA VAL C 339 8.47 -31.71 16.45
C VAL C 339 8.43 -30.23 16.12
N VAL C 340 9.30 -29.81 15.21
CA VAL C 340 9.28 -28.44 14.70
C VAL C 340 9.25 -28.48 13.18
N GLY C 341 8.52 -27.51 12.60
CA GLY C 341 8.44 -27.42 11.16
C GLY C 341 9.69 -26.80 10.55
N ALA C 342 9.83 -26.98 9.23
CA ALA C 342 10.97 -26.43 8.47
C ALA C 342 10.47 -26.12 7.06
N VAL C 343 9.78 -24.97 6.92
CA VAL C 343 9.04 -24.66 5.70
C VAL C 343 9.95 -24.58 4.49
N GLY C 344 11.23 -24.25 4.70
CA GLY C 344 12.13 -23.97 3.60
C GLY C 344 12.83 -25.17 2.99
N ALA C 345 12.71 -26.34 3.61
CA ALA C 345 13.42 -27.53 3.15
C ALA C 345 13.04 -27.90 1.72
N LYS C 346 14.05 -28.25 0.93
CA LYS C 346 13.90 -28.73 -0.45
C LYS C 346 13.18 -27.70 -1.32
N ASP C 347 13.80 -26.52 -1.41
CA ASP C 347 13.24 -25.38 -2.15
C ASP C 347 11.81 -25.08 -1.70
N TRP C 348 11.64 -24.96 -0.38
CA TRP C 348 10.38 -24.60 0.25
C TRP C 348 9.29 -25.63 -0.01
N ALA C 349 9.66 -26.87 -0.35
CA ALA C 349 8.72 -27.98 -0.28
C ALA C 349 8.28 -28.20 1.16
N GLY C 350 9.23 -28.12 2.08
CA GLY C 350 8.94 -28.16 3.50
C GLY C 350 9.10 -29.52 4.13
N GLY C 351 8.70 -29.57 5.38
CA GLY C 351 8.81 -30.77 6.19
C GLY C 351 8.89 -30.38 7.64
N PHE C 352 9.18 -31.38 8.48
CA PHE C 352 9.34 -31.14 9.90
C PHE C 352 10.52 -31.94 10.41
N LEU C 353 11.03 -31.53 11.56
CA LEU C 353 12.18 -32.16 12.21
C LEU C 353 11.72 -32.83 13.49
N ASP C 354 11.98 -34.13 13.60
CA ASP C 354 11.74 -34.89 14.81
C ASP C 354 12.95 -34.72 15.72
N LEU C 355 12.76 -34.07 16.87
CA LEU C 355 13.87 -33.68 17.73
C LEU C 355 14.13 -34.73 18.80
N LYS C 356 15.40 -35.08 18.96
CA LYS C 356 15.80 -35.87 20.12
C LYS C 356 15.61 -35.03 21.37
N ALA C 357 15.25 -35.70 22.47
CA ALA C 357 14.75 -35.01 23.66
C ALA C 357 15.70 -33.94 24.18
N ASP C 358 17.01 -34.05 23.91
CA ASP C 358 17.98 -33.07 24.37
C ASP C 358 18.29 -31.99 23.35
N LEU C 359 17.52 -31.89 22.26
CA LEU C 359 17.71 -30.90 21.21
C LEU C 359 19.07 -31.00 20.51
N GLN C 360 19.79 -32.10 20.69
CA GLN C 360 21.15 -32.22 20.14
C GLN C 360 21.20 -33.06 18.86
N ASP C 361 20.08 -33.59 18.39
CA ASP C 361 20.02 -34.31 17.14
C ASP C 361 18.59 -34.25 16.64
N ASP C 362 18.40 -34.49 15.34
CA ASP C 362 17.09 -34.37 14.74
C ASP C 362 17.00 -35.29 13.53
N THR C 363 15.75 -35.59 13.14
CA THR C 363 15.47 -36.40 11.95
C THR C 363 14.47 -35.65 11.09
N PHE C 364 14.76 -35.54 9.79
CA PHE C 364 13.91 -34.79 8.87
C PHE C 364 12.89 -35.70 8.18
N ILE C 365 11.66 -35.23 8.05
CA ILE C 365 10.58 -35.93 7.36
C ILE C 365 9.92 -34.95 6.40
N GLY C 366 9.84 -35.32 5.12
CA GLY C 366 9.28 -34.44 4.11
C GLY C 366 8.29 -35.10 3.17
N ASN C 367 8.02 -34.44 2.05
CA ASN C 367 7.06 -34.94 1.08
C ASN C 367 7.54 -36.23 0.43
N GLU C 368 6.59 -37.13 0.15
CA GLU C 368 6.89 -38.44 -0.40
C GLU C 368 6.03 -38.77 -1.62
N PRO C 369 6.61 -38.69 -2.82
CA PRO C 369 8.00 -38.32 -3.09
C PRO C 369 8.20 -36.83 -3.33
N LEU C 370 9.42 -36.45 -3.74
CA LEU C 370 9.74 -35.08 -4.10
C LEU C 370 9.47 -34.86 -5.58
N THR C 371 8.50 -34.02 -5.89
CA THR C 371 8.13 -33.67 -7.26
C THR C 371 8.25 -32.17 -7.45
N PRO C 372 8.26 -31.69 -8.69
CA PRO C 372 8.19 -30.24 -8.90
C PRO C 372 6.94 -29.62 -8.29
N GLU C 373 5.86 -30.39 -8.15
CA GLU C 373 4.61 -29.83 -7.66
C GLU C 373 4.71 -29.42 -6.19
N VAL C 374 5.44 -30.19 -5.38
CA VAL C 374 5.50 -29.86 -3.96
C VAL C 374 6.39 -28.67 -3.67
N ARG C 375 7.13 -28.17 -4.67
CA ARG C 375 7.99 -27.01 -4.46
C ARG C 375 7.18 -25.81 -4.01
N ALA C 376 7.74 -25.06 -3.07
CA ALA C 376 7.14 -23.81 -2.59
C ALA C 376 5.73 -24.04 -2.03
N GLY C 377 5.57 -25.11 -1.26
CA GLY C 377 4.29 -25.40 -0.63
C GLY C 377 4.25 -25.10 0.86
N TYR C 378 5.44 -25.00 1.48
CA TYR C 378 5.58 -24.63 2.89
C TYR C 378 5.04 -25.72 3.83
N LEU C 379 5.30 -26.98 3.51
CA LEU C 379 4.96 -28.05 4.44
C LEU C 379 5.73 -27.86 5.74
N GLY C 380 5.07 -28.11 6.85
CA GLY C 380 5.64 -27.77 8.15
C GLY C 380 5.30 -26.38 8.63
N TYR C 381 4.56 -25.59 7.85
CA TYR C 381 4.05 -24.31 8.34
C TYR C 381 3.28 -24.50 9.63
N THR C 382 2.52 -25.60 9.72
CA THR C 382 1.88 -26.02 10.95
C THR C 382 2.27 -27.46 11.26
N VAL C 383 2.29 -27.79 12.55
CA VAL C 383 2.53 -29.14 13.03
C VAL C 383 1.64 -29.38 14.24
N THR C 384 0.92 -30.50 14.24
CA THR C 384 -0.02 -30.81 15.31
C THR C 384 -0.02 -32.30 15.58
N TRP C 385 0.19 -32.65 16.85
CA TRP C 385 0.16 -34.04 17.27
C TRP C 385 -1.28 -34.52 17.43
N LEU C 386 -1.54 -35.75 17.01
CA LEU C 386 -2.84 -36.40 17.15
C LEU C 386 -2.61 -37.73 17.89
N PRO C 387 -2.49 -37.70 19.20
CA PRO C 387 -2.16 -38.91 19.95
C PRO C 387 -3.37 -39.80 20.21
N SER C 388 -3.12 -41.10 20.31
CA SER C 388 -4.15 -42.06 20.63
C SER C 388 -3.54 -43.19 21.45
N ARG C 389 -4.35 -43.76 22.35
CA ARG C 389 -3.91 -44.91 23.13
C ARG C 389 -4.08 -46.21 22.36
N GLN C 390 -5.28 -46.45 21.84
CA GLN C 390 -5.55 -47.70 21.11
C GLN C 390 -4.94 -47.67 19.72
N LYS C 391 -5.42 -46.77 18.87
CA LYS C 391 -4.92 -46.69 17.50
C LYS C 391 -3.65 -45.85 17.45
N THR C 392 -3.01 -45.87 16.28
CA THR C 392 -1.71 -45.24 16.13
C THR C 392 -1.80 -43.73 16.32
N SER C 393 -0.74 -43.17 16.91
CA SER C 393 -0.64 -41.72 17.07
C SER C 393 -0.13 -41.10 15.78
N LEU C 394 -0.75 -40.01 15.37
CA LEU C 394 -0.45 -39.35 14.12
C LEU C 394 0.09 -37.95 14.37
N LEU C 395 0.63 -37.36 13.31
CA LEU C 395 1.05 -35.96 13.32
C LEU C 395 0.53 -35.31 12.05
N ALA C 396 -0.18 -34.20 12.20
CA ALA C 396 -0.73 -33.47 11.07
C ALA C 396 0.14 -32.26 10.77
N SER C 397 0.44 -32.04 9.50
CA SER C 397 1.27 -30.92 9.09
C SER C 397 0.67 -30.30 7.83
N GLY C 398 0.53 -28.97 7.84
CA GLY C 398 -0.10 -28.26 6.74
C GLY C 398 0.93 -27.65 5.81
N ALA C 399 0.62 -27.68 4.51
CA ALA C 399 1.42 -27.02 3.48
C ALA C 399 0.53 -25.98 2.82
N PRO C 400 0.34 -24.82 3.46
CA PRO C 400 -0.76 -23.91 3.05
C PRO C 400 -0.57 -23.27 1.70
N ARG C 401 0.60 -23.43 1.08
CA ARG C 401 0.96 -22.85 -0.21
C ARG C 401 0.97 -23.87 -1.35
N TYR C 402 0.66 -25.13 -1.05
CA TYR C 402 0.79 -26.19 -2.04
C TYR C 402 -0.06 -25.88 -3.27
N GLN C 403 0.59 -25.81 -4.44
CA GLN C 403 -0.08 -25.46 -5.69
C GLN C 403 -0.92 -24.19 -5.57
N HIS C 404 -0.46 -23.24 -4.73
CA HIS C 404 -1.17 -22.01 -4.35
C HIS C 404 -2.52 -22.25 -3.68
N MET C 405 -2.89 -23.51 -3.41
CA MET C 405 -4.15 -23.84 -2.75
C MET C 405 -4.00 -24.34 -1.33
N GLY C 406 -2.96 -25.12 -1.06
CA GLY C 406 -2.72 -25.62 0.28
C GLY C 406 -3.18 -27.04 0.48
N ARG C 407 -2.45 -27.82 1.28
CA ARG C 407 -2.89 -29.15 1.64
C ARG C 407 -2.34 -29.48 3.02
N VAL C 408 -2.79 -30.62 3.55
CA VAL C 408 -2.41 -31.09 4.87
C VAL C 408 -1.97 -32.55 4.74
N LEU C 409 -0.83 -32.87 5.34
CA LEU C 409 -0.32 -34.24 5.31
C LEU C 409 -0.47 -34.84 6.70
N LEU C 410 -0.84 -36.12 6.72
CA LEU C 410 -0.89 -36.90 7.95
C LEU C 410 0.24 -37.91 7.93
N PHE C 411 1.09 -37.84 8.96
CA PHE C 411 2.19 -38.76 9.14
C PHE C 411 1.92 -39.64 10.36
N GLN C 412 2.28 -40.91 10.26
CA GLN C 412 2.12 -41.84 11.36
C GLN C 412 3.45 -42.04 12.08
N GLU C 413 3.38 -42.12 13.41
CA GLU C 413 4.54 -42.37 14.26
C GLU C 413 5.24 -43.66 13.86
N PRO C 414 6.53 -43.77 14.15
CA PRO C 414 7.24 -45.05 13.95
C PRO C 414 6.57 -46.17 14.73
N GLN C 415 6.36 -47.29 14.05
CA GLN C 415 5.68 -48.46 14.62
C GLN C 415 6.68 -49.61 14.71
N GLY C 416 6.96 -50.05 15.93
CA GLY C 416 7.96 -51.10 16.09
C GLY C 416 9.34 -50.58 15.75
N GLY C 417 10.10 -51.38 15.03
CA GLY C 417 11.41 -50.90 14.60
C GLY C 417 11.37 -49.97 13.40
N GLY C 418 10.19 -49.52 13.00
CA GLY C 418 9.99 -48.83 11.75
C GLY C 418 10.26 -47.34 11.81
N HIS C 419 9.80 -46.65 10.76
CA HIS C 419 10.08 -45.24 10.51
C HIS C 419 8.79 -44.44 10.45
N TRP C 420 8.94 -43.12 10.36
CA TRP C 420 7.81 -42.26 10.02
C TRP C 420 7.24 -42.65 8.68
N SER C 421 5.92 -42.52 8.53
CA SER C 421 5.30 -42.85 7.26
C SER C 421 4.16 -41.88 7.00
N GLN C 422 4.06 -41.43 5.77
CA GLN C 422 2.98 -40.54 5.37
C GLN C 422 1.77 -41.40 4.99
N VAL C 423 0.63 -41.17 5.66
CA VAL C 423 -0.52 -42.05 5.52
C VAL C 423 -1.71 -41.39 4.82
N GLN C 424 -1.75 -40.06 4.71
CA GLN C 424 -2.90 -39.45 4.06
C GLN C 424 -2.55 -38.05 3.56
N THR C 425 -3.27 -37.61 2.52
CA THR C 425 -3.16 -36.25 2.01
C THR C 425 -4.56 -35.68 1.85
N ILE C 426 -4.79 -34.47 2.37
CA ILE C 426 -6.08 -33.79 2.28
C ILE C 426 -5.84 -32.49 1.52
N HIS C 427 -6.43 -32.37 0.33
CA HIS C 427 -6.13 -31.28 -0.59
C HIS C 427 -7.17 -30.18 -0.45
N GLY C 428 -6.70 -28.94 -0.32
CA GLY C 428 -7.58 -27.80 -0.39
C GLY C 428 -8.07 -27.56 -1.81
N THR C 429 -9.11 -26.73 -1.93
CA THR C 429 -9.76 -26.53 -3.22
C THR C 429 -9.72 -25.11 -3.73
N GLN C 430 -9.44 -24.11 -2.89
CA GLN C 430 -9.49 -22.71 -3.30
C GLN C 430 -8.10 -22.10 -3.28
N ILE C 431 -7.74 -21.43 -4.37
CA ILE C 431 -6.43 -20.81 -4.47
C ILE C 431 -6.33 -19.62 -3.50
N GLY C 432 -5.20 -19.54 -2.80
CA GLY C 432 -4.96 -18.47 -1.86
C GLY C 432 -5.56 -18.64 -0.48
N SER C 433 -6.39 -19.66 -0.26
CA SER C 433 -7.13 -19.81 0.99
C SER C 433 -6.26 -20.18 2.19
N TYR C 434 -4.99 -20.53 1.97
CA TYR C 434 -4.11 -20.95 3.06
C TYR C 434 -4.71 -22.13 3.83
N PHE C 435 -5.38 -23.02 3.11
CA PHE C 435 -5.86 -24.29 3.65
C PHE C 435 -4.69 -25.03 4.30
N GLY C 436 -4.80 -25.25 5.61
CA GLY C 436 -3.71 -25.83 6.34
C GLY C 436 -2.85 -24.84 7.08
N GLY C 437 -3.23 -23.55 7.08
CA GLY C 437 -2.48 -22.54 7.81
C GLY C 437 -2.66 -22.61 9.32
N GLU C 438 -3.61 -23.41 9.79
CA GLU C 438 -3.82 -23.64 11.20
C GLU C 438 -4.45 -25.02 11.36
N LEU C 439 -3.99 -25.78 12.36
CA LEU C 439 -4.48 -27.12 12.63
C LEU C 439 -4.77 -27.25 14.11
N CYS C 440 -5.58 -28.25 14.45
CA CYS C 440 -5.94 -28.47 15.86
C CYS C 440 -6.54 -29.85 15.99
N GLY C 441 -5.96 -30.67 16.87
CA GLY C 441 -6.54 -31.95 17.21
C GLY C 441 -7.50 -31.81 18.38
N VAL C 442 -8.61 -32.55 18.31
CA VAL C 442 -9.65 -32.48 19.34
C VAL C 442 -10.05 -33.89 19.76
N ASP C 443 -10.06 -34.13 21.07
CA ASP C 443 -10.58 -35.36 21.66
C ASP C 443 -11.72 -34.94 22.59
N VAL C 444 -12.94 -34.97 22.06
CA VAL C 444 -14.06 -34.30 22.74
C VAL C 444 -14.38 -34.98 24.06
N ASP C 445 -14.48 -36.32 24.04
CA ASP C 445 -14.92 -37.08 25.19
C ASP C 445 -13.80 -37.42 26.16
N GLN C 446 -12.55 -37.05 25.85
CA GLN C 446 -11.41 -37.42 26.67
C GLN C 446 -11.31 -38.94 26.82
N ASP C 447 -11.58 -39.64 25.72
CA ASP C 447 -11.49 -41.09 25.68
C ASP C 447 -10.10 -41.61 25.37
N GLY C 448 -9.12 -40.74 25.12
CA GLY C 448 -7.78 -41.17 24.80
C GLY C 448 -7.49 -41.29 23.32
N GLU C 449 -8.49 -41.09 22.47
CA GLU C 449 -8.34 -41.16 21.02
C GLU C 449 -8.65 -39.78 20.45
N THR C 450 -7.69 -39.18 19.76
CA THR C 450 -7.93 -37.91 19.08
C THR C 450 -8.60 -38.21 17.75
N GLU C 451 -9.92 -38.01 17.69
CA GLU C 451 -10.70 -38.39 16.52
C GLU C 451 -10.95 -37.24 15.56
N LEU C 452 -10.78 -36.00 15.99
CA LEU C 452 -11.10 -34.83 15.17
C LEU C 452 -9.83 -34.09 14.80
N LEU C 453 -9.70 -33.77 13.52
CA LEU C 453 -8.70 -32.86 13.00
C LEU C 453 -9.43 -31.63 12.46
N LEU C 454 -9.07 -30.47 13.00
CA LEU C 454 -9.63 -29.20 12.55
C LEU C 454 -8.62 -28.52 11.65
N ILE C 455 -9.02 -28.23 10.41
CA ILE C 455 -8.15 -27.63 9.41
C ILE C 455 -8.65 -26.22 9.14
N GLY C 456 -7.83 -25.22 9.47
CA GLY C 456 -8.18 -23.84 9.17
C GLY C 456 -7.70 -23.44 7.78
N ALA C 457 -8.57 -22.70 7.08
CA ALA C 457 -8.23 -22.00 5.84
C ALA C 457 -8.60 -20.55 6.05
N PRO C 458 -7.79 -19.78 6.77
CA PRO C 458 -8.21 -18.46 7.24
C PRO C 458 -8.42 -17.43 6.13
N LEU C 459 -7.86 -17.60 4.94
CA LEU C 459 -8.03 -16.62 3.87
C LEU C 459 -9.14 -17.01 2.89
N PHE C 460 -9.95 -18.01 3.23
CA PHE C 460 -11.01 -18.46 2.34
C PHE C 460 -11.97 -17.33 2.02
N TYR C 461 -12.34 -17.21 0.75
CA TYR C 461 -13.10 -16.07 0.27
C TYR C 461 -14.41 -16.53 -0.35
N GLY C 462 -15.46 -15.73 -0.15
CA GLY C 462 -16.73 -16.04 -0.74
C GLY C 462 -17.86 -16.15 0.25
N GLU C 463 -19.10 -15.90 -0.21
CA GLU C 463 -20.30 -16.03 0.61
C GLU C 463 -20.28 -15.09 1.81
N GLN C 464 -19.61 -13.95 1.66
CA GLN C 464 -19.63 -12.88 2.67
C GLN C 464 -19.11 -13.33 4.04
N ARG C 465 -18.23 -14.33 4.06
CA ARG C 465 -17.50 -14.66 5.29
C ARG C 465 -16.10 -15.12 4.92
N GLY C 466 -15.10 -14.51 5.55
CA GLY C 466 -13.71 -14.83 5.26
C GLY C 466 -13.16 -15.84 6.25
N GLY C 467 -12.56 -16.90 5.72
CA GLY C 467 -11.98 -17.94 6.56
C GLY C 467 -12.93 -19.08 6.83
N ARG C 468 -12.36 -20.29 6.91
CA ARG C 468 -13.11 -21.51 7.20
C ARG C 468 -12.33 -22.36 8.18
N VAL C 469 -13.06 -23.23 8.88
CA VAL C 469 -12.52 -24.29 9.72
C VAL C 469 -13.31 -25.54 9.39
N PHE C 470 -12.65 -26.54 8.81
CA PHE C 470 -13.30 -27.78 8.42
C PHE C 470 -12.97 -28.86 9.43
N ILE C 471 -13.96 -29.66 9.77
CA ILE C 471 -13.80 -30.72 10.76
C ILE C 471 -13.63 -32.04 10.02
N TYR C 472 -12.54 -32.74 10.31
CA TYR C 472 -12.29 -34.07 9.78
C TYR C 472 -12.27 -35.05 10.93
N GLN C 473 -12.92 -36.19 10.74
CA GLN C 473 -13.02 -37.23 11.76
C GLN C 473 -12.30 -38.49 11.29
N ARG C 474 -11.54 -39.09 12.19
CA ARG C 474 -10.75 -40.28 11.85
C ARG C 474 -11.67 -41.50 11.72
N ARG C 475 -11.70 -42.08 10.52
CA ARG C 475 -12.38 -43.34 10.27
C ARG C 475 -11.33 -44.45 10.16
N GLN C 476 -11.75 -45.63 9.72
CA GLN C 476 -10.81 -46.74 9.58
C GLN C 476 -9.76 -46.43 8.52
N LEU C 477 -10.20 -45.98 7.33
CA LEU C 477 -9.30 -45.73 6.21
C LEU C 477 -8.58 -44.39 6.30
N GLY C 478 -8.99 -43.52 7.20
CA GLY C 478 -8.36 -42.23 7.32
C GLY C 478 -9.37 -41.20 7.78
N PHE C 479 -9.02 -39.93 7.59
CA PHE C 479 -9.87 -38.84 8.05
C PHE C 479 -10.87 -38.46 6.97
N GLU C 480 -12.14 -38.41 7.37
CA GLU C 480 -13.25 -38.04 6.49
C GLU C 480 -13.78 -36.67 6.89
N GLU C 481 -14.06 -35.83 5.90
CA GLU C 481 -14.65 -34.53 6.14
C GLU C 481 -16.09 -34.70 6.62
N VAL C 482 -16.38 -34.24 7.83
CA VAL C 482 -17.69 -34.48 8.43
C VAL C 482 -18.49 -33.19 8.62
N SER C 483 -17.84 -32.07 8.90
CA SER C 483 -18.59 -30.87 9.27
C SER C 483 -17.71 -29.64 9.08
N GLU C 484 -18.09 -28.55 9.75
CA GLU C 484 -17.46 -27.25 9.58
C GLU C 484 -17.89 -26.37 10.76
N LEU C 485 -16.92 -25.65 11.34
CA LEU C 485 -17.23 -24.67 12.37
C LEU C 485 -17.68 -23.38 11.70
N GLN C 486 -18.92 -22.96 11.99
CA GLN C 486 -19.62 -21.95 11.23
C GLN C 486 -19.47 -20.59 11.90
N GLY C 487 -18.70 -19.69 11.27
CA GLY C 487 -18.57 -18.34 11.77
C GLY C 487 -19.65 -17.42 11.21
N ASP C 488 -19.70 -16.21 11.76
CA ASP C 488 -20.70 -15.25 11.30
C ASP C 488 -20.32 -14.70 9.93
N PRO C 489 -21.30 -14.41 9.09
CA PRO C 489 -21.03 -13.68 7.86
C PRO C 489 -20.98 -12.17 8.13
N GLY C 490 -20.49 -11.46 7.12
CA GLY C 490 -20.37 -10.01 7.18
C GLY C 490 -18.95 -9.51 7.24
N TYR C 491 -17.96 -10.38 7.27
CA TYR C 491 -16.55 -10.00 7.29
C TYR C 491 -15.83 -10.85 6.25
N PRO C 492 -15.97 -10.49 4.96
CA PRO C 492 -15.42 -11.34 3.90
C PRO C 492 -13.91 -11.46 3.93
N LEU C 493 -13.22 -10.65 4.74
CA LEU C 493 -11.77 -10.73 4.92
C LEU C 493 -11.42 -11.01 6.39
N GLY C 494 -12.38 -11.51 7.17
CA GLY C 494 -12.26 -11.55 8.62
C GLY C 494 -11.25 -12.53 9.16
N ARG C 495 -10.80 -13.47 8.33
CA ARG C 495 -9.77 -14.43 8.70
C ARG C 495 -10.18 -15.34 9.86
N PHE C 496 -11.44 -15.76 9.83
CA PHE C 496 -11.91 -16.83 10.69
C PHE C 496 -11.03 -18.05 10.51
N GLY C 497 -10.56 -18.62 11.61
CA GLY C 497 -9.75 -19.81 11.56
C GLY C 497 -8.26 -19.58 11.71
N GLU C 498 -7.81 -18.34 11.82
CA GLU C 498 -6.39 -18.07 11.97
C GLU C 498 -5.82 -18.72 13.22
N ALA C 499 -6.64 -18.83 14.27
CA ALA C 499 -6.27 -19.47 15.52
C ALA C 499 -7.39 -20.43 15.92
N ILE C 500 -7.03 -21.70 16.10
CA ILE C 500 -7.96 -22.76 16.51
C ILE C 500 -7.30 -23.52 17.64
N THR C 501 -7.98 -23.62 18.77
CA THR C 501 -7.43 -24.31 19.92
C THR C 501 -8.53 -25.02 20.69
N ALA C 502 -8.17 -26.16 21.25
CA ALA C 502 -9.05 -26.90 22.13
C ALA C 502 -8.93 -26.35 23.55
N LEU C 503 -10.08 -26.07 24.17
CA LEU C 503 -10.12 -25.33 25.43
C LEU C 503 -10.33 -26.22 26.65
N THR C 504 -10.04 -27.52 26.55
CA THR C 504 -10.55 -28.48 27.52
C THR C 504 -12.05 -28.24 27.70
N ASP C 505 -12.57 -28.40 28.92
CA ASP C 505 -14.00 -28.28 29.17
C ASP C 505 -14.26 -27.05 30.04
N ILE C 506 -15.00 -26.10 29.50
CA ILE C 506 -15.28 -24.86 30.21
C ILE C 506 -16.72 -24.75 30.70
N ASN C 507 -17.65 -25.55 30.18
CA ASN C 507 -19.01 -25.53 30.69
C ASN C 507 -19.37 -26.82 31.43
N GLY C 508 -18.39 -27.60 31.84
CA GLY C 508 -18.60 -28.65 32.82
C GLY C 508 -19.48 -29.81 32.41
N ASP C 509 -19.67 -30.06 31.12
CA ASP C 509 -20.39 -31.24 30.67
C ASP C 509 -19.46 -32.42 30.36
N GLY C 510 -18.17 -32.28 30.64
CA GLY C 510 -17.19 -33.31 30.35
C GLY C 510 -16.65 -33.29 28.94
N LEU C 511 -17.20 -32.48 28.06
CA LEU C 511 -16.87 -32.48 26.65
C LEU C 511 -15.97 -31.31 26.30
N VAL C 512 -14.85 -31.60 25.62
CA VAL C 512 -13.91 -30.56 25.22
C VAL C 512 -14.62 -29.53 24.33
N ASP C 513 -14.28 -28.25 24.55
CA ASP C 513 -14.77 -27.15 23.73
C ASP C 513 -13.63 -26.56 22.91
N VAL C 514 -13.98 -25.73 21.94
CA VAL C 514 -13.02 -25.23 20.94
C VAL C 514 -13.23 -23.73 20.79
N ALA C 515 -12.12 -22.98 20.81
CA ALA C 515 -12.14 -21.56 20.49
C ALA C 515 -11.58 -21.36 19.09
N VAL C 516 -12.13 -20.39 18.36
CA VAL C 516 -11.68 -20.08 17.02
C VAL C 516 -11.53 -18.57 16.91
N GLY C 517 -10.32 -18.11 16.65
CA GLY C 517 -10.05 -16.68 16.52
C GLY C 517 -10.29 -16.19 15.11
N ALA C 518 -10.80 -14.97 15.00
CA ALA C 518 -11.02 -14.32 13.70
C ALA C 518 -10.53 -12.89 13.83
N PRO C 519 -9.21 -12.67 13.73
CA PRO C 519 -8.64 -11.41 14.24
C PRO C 519 -8.90 -10.20 13.37
N LEU C 520 -9.45 -10.38 12.17
CA LEU C 520 -9.72 -9.29 11.25
C LEU C 520 -11.21 -9.02 11.08
N GLU C 521 -12.04 -9.61 11.93
CA GLU C 521 -13.47 -9.30 11.93
C GLU C 521 -13.63 -7.99 12.70
N GLU C 522 -13.64 -6.89 11.95
CA GLU C 522 -13.58 -5.55 12.53
C GLU C 522 -12.33 -5.45 13.40
N GLN C 523 -12.51 -5.29 14.71
CA GLN C 523 -11.34 -5.24 15.58
C GLN C 523 -10.95 -6.61 16.11
N GLY C 524 -11.57 -7.68 15.62
CA GLY C 524 -11.20 -9.01 16.05
C GLY C 524 -12.26 -9.64 16.93
N ALA C 525 -12.39 -10.96 16.83
CA ALA C 525 -13.40 -11.67 17.59
C ALA C 525 -12.95 -13.10 17.84
N VAL C 526 -13.53 -13.69 18.88
CA VAL C 526 -13.26 -15.08 19.24
C VAL C 526 -14.58 -15.83 19.33
N TYR C 527 -14.66 -16.99 18.68
CA TYR C 527 -15.84 -17.82 18.71
C TYR C 527 -15.63 -19.02 19.64
N ILE C 528 -16.69 -19.40 20.36
CA ILE C 528 -16.67 -20.58 21.22
C ILE C 528 -17.62 -21.60 20.64
N PHE C 529 -17.10 -22.80 20.40
CA PHE C 529 -17.89 -23.93 19.91
C PHE C 529 -17.84 -25.02 20.96
N ASN C 530 -19.01 -25.39 21.49
CA ASN C 530 -19.07 -26.33 22.59
C ASN C 530 -19.03 -27.76 22.08
N GLY C 531 -18.37 -28.62 22.84
CA GLY C 531 -18.37 -30.03 22.52
C GLY C 531 -19.78 -30.61 22.61
N ARG C 532 -19.97 -31.70 21.86
CA ARG C 532 -21.27 -32.33 21.73
C ARG C 532 -21.04 -33.83 21.70
N HIS C 533 -22.12 -34.59 21.90
CA HIS C 533 -22.03 -36.05 21.80
C HIS C 533 -21.92 -36.43 20.32
N GLY C 534 -20.74 -36.86 19.91
CA GLY C 534 -20.48 -37.21 18.53
C GLY C 534 -19.58 -36.25 17.78
N GLY C 535 -19.24 -35.10 18.37
CA GLY C 535 -18.33 -34.15 17.75
C GLY C 535 -18.55 -32.74 18.31
N LEU C 536 -18.32 -31.75 17.45
CA LEU C 536 -18.40 -30.35 17.84
C LEU C 536 -19.67 -29.72 17.30
N SER C 537 -20.24 -28.81 18.07
CA SER C 537 -21.39 -28.05 17.59
C SER C 537 -20.97 -27.14 16.45
N PRO C 538 -21.56 -27.25 15.26
CA PRO C 538 -21.15 -26.35 14.17
C PRO C 538 -21.50 -24.90 14.45
N GLN C 539 -22.51 -24.66 15.25
CA GLN C 539 -22.93 -23.31 15.56
C GLN C 539 -22.30 -22.85 16.88
N PRO C 540 -21.83 -21.61 16.92
CA PRO C 540 -21.12 -21.13 18.12
C PRO C 540 -22.09 -20.73 19.22
N SER C 541 -21.69 -20.99 20.45
CA SER C 541 -22.50 -20.59 21.59
C SER C 541 -22.09 -19.23 22.13
N GLN C 542 -20.99 -18.66 21.66
CA GLN C 542 -20.55 -17.38 22.15
C GLN C 542 -19.63 -16.75 21.12
N ARG C 543 -19.76 -15.44 20.95
CA ARG C 543 -18.86 -14.64 20.12
C ARG C 543 -18.42 -13.45 20.93
N ILE C 544 -17.11 -13.31 21.14
CA ILE C 544 -16.54 -12.24 21.95
C ILE C 544 -15.84 -11.27 21.02
N GLU C 545 -16.21 -10.00 21.12
CA GLU C 545 -15.64 -8.96 20.27
C GLU C 545 -14.51 -8.24 21.01
N GLY C 546 -13.39 -8.05 20.32
CA GLY C 546 -12.26 -7.34 20.91
C GLY C 546 -12.60 -5.92 21.30
N THR C 547 -13.45 -5.26 20.52
CA THR C 547 -13.84 -3.88 20.82
C THR C 547 -14.53 -3.78 22.17
N GLN C 548 -15.16 -4.86 22.61
CA GLN C 548 -15.84 -4.85 23.90
C GLN C 548 -14.85 -4.80 25.05
N VAL C 549 -13.69 -5.42 24.89
CA VAL C 549 -12.74 -5.56 26.00
C VAL C 549 -11.75 -4.40 26.03
N LEU C 550 -11.30 -3.93 24.88
CA LEU C 550 -10.43 -2.76 24.79
C LEU C 550 -10.86 -1.89 23.62
N SER C 551 -10.67 -0.58 23.75
CA SER C 551 -11.24 0.37 22.81
C SER C 551 -10.36 0.62 21.59
N GLY C 552 -9.05 0.68 21.76
CA GLY C 552 -8.20 0.92 20.60
C GLY C 552 -7.64 -0.35 20.01
N ILE C 553 -8.32 -1.46 20.27
CA ILE C 553 -7.73 -2.77 20.08
C ILE C 553 -7.80 -3.18 18.61
N GLN C 554 -6.91 -4.09 18.24
CA GLN C 554 -6.89 -4.68 16.91
C GLN C 554 -6.39 -6.11 17.02
N TRP C 555 -6.80 -6.95 16.07
CA TRP C 555 -6.30 -8.33 15.96
C TRP C 555 -6.65 -9.19 17.18
N PHE C 556 -7.78 -8.93 17.82
CA PHE C 556 -8.22 -9.79 18.92
C PHE C 556 -8.53 -11.18 18.38
N GLY C 557 -7.90 -12.20 18.95
CA GLY C 557 -8.08 -13.55 18.49
C GLY C 557 -6.98 -14.09 17.62
N ARG C 558 -5.87 -13.35 17.48
CA ARG C 558 -4.71 -13.83 16.73
C ARG C 558 -4.09 -15.06 17.38
N SER C 559 -4.29 -15.23 18.67
CA SER C 559 -3.67 -16.31 19.43
CA SER C 559 -3.68 -16.32 19.42
C SER C 559 -4.57 -16.64 20.61
N ILE C 560 -4.80 -17.94 20.85
CA ILE C 560 -5.69 -18.40 21.92
C ILE C 560 -5.07 -19.60 22.60
N HIS C 561 -5.15 -19.64 23.93
CA HIS C 561 -4.76 -20.82 24.70
C HIS C 561 -5.61 -20.87 25.95
N GLY C 562 -6.42 -21.92 26.08
CA GLY C 562 -7.31 -22.06 27.22
C GLY C 562 -7.38 -23.46 27.78
N VAL C 563 -6.29 -23.91 28.38
CA VAL C 563 -6.20 -25.29 28.86
C VAL C 563 -6.37 -25.33 30.37
N LYS C 564 -5.98 -24.25 31.04
CA LYS C 564 -5.54 -24.33 32.42
C LYS C 564 -6.17 -23.24 33.27
N ASP C 565 -6.50 -23.59 34.51
CA ASP C 565 -6.88 -22.62 35.53
C ASP C 565 -5.61 -21.96 36.07
N LEU C 566 -5.50 -20.64 35.90
CA LEU C 566 -4.25 -19.96 36.21
C LEU C 566 -4.00 -19.86 37.71
N GLU C 567 -5.06 -19.68 38.49
CA GLU C 567 -4.93 -19.47 39.93
C GLU C 567 -5.44 -20.63 40.78
N GLY C 568 -5.83 -21.74 40.15
CA GLY C 568 -6.26 -22.91 40.91
C GLY C 568 -7.60 -22.77 41.62
N ASP C 569 -8.52 -21.97 41.09
CA ASP C 569 -9.83 -21.77 41.69
C ASP C 569 -10.94 -22.47 40.90
N GLY C 570 -10.60 -23.55 40.18
CA GLY C 570 -11.58 -24.39 39.50
C GLY C 570 -12.14 -23.83 38.20
N LEU C 571 -11.93 -22.55 37.90
CA LEU C 571 -12.52 -21.92 36.73
C LEU C 571 -11.51 -21.89 35.59
N ALA C 572 -11.93 -22.35 34.40
CA ALA C 572 -11.05 -22.34 33.25
C ALA C 572 -10.71 -20.91 32.85
N ASP C 573 -9.48 -20.72 32.37
CA ASP C 573 -9.01 -19.42 31.91
C ASP C 573 -8.59 -19.53 30.44
N VAL C 574 -8.98 -18.54 29.66
CA VAL C 574 -8.63 -18.46 28.25
C VAL C 574 -7.74 -17.25 28.06
N ALA C 575 -6.55 -17.46 27.49
CA ALA C 575 -5.64 -16.38 27.12
C ALA C 575 -5.82 -16.07 25.63
N VAL C 576 -6.04 -14.81 25.32
CA VAL C 576 -6.22 -14.37 23.94
C VAL C 576 -5.23 -13.25 23.65
N GLY C 577 -4.56 -13.35 22.50
CA GLY C 577 -3.66 -12.30 22.08
C GLY C 577 -4.32 -11.28 21.17
N ALA C 578 -3.73 -10.09 21.16
CA ALA C 578 -4.18 -9.01 20.28
C ALA C 578 -2.98 -8.16 19.92
N GLU C 579 -3.22 -7.07 19.21
CA GLU C 579 -2.15 -6.12 18.90
C GLU C 579 -1.67 -5.46 20.20
N SER C 580 -0.41 -5.70 20.55
CA SER C 580 0.26 -5.15 21.72
C SER C 580 -0.40 -5.55 23.04
N GLN C 581 -1.25 -6.57 23.02
CA GLN C 581 -2.12 -6.83 24.16
C GLN C 581 -2.34 -8.34 24.33
N MET C 582 -2.50 -8.75 25.58
CA MET C 582 -2.95 -10.10 25.92
C MET C 582 -4.08 -9.96 26.92
N ILE C 583 -5.17 -10.68 26.67
CA ILE C 583 -6.38 -10.61 27.47
C ILE C 583 -6.67 -11.98 28.04
N VAL C 584 -7.10 -12.04 29.30
CA VAL C 584 -7.50 -13.27 29.96
C VAL C 584 -9.01 -13.23 30.19
N LEU C 585 -9.71 -14.25 29.69
CA LEU C 585 -11.12 -14.46 30.00
C LEU C 585 -11.26 -15.69 30.88
N SER C 586 -12.17 -15.62 31.84
CA SER C 586 -12.44 -16.72 32.77
CA SER C 586 -12.44 -16.74 32.75
C SER C 586 -13.80 -17.33 32.47
N SER C 587 -13.90 -18.65 32.69
CA SER C 587 -15.19 -19.33 32.62
C SER C 587 -15.89 -19.18 33.96
N ARG C 588 -17.17 -18.86 33.93
CA ARG C 588 -17.97 -18.69 35.13
CA ARG C 588 -17.95 -18.70 35.14
C ARG C 588 -18.97 -19.82 35.26
N PRO C 589 -19.37 -20.17 36.49
CA PRO C 589 -20.03 -21.47 36.73
C PRO C 589 -21.28 -21.77 35.91
N VAL C 590 -21.50 -23.07 35.71
CA VAL C 590 -22.61 -23.63 34.97
C VAL C 590 -23.79 -23.97 35.89
N GLN D 1 -51.94 -20.82 -0.29
CA GLN D 1 -53.27 -20.52 0.25
C GLN D 1 -53.38 -20.92 1.73
N GLU D 2 -52.54 -20.31 2.56
CA GLU D 2 -52.54 -20.58 3.99
C GLU D 2 -52.33 -19.27 4.74
N CYS D 3 -53.02 -19.14 5.87
CA CYS D 3 -52.95 -17.93 6.69
C CYS D 3 -52.86 -18.30 8.16
N THR D 4 -51.84 -17.77 8.84
CA THR D 4 -51.69 -17.90 10.28
C THR D 4 -51.77 -16.52 10.90
N LYS D 5 -52.67 -16.34 11.87
CA LYS D 5 -52.88 -15.05 12.50
C LYS D 5 -53.13 -15.23 13.99
N PHE D 6 -52.73 -14.21 14.76
CA PHE D 6 -52.99 -14.17 16.20
C PHE D 6 -53.46 -12.79 16.62
N LYS D 7 -52.55 -11.82 16.53
CA LYS D 7 -52.74 -10.51 17.15
C LYS D 7 -53.50 -9.53 16.28
N VAL D 8 -54.09 -9.99 15.17
CA VAL D 8 -54.68 -9.08 14.20
C VAL D 8 -55.78 -8.25 14.83
N SER D 9 -55.62 -6.94 14.84
CA SER D 9 -56.67 -6.00 15.17
C SER D 9 -56.96 -5.03 14.03
N SER D 10 -56.18 -5.09 12.94
CA SER D 10 -56.30 -4.16 11.83
C SER D 10 -55.92 -4.87 10.54
N CYS D 11 -56.28 -4.23 9.41
CA CYS D 11 -55.96 -4.80 8.10
C CYS D 11 -54.46 -5.00 7.92
N ARG D 12 -53.65 -4.15 8.56
CA ARG D 12 -52.21 -4.22 8.35
C ARG D 12 -51.60 -5.42 9.07
N GLU D 13 -51.92 -5.59 10.36
CA GLU D 13 -51.46 -6.76 11.09
C GLU D 13 -51.87 -8.06 10.41
N CYS D 14 -52.92 -7.99 9.58
CA CYS D 14 -53.36 -9.14 8.81
C CYS D 14 -52.46 -9.37 7.59
N ILE D 15 -52.15 -8.29 6.87
CA ILE D 15 -51.34 -8.40 5.67
C ILE D 15 -49.91 -8.82 6.01
N GLU D 16 -49.39 -8.35 7.14
CA GLU D 16 -48.03 -8.69 7.54
C GLU D 16 -47.91 -10.11 8.07
N SER D 17 -49.02 -10.81 8.30
CA SER D 17 -48.97 -12.16 8.85
C SER D 17 -48.57 -13.22 7.84
N GLY D 18 -48.71 -12.94 6.55
CA GLY D 18 -48.35 -13.89 5.54
C GLY D 18 -48.84 -13.48 4.16
N PRO D 19 -48.21 -14.03 3.11
CA PRO D 19 -48.61 -13.67 1.74
C PRO D 19 -49.99 -14.20 1.34
N GLY D 20 -50.53 -15.19 2.05
CA GLY D 20 -51.85 -15.72 1.78
C GLY D 20 -52.98 -15.11 2.59
N CYS D 21 -52.68 -14.22 3.52
CA CYS D 21 -53.71 -13.62 4.35
C CYS D 21 -54.36 -12.45 3.62
N THR D 22 -55.69 -12.39 3.68
CA THR D 22 -56.47 -11.32 3.07
C THR D 22 -57.38 -10.72 4.14
N TRP D 23 -58.08 -9.65 3.77
CA TRP D 23 -58.87 -8.89 4.73
C TRP D 23 -60.16 -8.40 4.10
N CYS D 24 -61.26 -8.60 4.82
CA CYS D 24 -62.58 -8.14 4.40
C CYS D 24 -62.82 -6.72 4.89
N GLN D 25 -63.43 -5.90 4.04
CA GLN D 25 -63.65 -4.49 4.36
C GLN D 25 -65.12 -4.12 4.46
N LYS D 26 -66.02 -5.09 4.61
CA LYS D 26 -67.43 -4.77 4.68
C LYS D 26 -67.77 -4.15 6.03
N LEU D 27 -68.70 -3.18 6.02
CA LEU D 27 -69.18 -2.58 7.25
C LEU D 27 -70.18 -3.50 7.93
N ASN D 28 -70.03 -3.62 9.26
CA ASN D 28 -70.87 -4.52 10.07
C ASN D 28 -70.77 -5.96 9.56
N PHE D 29 -69.54 -6.38 9.26
CA PHE D 29 -69.31 -7.74 8.81
C PHE D 29 -69.11 -8.70 9.97
N THR D 30 -68.59 -8.21 11.08
CA THR D 30 -68.45 -9.05 12.26
C THR D 30 -69.79 -9.15 12.99
N GLY D 31 -70.02 -10.31 13.60
CA GLY D 31 -71.11 -10.46 14.52
C GLY D 31 -70.70 -9.94 15.89
N PRO D 32 -71.67 -9.62 16.75
CA PRO D 32 -71.31 -9.05 18.06
C PRO D 32 -70.39 -9.94 18.90
N GLY D 33 -70.68 -11.23 19.00
CA GLY D 33 -69.82 -12.12 19.76
C GLY D 33 -68.49 -12.42 19.10
N ASP D 34 -68.33 -12.05 17.80
CA ASP D 34 -67.14 -12.29 17.01
C ASP D 34 -66.17 -11.13 17.13
N PRO D 35 -64.88 -11.39 17.29
CA PRO D 35 -63.89 -10.32 17.32
C PRO D 35 -63.58 -9.84 15.90
N ASP D 36 -62.66 -8.89 15.81
CA ASP D 36 -62.26 -8.40 14.50
C ASP D 36 -61.16 -9.26 13.87
N SER D 37 -60.77 -10.36 14.52
CA SER D 37 -59.93 -11.37 13.87
C SER D 37 -60.70 -12.11 12.78
N ILE D 38 -62.03 -12.00 12.75
CA ILE D 38 -62.82 -12.71 11.75
C ILE D 38 -62.47 -12.22 10.34
N ARG D 39 -62.20 -10.93 10.20
CA ARG D 39 -62.01 -10.34 8.87
C ARG D 39 -60.73 -10.79 8.19
N CYS D 40 -59.85 -11.50 8.90
CA CYS D 40 -58.55 -11.90 8.36
C CYS D 40 -58.49 -13.41 8.20
N ASP D 41 -58.32 -13.86 6.97
CA ASP D 41 -58.21 -15.27 6.63
C ASP D 41 -57.77 -15.37 5.17
N THR D 42 -57.76 -16.58 4.63
CA THR D 42 -57.49 -16.71 3.20
C THR D 42 -58.72 -16.29 2.39
N ARG D 43 -58.49 -16.06 1.10
CA ARG D 43 -59.57 -15.61 0.22
C ARG D 43 -60.75 -16.57 0.19
N PRO D 44 -60.58 -17.88 -0.02
CA PRO D 44 -61.76 -18.76 0.02
C PRO D 44 -62.48 -18.75 1.35
N GLN D 45 -61.76 -18.66 2.47
CA GLN D 45 -62.43 -18.65 3.77
C GLN D 45 -63.23 -17.37 3.98
N LEU D 46 -62.77 -16.25 3.43
CA LEU D 46 -63.53 -15.01 3.56
C LEU D 46 -64.78 -15.04 2.67
N LEU D 47 -64.66 -15.61 1.47
CA LEU D 47 -65.85 -15.82 0.64
C LEU D 47 -66.83 -16.76 1.33
N MET D 48 -66.31 -17.74 2.07
CA MET D 48 -67.17 -18.61 2.88
C MET D 48 -67.94 -17.81 3.91
N ARG D 49 -67.33 -16.75 4.45
CA ARG D 49 -67.94 -15.95 5.50
C ARG D 49 -68.82 -14.82 4.97
N GLY D 50 -69.10 -14.80 3.67
CA GLY D 50 -70.00 -13.80 3.12
C GLY D 50 -69.35 -12.53 2.65
N CYS D 51 -68.02 -12.46 2.64
CA CYS D 51 -67.33 -11.27 2.16
C CYS D 51 -67.43 -11.17 0.64
N ALA D 52 -67.81 -10.00 0.16
CA ALA D 52 -67.82 -9.76 -1.28
C ALA D 52 -66.40 -9.70 -1.82
N ALA D 53 -66.22 -10.19 -3.05
CA ALA D 53 -64.91 -10.10 -3.67
C ALA D 53 -64.43 -8.65 -3.77
N ASP D 54 -65.37 -7.72 -3.96
CA ASP D 54 -65.01 -6.30 -3.99
C ASP D 54 -64.50 -5.81 -2.65
N ASP D 55 -64.68 -6.58 -1.58
CA ASP D 55 -64.35 -6.15 -0.24
C ASP D 55 -63.14 -6.89 0.32
N ILE D 56 -62.50 -7.72 -0.48
CA ILE D 56 -61.33 -8.50 -0.04
C ILE D 56 -60.07 -7.70 -0.38
N MET D 57 -59.31 -7.35 0.65
CA MET D 57 -58.10 -6.56 0.49
C MET D 57 -56.91 -7.51 0.34
N ASP D 58 -56.28 -7.46 -0.83
CA ASP D 58 -55.17 -8.36 -1.16
C ASP D 58 -54.10 -7.58 -1.89
N PRO D 59 -53.25 -6.85 -1.17
CA PRO D 59 -52.18 -6.10 -1.84
C PRO D 59 -51.10 -7.02 -2.36
N THR D 60 -50.57 -6.67 -3.52
CA THR D 60 -49.57 -7.47 -4.21
C THR D 60 -48.26 -6.70 -4.33
N SER D 61 -47.15 -7.43 -4.39
CA SER D 61 -45.86 -6.81 -4.64
C SER D 61 -45.89 -6.12 -6.00
N LEU D 62 -45.17 -5.01 -6.09
CA LEU D 62 -45.27 -4.13 -7.26
C LEU D 62 -43.90 -3.54 -7.57
N ALA D 63 -43.65 -3.31 -8.85
CA ALA D 63 -42.41 -2.69 -9.32
C ALA D 63 -42.75 -1.54 -10.25
N GLU D 64 -42.22 -0.35 -9.93
CA GLU D 64 -42.39 0.84 -10.75
C GLU D 64 -41.00 1.34 -11.17
N THR D 65 -40.75 1.36 -12.48
CA THR D 65 -39.45 1.70 -13.02
C THR D 65 -39.44 3.11 -13.58
N GLN D 66 -38.34 3.83 -13.35
CA GLN D 66 -38.07 5.13 -13.92
C GLN D 66 -36.82 5.01 -14.79
N GLU D 67 -37.00 5.01 -16.11
CA GLU D 67 -35.87 4.79 -16.99
C GLU D 67 -35.09 6.08 -17.25
N ASP D 68 -35.79 7.18 -17.48
CA ASP D 68 -35.12 8.47 -17.64
C ASP D 68 -35.63 9.43 -16.55
N GLN D 73 -27.43 6.07 -21.80
CA GLN D 73 -28.19 5.01 -21.15
C GLN D 73 -28.80 4.05 -22.15
N LYS D 74 -27.98 3.57 -23.07
CA LYS D 74 -28.30 2.30 -23.73
C LYS D 74 -27.81 1.17 -22.83
N GLN D 75 -26.61 1.32 -22.28
CA GLN D 75 -25.89 0.18 -21.72
C GLN D 75 -26.65 -0.47 -20.58
N LEU D 76 -26.97 0.29 -19.53
CA LEU D 76 -27.65 -0.26 -18.36
C LEU D 76 -28.89 0.57 -18.03
N SER D 77 -30.06 -0.05 -18.16
CA SER D 77 -31.33 0.58 -17.84
C SER D 77 -32.29 -0.46 -17.27
N PRO D 78 -33.27 -0.02 -16.48
CA PRO D 78 -33.58 1.35 -16.04
C PRO D 78 -32.61 1.85 -14.99
N GLN D 79 -32.59 3.16 -14.76
CA GLN D 79 -31.66 3.73 -13.80
C GLN D 79 -32.20 3.77 -12.38
N LYS D 80 -33.50 3.98 -12.20
CA LYS D 80 -34.12 4.00 -10.89
C LYS D 80 -35.34 3.10 -10.89
N VAL D 81 -35.50 2.33 -9.82
CA VAL D 81 -36.66 1.45 -9.63
C VAL D 81 -37.12 1.59 -8.17
N THR D 82 -38.44 1.58 -7.98
CA THR D 82 -39.04 1.56 -6.66
C THR D 82 -39.89 0.31 -6.52
N LEU D 83 -39.68 -0.42 -5.43
CA LEU D 83 -40.34 -1.69 -5.19
C LEU D 83 -41.22 -1.56 -3.95
N TYR D 84 -42.47 -2.01 -4.07
CA TYR D 84 -43.41 -2.10 -2.96
C TYR D 84 -43.58 -3.58 -2.67
N LEU D 85 -42.96 -4.06 -1.61
CA LEU D 85 -42.82 -5.49 -1.35
C LEU D 85 -43.89 -5.97 -0.39
N ARG D 86 -44.67 -6.95 -0.85
CA ARG D 86 -45.55 -7.71 0.02
C ARG D 86 -44.75 -8.87 0.62
N PRO D 87 -44.68 -9.00 1.94
CA PRO D 87 -43.86 -10.05 2.56
C PRO D 87 -44.18 -11.43 2.01
N GLY D 88 -43.14 -12.13 1.55
CA GLY D 88 -43.30 -13.45 0.97
C GLY D 88 -43.65 -13.46 -0.50
N GLN D 89 -43.93 -12.30 -1.11
CA GLN D 89 -44.29 -12.22 -2.51
C GLN D 89 -43.23 -11.40 -3.25
N ALA D 90 -42.57 -12.03 -4.23
CA ALA D 90 -41.53 -11.36 -4.97
C ALA D 90 -42.11 -10.32 -5.91
N ALA D 91 -41.33 -9.25 -6.13
CA ALA D 91 -41.59 -8.29 -7.20
C ALA D 91 -40.52 -8.47 -8.27
N ALA D 92 -40.92 -8.34 -9.53
CA ALA D 92 -40.03 -8.61 -10.65
C ALA D 92 -39.92 -7.38 -11.55
N PHE D 93 -38.69 -7.01 -11.90
CA PHE D 93 -38.44 -5.95 -12.86
C PHE D 93 -37.27 -6.35 -13.74
N ASN D 94 -37.24 -5.80 -14.95
CA ASN D 94 -36.28 -6.22 -15.96
C ASN D 94 -35.18 -5.18 -16.15
N VAL D 95 -33.94 -5.67 -16.27
CA VAL D 95 -32.77 -4.85 -16.50
C VAL D 95 -32.19 -5.21 -17.85
N THR D 96 -32.16 -4.24 -18.76
CA THR D 96 -31.63 -4.43 -20.11
C THR D 96 -30.19 -3.93 -20.16
N PHE D 97 -29.30 -4.77 -20.67
CA PHE D 97 -27.88 -4.43 -20.83
C PHE D 97 -27.54 -4.44 -22.32
N ARG D 98 -26.93 -3.36 -22.80
CA ARG D 98 -26.58 -3.23 -24.20
C ARG D 98 -25.18 -2.67 -24.32
N ARG D 99 -24.22 -3.52 -24.70
CA ARG D 99 -22.82 -3.11 -24.82
C ARG D 99 -22.67 -1.88 -25.72
N ALA D 100 -22.07 -0.83 -25.17
CA ALA D 100 -21.66 0.31 -25.97
C ALA D 100 -20.41 -0.05 -26.79
N LYS D 101 -20.05 0.83 -27.71
CA LYS D 101 -18.83 0.67 -28.50
C LYS D 101 -17.91 1.85 -28.25
N GLY D 102 -16.61 1.56 -28.17
CA GLY D 102 -15.60 2.61 -28.14
C GLY D 102 -15.48 3.36 -26.83
N TYR D 103 -15.46 2.64 -25.72
CA TYR D 103 -15.20 3.24 -24.42
C TYR D 103 -13.70 3.28 -24.16
N PRO D 104 -13.15 4.41 -23.73
CA PRO D 104 -11.68 4.53 -23.61
C PRO D 104 -11.10 3.50 -22.65
N ILE D 105 -9.86 3.09 -22.92
CA ILE D 105 -9.18 2.04 -22.17
C ILE D 105 -7.87 2.57 -21.61
N ASP D 106 -7.68 2.40 -20.30
CA ASP D 106 -6.38 2.57 -19.65
C ASP D 106 -5.78 1.19 -19.43
N LEU D 107 -4.55 0.98 -19.89
CA LEU D 107 -3.87 -0.30 -19.75
C LEU D 107 -2.54 -0.08 -19.04
N TYR D 108 -2.44 -0.60 -17.83
CA TYR D 108 -1.21 -0.53 -17.05
C TYR D 108 -0.51 -1.88 -17.12
N TYR D 109 0.74 -1.87 -17.62
CA TYR D 109 1.52 -3.08 -17.84
C TYR D 109 2.46 -3.26 -16.65
N LEU D 110 2.11 -4.16 -15.74
CA LEU D 110 2.89 -4.44 -14.55
C LEU D 110 3.69 -5.71 -14.79
N MET D 111 5.01 -5.59 -14.84
CA MET D 111 5.87 -6.64 -15.34
C MET D 111 6.79 -7.20 -14.25
N ASP D 112 6.96 -8.51 -14.28
CA ASP D 112 7.94 -9.20 -13.45
C ASP D 112 9.35 -8.95 -14.00
N LEU D 113 10.28 -8.59 -13.11
CA LEU D 113 11.65 -8.30 -13.52
C LEU D 113 12.66 -9.27 -12.90
N SER D 114 12.23 -10.48 -12.54
CA SER D 114 13.21 -11.50 -12.16
C SER D 114 14.06 -11.88 -13.37
N TYR D 115 15.18 -12.54 -13.09
CA TYR D 115 16.22 -12.68 -14.11
C TYR D 115 15.74 -13.51 -15.30
N SER D 116 14.83 -14.46 -15.08
CA SER D 116 14.31 -15.24 -16.19
C SER D 116 13.53 -14.38 -17.19
N MET D 117 13.12 -13.17 -16.81
CA MET D 117 12.42 -12.27 -17.70
C MET D 117 13.37 -11.35 -18.48
N LEU D 118 14.66 -11.69 -18.56
CA LEU D 118 15.62 -10.83 -19.24
C LEU D 118 15.26 -10.65 -20.72
N ASP D 119 14.97 -11.76 -21.42
CA ASP D 119 14.60 -11.63 -22.82
C ASP D 119 13.26 -10.93 -22.98
N ASP D 120 12.34 -11.14 -22.04
CA ASP D 120 11.06 -10.44 -22.07
C ASP D 120 11.25 -8.93 -22.00
N LEU D 121 12.13 -8.47 -21.12
CA LEU D 121 12.33 -7.03 -20.95
C LEU D 121 12.86 -6.39 -22.23
N ARG D 122 13.79 -7.05 -22.91
CA ARG D 122 14.27 -6.52 -24.19
C ARG D 122 13.14 -6.34 -25.18
N ASN D 123 12.18 -7.27 -25.21
CA ASN D 123 11.08 -7.18 -26.16
C ASN D 123 10.07 -6.12 -25.73
N VAL D 124 9.71 -6.10 -24.45
CA VAL D 124 8.68 -5.18 -23.98
C VAL D 124 9.12 -3.73 -24.17
N LYS D 125 10.42 -3.46 -24.04
CA LYS D 125 10.91 -2.11 -24.27
C LYS D 125 10.63 -1.59 -25.69
N LYS D 126 10.33 -2.47 -26.64
CA LYS D 126 10.07 -2.08 -28.03
C LYS D 126 8.60 -2.24 -28.41
N LEU D 127 7.71 -2.42 -27.43
CA LEU D 127 6.31 -2.73 -27.69
C LEU D 127 5.34 -1.59 -27.40
N GLY D 128 5.83 -0.43 -26.96
CA GLY D 128 4.94 0.66 -26.62
C GLY D 128 4.04 1.10 -27.76
N GLY D 129 4.60 1.21 -28.97
CA GLY D 129 3.78 1.56 -30.11
C GLY D 129 2.74 0.50 -30.43
N ASP D 130 3.15 -0.77 -30.43
CA ASP D 130 2.20 -1.85 -30.69
C ASP D 130 1.14 -1.96 -29.60
N LEU D 131 1.48 -1.60 -28.36
CA LEU D 131 0.49 -1.61 -27.29
C LEU D 131 -0.57 -0.54 -27.51
N LEU D 132 -0.15 0.70 -27.82
CA LEU D 132 -1.13 1.74 -28.12
C LEU D 132 -1.94 1.39 -29.36
N ARG D 133 -1.30 0.82 -30.37
CA ARG D 133 -2.03 0.46 -31.58
C ARG D 133 -3.15 -0.51 -31.27
N ALA D 134 -2.87 -1.54 -30.47
CA ALA D 134 -3.90 -2.52 -30.14
C ALA D 134 -5.03 -1.87 -29.37
N LEU D 135 -4.70 -0.92 -28.48
CA LEU D 135 -5.74 -0.21 -27.76
C LEU D 135 -6.58 0.63 -28.71
N ASN D 136 -5.93 1.33 -29.64
CA ASN D 136 -6.61 2.17 -30.61
C ASN D 136 -7.33 1.38 -31.69
N GLU D 137 -7.14 0.06 -31.73
CA GLU D 137 -7.93 -0.82 -32.58
C GLU D 137 -9.17 -1.33 -31.87
N ILE D 138 -9.10 -1.50 -30.55
CA ILE D 138 -10.26 -1.92 -29.78
C ILE D 138 -11.26 -0.77 -29.66
N THR D 139 -10.80 0.35 -29.10
CA THR D 139 -11.59 1.57 -29.06
C THR D 139 -10.70 2.69 -29.59
N GLU D 140 -10.96 3.91 -29.16
CA GLU D 140 -10.11 5.03 -29.49
CA GLU D 140 -10.12 5.05 -29.50
C GLU D 140 -9.89 5.88 -28.23
N SER D 141 -8.82 6.67 -28.26
CA SER D 141 -8.39 7.47 -27.12
C SER D 141 -8.01 6.55 -25.95
N GLY D 142 -6.90 5.84 -26.14
CA GLY D 142 -6.39 4.91 -25.16
C GLY D 142 -5.01 5.30 -24.66
N ARG D 143 -4.67 4.88 -23.43
CA ARG D 143 -3.41 5.22 -22.81
C ARG D 143 -2.75 3.96 -22.24
N ILE D 144 -1.43 4.02 -22.10
CA ILE D 144 -0.64 2.90 -21.59
C ILE D 144 0.24 3.37 -20.44
N GLY D 145 0.55 2.43 -19.54
CA GLY D 145 1.41 2.71 -18.41
C GLY D 145 2.20 1.47 -18.05
N PHE D 146 3.27 1.67 -17.28
CA PHE D 146 4.19 0.59 -16.98
C PHE D 146 4.62 0.62 -15.52
N GLY D 147 4.71 -0.56 -14.92
CA GLY D 147 5.29 -0.73 -13.60
C GLY D 147 6.00 -2.06 -13.53
N SER D 148 6.88 -2.21 -12.54
CA SER D 148 7.69 -3.41 -12.41
C SER D 148 7.69 -3.91 -10.97
N PHE D 149 8.07 -5.18 -10.79
CA PHE D 149 8.10 -5.78 -9.47
C PHE D 149 9.07 -6.94 -9.43
N VAL D 150 9.60 -7.22 -8.24
CA VAL D 150 10.33 -8.46 -8.00
C VAL D 150 9.73 -9.11 -6.76
N ASP D 151 10.16 -8.65 -5.58
CA ASP D 151 9.67 -9.22 -4.32
C ASP D 151 10.11 -8.29 -3.19
N LYS D 152 9.64 -8.60 -1.98
CA LYS D 152 10.11 -7.92 -0.78
C LYS D 152 11.61 -8.14 -0.59
N THR D 153 12.27 -7.19 0.06
CA THR D 153 13.74 -7.20 0.17
C THR D 153 14.22 -7.73 1.51
N VAL D 154 13.61 -8.79 2.04
CA VAL D 154 14.10 -9.45 3.25
C VAL D 154 14.31 -10.93 2.97
N LEU D 155 15.17 -11.54 3.77
CA LEU D 155 15.29 -12.99 3.83
C LEU D 155 13.96 -13.63 4.23
N PRO D 156 13.59 -14.77 3.62
CA PRO D 156 14.33 -15.50 2.57
C PRO D 156 13.88 -15.16 1.16
N PHE D 157 13.25 -14.00 0.96
CA PHE D 157 12.71 -13.69 -0.36
C PHE D 157 13.78 -13.16 -1.31
N VAL D 158 14.76 -12.45 -0.77
CA VAL D 158 15.97 -12.09 -1.53
C VAL D 158 17.16 -12.41 -0.65
N ASN D 159 18.31 -12.65 -1.29
CA ASN D 159 19.56 -12.80 -0.57
C ASN D 159 19.99 -11.42 -0.08
N THR D 160 20.04 -11.25 1.25
CA THR D 160 20.39 -9.98 1.85
C THR D 160 21.90 -9.77 2.01
N HIS D 161 22.71 -10.69 1.49
CA HIS D 161 24.14 -10.44 1.43
C HIS D 161 24.38 -9.13 0.67
N PRO D 162 25.27 -8.27 1.15
CA PRO D 162 25.46 -6.96 0.48
C PRO D 162 25.83 -7.06 -0.99
N ASP D 163 26.56 -8.10 -1.40
CA ASP D 163 26.91 -8.23 -2.81
C ASP D 163 25.69 -8.56 -3.65
N LYS D 164 24.84 -9.47 -3.17
CA LYS D 164 23.66 -9.85 -3.93
C LYS D 164 22.54 -8.82 -3.82
N LEU D 165 22.58 -7.94 -2.82
CA LEU D 165 21.69 -6.78 -2.87
C LEU D 165 22.11 -5.84 -3.98
N ARG D 166 23.41 -5.69 -4.21
CA ARG D 166 23.89 -4.89 -5.34
C ARG D 166 23.70 -5.62 -6.66
N ASN D 167 23.97 -6.92 -6.68
CA ASN D 167 23.82 -7.73 -7.90
C ASN D 167 23.07 -9.00 -7.53
N PRO D 168 21.73 -8.97 -7.58
CA PRO D 168 20.97 -10.21 -7.37
C PRO D 168 21.06 -11.16 -8.54
N CYS D 169 21.43 -10.67 -9.72
CA CYS D 169 21.56 -11.51 -10.89
C CYS D 169 22.81 -12.38 -10.77
N PRO D 170 22.99 -13.35 -11.66
CA PRO D 170 24.28 -14.04 -11.71
C PRO D 170 25.42 -13.04 -11.92
N ASN D 171 26.59 -13.39 -11.38
CA ASN D 171 27.72 -12.46 -11.34
C ASN D 171 28.22 -12.06 -12.74
N LYS D 172 27.75 -12.74 -13.79
CA LYS D 172 28.14 -12.39 -15.15
C LYS D 172 27.34 -11.23 -15.74
N GLU D 173 26.43 -10.63 -14.99
CA GLU D 173 25.54 -9.60 -15.51
C GLU D 173 26.09 -8.22 -15.17
N LYS D 174 26.54 -7.48 -16.19
CA LYS D 174 27.00 -6.12 -15.95
C LYS D 174 25.83 -5.19 -15.63
N GLU D 175 24.67 -5.43 -16.22
CA GLU D 175 23.54 -4.51 -16.17
C GLU D 175 22.40 -5.17 -15.40
N CYS D 176 22.36 -4.93 -14.09
CA CYS D 176 21.39 -5.56 -13.20
C CYS D 176 21.07 -4.56 -12.09
N GLN D 177 19.80 -4.48 -11.72
CA GLN D 177 19.44 -3.56 -10.65
C GLN D 177 19.15 -4.32 -9.36
N PRO D 178 19.29 -3.66 -8.20
CA PRO D 178 18.97 -4.32 -6.94
C PRO D 178 17.53 -4.80 -6.92
N PRO D 179 17.24 -5.86 -6.17
CA PRO D 179 15.85 -6.32 -6.05
C PRO D 179 14.99 -5.28 -5.35
N PHE D 180 13.70 -5.27 -5.69
CA PHE D 180 12.76 -4.26 -5.24
C PHE D 180 11.35 -4.85 -5.27
N ALA D 181 10.46 -4.22 -4.51
CA ALA D 181 9.08 -4.73 -4.45
C ALA D 181 8.24 -4.21 -5.60
N PHE D 182 8.07 -2.89 -5.69
CA PHE D 182 7.27 -2.30 -6.76
C PHE D 182 7.82 -0.92 -7.10
N ARG D 183 7.96 -0.65 -8.40
CA ARG D 183 8.34 0.66 -8.89
C ARG D 183 7.33 1.08 -9.95
N HIS D 184 6.69 2.22 -9.73
CA HIS D 184 5.83 2.83 -10.73
C HIS D 184 6.71 3.55 -11.74
N VAL D 185 6.75 3.03 -12.97
CA VAL D 185 7.68 3.50 -14.00
C VAL D 185 7.05 4.57 -14.88
N LEU D 186 5.86 4.33 -15.41
CA LEU D 186 5.24 5.21 -16.40
C LEU D 186 3.80 5.47 -16.05
N LYS D 187 3.47 6.73 -15.80
CA LYS D 187 2.09 7.15 -15.62
C LYS D 187 1.33 6.99 -16.93
N LEU D 188 0.05 6.63 -16.84
CA LEU D 188 -0.76 6.38 -18.02
C LEU D 188 -0.69 7.56 -19.00
N THR D 189 -0.37 7.26 -20.25
CA THR D 189 -0.16 8.29 -21.27
C THR D 189 -0.49 7.74 -22.66
N ASN D 190 -0.82 8.65 -23.57
CA ASN D 190 -1.01 8.25 -24.97
C ASN D 190 0.24 8.46 -25.81
N ASN D 191 1.37 8.70 -25.18
CA ASN D 191 2.60 9.00 -25.87
C ASN D 191 3.47 7.75 -25.84
N SER D 192 3.57 7.06 -26.98
CA SER D 192 4.37 5.84 -27.04
C SER D 192 5.85 6.13 -26.90
N ASN D 193 6.29 7.36 -27.18
CA ASN D 193 7.71 7.68 -27.00
C ASN D 193 8.08 7.78 -25.53
N GLN D 194 7.17 8.25 -24.67
CA GLN D 194 7.45 8.25 -23.24
C GLN D 194 7.61 6.83 -22.72
N PHE D 195 6.83 5.89 -23.25
CA PHE D 195 6.95 4.50 -22.86
C PHE D 195 8.35 3.99 -23.17
N GLN D 196 8.85 4.26 -24.37
CA GLN D 196 10.17 3.77 -24.77
C GLN D 196 11.27 4.38 -23.91
N THR D 197 11.13 5.65 -23.53
CA THR D 197 12.17 6.29 -22.74
C THR D 197 12.17 5.77 -21.30
N GLU D 198 10.98 5.63 -20.72
CA GLU D 198 10.88 5.30 -19.30
C GLU D 198 11.06 3.82 -19.04
N VAL D 199 10.47 2.96 -19.88
CA VAL D 199 10.71 1.53 -19.73
C VAL D 199 12.15 1.20 -20.10
N GLY D 200 12.70 1.92 -21.08
CA GLY D 200 14.04 1.62 -21.55
C GLY D 200 15.09 1.77 -20.47
N LYS D 201 14.82 2.59 -19.47
CA LYS D 201 15.75 2.83 -18.37
C LYS D 201 15.73 1.72 -17.33
N GLN D 202 14.79 0.78 -17.40
CA GLN D 202 14.68 -0.27 -16.39
C GLN D 202 15.65 -1.40 -16.68
N LEU D 203 16.30 -1.88 -15.63
CA LEU D 203 17.22 -3.00 -15.71
C LEU D 203 16.58 -4.25 -15.11
N ILE D 204 17.00 -5.42 -15.60
CA ILE D 204 16.53 -6.68 -15.04
C ILE D 204 17.01 -6.78 -13.59
N SER D 205 16.39 -7.67 -12.82
CA SER D 205 16.78 -7.86 -11.42
C SER D 205 16.68 -9.35 -11.10
N GLY D 206 16.69 -9.67 -9.81
CA GLY D 206 16.62 -11.06 -9.40
C GLY D 206 16.20 -11.15 -7.94
N ASN D 207 15.91 -12.37 -7.52
CA ASN D 207 15.59 -12.62 -6.11
C ASN D 207 15.94 -14.06 -5.78
N LEU D 208 15.48 -14.52 -4.62
CA LEU D 208 15.94 -15.77 -4.06
C LEU D 208 14.94 -16.91 -4.17
N ASP D 209 13.69 -16.73 -3.75
CA ASP D 209 12.71 -17.81 -3.81
C ASP D 209 11.77 -17.64 -5.00
N ALA D 210 11.17 -18.75 -5.43
CA ALA D 210 10.47 -18.78 -6.71
C ALA D 210 9.21 -17.92 -6.73
N PRO D 211 8.27 -18.04 -5.77
CA PRO D 211 7.12 -17.14 -5.78
C PRO D 211 7.58 -15.70 -5.57
N GLU D 212 6.82 -14.75 -6.14
CA GLU D 212 7.24 -13.36 -6.12
C GLU D 212 6.12 -12.49 -5.57
N GLY D 213 6.43 -11.20 -5.36
CA GLY D 213 5.53 -10.31 -4.67
C GLY D 213 4.66 -9.46 -5.57
N GLY D 214 4.25 -10.00 -6.73
CA GLY D 214 3.40 -9.26 -7.64
C GLY D 214 2.10 -8.79 -7.03
N LEU D 215 1.58 -9.53 -6.05
CA LEU D 215 0.33 -9.11 -5.40
C LEU D 215 0.52 -7.80 -4.66
N ASP D 216 1.69 -7.60 -4.04
CA ASP D 216 2.00 -6.30 -3.45
C ASP D 216 1.89 -5.19 -4.49
N ALA D 217 2.47 -5.42 -5.67
CA ALA D 217 2.46 -4.41 -6.72
C ALA D 217 1.04 -4.18 -7.24
N MET D 218 0.25 -5.24 -7.42
CA MET D 218 -1.13 -5.08 -7.88
C MET D 218 -1.96 -4.29 -6.88
N MET D 219 -1.71 -4.51 -5.59
CA MET D 219 -2.44 -3.77 -4.56
C MET D 219 -2.08 -2.29 -4.58
N GLN D 220 -0.81 -1.97 -4.86
CA GLN D 220 -0.41 -0.57 -4.92
C GLN D 220 -0.97 0.13 -6.15
N VAL D 221 -1.00 -0.58 -7.28
CA VAL D 221 -1.59 -0.01 -8.48
C VAL D 221 -3.05 0.32 -8.25
N ALA D 222 -3.74 -0.53 -7.48
CA ALA D 222 -5.15 -0.31 -7.21
C ALA D 222 -5.37 0.75 -6.14
N ALA D 223 -4.41 0.95 -5.26
CA ALA D 223 -4.60 1.83 -4.13
C ALA D 223 -4.06 3.23 -4.36
N CYS D 224 -3.35 3.47 -5.47
CA CYS D 224 -2.74 4.76 -5.75
C CYS D 224 -3.27 5.35 -7.06
N PRO D 225 -4.57 5.66 -7.13
CA PRO D 225 -5.16 6.12 -8.41
C PRO D 225 -4.58 7.44 -8.90
N GLU D 226 -4.15 8.33 -8.00
CA GLU D 226 -3.57 9.59 -8.44
C GLU D 226 -2.19 9.39 -9.05
N GLU D 227 -1.35 8.57 -8.40
CA GLU D 227 0.01 8.37 -8.89
C GLU D 227 0.01 7.58 -10.20
N ILE D 228 -0.90 6.62 -10.33
CA ILE D 228 -0.92 5.76 -11.51
C ILE D 228 -1.43 6.54 -12.72
N GLY D 229 -2.42 7.40 -12.51
CA GLY D 229 -3.01 8.18 -13.58
C GLY D 229 -4.26 7.61 -14.22
N TRP D 230 -5.04 6.80 -13.51
CA TRP D 230 -6.25 6.24 -14.10
C TRP D 230 -7.21 7.35 -14.52
N ARG D 231 -7.91 7.12 -15.63
CA ARG D 231 -9.13 7.85 -15.96
C ARG D 231 -10.33 7.09 -15.41
N LYS D 232 -11.49 7.74 -15.46
CA LYS D 232 -12.75 7.08 -15.09
C LYS D 232 -13.31 6.38 -16.32
N VAL D 233 -12.54 5.40 -16.80
CA VAL D 233 -12.88 4.63 -17.99
C VAL D 233 -12.64 3.16 -17.68
N THR D 234 -12.52 2.35 -18.72
CA THR D 234 -12.23 0.93 -18.53
C THR D 234 -10.76 0.74 -18.20
N ARG D 235 -10.48 0.05 -17.10
CA ARG D 235 -9.14 -0.05 -16.55
C ARG D 235 -8.65 -1.49 -16.68
N LEU D 236 -7.60 -1.68 -17.47
CA LEU D 236 -6.96 -2.97 -17.63
C LEU D 236 -5.61 -2.97 -16.91
N LEU D 237 -5.33 -4.04 -16.18
CA LEU D 237 -4.07 -4.17 -15.45
C LEU D 237 -3.41 -5.49 -15.87
N VAL D 238 -2.39 -5.39 -16.73
CA VAL D 238 -1.72 -6.58 -17.20
C VAL D 238 -0.67 -7.00 -16.17
N PHE D 239 -0.72 -8.27 -15.78
CA PHE D 239 0.21 -8.87 -14.83
C PHE D 239 0.99 -9.93 -15.58
N ALA D 240 2.25 -9.63 -15.92
CA ALA D 240 3.09 -10.49 -16.75
C ALA D 240 4.18 -11.10 -15.90
N THR D 241 4.23 -12.43 -15.83
CA THR D 241 5.19 -13.12 -14.99
C THR D 241 5.35 -14.56 -15.48
N ASP D 242 6.44 -15.20 -15.07
CA ASP D 242 6.71 -16.60 -15.40
C ASP D 242 6.78 -17.45 -14.14
N ASP D 243 6.09 -17.02 -13.09
CA ASP D 243 6.21 -17.68 -11.79
C ASP D 243 4.91 -17.55 -11.01
N GLY D 244 4.88 -18.18 -9.84
CA GLY D 244 3.78 -18.02 -8.91
C GLY D 244 3.92 -16.75 -8.09
N PHE D 245 3.07 -16.62 -7.08
CA PHE D 245 2.98 -15.39 -6.31
C PHE D 245 2.83 -15.70 -4.84
N HIS D 246 3.52 -14.90 -4.02
CA HIS D 246 3.29 -14.88 -2.58
C HIS D 246 1.93 -14.25 -2.26
N PHE D 247 1.35 -14.67 -1.15
CA PHE D 247 0.15 -14.06 -0.61
C PHE D 247 0.21 -14.12 0.90
N ALA D 248 -0.83 -13.57 1.54
CA ALA D 248 -0.82 -13.40 2.99
C ALA D 248 -0.48 -14.69 3.72
N GLY D 249 0.35 -14.56 4.74
CA GLY D 249 0.85 -15.68 5.51
C GLY D 249 2.29 -15.98 5.17
N ASP D 250 2.67 -15.75 3.92
CA ASP D 250 4.02 -16.02 3.48
C ASP D 250 5.04 -15.07 4.13
N GLY D 251 4.60 -13.87 4.52
CA GLY D 251 5.50 -12.93 5.16
C GLY D 251 6.09 -13.42 6.46
N LYS D 252 5.45 -14.40 7.11
CA LYS D 252 5.96 -14.94 8.37
C LYS D 252 7.38 -15.46 8.24
N LEU D 253 7.75 -15.96 7.06
CA LEU D 253 9.11 -16.44 6.85
C LEU D 253 10.11 -15.31 6.98
N GLY D 254 9.70 -14.09 6.67
CA GLY D 254 10.57 -12.93 6.79
C GLY D 254 10.27 -12.11 8.03
N ALA D 255 9.61 -12.75 9.01
CA ALA D 255 9.21 -12.11 10.26
C ALA D 255 8.37 -10.86 10.03
N ILE D 256 7.56 -10.88 8.98
CA ILE D 256 6.62 -9.81 8.67
C ILE D 256 5.23 -10.31 9.06
N LEU D 257 4.64 -9.72 10.10
CA LEU D 257 3.42 -10.21 10.73
C LEU D 257 2.29 -9.17 10.76
N THR D 258 2.49 -8.02 10.14
CA THR D 258 1.46 -6.99 10.02
C THR D 258 0.73 -7.14 8.69
N PRO D 259 -0.59 -7.24 8.69
CA PRO D 259 -1.33 -7.47 7.44
C PRO D 259 -1.22 -6.29 6.49
N ASN D 260 -1.42 -6.59 5.20
CA ASN D 260 -1.52 -5.54 4.19
C ASN D 260 -2.75 -4.68 4.49
N ASP D 261 -2.54 -3.37 4.57
CA ASP D 261 -3.60 -2.47 4.98
C ASP D 261 -4.39 -1.91 3.81
N GLY D 262 -4.03 -2.23 2.57
CA GLY D 262 -4.84 -1.78 1.46
C GLY D 262 -4.65 -0.32 1.10
N ARG D 263 -3.73 0.37 1.75
CA ARG D 263 -3.52 1.79 1.49
C ARG D 263 -2.40 2.00 0.49
N CYS D 264 -2.37 3.20 -0.08
CA CYS D 264 -1.28 3.59 -0.94
C CYS D 264 -0.04 3.88 -0.10
N HIS D 265 1.09 3.32 -0.51
CA HIS D 265 2.34 3.51 0.21
C HIS D 265 3.47 3.91 -0.73
N LEU D 266 3.15 4.67 -1.78
CA LEU D 266 4.16 5.02 -2.78
C LEU D 266 4.89 6.30 -2.35
N GLU D 267 6.19 6.18 -2.11
CA GLU D 267 7.07 7.33 -1.99
C GLU D 267 8.11 7.24 -3.09
N ASP D 268 8.27 8.33 -3.86
CA ASP D 268 9.21 8.36 -4.97
C ASP D 268 8.96 7.21 -5.94
N ASN D 269 7.69 6.90 -6.17
CA ASN D 269 7.26 5.84 -7.09
C ASN D 269 7.76 4.47 -6.66
N LEU D 270 7.93 4.26 -5.36
CA LEU D 270 8.42 2.99 -4.83
C LEU D 270 7.59 2.58 -3.63
N TYR D 271 7.35 1.26 -3.51
CA TYR D 271 6.74 0.67 -2.33
C TYR D 271 7.82 0.49 -1.27
N LYS D 272 8.22 1.61 -0.67
CA LYS D 272 9.35 1.58 0.25
C LYS D 272 9.02 0.80 1.53
N ARG D 273 7.82 0.96 2.05
CA ARG D 273 7.41 0.26 3.26
C ARG D 273 7.00 -1.19 2.98
N SER D 274 7.47 -1.78 1.88
CA SER D 274 7.03 -3.11 1.50
C SER D 274 7.38 -4.16 2.53
N ASN D 275 8.52 -3.99 3.21
CA ASN D 275 8.95 -4.95 4.20
C ASN D 275 8.29 -4.74 5.56
N GLU D 276 7.36 -3.79 5.67
CA GLU D 276 6.62 -3.61 6.93
C GLU D 276 5.26 -4.27 6.91
N PHE D 277 4.75 -4.61 5.74
CA PHE D 277 3.42 -5.21 5.59
C PHE D 277 3.56 -6.57 4.91
N ASP D 278 2.75 -7.53 5.34
CA ASP D 278 2.68 -8.81 4.68
C ASP D 278 2.06 -8.66 3.30
N TYR D 279 2.25 -9.69 2.47
CA TYR D 279 1.57 -9.74 1.19
C TYR D 279 0.06 -9.69 1.40
N PRO D 280 -0.69 -9.12 0.46
CA PRO D 280 -2.15 -9.16 0.57
C PRO D 280 -2.67 -10.57 0.41
N SER D 281 -3.91 -10.76 0.80
CA SER D 281 -4.59 -12.00 0.48
C SER D 281 -5.25 -11.86 -0.88
N VAL D 282 -5.53 -13.01 -1.51
CA VAL D 282 -6.18 -12.99 -2.81
C VAL D 282 -7.53 -12.29 -2.73
N GLY D 283 -8.29 -12.57 -1.66
CA GLY D 283 -9.61 -11.96 -1.54
C GLY D 283 -9.54 -10.46 -1.29
N GLN D 284 -8.56 -10.03 -0.49
CA GLN D 284 -8.31 -8.61 -0.29
C GLN D 284 -8.05 -7.90 -1.62
N LEU D 285 -7.19 -8.49 -2.46
CA LEU D 285 -6.94 -7.91 -3.77
C LEU D 285 -8.19 -7.95 -4.64
N ALA D 286 -8.94 -9.06 -4.57
CA ALA D 286 -10.19 -9.15 -5.31
C ALA D 286 -11.09 -7.98 -4.96
N HIS D 287 -11.27 -7.74 -3.65
CA HIS D 287 -12.06 -6.60 -3.17
CA HIS D 287 -12.04 -6.61 -3.15
C HIS D 287 -11.53 -5.29 -3.71
N LYS D 288 -10.22 -5.04 -3.53
CA LYS D 288 -9.64 -3.77 -3.94
C LYS D 288 -9.79 -3.55 -5.44
N LEU D 289 -9.55 -4.58 -6.26
CA LEU D 289 -9.61 -4.39 -7.70
C LEU D 289 -11.03 -4.05 -8.13
N ALA D 290 -12.02 -4.77 -7.61
CA ALA D 290 -13.40 -4.54 -8.01
C ALA D 290 -13.91 -3.18 -7.54
N GLU D 291 -13.44 -2.74 -6.37
CA GLU D 291 -13.81 -1.44 -5.84
C GLU D 291 -13.31 -0.31 -6.72
N ASN D 292 -12.14 -0.49 -7.33
CA ASN D 292 -11.55 0.51 -8.21
C ASN D 292 -11.73 0.19 -9.69
N ASN D 293 -12.57 -0.79 -10.00
CA ASN D 293 -12.96 -1.12 -11.37
C ASN D 293 -11.75 -1.50 -12.24
N ILE D 294 -10.81 -2.21 -11.66
CA ILE D 294 -9.59 -2.59 -12.36
C ILE D 294 -9.68 -4.07 -12.72
N GLN D 295 -9.63 -4.35 -14.02
CA GLN D 295 -9.80 -5.71 -14.51
C GLN D 295 -8.45 -6.29 -14.84
N PRO D 296 -7.93 -7.24 -14.06
CA PRO D 296 -6.58 -7.72 -14.32
C PRO D 296 -6.54 -8.74 -15.45
N ILE D 297 -5.49 -8.68 -16.24
CA ILE D 297 -5.21 -9.66 -17.28
C ILE D 297 -3.91 -10.35 -16.88
N PHE D 298 -4.01 -11.61 -16.48
CA PHE D 298 -2.86 -12.38 -16.02
C PHE D 298 -2.16 -13.00 -17.22
N ALA D 299 -1.03 -12.41 -17.61
CA ALA D 299 -0.24 -12.85 -18.76
C ALA D 299 0.92 -13.71 -18.24
N VAL D 300 0.71 -15.03 -18.22
CA VAL D 300 1.63 -15.94 -17.55
C VAL D 300 2.06 -17.05 -18.51
N THR D 301 3.24 -17.62 -18.24
CA THR D 301 3.77 -18.68 -19.09
C THR D 301 2.96 -19.95 -18.94
N SER D 302 3.19 -20.88 -19.88
CA SER D 302 2.33 -22.06 -20.04
C SER D 302 2.20 -22.83 -18.73
N ARG D 303 3.30 -22.95 -17.99
CA ARG D 303 3.30 -23.79 -16.81
C ARG D 303 2.54 -23.16 -15.66
N MET D 304 2.27 -21.86 -15.73
CA MET D 304 1.53 -21.18 -14.66
C MET D 304 0.07 -20.94 -15.01
N VAL D 305 -0.36 -21.30 -16.23
CA VAL D 305 -1.70 -20.92 -16.69
C VAL D 305 -2.77 -21.52 -15.78
N LYS D 306 -2.70 -22.83 -15.55
CA LYS D 306 -3.75 -23.49 -14.77
C LYS D 306 -3.83 -22.95 -13.36
N THR D 307 -2.70 -22.52 -12.80
CA THR D 307 -2.71 -21.89 -11.48
C THR D 307 -3.45 -20.55 -11.52
N TYR D 308 -3.09 -19.70 -12.48
CA TYR D 308 -3.67 -18.36 -12.51
C TYR D 308 -5.12 -18.37 -12.99
N GLU D 309 -5.53 -19.39 -13.74
CA GLU D 309 -6.93 -19.52 -14.14
CA GLU D 309 -6.93 -19.49 -14.13
C GLU D 309 -7.84 -19.65 -12.92
N LYS D 310 -7.33 -20.21 -11.82
CA LYS D 310 -8.15 -20.35 -10.63
C LYS D 310 -8.47 -19.00 -9.98
N LEU D 311 -7.65 -17.98 -10.22
CA LEU D 311 -7.96 -16.64 -9.72
C LEU D 311 -9.23 -16.08 -10.34
N THR D 312 -9.59 -16.53 -11.55
CA THR D 312 -10.82 -16.05 -12.19
C THR D 312 -12.06 -16.45 -11.42
N GLU D 313 -11.98 -17.50 -10.60
CA GLU D 313 -13.11 -17.87 -9.77
C GLU D 313 -13.35 -16.84 -8.67
N ILE D 314 -12.28 -16.26 -8.12
CA ILE D 314 -12.41 -15.30 -7.03
C ILE D 314 -12.59 -13.89 -7.55
N ILE D 315 -11.79 -13.49 -8.53
CA ILE D 315 -11.87 -12.18 -9.17
C ILE D 315 -12.79 -12.28 -10.38
N PRO D 316 -14.05 -11.83 -10.30
CA PRO D 316 -14.97 -12.02 -11.43
C PRO D 316 -14.48 -11.42 -12.73
N LYS D 317 -14.07 -10.15 -12.72
CA LYS D 317 -13.66 -9.48 -13.96
C LYS D 317 -12.15 -9.60 -14.10
N SER D 318 -11.72 -10.79 -14.52
CA SER D 318 -10.32 -11.07 -14.76
C SER D 318 -10.21 -12.12 -15.86
N ALA D 319 -9.03 -12.16 -16.49
CA ALA D 319 -8.79 -13.09 -17.58
C ALA D 319 -7.32 -13.50 -17.56
N VAL D 320 -7.04 -14.65 -18.19
CA VAL D 320 -5.71 -15.26 -18.19
C VAL D 320 -5.35 -15.66 -19.62
N GLY D 321 -4.10 -15.42 -19.99
CA GLY D 321 -3.63 -15.75 -21.31
C GLY D 321 -2.20 -16.24 -21.25
N GLU D 322 -1.86 -17.14 -22.16
CA GLU D 322 -0.57 -17.80 -22.14
C GLU D 322 0.48 -16.87 -22.73
N LEU D 323 1.47 -16.50 -21.91
CA LEU D 323 2.54 -15.63 -22.34
C LEU D 323 3.70 -16.44 -22.89
N SER D 324 4.37 -15.91 -23.90
CA SER D 324 5.58 -16.52 -24.43
C SER D 324 6.72 -16.42 -23.42
N GLU D 325 7.73 -17.26 -23.62
CA GLU D 325 8.91 -17.22 -22.74
C GLU D 325 9.72 -15.93 -22.92
N ASP D 326 9.46 -15.18 -23.99
CA ASP D 326 10.10 -13.88 -24.18
C ASP D 326 9.09 -12.75 -24.31
N SER D 327 7.83 -12.99 -23.96
CA SER D 327 6.76 -11.98 -23.96
C SER D 327 6.46 -11.45 -25.37
N SER D 328 6.91 -12.15 -26.42
CA SER D 328 6.75 -11.62 -27.77
C SER D 328 5.31 -11.65 -28.27
N ASN D 329 4.40 -12.33 -27.55
CA ASN D 329 3.00 -12.45 -27.95
C ASN D 329 2.05 -11.63 -27.09
N VAL D 330 2.55 -10.66 -26.33
CA VAL D 330 1.72 -10.07 -25.28
C VAL D 330 0.62 -9.21 -25.89
N VAL D 331 0.84 -8.64 -27.07
CA VAL D 331 -0.19 -7.80 -27.69
C VAL D 331 -1.39 -8.63 -28.08
N GLN D 332 -1.17 -9.78 -28.73
CA GLN D 332 -2.28 -10.69 -29.04
C GLN D 332 -2.91 -11.25 -27.77
N LEU D 333 -2.09 -11.50 -26.74
CA LEU D 333 -2.63 -11.96 -25.46
C LEU D 333 -3.59 -10.94 -24.88
N ILE D 334 -3.23 -9.65 -24.96
CA ILE D 334 -4.07 -8.60 -24.38
C ILE D 334 -5.38 -8.47 -25.15
N LYS D 335 -5.33 -8.63 -26.47
CA LYS D 335 -6.56 -8.47 -27.26
C LYS D 335 -7.52 -9.63 -27.00
N ASN D 336 -7.02 -10.86 -26.93
CA ASN D 336 -7.89 -11.99 -26.66
C ASN D 336 -8.49 -11.90 -25.27
N ALA D 337 -7.71 -11.40 -24.31
CA ALA D 337 -8.20 -11.31 -22.94
C ALA D 337 -9.25 -10.21 -22.80
N TYR D 338 -9.11 -9.12 -23.55
CA TYR D 338 -10.15 -8.10 -23.55
C TYR D 338 -11.47 -8.66 -24.11
N ASN D 339 -11.38 -9.43 -25.19
CA ASN D 339 -12.57 -10.06 -25.76
C ASN D 339 -13.23 -10.97 -24.74
N LYS D 340 -12.44 -11.74 -24.01
CA LYS D 340 -12.99 -12.58 -22.96
C LYS D 340 -13.64 -11.73 -21.87
N LEU D 341 -13.00 -10.61 -21.51
CA LEU D 341 -13.53 -9.77 -20.44
C LEU D 341 -14.83 -9.09 -20.86
N SER D 342 -14.89 -8.61 -22.09
CA SER D 342 -16.03 -7.81 -22.52
CA SER D 342 -16.02 -7.81 -22.53
C SER D 342 -17.21 -8.66 -22.96
N SER D 343 -16.96 -9.88 -23.43
CA SER D 343 -18.06 -10.72 -23.84
C SER D 343 -18.73 -11.41 -22.67
N ARG D 344 -18.24 -11.20 -21.45
CA ARG D 344 -18.81 -11.79 -20.24
C ARG D 344 -19.39 -10.67 -19.39
N VAL D 345 -20.67 -10.78 -19.06
CA VAL D 345 -21.37 -9.72 -18.34
C VAL D 345 -21.98 -10.30 -17.09
N PHE D 346 -21.54 -9.84 -15.92
CA PHE D 346 -22.13 -10.20 -14.65
C PHE D 346 -22.98 -9.06 -14.13
N LEU D 347 -24.16 -9.40 -13.61
CA LEU D 347 -25.03 -8.44 -12.95
C LEU D 347 -25.16 -8.84 -11.48
N ASP D 348 -24.76 -7.95 -10.58
CA ASP D 348 -24.73 -8.25 -9.16
C ASP D 348 -25.14 -7.03 -8.36
N HIS D 349 -25.32 -7.21 -7.06
CA HIS D 349 -25.76 -6.16 -6.15
C HIS D 349 -24.77 -6.04 -4.99
N ASN D 350 -24.85 -4.91 -4.30
CA ASN D 350 -24.00 -4.64 -3.15
C ASN D 350 -24.42 -5.53 -1.97
N ALA D 351 -23.91 -5.22 -0.78
CA ALA D 351 -24.27 -5.98 0.41
C ALA D 351 -25.76 -5.80 0.72
N LEU D 352 -26.41 -6.89 1.12
CA LEU D 352 -27.83 -6.78 1.37
C LEU D 352 -28.16 -7.05 2.83
N PRO D 353 -29.11 -6.29 3.38
CA PRO D 353 -29.76 -6.70 4.63
C PRO D 353 -30.37 -8.09 4.45
N ASP D 354 -30.33 -8.89 5.52
CA ASP D 354 -30.79 -10.26 5.37
C ASP D 354 -32.31 -10.40 5.29
N THR D 355 -33.07 -9.30 5.37
CA THR D 355 -34.50 -9.36 5.16
C THR D 355 -34.90 -9.38 3.68
N LEU D 356 -33.94 -9.20 2.77
CA LEU D 356 -34.20 -9.19 1.34
C LEU D 356 -33.49 -10.36 0.67
N LYS D 357 -34.18 -11.02 -0.26
CA LYS D 357 -33.59 -12.03 -1.13
C LYS D 357 -33.68 -11.54 -2.56
N VAL D 358 -32.59 -11.62 -3.30
CA VAL D 358 -32.54 -11.18 -4.69
C VAL D 358 -32.08 -12.36 -5.55
N THR D 359 -32.79 -12.60 -6.64
CA THR D 359 -32.40 -13.61 -7.62
C THR D 359 -32.44 -13.00 -9.02
N TYR D 360 -31.72 -13.63 -9.92
CA TYR D 360 -31.60 -13.11 -11.28
C TYR D 360 -31.97 -14.19 -12.29
N ASP D 361 -32.73 -13.82 -13.31
CA ASP D 361 -32.82 -14.58 -14.53
C ASP D 361 -31.93 -13.92 -15.56
N SER D 362 -31.30 -14.72 -16.42
CA SER D 362 -30.41 -14.20 -17.45
C SER D 362 -30.91 -14.66 -18.82
N PHE D 363 -31.31 -13.70 -19.64
CA PHE D 363 -31.77 -13.96 -21.01
C PHE D 363 -30.70 -13.45 -21.95
N CYS D 364 -29.80 -14.33 -22.33
CA CYS D 364 -28.59 -14.01 -23.09
C CYS D 364 -28.82 -14.14 -24.59
N SER D 365 -28.08 -13.34 -25.36
CA SER D 365 -28.24 -13.32 -26.81
C SER D 365 -27.61 -14.53 -27.50
N ASN D 366 -26.79 -15.32 -26.79
CA ASN D 366 -26.22 -16.52 -27.38
C ASN D 366 -27.12 -17.74 -27.17
N GLY D 367 -28.42 -17.54 -26.96
CA GLY D 367 -29.34 -18.65 -26.83
C GLY D 367 -29.32 -19.40 -25.51
N VAL D 368 -28.70 -18.84 -24.48
CA VAL D 368 -28.64 -19.46 -23.16
C VAL D 368 -29.58 -18.72 -22.22
N THR D 369 -30.27 -19.45 -21.34
CA THR D 369 -31.14 -18.87 -20.34
C THR D 369 -30.87 -19.48 -18.98
N HIS D 370 -30.70 -18.64 -17.97
CA HIS D 370 -30.57 -19.04 -16.58
C HIS D 370 -31.70 -18.41 -15.77
N ARG D 371 -32.17 -19.13 -14.77
CA ARG D 371 -33.31 -18.69 -13.97
C ARG D 371 -33.03 -18.90 -12.49
N ASN D 372 -33.42 -17.90 -11.68
CA ASN D 372 -33.39 -17.98 -10.21
C ASN D 372 -31.97 -18.21 -9.69
N GLN D 373 -31.05 -17.44 -10.20
CA GLN D 373 -29.66 -17.56 -9.83
C GLN D 373 -29.26 -16.45 -8.87
N PRO D 374 -28.22 -16.65 -8.05
CA PRO D 374 -27.77 -15.57 -7.17
C PRO D 374 -27.14 -14.41 -7.90
N ARG D 375 -26.71 -14.60 -9.14
CA ARG D 375 -25.99 -13.57 -9.88
C ARG D 375 -26.40 -13.67 -11.35
N GLY D 376 -26.49 -12.52 -12.01
CA GLY D 376 -26.73 -12.52 -13.46
C GLY D 376 -25.45 -12.85 -14.21
N ASP D 377 -25.58 -13.67 -15.25
CA ASP D 377 -24.43 -14.24 -15.95
C ASP D 377 -24.80 -14.49 -17.40
N CYS D 378 -24.21 -13.70 -18.29
CA CYS D 378 -24.31 -13.88 -19.73
C CYS D 378 -22.92 -13.89 -20.34
N ASP D 379 -22.69 -14.82 -21.26
CA ASP D 379 -21.48 -14.89 -22.05
C ASP D 379 -21.83 -14.72 -23.53
N GLY D 380 -20.80 -14.53 -24.35
CA GLY D 380 -21.01 -14.24 -25.75
C GLY D 380 -21.76 -12.95 -25.98
N VAL D 381 -21.60 -11.97 -25.08
CA VAL D 381 -22.29 -10.69 -25.23
C VAL D 381 -21.62 -9.89 -26.33
N GLN D 382 -22.42 -9.36 -27.24
CA GLN D 382 -21.89 -8.70 -28.42
C GLN D 382 -22.25 -7.21 -28.40
N ILE D 383 -21.43 -6.43 -29.10
CA ILE D 383 -21.58 -4.98 -29.09
C ILE D 383 -22.94 -4.62 -29.67
N ASN D 384 -23.70 -3.83 -28.91
CA ASN D 384 -25.03 -3.36 -29.30
C ASN D 384 -25.98 -4.51 -29.61
N VAL D 385 -25.77 -5.65 -28.97
CA VAL D 385 -26.74 -6.74 -28.99
C VAL D 385 -27.28 -6.90 -27.57
N PRO D 386 -28.44 -6.33 -27.26
CA PRO D 386 -28.84 -6.23 -25.85
C PRO D 386 -29.27 -7.55 -25.24
N ILE D 387 -29.06 -7.66 -23.93
CA ILE D 387 -29.50 -8.80 -23.14
C ILE D 387 -30.41 -8.29 -22.03
N THR D 388 -31.08 -9.21 -21.36
CA THR D 388 -32.07 -8.88 -20.35
C THR D 388 -31.84 -9.71 -19.10
N PHE D 389 -31.92 -9.04 -17.95
CA PHE D 389 -31.88 -9.69 -16.64
C PHE D 389 -33.18 -9.40 -15.92
N GLN D 390 -33.88 -10.44 -15.49
CA GLN D 390 -35.07 -10.28 -14.67
C GLN D 390 -34.68 -10.41 -13.21
N VAL D 391 -34.85 -9.33 -12.45
CA VAL D 391 -34.49 -9.27 -11.04
C VAL D 391 -35.74 -9.49 -10.19
N LYS D 392 -35.64 -10.43 -9.25
CA LYS D 392 -36.73 -10.73 -8.33
C LYS D 392 -36.27 -10.43 -6.91
N VAL D 393 -37.10 -9.70 -6.17
CA VAL D 393 -36.80 -9.27 -4.81
C VAL D 393 -37.96 -9.66 -3.90
N THR D 394 -37.65 -10.38 -2.82
CA THR D 394 -38.63 -10.79 -1.82
C THR D 394 -38.20 -10.26 -0.46
N ALA D 395 -39.18 -9.82 0.33
CA ALA D 395 -38.96 -9.37 1.69
C ALA D 395 -39.56 -10.39 2.66
N THR D 396 -38.78 -10.75 3.68
CA THR D 396 -39.27 -11.69 4.68
C THR D 396 -40.13 -11.02 5.75
N GLU D 397 -40.02 -9.70 5.90
CA GLU D 397 -40.82 -8.97 6.86
C GLU D 397 -41.51 -7.80 6.18
N CYS D 398 -42.14 -6.98 7.00
CA CYS D 398 -42.57 -5.64 6.61
C CYS D 398 -41.40 -4.71 6.86
N ILE D 399 -40.64 -4.39 5.81
CA ILE D 399 -39.34 -3.75 5.97
C ILE D 399 -39.46 -2.24 5.90
N GLN D 400 -38.59 -1.55 6.64
CA GLN D 400 -38.54 -0.10 6.62
C GLN D 400 -37.87 0.38 5.32
N GLU D 401 -38.07 1.67 5.02
CA GLU D 401 -37.47 2.26 3.83
C GLU D 401 -35.97 1.98 3.76
N GLN D 402 -35.50 1.76 2.53
CA GLN D 402 -34.21 1.10 2.29
C GLN D 402 -33.81 1.30 0.84
N SER D 403 -32.60 0.87 0.49
CA SER D 403 -32.14 1.03 -0.89
C SER D 403 -30.89 0.19 -1.10
N PHE D 404 -30.72 -0.24 -2.35
CA PHE D 404 -29.53 -0.95 -2.78
C PHE D 404 -29.38 -0.78 -4.28
N VAL D 405 -28.14 -0.94 -4.77
CA VAL D 405 -27.82 -0.71 -6.17
C VAL D 405 -27.44 -2.01 -6.85
N ILE D 406 -27.80 -2.10 -8.13
CA ILE D 406 -27.44 -3.22 -9.00
C ILE D 406 -26.43 -2.71 -10.01
N ARG D 407 -25.35 -3.47 -10.21
CA ARG D 407 -24.23 -3.02 -11.03
CA ARG D 407 -24.22 -3.04 -11.00
C ARG D 407 -23.85 -4.13 -11.99
N ALA D 408 -23.37 -3.72 -13.16
CA ALA D 408 -22.76 -4.62 -14.13
C ALA D 408 -21.26 -4.58 -13.91
N LEU D 409 -20.70 -5.70 -13.46
CA LEU D 409 -19.30 -5.72 -13.04
C LEU D 409 -18.38 -5.27 -14.17
N GLY D 410 -17.37 -4.48 -13.82
CA GLY D 410 -16.49 -3.85 -14.77
C GLY D 410 -16.91 -2.47 -15.23
N PHE D 411 -18.05 -1.98 -14.74
CA PHE D 411 -18.54 -0.68 -15.13
C PHE D 411 -19.08 0.03 -13.90
N THR D 412 -19.15 1.36 -13.97
CA THR D 412 -19.63 2.19 -12.87
C THR D 412 -21.10 2.57 -13.00
N ASP D 413 -21.76 2.17 -14.08
CA ASP D 413 -23.20 2.41 -14.19
C ASP D 413 -23.94 1.58 -13.14
N ILE D 414 -24.98 2.18 -12.55
CA ILE D 414 -25.73 1.51 -11.49
C ILE D 414 -27.23 1.56 -11.79
N VAL D 415 -27.94 0.61 -11.20
CA VAL D 415 -29.40 0.57 -11.15
C VAL D 415 -29.78 0.75 -9.69
N THR D 416 -30.27 1.92 -9.32
CA THR D 416 -30.66 2.17 -7.94
C THR D 416 -32.05 1.59 -7.69
N VAL D 417 -32.14 0.67 -6.73
CA VAL D 417 -33.40 0.05 -6.35
C VAL D 417 -33.81 0.60 -4.99
N GLN D 418 -34.99 1.19 -4.94
CA GLN D 418 -35.58 1.74 -3.73
C GLN D 418 -36.63 0.77 -3.21
N VAL D 419 -36.40 0.23 -2.01
CA VAL D 419 -37.27 -0.79 -1.43
C VAL D 419 -38.22 -0.09 -0.46
N LEU D 420 -39.52 -0.31 -0.68
CA LEU D 420 -40.59 0.22 0.13
C LEU D 420 -41.52 -0.91 0.51
N PRO D 421 -42.13 -0.84 1.69
CA PRO D 421 -43.04 -1.88 2.14
C PRO D 421 -44.44 -1.73 1.56
N GLN D 422 -45.17 -2.83 1.63
CA GLN D 422 -46.61 -2.85 1.39
C GLN D 422 -47.24 -3.57 2.57
N CYS D 423 -47.34 -2.86 3.69
CA CYS D 423 -48.07 -3.33 4.85
C CYS D 423 -49.42 -2.64 4.99
N GLU D 424 -49.66 -1.59 4.22
CA GLU D 424 -50.91 -0.87 4.28
C GLU D 424 -51.84 -1.40 3.19
N CYS D 425 -53.02 -1.85 3.60
CA CYS D 425 -54.14 -1.93 2.68
C CYS D 425 -54.53 -0.52 2.29
N ARG D 426 -54.92 -0.33 1.03
CA ARG D 426 -55.39 0.96 0.54
C ARG D 426 -56.90 0.81 0.30
N CYS D 427 -57.66 1.08 1.34
CA CYS D 427 -59.05 0.67 1.39
C CYS D 427 -59.93 1.73 0.71
N ARG D 428 -61.23 1.67 0.99
CA ARG D 428 -62.23 2.38 0.21
C ARG D 428 -62.51 3.75 0.80
N ASP D 429 -62.91 4.68 -0.08
CA ASP D 429 -63.40 5.98 0.35
C ASP D 429 -64.63 5.82 1.23
N GLN D 430 -64.64 6.51 2.38
CA GLN D 430 -65.81 6.48 3.24
C GLN D 430 -66.98 7.28 2.66
N SER D 431 -66.78 7.97 1.53
CA SER D 431 -67.87 8.66 0.86
C SER D 431 -68.98 7.68 0.51
N ARG D 432 -70.20 8.20 0.37
CA ARG D 432 -71.43 7.43 0.19
C ARG D 432 -71.81 6.70 1.48
N ASP D 433 -70.87 6.60 2.42
CA ASP D 433 -71.13 5.98 3.72
C ASP D 433 -71.02 6.99 4.86
N ARG D 434 -70.87 8.28 4.55
CA ARG D 434 -70.88 9.27 5.60
C ARG D 434 -72.25 9.33 6.27
N SER D 435 -72.27 9.90 7.48
CA SER D 435 -73.08 9.60 8.66
C SER D 435 -72.35 8.58 9.48
N LEU D 436 -71.34 7.93 8.89
CA LEU D 436 -70.17 7.37 9.60
C LEU D 436 -70.65 6.34 10.63
N CYS D 437 -70.07 6.31 11.84
CA CYS D 437 -70.37 5.27 12.84
C CYS D 437 -71.31 5.75 13.94
N HIS D 438 -72.30 6.55 13.57
CA HIS D 438 -73.18 7.22 14.53
C HIS D 438 -72.36 7.95 15.60
N GLY D 439 -71.27 8.57 15.17
CA GLY D 439 -70.39 9.30 16.07
C GLY D 439 -69.33 10.04 15.29
N LYS D 440 -68.43 10.67 16.03
CA LYS D 440 -67.38 11.47 15.40
C LYS D 440 -66.27 10.63 14.79
N GLY D 441 -66.17 9.35 15.17
CA GLY D 441 -65.06 8.53 14.71
C GLY D 441 -65.07 8.35 13.20
N PHE D 442 -63.89 8.22 12.63
CA PHE D 442 -63.71 8.05 11.19
C PHE D 442 -63.50 6.58 10.85
N LEU D 443 -63.72 6.26 9.58
CA LEU D 443 -63.61 4.91 9.07
C LEU D 443 -62.25 4.67 8.42
N GLU D 444 -61.75 3.44 8.57
CA GLU D 444 -60.61 2.98 7.79
C GLU D 444 -60.81 1.49 7.53
N CYS D 445 -61.04 1.13 6.26
CA CYS D 445 -61.16 -0.26 5.81
C CYS D 445 -62.45 -0.90 6.32
N GLY D 446 -63.57 -0.18 6.21
CA GLY D 446 -64.85 -0.69 6.65
C GLY D 446 -64.97 -0.97 8.14
N ILE D 447 -63.92 -0.74 8.93
CA ILE D 447 -63.99 -0.88 10.38
C ILE D 447 -63.74 0.49 10.99
N CYS D 448 -64.62 0.92 11.89
CA CYS D 448 -64.48 2.25 12.49
C CYS D 448 -63.31 2.27 13.45
N ARG D 449 -62.32 3.12 13.18
CA ARG D 449 -61.26 3.42 14.13
C ARG D 449 -61.58 4.78 14.71
N CYS D 450 -62.44 4.80 15.74
CA CYS D 450 -62.94 6.04 16.31
C CYS D 450 -61.79 6.89 16.81
N ASP D 451 -61.94 8.21 16.68
CA ASP D 451 -60.99 9.13 17.29
C ASP D 451 -60.92 8.86 18.79
N THR D 452 -59.69 8.72 19.30
CA THR D 452 -59.38 8.19 20.62
C THR D 452 -60.42 8.55 21.69
N GLY D 453 -60.98 7.55 22.34
CA GLY D 453 -61.90 7.84 23.43
C GLY D 453 -63.36 7.63 23.11
N TYR D 454 -64.19 8.60 23.50
CA TYR D 454 -65.61 8.33 23.70
C TYR D 454 -65.68 7.01 24.47
N ILE D 455 -66.44 6.05 23.95
CA ILE D 455 -66.32 4.64 24.31
C ILE D 455 -66.81 3.84 23.11
N GLY D 456 -66.17 2.72 22.83
CA GLY D 456 -66.77 1.72 21.98
C GLY D 456 -65.99 1.49 20.69
N LYS D 457 -66.32 0.37 20.05
CA LYS D 457 -65.77 -0.01 18.75
C LYS D 457 -66.62 0.52 17.60
N ASN D 458 -67.94 0.61 17.79
CA ASN D 458 -68.85 1.13 16.79
C ASN D 458 -69.09 2.63 16.96
N CYS D 459 -68.33 3.28 17.84
CA CYS D 459 -68.53 4.69 18.24
C CYS D 459 -70.02 4.94 18.49
N TYR E 1 -28.46 -14.84 -45.27
CA TYR E 1 -29.22 -14.10 -44.26
C TYR E 1 -29.35 -14.92 -42.98
N ASN E 2 -28.97 -16.20 -43.06
CA ASN E 2 -29.20 -17.13 -41.97
C ASN E 2 -27.91 -17.63 -41.32
N LEU E 3 -26.80 -16.92 -41.48
CA LEU E 3 -25.58 -17.28 -40.76
C LEU E 3 -25.67 -16.77 -39.33
N ASP E 4 -25.45 -17.67 -38.37
CA ASP E 4 -25.69 -17.37 -36.96
C ASP E 4 -24.51 -16.58 -36.39
N VAL E 5 -24.61 -15.26 -36.50
CA VAL E 5 -23.53 -14.40 -35.99
C VAL E 5 -23.44 -14.50 -34.48
N ARG E 6 -24.58 -14.63 -33.79
CA ARG E 6 -24.56 -14.70 -32.34
C ARG E 6 -23.95 -16.00 -31.83
N GLY E 7 -23.86 -17.03 -32.66
CA GLY E 7 -23.18 -18.25 -32.27
C GLY E 7 -21.79 -18.38 -32.86
N ALA E 8 -21.20 -17.25 -33.26
CA ALA E 8 -19.86 -17.24 -33.84
C ALA E 8 -18.84 -17.79 -32.86
N ARG E 9 -18.00 -18.71 -33.32
CA ARG E 9 -16.91 -19.27 -32.54
C ARG E 9 -15.58 -18.70 -33.01
N SER E 10 -14.69 -18.42 -32.06
CA SER E 10 -13.42 -17.77 -32.31
C SER E 10 -12.27 -18.74 -32.09
N PHE E 11 -11.29 -18.72 -33.00
CA PHE E 11 -10.14 -19.61 -32.94
C PHE E 11 -8.85 -18.80 -33.05
N SER E 12 -7.92 -19.04 -32.12
CA SER E 12 -6.61 -18.41 -32.19
C SER E 12 -5.64 -19.06 -31.22
N PRO E 13 -4.43 -19.40 -31.69
CA PRO E 13 -3.40 -19.89 -30.76
C PRO E 13 -2.89 -18.77 -29.89
N PRO E 14 -2.44 -19.08 -28.67
CA PRO E 14 -1.97 -18.01 -27.78
C PRO E 14 -0.78 -17.26 -28.35
N ARG E 15 -0.12 -17.82 -29.35
CA ARG E 15 1.13 -17.29 -29.87
C ARG E 15 0.99 -16.80 -31.31
N ALA E 16 -0.23 -16.54 -31.77
CA ALA E 16 -0.44 -16.32 -33.19
C ALA E 16 0.12 -14.98 -33.66
N GLY E 17 0.58 -14.96 -34.91
CA GLY E 17 1.00 -13.72 -35.54
C GLY E 17 -0.17 -13.01 -36.20
N ARG E 18 0.07 -11.75 -36.60
CA ARG E 18 -1.01 -10.98 -37.21
C ARG E 18 -1.55 -11.63 -38.49
N HIS E 19 -0.77 -12.48 -39.14
CA HIS E 19 -1.23 -13.09 -40.38
C HIS E 19 -1.65 -14.54 -40.21
N PHE E 20 -1.81 -15.01 -38.97
CA PHE E 20 -2.64 -16.16 -38.73
C PHE E 20 -4.06 -15.82 -39.17
N GLY E 21 -4.62 -16.63 -40.06
CA GLY E 21 -5.88 -16.30 -40.69
C GLY E 21 -5.76 -15.70 -42.07
N TYR E 22 -4.53 -15.59 -42.60
CA TYR E 22 -4.38 -15.08 -43.96
C TYR E 22 -5.07 -15.99 -44.97
N ARG E 23 -5.10 -17.28 -44.68
CA ARG E 23 -5.80 -18.26 -45.49
C ARG E 23 -6.51 -19.23 -44.57
N VAL E 24 -7.75 -19.58 -44.91
CA VAL E 24 -8.52 -20.56 -44.16
C VAL E 24 -9.01 -21.61 -45.13
N LEU E 25 -9.01 -22.87 -44.68
CA LEU E 25 -9.39 -23.99 -45.53
C LEU E 25 -10.08 -25.04 -44.68
N GLN E 26 -11.30 -25.39 -45.05
CA GLN E 26 -12.08 -26.40 -44.33
C GLN E 26 -11.74 -27.78 -44.89
N VAL E 27 -11.15 -28.63 -44.05
CA VAL E 27 -10.82 -30.01 -44.39
C VAL E 27 -11.36 -30.89 -43.28
N GLY E 28 -12.52 -31.52 -43.50
CA GLY E 28 -13.09 -32.55 -42.64
C GLY E 28 -12.93 -32.38 -41.14
N ASN E 29 -13.90 -31.74 -40.48
CA ASN E 29 -13.89 -31.51 -39.04
C ASN E 29 -12.80 -30.53 -38.63
N GLY E 30 -11.79 -30.36 -39.47
CA GLY E 30 -10.76 -29.39 -39.23
C GLY E 30 -10.94 -28.16 -40.09
N VAL E 31 -10.35 -27.06 -39.63
CA VAL E 31 -10.07 -25.90 -40.46
C VAL E 31 -8.57 -25.74 -40.49
N ILE E 32 -7.98 -25.86 -41.68
CA ILE E 32 -6.57 -25.55 -41.86
C ILE E 32 -6.43 -24.04 -41.96
N VAL E 33 -5.47 -23.48 -41.21
CA VAL E 33 -5.22 -22.04 -41.20
C VAL E 33 -3.79 -21.79 -41.63
N GLY E 34 -3.62 -20.89 -42.61
CA GLY E 34 -2.30 -20.46 -43.02
C GLY E 34 -1.89 -19.23 -42.23
N ALA E 35 -0.65 -19.22 -41.76
CA ALA E 35 -0.14 -18.16 -40.90
C ALA E 35 1.25 -17.76 -41.37
N PRO E 36 1.34 -16.90 -42.38
CA PRO E 36 2.66 -16.39 -42.78
C PRO E 36 3.29 -15.59 -41.66
N GLY E 37 4.63 -15.61 -41.61
CA GLY E 37 5.33 -14.97 -40.52
C GLY E 37 5.58 -13.51 -40.80
N GLU E 38 5.44 -12.68 -39.76
CA GLU E 38 5.84 -11.28 -39.85
C GLU E 38 7.31 -11.14 -39.48
N GLY E 39 7.93 -10.10 -40.02
CA GLY E 39 9.32 -9.82 -39.67
C GLY E 39 10.23 -10.97 -40.05
N ASN E 40 10.96 -11.48 -39.06
CA ASN E 40 11.90 -12.58 -39.25
C ASN E 40 11.31 -13.93 -38.85
N SER E 41 10.07 -13.97 -38.40
CA SER E 41 9.41 -15.24 -38.09
C SER E 41 9.22 -16.05 -39.37
N THR E 42 9.05 -17.35 -39.22
CA THR E 42 8.75 -18.21 -40.36
C THR E 42 7.27 -18.56 -40.33
N GLY E 43 6.73 -18.88 -41.49
CA GLY E 43 5.33 -19.19 -41.59
C GLY E 43 4.99 -20.52 -40.93
N SER E 44 3.70 -20.80 -40.91
CA SER E 44 3.19 -22.03 -40.34
C SER E 44 1.83 -22.34 -40.93
N LEU E 45 1.49 -23.63 -40.94
CA LEU E 45 0.12 -24.09 -41.10
C LEU E 45 -0.39 -24.57 -39.75
N TYR E 46 -1.65 -24.25 -39.45
CA TYR E 46 -2.27 -24.67 -38.20
C TYR E 46 -3.44 -25.59 -38.50
N GLN E 47 -3.61 -26.58 -37.63
CA GLN E 47 -4.78 -27.45 -37.65
C GLN E 47 -5.68 -27.01 -36.51
N CYS E 48 -6.85 -26.47 -36.84
CA CYS E 48 -7.81 -25.96 -35.86
C CYS E 48 -8.95 -26.98 -35.75
N GLN E 49 -8.91 -27.81 -34.71
CA GLN E 49 -9.90 -28.87 -34.54
C GLN E 49 -11.21 -28.30 -34.01
N SER E 50 -12.33 -28.79 -34.57
CA SER E 50 -13.63 -28.20 -34.33
C SER E 50 -14.27 -28.63 -33.01
N GLY E 51 -13.89 -29.79 -32.47
CA GLY E 51 -14.41 -30.21 -31.18
C GLY E 51 -13.58 -29.64 -30.04
N THR E 52 -12.26 -29.71 -30.19
CA THR E 52 -11.37 -29.20 -29.15
C THR E 52 -11.36 -27.67 -29.11
N GLY E 53 -11.61 -27.00 -30.24
CA GLY E 53 -11.52 -25.56 -30.31
C GLY E 53 -10.12 -25.00 -30.21
N HIS E 54 -9.09 -25.82 -30.36
CA HIS E 54 -7.69 -25.42 -30.31
C HIS E 54 -7.04 -25.57 -31.69
N CYS E 55 -5.98 -24.80 -31.90
CA CYS E 55 -5.23 -24.81 -33.14
C CYS E 55 -3.80 -25.23 -32.84
N LEU E 56 -3.31 -26.24 -33.56
CA LEU E 56 -1.98 -26.78 -33.37
C LEU E 56 -1.16 -26.57 -34.62
N PRO E 57 0.11 -26.22 -34.50
CA PRO E 57 0.96 -26.09 -35.69
C PRO E 57 1.24 -27.46 -36.31
N VAL E 58 1.44 -27.45 -37.62
CA VAL E 58 1.67 -28.66 -38.40
C VAL E 58 3.15 -28.75 -38.73
N THR E 59 3.73 -29.93 -38.50
CA THR E 59 5.13 -30.18 -38.83
C THR E 59 5.21 -30.93 -40.15
N LEU E 60 5.80 -30.29 -41.16
CA LEU E 60 6.03 -30.92 -42.45
C LEU E 60 7.18 -31.91 -42.32
N ARG E 61 6.95 -33.18 -42.68
CA ARG E 61 7.89 -34.23 -42.33
C ARG E 61 9.17 -34.17 -43.17
N GLY E 62 9.06 -34.12 -44.49
CA GLY E 62 10.28 -34.15 -45.28
C GLY E 62 10.90 -32.79 -45.56
N SER E 63 10.46 -31.73 -44.88
CA SER E 63 10.79 -30.37 -45.29
C SER E 63 12.17 -29.96 -44.78
N ASN E 64 13.02 -29.46 -45.70
CA ASN E 64 14.32 -28.93 -45.32
C ASN E 64 14.30 -27.43 -45.09
N TYR E 65 13.25 -26.75 -45.55
CA TYR E 65 13.25 -25.30 -45.68
C TYR E 65 11.86 -24.77 -45.37
N THR E 66 11.78 -23.76 -44.52
CA THR E 66 10.53 -23.06 -44.27
C THR E 66 10.82 -21.57 -44.16
N SER E 67 10.16 -20.77 -44.99
CA SER E 67 10.35 -19.32 -44.99
C SER E 67 9.16 -18.65 -44.32
N LYS E 68 9.22 -17.32 -44.25
CA LYS E 68 8.09 -16.55 -43.72
C LYS E 68 6.85 -16.65 -44.60
N TYR E 69 6.99 -17.14 -45.83
CA TYR E 69 5.86 -17.20 -46.74
C TYR E 69 4.91 -18.35 -46.46
N LEU E 70 5.35 -19.39 -45.76
CA LEU E 70 4.52 -20.57 -45.57
C LEU E 70 3.20 -20.19 -44.92
N GLY E 71 2.10 -20.66 -45.50
CA GLY E 71 0.78 -20.28 -45.08
C GLY E 71 0.09 -19.29 -45.99
N MET E 72 0.80 -18.82 -47.02
CA MET E 72 0.26 -17.84 -47.96
C MET E 72 -0.60 -18.49 -49.05
N THR E 73 -0.30 -19.74 -49.41
CA THR E 73 -1.00 -20.44 -50.46
C THR E 73 -1.56 -21.75 -49.90
N LEU E 74 -2.88 -21.87 -49.89
CA LEU E 74 -3.56 -23.02 -49.32
C LEU E 74 -4.76 -23.34 -50.21
N ALA E 75 -4.81 -24.56 -50.73
CA ALA E 75 -5.90 -24.95 -51.62
C ALA E 75 -6.22 -26.41 -51.43
N THR E 76 -7.47 -26.77 -51.67
CA THR E 76 -7.89 -28.16 -51.61
C THR E 76 -8.66 -28.52 -52.87
N ASP E 77 -8.56 -29.79 -53.28
CA ASP E 77 -9.30 -30.29 -54.42
C ASP E 77 -10.66 -30.79 -53.98
N PRO E 78 -11.76 -30.16 -54.40
CA PRO E 78 -13.08 -30.64 -53.97
C PRO E 78 -13.42 -32.04 -54.44
N THR E 79 -12.74 -32.54 -55.47
CA THR E 79 -13.12 -33.83 -56.04
C THR E 79 -12.51 -35.01 -55.29
N ASP E 80 -11.28 -34.87 -54.79
CA ASP E 80 -10.59 -35.97 -54.10
C ASP E 80 -10.06 -35.63 -52.72
N GLY E 81 -10.22 -34.39 -52.24
CA GLY E 81 -9.80 -34.03 -50.91
C GLY E 81 -8.33 -33.72 -50.72
N SER E 82 -7.54 -33.71 -51.79
CA SER E 82 -6.12 -33.38 -51.66
C SER E 82 -5.95 -31.95 -51.16
N ILE E 83 -4.82 -31.71 -50.48
CA ILE E 83 -4.48 -30.40 -49.94
C ILE E 83 -3.13 -29.99 -50.52
N LEU E 84 -3.06 -28.77 -51.05
CA LEU E 84 -1.80 -28.22 -51.56
C LEU E 84 -1.44 -26.98 -50.75
N ALA E 85 -0.26 -27.00 -50.15
CA ALA E 85 0.29 -25.83 -49.47
C ALA E 85 1.62 -25.50 -50.12
N CYS E 86 1.82 -24.21 -50.43
CA CYS E 86 3.04 -23.78 -51.12
C CYS E 86 3.77 -22.73 -50.29
N ASP E 87 5.10 -22.74 -50.41
CA ASP E 87 5.99 -21.81 -49.73
C ASP E 87 6.75 -21.03 -50.80
N PRO E 88 6.24 -19.87 -51.24
CA PRO E 88 6.91 -19.14 -52.33
C PRO E 88 8.09 -18.29 -51.86
N GLY E 89 8.84 -18.79 -50.89
CA GLY E 89 9.94 -18.02 -50.36
C GLY E 89 11.25 -18.76 -50.34
N LEU E 90 11.44 -19.68 -51.28
CA LEU E 90 12.69 -20.43 -51.41
C LEU E 90 13.69 -19.56 -52.18
N SER E 91 14.52 -18.82 -51.44
CA SER E 91 15.50 -17.93 -52.02
C SER E 91 16.91 -18.50 -51.86
N ARG E 92 17.75 -18.21 -52.84
CA ARG E 92 19.07 -18.80 -52.92
C ARG E 92 19.91 -17.88 -53.79
N THR E 93 21.23 -17.93 -53.59
CA THR E 93 22.12 -17.07 -54.35
C THR E 93 22.82 -17.87 -55.45
N CYS E 94 23.07 -17.19 -56.56
CA CYS E 94 23.84 -17.73 -57.68
C CYS E 94 24.74 -16.61 -58.18
N ASP E 95 26.04 -16.74 -57.89
CA ASP E 95 27.00 -15.64 -58.03
C ASP E 95 26.47 -14.50 -57.19
N GLN E 96 26.29 -13.29 -57.74
CA GLN E 96 25.75 -12.18 -56.96
C GLN E 96 24.24 -12.01 -57.11
N ASN E 97 23.60 -12.83 -57.92
CA ASN E 97 22.16 -12.75 -58.09
C ASN E 97 21.45 -13.58 -57.03
N THR E 98 20.19 -13.20 -56.76
CA THR E 98 19.36 -13.95 -55.85
C THR E 98 18.12 -14.44 -56.58
N TYR E 99 17.82 -15.72 -56.44
CA TYR E 99 16.66 -16.35 -57.05
C TYR E 99 15.55 -16.49 -56.02
N LEU E 100 14.30 -16.49 -56.51
CA LEU E 100 13.15 -16.64 -55.64
C LEU E 100 12.09 -17.47 -56.35
N SER E 101 11.82 -18.67 -55.85
CA SER E 101 10.74 -19.51 -56.39
C SER E 101 10.08 -20.25 -55.24
N GLY E 102 9.16 -21.15 -55.56
CA GLY E 102 8.43 -21.81 -54.49
C GLY E 102 8.73 -23.29 -54.27
N LEU E 103 8.25 -23.76 -53.14
CA LEU E 103 8.29 -25.17 -52.76
C LEU E 103 6.89 -25.56 -52.30
N CYS E 104 6.32 -26.58 -52.93
CA CYS E 104 4.92 -26.92 -52.71
C CYS E 104 4.77 -28.31 -52.08
N TYR E 105 3.75 -28.46 -51.23
CA TYR E 105 3.48 -29.68 -50.50
C TYR E 105 2.08 -30.18 -50.85
N LEU E 106 1.99 -31.43 -51.29
CA LEU E 106 0.72 -32.06 -51.60
C LEU E 106 0.41 -33.13 -50.56
N PHE E 107 -0.73 -33.02 -49.92
CA PHE E 107 -1.24 -34.00 -48.97
C PHE E 107 -2.40 -34.73 -49.63
N ARG E 108 -2.15 -35.94 -50.12
CA ARG E 108 -3.18 -36.66 -50.85
C ARG E 108 -4.35 -37.04 -49.94
N GLN E 109 -4.07 -37.40 -48.70
CA GLN E 109 -5.09 -37.87 -47.77
C GLN E 109 -5.44 -36.83 -46.71
N ASN E 110 -4.47 -36.39 -45.92
CA ASN E 110 -4.68 -35.41 -44.86
C ASN E 110 -3.31 -34.95 -44.38
N LEU E 111 -3.31 -33.99 -43.45
CA LEU E 111 -2.05 -33.40 -43.00
C LEU E 111 -1.16 -34.40 -42.29
N GLN E 112 -1.74 -35.41 -41.66
CA GLN E 112 -0.95 -36.44 -40.98
C GLN E 112 -0.52 -37.56 -41.91
N GLY E 113 -0.88 -37.50 -43.19
CA GLY E 113 -0.60 -38.57 -44.11
C GLY E 113 0.68 -38.37 -44.88
N PRO E 114 0.90 -39.22 -45.89
CA PRO E 114 2.08 -39.05 -46.74
C PRO E 114 2.07 -37.71 -47.43
N MET E 115 3.24 -37.08 -47.48
CA MET E 115 3.40 -35.75 -48.06
C MET E 115 4.35 -35.80 -49.25
N LEU E 116 3.90 -35.30 -50.39
CA LEU E 116 4.76 -35.09 -51.54
C LEU E 116 5.21 -33.64 -51.57
N GLN E 117 6.42 -33.41 -52.07
CA GLN E 117 6.90 -32.06 -52.23
C GLN E 117 7.64 -31.94 -53.55
N GLY E 118 7.64 -30.72 -54.09
CA GLY E 118 8.32 -30.42 -55.34
C GLY E 118 8.63 -28.95 -55.37
N ARG E 119 9.40 -28.56 -56.39
CA ARG E 119 9.84 -27.18 -56.57
C ARG E 119 9.41 -26.71 -57.96
N PRO E 120 8.18 -26.18 -58.09
CA PRO E 120 7.71 -25.77 -59.42
C PRO E 120 8.50 -24.59 -59.94
N GLY E 121 8.80 -24.62 -61.24
CA GLY E 121 9.54 -23.53 -61.85
C GLY E 121 10.85 -23.22 -61.17
N PHE E 122 11.53 -24.25 -60.67
CA PHE E 122 12.82 -24.05 -60.01
C PHE E 122 13.93 -23.95 -61.06
N GLN E 123 14.73 -22.90 -60.96
CA GLN E 123 15.87 -22.70 -61.84
C GLN E 123 17.14 -23.07 -61.07
N GLU E 124 17.93 -23.98 -61.64
CA GLU E 124 19.19 -24.34 -61.02
C GLU E 124 20.22 -23.24 -61.22
N CYS E 125 21.22 -23.21 -60.34
CA CYS E 125 22.25 -22.20 -60.37
C CYS E 125 23.35 -22.60 -61.35
N ILE E 126 23.51 -21.80 -62.40
CA ILE E 126 24.61 -21.94 -63.35
C ILE E 126 25.48 -20.70 -63.18
N LYS E 127 26.60 -20.86 -62.47
CA LYS E 127 27.48 -19.73 -62.21
C LYS E 127 28.14 -19.27 -63.51
N GLY E 128 28.93 -18.20 -63.41
CA GLY E 128 29.74 -17.78 -64.55
C GLY E 128 30.79 -18.80 -64.92
N ASN E 129 31.40 -19.45 -63.92
CA ASN E 129 32.39 -20.49 -64.16
C ASN E 129 31.68 -21.85 -64.24
N VAL E 130 31.80 -22.50 -65.39
CA VAL E 130 31.11 -23.77 -65.63
C VAL E 130 32.12 -24.78 -66.16
N ASP E 131 32.27 -25.91 -65.46
CA ASP E 131 32.98 -27.07 -65.98
C ASP E 131 31.94 -27.99 -66.63
N LEU E 132 31.93 -28.03 -67.97
CA LEU E 132 30.94 -28.80 -68.70
C LEU E 132 31.59 -30.01 -69.36
N VAL E 133 30.94 -31.17 -69.21
CA VAL E 133 31.43 -32.42 -69.77
C VAL E 133 30.42 -32.91 -70.79
N PHE E 134 30.86 -33.12 -72.03
CA PHE E 134 30.06 -33.85 -73.00
C PHE E 134 30.28 -35.34 -72.78
N LEU E 135 29.20 -36.07 -72.52
CA LEU E 135 29.25 -37.53 -72.43
C LEU E 135 28.41 -38.06 -73.58
N PHE E 136 29.07 -38.51 -74.65
CA PHE E 136 28.37 -38.82 -75.90
C PHE E 136 28.41 -40.30 -76.24
N ASP E 137 27.29 -40.80 -76.73
CA ASP E 137 27.10 -42.20 -77.05
C ASP E 137 27.95 -42.60 -78.26
N GLY E 138 28.58 -43.76 -78.16
CA GLY E 138 29.36 -44.28 -79.27
C GLY E 138 28.96 -45.70 -79.62
N SER E 139 27.69 -46.03 -79.41
CA SER E 139 27.22 -47.40 -79.52
C SER E 139 27.24 -47.88 -80.96
N MET E 140 27.01 -49.19 -81.11
CA MET E 140 26.98 -49.88 -82.40
C MET E 140 25.86 -49.39 -83.32
N SER E 141 24.83 -48.73 -82.78
CA SER E 141 23.67 -48.33 -83.56
C SER E 141 23.91 -47.14 -84.47
N LEU E 142 24.91 -46.32 -84.16
CA LEU E 142 25.10 -45.05 -84.84
C LEU E 142 25.73 -45.27 -86.21
N GLN E 143 25.12 -44.67 -87.23
CA GLN E 143 25.77 -44.54 -88.53
C GLN E 143 26.95 -43.57 -88.42
N PRO E 144 27.97 -43.73 -89.27
CA PRO E 144 29.09 -42.78 -89.25
C PRO E 144 28.64 -41.33 -89.34
N ASP E 145 27.70 -41.07 -90.25
CA ASP E 145 27.12 -39.74 -90.37
C ASP E 145 26.48 -39.29 -89.06
N GLU E 146 25.80 -40.19 -88.37
CA GLU E 146 25.13 -39.81 -87.13
C GLU E 146 26.14 -39.57 -86.02
N PHE E 147 27.17 -40.42 -85.92
CA PHE E 147 28.23 -40.20 -84.94
C PHE E 147 28.93 -38.88 -85.20
N GLN E 148 29.13 -38.53 -86.47
CA GLN E 148 29.79 -37.27 -86.81
C GLN E 148 28.94 -36.07 -86.39
N LYS E 149 27.62 -36.16 -86.57
CA LYS E 149 26.76 -35.04 -86.20
C LYS E 149 26.74 -34.82 -84.70
N ILE E 150 26.92 -35.89 -83.92
CA ILE E 150 27.07 -35.72 -82.48
C ILE E 150 28.35 -34.95 -82.17
N LEU E 151 29.46 -35.34 -82.80
CA LEU E 151 30.71 -34.61 -82.62
C LEU E 151 30.59 -33.18 -83.10
N ASP E 152 29.96 -32.98 -84.26
CA ASP E 152 29.74 -31.62 -84.76
C ASP E 152 28.93 -30.79 -83.78
N PHE E 153 27.98 -31.42 -83.08
CA PHE E 153 27.21 -30.71 -82.07
C PHE E 153 28.11 -30.20 -80.96
N MET E 154 29.03 -31.04 -80.49
CA MET E 154 29.90 -30.65 -79.39
C MET E 154 30.83 -29.53 -79.80
N LYS E 155 31.35 -29.58 -81.02
CA LYS E 155 32.21 -28.50 -81.52
C LYS E 155 31.47 -27.18 -81.60
N ASP E 156 30.22 -27.20 -82.07
CA ASP E 156 29.48 -25.96 -82.23
C ASP E 156 29.16 -25.34 -80.87
N VAL E 157 28.86 -26.18 -79.87
CA VAL E 157 28.64 -25.67 -78.52
C VAL E 157 29.91 -25.04 -77.98
N MET E 158 31.05 -25.73 -78.16
CA MET E 158 32.32 -25.19 -77.69
C MET E 158 32.70 -23.92 -78.45
N LYS E 159 32.41 -23.88 -79.76
CA LYS E 159 32.71 -22.68 -80.53
C LYS E 159 31.81 -21.52 -80.13
N LYS E 160 30.52 -21.79 -79.93
CA LYS E 160 29.60 -20.73 -79.52
C LYS E 160 29.92 -20.25 -78.11
N LEU E 161 30.48 -21.13 -77.28
CA LEU E 161 30.79 -20.81 -75.90
C LEU E 161 32.26 -20.55 -75.66
N SER E 162 33.08 -20.57 -76.71
CA SER E 162 34.41 -19.99 -76.59
C SER E 162 34.25 -18.52 -76.24
N ASN E 163 35.26 -17.97 -75.57
CA ASN E 163 35.28 -16.65 -74.95
C ASN E 163 34.25 -16.49 -73.84
N THR E 164 33.79 -17.59 -73.26
CA THR E 164 33.12 -17.59 -71.97
C THR E 164 34.06 -18.16 -70.92
N SER E 165 33.63 -18.12 -69.66
CA SER E 165 34.37 -18.78 -68.60
C SER E 165 34.09 -20.29 -68.55
N TYR E 166 33.50 -20.84 -69.61
CA TYR E 166 33.28 -22.28 -69.68
C TYR E 166 34.59 -23.00 -69.96
N GLN E 167 34.79 -24.13 -69.28
CA GLN E 167 35.81 -25.08 -69.65
C GLN E 167 35.12 -26.41 -69.97
N PHE E 168 35.72 -27.17 -70.88
CA PHE E 168 35.03 -28.32 -71.46
C PHE E 168 35.85 -29.60 -71.32
N ALA E 169 35.16 -30.71 -71.07
CA ALA E 169 35.71 -32.05 -71.20
C ALA E 169 34.77 -32.90 -72.04
N ALA E 170 35.32 -33.95 -72.65
CA ALA E 170 34.49 -34.84 -73.46
C ALA E 170 34.83 -36.29 -73.18
N VAL E 171 33.80 -37.12 -73.00
CA VAL E 171 33.96 -38.54 -72.70
C VAL E 171 33.03 -39.32 -73.63
N GLN E 172 33.62 -40.22 -74.42
CA GLN E 172 32.84 -41.18 -75.20
C GLN E 172 32.58 -42.41 -74.34
N PHE E 173 31.36 -42.94 -74.44
CA PHE E 173 31.02 -44.16 -73.72
C PHE E 173 30.27 -45.10 -74.65
N SER E 174 30.44 -46.40 -74.40
CA SER E 174 29.73 -47.44 -75.15
C SER E 174 29.60 -48.65 -74.25
N THR E 175 30.55 -49.57 -74.34
CA THR E 175 30.73 -50.55 -73.28
C THR E 175 31.66 -50.01 -72.20
N SER E 176 32.76 -49.40 -72.61
CA SER E 176 33.73 -48.76 -71.74
C SER E 176 33.63 -47.25 -71.90
N TYR E 177 34.46 -46.53 -71.14
CA TYR E 177 34.45 -45.07 -71.12
C TYR E 177 35.87 -44.58 -71.36
N LYS E 178 36.00 -43.60 -72.26
CA LYS E 178 37.29 -42.98 -72.57
C LYS E 178 37.14 -41.47 -72.54
N THR E 179 38.06 -40.81 -71.84
CA THR E 179 38.10 -39.35 -71.81
C THR E 179 38.83 -38.86 -73.06
N GLU E 180 38.10 -38.28 -74.00
CA GLU E 180 38.75 -37.87 -75.25
C GLU E 180 39.60 -36.62 -75.07
N PHE E 181 39.20 -35.73 -74.16
CA PHE E 181 40.08 -34.66 -73.72
C PHE E 181 39.59 -34.16 -72.37
N ASP E 182 40.53 -33.83 -71.49
CA ASP E 182 40.26 -33.30 -70.16
C ASP E 182 40.11 -31.78 -70.21
N PHE E 183 39.74 -31.20 -69.07
CA PHE E 183 39.58 -29.76 -68.99
C PHE E 183 40.88 -29.03 -69.29
N SER E 184 41.99 -29.50 -68.71
CA SER E 184 43.26 -28.83 -68.95
C SER E 184 43.68 -28.93 -70.41
N ASP E 185 43.30 -30.01 -71.10
CA ASP E 185 43.52 -30.10 -72.54
C ASP E 185 42.79 -28.97 -73.26
N TYR E 186 41.59 -28.61 -72.80
CA TYR E 186 40.84 -27.53 -73.41
C TYR E 186 41.51 -26.17 -73.18
N VAL E 187 42.07 -25.96 -71.98
CA VAL E 187 42.74 -24.69 -71.70
C VAL E 187 44.02 -24.57 -72.53
N LYS E 188 44.74 -25.68 -72.70
CA LYS E 188 45.97 -25.64 -73.50
C LYS E 188 45.66 -25.28 -74.95
N TRP E 189 44.68 -25.93 -75.56
CA TRP E 189 44.49 -25.85 -77.00
C TRP E 189 43.28 -25.00 -77.39
N LYS E 190 42.13 -25.24 -76.78
CA LYS E 190 40.91 -24.48 -77.06
C LYS E 190 40.51 -24.53 -78.53
N ASP E 191 40.76 -25.66 -79.18
CA ASP E 191 40.38 -25.83 -80.58
C ASP E 191 39.51 -27.08 -80.67
N PRO E 192 38.19 -26.94 -80.86
CA PRO E 192 37.35 -28.15 -80.88
C PRO E 192 37.76 -29.14 -81.95
N ASP E 193 38.06 -28.68 -83.17
CA ASP E 193 38.50 -29.58 -84.22
C ASP E 193 39.74 -30.37 -83.78
N ALA E 194 40.66 -29.71 -83.08
CA ALA E 194 41.87 -30.40 -82.67
C ALA E 194 41.61 -31.35 -81.50
N LEU E 195 40.71 -30.96 -80.59
CA LEU E 195 40.49 -31.73 -79.37
C LEU E 195 39.75 -33.04 -79.67
N LEU E 196 38.84 -33.02 -80.63
CA LEU E 196 38.10 -34.20 -81.04
C LEU E 196 38.69 -34.86 -82.27
N LYS E 197 39.84 -34.38 -82.74
CA LYS E 197 40.44 -34.87 -83.98
C LYS E 197 40.73 -36.37 -83.93
N HIS E 198 41.03 -36.90 -82.74
CA HIS E 198 41.56 -38.24 -82.59
C HIS E 198 40.50 -39.27 -82.18
N VAL E 199 39.22 -38.87 -82.17
CA VAL E 199 38.16 -39.74 -81.64
C VAL E 199 37.89 -40.90 -82.60
N LYS E 200 37.74 -42.10 -82.05
CA LYS E 200 37.43 -43.30 -82.80
C LYS E 200 36.15 -43.93 -82.28
N HIS E 201 35.25 -44.29 -83.18
CA HIS E 201 33.91 -44.77 -82.83
C HIS E 201 34.00 -46.16 -82.20
N MET E 202 33.53 -46.27 -80.96
CA MET E 202 33.71 -47.49 -80.19
C MET E 202 32.90 -48.65 -80.78
N LEU E 203 31.66 -48.37 -81.19
CA LEU E 203 30.80 -49.36 -81.86
C LEU E 203 30.50 -50.56 -80.96
N LEU E 204 30.03 -50.28 -79.74
CA LEU E 204 29.65 -51.34 -78.82
C LEU E 204 28.31 -51.06 -78.16
N LEU E 205 28.21 -51.30 -76.85
CA LEU E 205 26.93 -51.21 -76.15
C LEU E 205 26.63 -49.79 -75.69
N THR E 206 25.83 -49.64 -74.62
CA THR E 206 25.39 -48.30 -74.17
C THR E 206 25.27 -48.33 -72.64
N ASN E 207 26.40 -48.16 -71.95
CA ASN E 207 26.43 -48.31 -70.49
C ASN E 207 26.39 -46.93 -69.85
N THR E 208 25.19 -46.35 -69.81
CA THR E 208 25.00 -44.99 -69.30
C THR E 208 25.27 -44.89 -67.81
N PHE E 209 24.77 -45.84 -67.02
CA PHE E 209 24.99 -45.79 -65.57
C PHE E 209 26.48 -45.74 -65.25
N GLY E 210 27.27 -46.63 -65.84
CA GLY E 210 28.70 -46.65 -65.55
C GLY E 210 29.40 -45.43 -66.11
N ALA E 211 28.93 -44.92 -67.25
CA ALA E 211 29.55 -43.75 -67.86
C ALA E 211 29.38 -42.52 -66.97
N ILE E 212 28.17 -42.33 -66.44
CA ILE E 212 27.92 -41.18 -65.56
C ILE E 212 28.74 -41.28 -64.29
N ASN E 213 28.80 -42.48 -63.69
CA ASN E 213 29.69 -42.67 -62.55
C ASN E 213 31.14 -42.45 -62.92
N TYR E 214 31.51 -42.77 -64.17
CA TYR E 214 32.88 -42.51 -64.60
C TYR E 214 33.17 -41.02 -64.66
N VAL E 215 32.22 -40.24 -65.17
CA VAL E 215 32.40 -38.80 -65.23
C VAL E 215 32.48 -38.22 -63.81
N ALA E 216 31.64 -38.72 -62.91
CA ALA E 216 31.60 -38.16 -61.57
C ALA E 216 32.91 -38.35 -60.83
N THR E 217 33.57 -39.50 -61.03
CA THR E 217 34.75 -39.82 -60.24
C THR E 217 36.06 -39.62 -60.98
N GLU E 218 36.05 -39.64 -62.31
CA GLU E 218 37.28 -39.69 -63.08
C GLU E 218 37.52 -38.49 -63.98
N VAL E 219 36.53 -37.61 -64.18
CA VAL E 219 36.66 -36.47 -65.08
C VAL E 219 36.69 -35.15 -64.32
N PHE E 220 35.76 -34.97 -63.37
CA PHE E 220 35.77 -33.78 -62.52
C PHE E 220 36.84 -33.95 -61.44
N ARG E 221 38.09 -33.68 -61.83
CA ARG E 221 39.24 -33.80 -60.95
C ARG E 221 40.11 -32.56 -61.06
N GLU E 222 40.53 -32.02 -59.90
CA GLU E 222 41.29 -30.78 -59.88
C GLU E 222 42.63 -30.91 -60.60
N GLU E 223 43.23 -32.10 -60.59
CA GLU E 223 44.50 -32.29 -61.27
C GLU E 223 44.35 -32.48 -62.76
N LEU E 224 43.14 -32.78 -63.23
CA LEU E 224 42.85 -32.85 -64.66
C LEU E 224 42.33 -31.54 -65.21
N GLY E 225 42.31 -30.48 -64.40
CA GLY E 225 41.88 -29.16 -64.86
C GLY E 225 40.58 -28.65 -64.28
N ALA E 226 39.85 -29.47 -63.53
CA ALA E 226 38.56 -29.04 -63.00
C ALA E 226 38.73 -27.97 -61.92
N ARG E 227 37.75 -27.08 -61.86
CA ARG E 227 37.75 -25.96 -60.92
C ARG E 227 36.78 -26.21 -59.80
N PRO E 228 37.20 -26.11 -58.53
CA PRO E 228 36.26 -26.39 -57.43
C PRO E 228 35.15 -25.36 -57.28
N ASP E 229 35.38 -24.11 -57.69
CA ASP E 229 34.37 -23.08 -57.53
C ASP E 229 33.33 -23.08 -58.65
N ALA E 230 33.55 -23.81 -59.74
CA ALA E 230 32.69 -23.73 -60.90
C ALA E 230 31.50 -24.69 -60.78
N THR E 231 30.46 -24.40 -61.55
CA THR E 231 29.29 -25.25 -61.61
C THR E 231 29.57 -26.46 -62.50
N LYS E 232 29.19 -27.64 -62.02
CA LYS E 232 29.43 -28.88 -62.75
C LYS E 232 28.21 -29.21 -63.60
N VAL E 233 28.39 -29.25 -64.91
CA VAL E 233 27.31 -29.55 -65.84
C VAL E 233 27.72 -30.72 -66.72
N LEU E 234 26.77 -31.59 -67.02
CA LEU E 234 26.99 -32.79 -67.82
C LEU E 234 25.94 -32.83 -68.90
N ILE E 235 26.36 -32.93 -70.15
CA ILE E 235 25.46 -33.05 -71.29
C ILE E 235 25.62 -34.44 -71.85
N ILE E 236 24.62 -35.28 -71.65
CA ILE E 236 24.63 -36.65 -72.13
C ILE E 236 23.92 -36.70 -73.49
N ILE E 237 24.52 -37.38 -74.45
CA ILE E 237 23.97 -37.52 -75.79
C ILE E 237 23.91 -39.01 -76.11
N THR E 238 22.72 -39.52 -76.40
CA THR E 238 22.55 -40.95 -76.62
C THR E 238 21.43 -41.22 -77.62
N ASP E 239 21.49 -42.40 -78.25
CA ASP E 239 20.47 -42.81 -79.22
C ASP E 239 19.75 -44.08 -78.81
N GLY E 240 19.83 -44.46 -77.55
CA GLY E 240 19.19 -45.69 -77.11
C GLY E 240 19.15 -45.76 -75.60
N GLU E 241 18.33 -46.69 -75.11
CA GLU E 241 18.24 -46.94 -73.70
C GLU E 241 19.54 -47.52 -73.17
N ALA E 242 19.75 -47.36 -71.86
CA ALA E 242 20.95 -47.87 -71.23
C ALA E 242 20.94 -49.40 -71.23
N THR E 243 22.11 -49.98 -71.45
CA THR E 243 22.27 -51.43 -71.40
C THR E 243 22.78 -51.93 -70.06
N ASP E 244 22.97 -51.03 -69.10
CA ASP E 244 23.33 -51.42 -67.74
C ASP E 244 22.25 -50.89 -66.78
N SER E 245 22.50 -51.05 -65.48
CA SER E 245 21.53 -50.68 -64.45
C SER E 245 22.29 -50.24 -63.22
N GLY E 246 21.59 -49.61 -62.28
CA GLY E 246 22.26 -49.18 -61.06
C GLY E 246 21.81 -47.82 -60.56
N ASN E 247 22.76 -46.95 -60.23
CA ASN E 247 22.41 -45.62 -59.75
C ASN E 247 23.52 -44.65 -60.17
N ILE E 248 23.18 -43.37 -60.16
CA ILE E 248 24.13 -42.31 -60.48
C ILE E 248 24.24 -41.39 -59.29
N ASP E 249 24.16 -41.96 -58.08
CA ASP E 249 24.24 -41.14 -56.87
C ASP E 249 25.55 -40.36 -56.81
N ALA E 250 26.63 -40.92 -57.35
CA ALA E 250 27.92 -40.24 -57.35
C ALA E 250 27.90 -38.92 -58.12
N ALA E 251 26.90 -38.72 -58.98
CA ALA E 251 26.81 -37.51 -59.80
C ALA E 251 25.60 -36.66 -59.46
N LYS E 252 24.95 -36.89 -58.31
CA LYS E 252 23.76 -36.14 -57.95
C LYS E 252 24.01 -34.64 -57.88
N ASP E 253 25.21 -34.23 -57.47
CA ASP E 253 25.57 -32.82 -57.41
C ASP E 253 25.76 -32.20 -58.79
N ILE E 254 25.84 -32.99 -59.84
CA ILE E 254 26.07 -32.49 -61.18
C ILE E 254 24.74 -32.17 -61.84
N ILE E 255 24.67 -31.03 -62.52
CA ILE E 255 23.50 -30.62 -63.29
C ILE E 255 23.53 -31.36 -64.62
N ARG E 256 22.49 -32.16 -64.88
CA ARG E 256 22.54 -33.19 -65.91
C ARG E 256 21.46 -32.98 -66.96
N TYR E 257 21.88 -32.61 -68.18
CA TYR E 257 21.03 -32.67 -69.36
C TYR E 257 21.28 -33.98 -70.09
N ILE E 258 20.23 -34.54 -70.68
CA ILE E 258 20.35 -35.72 -71.52
C ILE E 258 19.61 -35.47 -72.83
N ILE E 259 20.17 -35.95 -73.93
CA ILE E 259 19.63 -35.76 -75.28
C ILE E 259 19.45 -37.13 -75.92
N GLY E 260 18.20 -37.56 -76.06
CA GLY E 260 17.89 -38.80 -76.74
C GLY E 260 17.48 -38.50 -78.18
N ILE E 261 18.09 -39.23 -79.11
CA ILE E 261 17.97 -38.94 -80.53
C ILE E 261 17.57 -40.19 -81.28
N GLY E 262 16.61 -40.05 -82.18
CA GLY E 262 16.37 -41.04 -83.21
C GLY E 262 15.25 -42.01 -82.90
N LYS E 263 15.19 -43.04 -83.74
CA LYS E 263 14.04 -43.93 -83.80
C LYS E 263 13.84 -44.73 -82.52
N HIS E 264 14.88 -44.86 -81.69
CA HIS E 264 14.76 -45.63 -80.46
C HIS E 264 14.11 -44.86 -79.33
N PHE E 265 13.77 -43.59 -79.53
CA PHE E 265 13.02 -42.82 -78.55
C PHE E 265 11.67 -42.38 -79.10
N GLN E 266 11.07 -43.18 -79.96
CA GLN E 266 9.77 -42.80 -80.52
C GLN E 266 8.66 -42.94 -79.49
N THR E 267 8.65 -44.04 -78.74
CA THR E 267 7.60 -44.26 -77.75
C THR E 267 7.84 -43.39 -76.52
N LYS E 268 6.75 -43.03 -75.85
CA LYS E 268 6.86 -42.28 -74.61
C LYS E 268 7.56 -43.09 -73.52
N GLU E 269 7.36 -44.41 -73.52
CA GLU E 269 8.00 -45.25 -72.50
C GLU E 269 9.52 -45.22 -72.62
N SER E 270 10.05 -45.23 -73.85
CA SER E 270 11.50 -45.19 -74.02
C SER E 270 12.07 -43.85 -73.59
N GLN E 271 11.35 -42.76 -73.90
CA GLN E 271 11.82 -41.43 -73.54
C GLN E 271 11.92 -41.25 -72.03
N GLU E 272 10.99 -41.86 -71.29
CA GLU E 272 10.95 -41.72 -69.84
C GLU E 272 12.05 -42.51 -69.13
N THR E 273 12.67 -43.48 -69.80
CA THR E 273 13.82 -44.17 -69.19
C THR E 273 15.00 -43.22 -69.01
N LEU E 274 15.00 -42.08 -69.71
CA LEU E 274 16.11 -41.13 -69.61
C LEU E 274 15.97 -40.20 -68.41
N HIS E 275 14.76 -40.07 -67.86
CA HIS E 275 14.52 -39.13 -66.75
C HIS E 275 15.47 -39.39 -65.58
N LYS E 276 15.75 -40.65 -65.28
CA LYS E 276 16.56 -40.95 -64.10
C LYS E 276 18.00 -40.49 -64.26
N PHE E 277 18.45 -40.26 -65.50
CA PHE E 277 19.80 -39.78 -65.72
C PHE E 277 19.89 -38.26 -65.62
N ALA E 278 18.80 -37.56 -65.92
CA ALA E 278 18.80 -36.11 -65.99
C ALA E 278 18.36 -35.49 -64.67
N SER E 279 18.58 -34.19 -64.56
CA SER E 279 18.08 -33.43 -63.42
C SER E 279 16.57 -33.23 -63.54
N LYS E 280 15.98 -32.66 -62.49
CA LYS E 280 14.57 -32.32 -62.47
C LYS E 280 14.38 -30.83 -62.65
N PRO E 281 13.32 -30.43 -63.37
CA PRO E 281 12.30 -31.32 -63.98
C PRO E 281 12.71 -31.85 -65.34
N ALA E 282 12.13 -32.98 -65.74
CA ALA E 282 12.46 -33.55 -67.05
C ALA E 282 12.08 -32.61 -68.18
N SER E 283 11.10 -31.72 -67.95
CA SER E 283 10.66 -30.80 -69.00
C SER E 283 11.80 -29.88 -69.43
N GLU E 284 12.78 -29.66 -68.55
CA GLU E 284 13.94 -28.82 -68.86
C GLU E 284 15.14 -29.65 -69.30
N PHE E 285 15.42 -30.73 -68.60
CA PHE E 285 16.70 -31.40 -68.72
C PHE E 285 16.69 -32.63 -69.64
N VAL E 286 15.53 -33.07 -70.10
CA VAL E 286 15.44 -34.19 -71.02
C VAL E 286 15.00 -33.63 -72.37
N LYS E 287 15.89 -33.69 -73.35
CA LYS E 287 15.61 -33.24 -74.70
C LYS E 287 15.44 -34.46 -75.60
N ILE E 288 14.30 -34.54 -76.28
CA ILE E 288 13.99 -35.62 -77.20
C ILE E 288 14.02 -35.05 -78.61
N LEU E 289 14.90 -35.58 -79.44
CA LEU E 289 15.04 -35.21 -80.85
C LEU E 289 14.73 -36.42 -81.70
N ASP E 290 13.79 -36.27 -82.63
CA ASP E 290 13.45 -37.39 -83.50
C ASP E 290 14.44 -37.58 -84.65
N THR E 291 15.31 -36.60 -84.92
CA THR E 291 16.33 -36.73 -85.96
C THR E 291 17.63 -36.14 -85.45
N PHE E 292 18.75 -36.61 -86.02
CA PHE E 292 20.05 -36.06 -85.66
C PHE E 292 20.26 -34.67 -86.23
N GLU E 293 19.47 -34.25 -87.21
CA GLU E 293 19.62 -32.93 -87.81
C GLU E 293 19.10 -31.83 -86.90
N LYS E 294 18.30 -32.17 -85.88
CA LYS E 294 17.80 -31.19 -84.93
C LYS E 294 18.82 -30.81 -83.88
N LEU E 295 20.00 -31.44 -83.89
CA LEU E 295 21.09 -30.99 -83.03
C LEU E 295 21.46 -29.54 -83.34
N LYS E 296 21.26 -29.09 -84.58
CA LYS E 296 21.54 -27.69 -84.91
C LYS E 296 20.47 -26.76 -84.37
N ASP E 297 19.20 -27.13 -84.52
CA ASP E 297 18.14 -26.40 -83.81
C ASP E 297 18.42 -26.36 -82.33
N LEU E 298 18.90 -27.47 -81.77
CA LEU E 298 19.13 -27.57 -80.34
C LEU E 298 20.31 -26.73 -79.88
N PHE E 299 21.06 -26.12 -80.80
CA PHE E 299 22.25 -25.38 -80.42
C PHE E 299 21.94 -24.28 -79.42
N THR E 300 20.78 -23.62 -79.56
CA THR E 300 20.59 -22.42 -78.77
C THR E 300 19.83 -22.72 -77.48
N GLU E 301 18.67 -23.38 -77.56
CA GLU E 301 18.13 -23.91 -76.31
C GLU E 301 19.10 -24.96 -75.77
N LEU E 302 19.08 -25.15 -74.46
CA LEU E 302 20.04 -25.95 -73.71
C LEU E 302 21.37 -25.21 -73.63
N GLN E 303 21.78 -24.48 -74.67
CA GLN E 303 22.99 -23.67 -74.58
C GLN E 303 22.67 -22.17 -74.37
N LYS E 304 21.46 -21.73 -74.67
CA LYS E 304 20.93 -20.55 -74.00
C LYS E 304 20.33 -20.95 -72.66
N LYS E 305 19.76 -22.15 -72.58
CA LYS E 305 19.37 -22.74 -71.31
C LYS E 305 20.56 -23.35 -70.56
N ILE E 306 21.78 -23.11 -71.03
CA ILE E 306 22.98 -23.18 -70.20
C ILE E 306 23.59 -21.77 -70.17
N LEU E 317 22.36 -10.00 -64.73
CA LEU E 317 20.95 -10.36 -64.93
C LEU E 317 20.03 -9.15 -64.82
N THR E 318 19.89 -8.40 -65.92
CA THR E 318 18.90 -7.33 -66.00
C THR E 318 17.53 -7.85 -66.41
N SER E 319 17.49 -8.96 -67.15
CA SER E 319 16.27 -9.56 -67.64
C SER E 319 16.15 -10.98 -67.11
N PHE E 320 14.94 -11.37 -66.72
CA PHE E 320 14.74 -12.61 -65.98
C PHE E 320 13.73 -13.53 -66.65
N ASN E 321 14.00 -14.84 -66.57
CA ASN E 321 13.06 -15.85 -67.06
C ASN E 321 12.31 -16.46 -65.88
N MET E 322 12.91 -17.45 -65.22
CA MET E 322 12.31 -18.13 -64.09
C MET E 322 13.11 -17.96 -62.81
N GLU E 323 14.20 -17.22 -62.85
CA GLU E 323 15.04 -17.01 -61.68
C GLU E 323 14.25 -16.43 -60.51
N LEU E 324 13.32 -15.53 -60.81
CA LEU E 324 12.50 -14.89 -59.79
C LEU E 324 11.02 -15.15 -60.05
N SER E 325 10.70 -16.40 -60.40
CA SER E 325 9.33 -16.74 -60.81
C SER E 325 8.32 -16.56 -59.69
N SER E 326 8.75 -16.68 -58.43
CA SER E 326 7.83 -16.63 -57.29
C SER E 326 6.70 -17.65 -57.44
N SER E 327 7.03 -18.83 -57.98
CA SER E 327 6.02 -19.86 -58.17
C SER E 327 5.39 -20.24 -56.84
N GLY E 328 4.15 -20.72 -56.90
CA GLY E 328 3.44 -21.10 -55.69
C GLY E 328 2.82 -19.95 -54.94
N ILE E 329 2.85 -18.74 -55.48
CA ILE E 329 2.21 -17.61 -54.83
C ILE E 329 0.69 -17.69 -54.92
N SER E 330 0.17 -18.62 -55.71
CA SER E 330 -1.25 -18.93 -55.77
C SER E 330 -1.37 -20.37 -56.24
N ALA E 331 -2.54 -20.97 -56.02
CA ALA E 331 -2.72 -22.36 -56.41
C ALA E 331 -4.20 -22.69 -56.51
N ASP E 332 -4.50 -23.70 -57.31
CA ASP E 332 -5.85 -24.22 -57.37
C ASP E 332 -5.81 -25.67 -57.83
N LEU E 333 -6.78 -26.46 -57.35
CA LEU E 333 -6.81 -27.91 -57.58
C LEU E 333 -8.21 -28.31 -57.99
N SER E 334 -8.32 -28.97 -59.14
CA SER E 334 -9.59 -29.49 -59.64
C SER E 334 -9.35 -30.81 -60.35
N ARG E 335 -10.03 -31.86 -59.89
CA ARG E 335 -10.06 -33.15 -60.57
C ARG E 335 -8.68 -33.77 -60.70
N GLY E 336 -7.88 -33.65 -59.63
CA GLY E 336 -6.57 -34.24 -59.63
C GLY E 336 -5.51 -33.48 -60.39
N HIS E 337 -5.81 -32.25 -60.81
CA HIS E 337 -4.90 -31.40 -61.58
C HIS E 337 -4.60 -30.13 -60.79
N ALA E 338 -3.32 -29.86 -60.58
CA ALA E 338 -2.89 -28.73 -59.78
C ALA E 338 -2.21 -27.68 -60.65
N VAL E 339 -2.55 -26.41 -60.42
CA VAL E 339 -1.93 -25.27 -61.06
CA VAL E 339 -1.90 -25.28 -61.05
C VAL E 339 -1.42 -24.34 -59.96
N VAL E 340 -0.25 -23.76 -60.17
CA VAL E 340 0.28 -22.75 -59.27
C VAL E 340 0.67 -21.54 -60.12
N GLY E 341 0.41 -20.35 -59.59
CA GLY E 341 0.83 -19.14 -60.27
C GLY E 341 2.32 -18.87 -60.09
N ALA E 342 2.90 -18.17 -61.07
CA ALA E 342 4.33 -17.83 -61.11
C ALA E 342 4.44 -16.38 -61.61
N VAL E 343 4.12 -15.43 -60.73
CA VAL E 343 3.99 -14.02 -61.11
C VAL E 343 5.30 -13.45 -61.64
N GLY E 344 6.43 -13.96 -61.18
CA GLY E 344 7.67 -13.33 -61.60
C GLY E 344 8.19 -13.75 -62.95
N ALA E 345 7.60 -14.77 -63.55
CA ALA E 345 8.08 -15.30 -64.83
C ALA E 345 8.14 -14.22 -65.88
N LYS E 346 9.30 -14.14 -66.55
CA LYS E 346 9.49 -13.27 -67.73
C LYS E 346 9.33 -11.79 -67.35
N ASP E 347 10.29 -11.33 -66.56
CA ASP E 347 10.29 -9.96 -66.03
C ASP E 347 8.94 -9.62 -65.41
N TRP E 348 8.44 -10.53 -64.58
CA TRP E 348 7.18 -10.38 -63.86
C TRP E 348 5.97 -10.20 -64.78
N ALA E 349 6.10 -10.62 -66.06
CA ALA E 349 4.90 -10.77 -66.88
C ALA E 349 3.98 -11.83 -66.29
N GLY E 350 4.56 -12.90 -65.73
CA GLY E 350 3.79 -13.89 -65.02
C GLY E 350 3.33 -15.06 -65.87
N GLY E 351 2.52 -15.89 -65.23
CA GLY E 351 2.01 -17.11 -65.85
C GLY E 351 1.65 -18.10 -64.76
N PHE E 352 1.46 -19.35 -65.17
CA PHE E 352 1.16 -20.40 -64.22
C PHE E 352 1.85 -21.69 -64.66
N LEU E 353 1.92 -22.64 -63.73
CA LEU E 353 2.63 -23.90 -63.91
C LEU E 353 1.66 -25.05 -63.74
N ASP E 354 1.47 -25.82 -64.80
CA ASP E 354 0.65 -27.03 -64.77
C ASP E 354 1.49 -28.16 -64.19
N LEU E 355 1.17 -28.57 -62.97
CA LEU E 355 2.00 -29.52 -62.22
C LEU E 355 1.60 -30.95 -62.53
N LYS E 356 2.62 -31.81 -62.63
CA LYS E 356 2.40 -33.24 -62.65
C LYS E 356 1.91 -33.71 -61.29
N ALA E 357 1.08 -34.76 -61.31
CA ALA E 357 0.38 -35.20 -60.11
C ALA E 357 1.32 -35.56 -58.96
N ASP E 358 2.59 -35.85 -59.26
CA ASP E 358 3.57 -36.18 -58.24
C ASP E 358 4.47 -35.01 -57.88
N LEU E 359 4.22 -33.83 -58.48
CA LEU E 359 4.97 -32.60 -58.23
C LEU E 359 6.42 -32.65 -58.72
N GLN E 360 6.80 -33.67 -59.48
CA GLN E 360 8.19 -33.78 -59.92
C GLN E 360 8.43 -33.18 -61.29
N ASP E 361 7.38 -32.67 -61.94
CA ASP E 361 7.51 -32.03 -63.24
C ASP E 361 6.45 -30.95 -63.37
N ASP E 362 6.65 -30.04 -64.32
CA ASP E 362 5.70 -28.95 -64.50
C ASP E 362 5.80 -28.44 -65.93
N THR E 363 4.81 -27.63 -66.31
CA THR E 363 4.77 -26.98 -67.62
C THR E 363 4.35 -25.53 -67.43
N PHE E 364 5.07 -24.61 -68.08
CA PHE E 364 4.80 -23.19 -67.92
C PHE E 364 3.87 -22.69 -69.03
N ILE E 365 2.90 -21.87 -68.63
CA ILE E 365 1.98 -21.22 -69.57
C ILE E 365 1.90 -19.74 -69.20
N GLY E 366 2.15 -18.88 -70.17
CA GLY E 366 2.09 -17.45 -69.94
C GLY E 366 1.41 -16.71 -71.07
N ASN E 367 1.79 -15.44 -71.26
CA ASN E 367 1.12 -14.56 -72.21
C ASN E 367 1.45 -14.90 -73.66
N GLU E 368 0.46 -14.68 -74.54
CA GLU E 368 0.63 -14.88 -75.99
C GLU E 368 0.33 -13.61 -76.80
N PRO E 369 1.37 -12.99 -77.34
CA PRO E 369 2.77 -13.40 -77.13
C PRO E 369 3.39 -12.56 -76.04
N LEU E 370 4.72 -12.63 -75.93
CA LEU E 370 5.47 -11.76 -75.04
C LEU E 370 5.70 -10.41 -75.69
N THR E 371 5.15 -9.36 -75.08
CA THR E 371 5.27 -7.99 -75.55
C THR E 371 5.77 -7.13 -74.39
N PRO E 372 6.23 -5.91 -74.68
CA PRO E 372 6.61 -5.02 -73.57
C PRO E 372 5.45 -4.65 -72.67
N GLU E 373 4.22 -4.67 -73.17
CA GLU E 373 3.09 -4.23 -72.37
C GLU E 373 2.77 -5.21 -71.24
N VAL E 374 3.01 -6.51 -71.44
CA VAL E 374 2.66 -7.49 -70.42
C VAL E 374 3.70 -7.56 -69.31
N ARG E 375 4.84 -6.90 -69.46
CA ARG E 375 5.85 -6.96 -68.42
C ARG E 375 5.32 -6.30 -67.16
N ALA E 376 5.64 -6.92 -66.01
CA ALA E 376 5.28 -6.38 -64.70
C ALA E 376 3.77 -6.35 -64.51
N GLY E 377 3.09 -7.35 -65.06
CA GLY E 377 1.64 -7.46 -64.95
C GLY E 377 1.19 -8.42 -63.86
N TYR E 378 2.09 -9.33 -63.44
CA TYR E 378 1.84 -10.31 -62.37
C TYR E 378 0.77 -11.32 -62.76
N LEU E 379 0.75 -11.75 -64.03
CA LEU E 379 -0.14 -12.84 -64.41
C LEU E 379 0.13 -14.04 -63.52
N GLY E 380 -0.94 -14.68 -63.06
CA GLY E 380 -0.78 -15.76 -62.12
C GLY E 380 -0.90 -15.36 -60.66
N TYR E 381 -1.12 -14.07 -60.40
CA TYR E 381 -1.42 -13.64 -59.03
C TYR E 381 -2.63 -14.39 -58.48
N THR E 382 -3.58 -14.72 -59.36
CA THR E 382 -4.70 -15.59 -59.07
C THR E 382 -4.77 -16.67 -60.13
N VAL E 383 -5.27 -17.84 -59.73
CA VAL E 383 -5.58 -18.94 -60.64
C VAL E 383 -6.84 -19.63 -60.12
N THR E 384 -7.77 -19.92 -61.02
CA THR E 384 -9.06 -20.46 -60.62
C THR E 384 -9.56 -21.38 -61.72
N TRP E 385 -9.80 -22.64 -61.38
CA TRP E 385 -10.38 -23.58 -62.33
C TRP E 385 -11.85 -23.25 -62.56
N LEU E 386 -12.28 -23.38 -63.81
CA LEU E 386 -13.69 -23.26 -64.20
C LEU E 386 -14.09 -24.58 -64.85
N PRO E 387 -14.36 -25.61 -64.07
CA PRO E 387 -14.68 -26.91 -64.64
C PRO E 387 -16.09 -26.97 -65.21
N SER E 388 -16.22 -27.80 -66.24
CA SER E 388 -17.51 -28.08 -66.87
C SER E 388 -17.49 -29.52 -67.35
N ARG E 389 -18.68 -30.09 -67.47
CA ARG E 389 -18.89 -31.43 -67.98
C ARG E 389 -19.21 -31.46 -69.47
N GLN E 390 -20.05 -30.52 -69.93
CA GLN E 390 -20.45 -30.44 -71.33
C GLN E 390 -19.50 -29.57 -72.14
N LYS E 391 -19.38 -28.30 -71.77
CA LYS E 391 -18.47 -27.39 -72.43
C LYS E 391 -17.04 -27.66 -71.98
N THR E 392 -16.09 -26.93 -72.54
CA THR E 392 -14.69 -27.11 -72.21
C THR E 392 -14.40 -26.54 -70.82
N SER E 393 -13.51 -27.20 -70.10
CA SER E 393 -13.09 -26.71 -68.79
C SER E 393 -11.99 -25.68 -68.98
N LEU E 394 -12.13 -24.54 -68.30
CA LEU E 394 -11.22 -23.42 -68.45
C LEU E 394 -10.46 -23.15 -67.16
N LEU E 395 -9.46 -22.28 -67.26
CA LEU E 395 -8.74 -21.77 -66.10
C LEU E 395 -8.63 -20.26 -66.23
N ALA E 396 -9.06 -19.54 -65.21
CA ALA E 396 -8.98 -18.09 -65.17
C ALA E 396 -7.80 -17.66 -64.31
N SER E 397 -7.02 -16.71 -64.83
CA SER E 397 -5.85 -16.23 -64.13
C SER E 397 -5.78 -14.72 -64.23
N GLY E 398 -5.61 -14.07 -63.09
CA GLY E 398 -5.53 -12.62 -63.06
C GLY E 398 -4.11 -12.11 -63.15
N ALA E 399 -3.98 -10.94 -63.78
CA ALA E 399 -2.75 -10.15 -63.81
C ALA E 399 -3.11 -8.77 -63.30
N PRO E 400 -3.16 -8.59 -61.97
CA PRO E 400 -3.79 -7.37 -61.42
C PRO E 400 -2.99 -6.11 -61.63
N ARG E 401 -1.75 -6.23 -62.11
CA ARG E 401 -0.85 -5.12 -62.34
C ARG E 401 -0.70 -4.77 -63.81
N TYR E 402 -1.45 -5.43 -64.69
CA TYR E 402 -1.26 -5.25 -66.12
C TYR E 402 -1.48 -3.79 -66.50
N GLN E 403 -0.42 -3.14 -67.02
CA GLN E 403 -0.51 -1.73 -67.39
C GLN E 403 -1.03 -0.88 -66.24
N HIS E 404 -0.73 -1.31 -65.02
CA HIS E 404 -1.10 -0.62 -63.79
C HIS E 404 -2.61 -0.68 -63.58
N MET E 405 -3.33 -1.36 -64.48
CA MET E 405 -4.78 -1.46 -64.39
C MET E 405 -5.27 -2.85 -64.03
N GLY E 406 -4.62 -3.87 -64.56
CA GLY E 406 -5.03 -5.23 -64.27
C GLY E 406 -5.88 -5.82 -65.39
N ARG E 407 -5.78 -7.15 -65.54
CA ARG E 407 -6.60 -7.87 -66.51
C ARG E 407 -6.63 -9.33 -66.09
N VAL E 408 -7.48 -10.08 -66.77
CA VAL E 408 -7.72 -11.49 -66.47
C VAL E 408 -7.68 -12.24 -67.79
N LEU E 409 -6.93 -13.34 -67.81
CA LEU E 409 -6.85 -14.20 -68.99
C LEU E 409 -7.60 -15.49 -68.72
N LEU E 410 -8.29 -15.98 -69.73
CA LEU E 410 -8.98 -17.25 -69.68
C LEU E 410 -8.24 -18.25 -70.57
N PHE E 411 -7.80 -19.35 -69.99
CA PHE E 411 -7.10 -20.41 -70.69
C PHE E 411 -7.98 -21.65 -70.74
N GLN E 412 -7.94 -22.34 -71.88
CA GLN E 412 -8.70 -23.56 -72.06
C GLN E 412 -7.79 -24.75 -71.87
N GLU E 413 -8.25 -25.73 -71.08
CA GLU E 413 -7.60 -27.02 -70.89
C GLU E 413 -7.17 -27.59 -72.24
N PRO E 414 -6.06 -28.32 -72.30
CA PRO E 414 -5.70 -29.01 -73.54
C PRO E 414 -6.80 -30.00 -73.93
N GLN E 415 -7.22 -29.90 -75.18
CA GLN E 415 -8.33 -30.68 -75.72
C GLN E 415 -7.80 -31.76 -76.65
N GLY E 416 -8.28 -32.98 -76.47
CA GLY E 416 -7.76 -34.10 -77.23
C GLY E 416 -6.27 -34.23 -76.99
N GLY E 417 -5.51 -34.29 -78.07
CA GLY E 417 -4.07 -34.29 -77.98
C GLY E 417 -3.45 -32.92 -78.06
N GLY E 418 -4.26 -31.87 -77.93
CA GLY E 418 -3.79 -30.51 -78.12
C GLY E 418 -3.00 -29.98 -76.93
N HIS E 419 -2.91 -28.66 -76.85
CA HIS E 419 -2.15 -27.98 -75.83
C HIS E 419 -3.02 -26.93 -75.16
N TRP E 420 -2.46 -26.31 -74.12
CA TRP E 420 -3.11 -25.15 -73.51
C TRP E 420 -3.29 -24.06 -74.55
N SER E 421 -4.43 -23.39 -74.50
CA SER E 421 -4.70 -22.26 -75.38
C SER E 421 -5.39 -21.15 -74.59
N GLN E 422 -5.03 -19.91 -74.91
CA GLN E 422 -5.68 -18.74 -74.35
C GLN E 422 -6.87 -18.40 -75.23
N VAL E 423 -8.04 -18.22 -74.61
CA VAL E 423 -9.28 -18.05 -75.36
C VAL E 423 -9.95 -16.69 -75.15
N GLN E 424 -9.58 -15.93 -74.12
CA GLN E 424 -10.21 -14.64 -73.92
C GLN E 424 -9.33 -13.79 -73.01
N THR E 425 -9.38 -12.48 -73.20
CA THR E 425 -8.79 -11.51 -72.30
C THR E 425 -9.86 -10.55 -71.83
N ILE E 426 -9.76 -10.11 -70.57
CA ILE E 426 -10.72 -9.19 -69.97
C ILE E 426 -9.92 -8.10 -69.27
N HIS E 427 -10.05 -6.86 -69.75
CA HIS E 427 -9.22 -5.76 -69.30
C HIS E 427 -9.95 -4.91 -68.28
N GLY E 428 -9.27 -4.58 -67.18
CA GLY E 428 -9.77 -3.56 -66.28
C GLY E 428 -9.59 -2.17 -66.86
N THR E 429 -10.30 -1.22 -66.26
CA THR E 429 -10.32 0.15 -66.76
C THR E 429 -9.72 1.18 -65.82
N GLN E 430 -9.53 0.87 -64.54
CA GLN E 430 -9.07 1.86 -63.57
C GLN E 430 -7.67 1.52 -63.08
N ILE E 431 -6.81 2.53 -63.06
CA ILE E 431 -5.43 2.36 -62.60
C ILE E 431 -5.42 2.08 -61.10
N GLY E 432 -4.63 1.10 -60.69
CA GLY E 432 -4.48 0.76 -59.29
C GLY E 432 -5.53 -0.16 -58.71
N SER E 433 -6.61 -0.46 -59.44
CA SER E 433 -7.77 -1.12 -58.83
C SER E 433 -7.55 -2.59 -58.52
N TYR E 434 -6.47 -3.17 -59.04
CA TYR E 434 -6.14 -4.59 -58.86
C TYR E 434 -7.22 -5.51 -59.44
N PHE E 435 -7.82 -5.09 -60.55
CA PHE E 435 -8.73 -5.93 -61.32
C PHE E 435 -8.07 -7.27 -61.63
N GLY E 436 -8.65 -8.35 -61.12
CA GLY E 436 -8.05 -9.65 -61.23
C GLY E 436 -7.29 -10.09 -59.99
N GLY E 437 -7.24 -9.27 -58.95
CA GLY E 437 -6.57 -9.65 -57.71
C GLY E 437 -7.28 -10.73 -56.92
N GLU E 438 -8.52 -11.06 -57.26
CA GLU E 438 -9.24 -12.17 -56.66
C GLU E 438 -10.27 -12.68 -57.65
N LEU E 439 -10.37 -14.00 -57.78
CA LEU E 439 -11.25 -14.63 -58.74
C LEU E 439 -12.08 -15.70 -58.06
N CYS E 440 -13.16 -16.10 -58.72
CA CYS E 440 -14.01 -17.15 -58.20
C CYS E 440 -14.95 -17.61 -59.30
N GLY E 441 -15.03 -18.91 -59.52
CA GLY E 441 -16.00 -19.50 -60.42
C GLY E 441 -17.18 -20.01 -59.63
N VAL E 442 -18.36 -19.97 -60.26
CA VAL E 442 -19.60 -20.33 -59.61
C VAL E 442 -20.46 -21.15 -60.56
N ASP E 443 -20.93 -22.30 -60.09
CA ASP E 443 -21.97 -23.11 -60.74
C ASP E 443 -23.21 -23.02 -59.84
N VAL E 444 -24.07 -22.03 -60.13
CA VAL E 444 -25.16 -21.71 -59.23
C VAL E 444 -26.12 -22.88 -59.07
N ASP E 445 -26.54 -23.47 -60.18
CA ASP E 445 -27.55 -24.52 -60.15
C ASP E 445 -26.96 -25.92 -59.96
N GLN E 446 -25.64 -26.01 -59.78
CA GLN E 446 -24.96 -27.30 -59.69
C GLN E 446 -25.32 -28.20 -60.86
N ASP E 447 -25.38 -27.63 -62.06
CA ASP E 447 -25.64 -28.38 -63.28
C ASP E 447 -24.39 -29.05 -63.85
N GLY E 448 -23.22 -28.83 -63.24
CA GLY E 448 -21.99 -29.34 -63.80
C GLY E 448 -21.25 -28.38 -64.69
N GLU E 449 -21.85 -27.24 -65.04
CA GLU E 449 -21.24 -26.22 -65.89
C GLU E 449 -20.98 -24.98 -65.07
N THR E 450 -19.73 -24.57 -64.96
CA THR E 450 -19.39 -23.32 -64.27
C THR E 450 -19.64 -22.17 -65.24
N GLU E 451 -20.78 -21.49 -65.08
CA GLU E 451 -21.15 -20.42 -65.99
C GLU E 451 -20.73 -19.03 -65.53
N LEU E 452 -20.43 -18.85 -64.24
CA LEU E 452 -20.13 -17.54 -63.69
C LEU E 452 -18.66 -17.44 -63.31
N LEU E 453 -18.02 -16.34 -63.73
CA LEU E 453 -16.69 -15.96 -63.30
C LEU E 453 -16.79 -14.63 -62.57
N LEU E 454 -16.37 -14.61 -61.31
CA LEU E 454 -16.41 -13.41 -60.48
C LEU E 454 -15.01 -12.81 -60.43
N ILE E 455 -14.88 -11.56 -60.86
CA ILE E 455 -13.60 -10.86 -60.83
C ILE E 455 -13.68 -9.78 -59.76
N GLY E 456 -12.77 -9.84 -58.80
CA GLY E 456 -12.66 -8.79 -57.81
C GLY E 456 -11.62 -7.75 -58.22
N ALA E 457 -11.97 -6.48 -57.98
CA ALA E 457 -11.05 -5.35 -58.09
C ALA E 457 -11.06 -4.66 -56.75
N PRO E 458 -10.38 -5.22 -55.75
CA PRO E 458 -10.59 -4.78 -54.36
C PRO E 458 -10.08 -3.37 -54.07
N LEU E 459 -9.19 -2.83 -54.90
CA LEU E 459 -8.71 -1.48 -54.69
C LEU E 459 -9.47 -0.46 -55.53
N PHE E 460 -10.55 -0.87 -56.18
CA PHE E 460 -11.34 0.05 -57.00
C PHE E 460 -11.77 1.26 -56.16
N TYR E 461 -11.67 2.43 -56.77
CA TYR E 461 -11.92 3.70 -56.07
C TYR E 461 -12.98 4.50 -56.81
N GLY E 462 -13.90 5.10 -56.06
CA GLY E 462 -14.93 5.94 -56.63
C GLY E 462 -16.31 5.70 -56.05
N GLU E 463 -17.15 6.74 -56.08
CA GLU E 463 -18.57 6.66 -55.73
C GLU E 463 -18.81 6.15 -54.31
N GLN E 464 -17.92 6.52 -53.38
CA GLN E 464 -18.05 6.20 -51.96
C GLN E 464 -18.06 4.69 -51.70
N ARG E 465 -17.48 3.89 -52.59
CA ARG E 465 -17.36 2.46 -52.39
C ARG E 465 -15.92 2.02 -52.62
N GLY E 466 -15.41 1.18 -51.73
CA GLY E 466 -14.07 0.67 -51.87
C GLY E 466 -14.04 -0.77 -52.35
N GLY E 467 -13.69 -0.98 -53.62
CA GLY E 467 -13.63 -2.31 -54.18
C GLY E 467 -14.88 -2.66 -54.98
N ARG E 468 -14.72 -3.56 -55.94
CA ARG E 468 -15.81 -4.03 -56.78
C ARG E 468 -15.67 -5.53 -57.02
N VAL E 469 -16.80 -6.17 -57.29
CA VAL E 469 -16.84 -7.55 -57.75
C VAL E 469 -17.77 -7.59 -58.96
N PHE E 470 -17.21 -7.88 -60.12
CA PHE E 470 -17.96 -7.96 -61.37
C PHE E 470 -18.29 -9.40 -61.68
N ILE E 471 -19.45 -9.60 -62.29
CA ILE E 471 -19.95 -10.92 -62.68
C ILE E 471 -19.89 -11.03 -64.20
N TYR E 472 -19.24 -12.09 -64.67
CA TYR E 472 -19.18 -12.45 -66.08
C TYR E 472 -19.79 -13.84 -66.25
N GLN E 473 -20.62 -14.00 -67.27
CA GLN E 473 -21.26 -15.28 -67.56
C GLN E 473 -20.81 -15.78 -68.92
N ARG E 474 -20.46 -17.06 -68.99
CA ARG E 474 -19.92 -17.66 -70.20
C ARG E 474 -21.01 -17.74 -71.27
N ARG E 475 -20.86 -16.94 -72.33
CA ARG E 475 -21.67 -17.09 -73.52
C ARG E 475 -20.93 -17.98 -74.51
N GLN E 476 -21.52 -18.15 -75.69
CA GLN E 476 -20.87 -18.95 -76.72
C GLN E 476 -19.53 -18.34 -77.12
N LEU E 477 -19.51 -17.02 -77.33
CA LEU E 477 -18.29 -16.35 -77.78
C LEU E 477 -17.31 -16.07 -76.66
N GLY E 478 -17.74 -16.17 -75.41
CA GLY E 478 -16.86 -15.94 -74.28
C GLY E 478 -17.65 -15.37 -73.12
N PHE E 479 -16.92 -14.93 -72.11
CA PHE E 479 -17.55 -14.38 -70.92
C PHE E 479 -17.98 -12.92 -71.16
N GLU E 480 -19.22 -12.62 -70.81
CA GLU E 480 -19.80 -11.30 -70.95
C GLU E 480 -20.14 -10.75 -69.58
N GLU E 481 -19.83 -9.47 -69.37
CA GLU E 481 -20.15 -8.81 -68.10
C GLU E 481 -21.67 -8.68 -67.99
N VAL E 482 -22.25 -9.35 -67.01
CA VAL E 482 -23.71 -9.36 -66.86
C VAL E 482 -24.18 -8.58 -65.64
N SER E 483 -23.39 -8.47 -64.59
CA SER E 483 -23.88 -7.82 -63.38
C SER E 483 -22.69 -7.51 -62.48
N GLU E 484 -22.99 -7.18 -61.23
CA GLU E 484 -22.01 -6.77 -60.24
C GLU E 484 -22.59 -7.02 -58.87
N LEU E 485 -21.79 -7.58 -57.97
CA LEU E 485 -22.19 -7.76 -56.58
C LEU E 485 -22.03 -6.43 -55.85
N GLN E 486 -23.13 -5.91 -55.32
CA GLN E 486 -23.16 -4.57 -54.76
C GLN E 486 -22.92 -4.64 -53.25
N GLY E 487 -21.84 -4.01 -52.79
CA GLY E 487 -21.58 -3.84 -51.38
C GLY E 487 -22.04 -2.47 -50.90
N ASP E 488 -22.01 -2.29 -49.59
CA ASP E 488 -22.49 -1.03 -49.02
C ASP E 488 -21.52 0.11 -49.32
N PRO E 489 -22.03 1.31 -49.55
CA PRO E 489 -21.15 2.48 -49.64
C PRO E 489 -20.78 2.99 -48.24
N GLY E 490 -19.84 3.92 -48.22
CA GLY E 490 -19.35 4.53 -47.00
C GLY E 490 -17.95 4.13 -46.59
N TYR E 491 -17.32 3.20 -47.32
CA TYR E 491 -15.97 2.73 -47.02
C TYR E 491 -15.17 2.82 -48.31
N PRO E 492 -14.75 4.02 -48.70
CA PRO E 492 -14.07 4.18 -50.00
C PRO E 492 -12.75 3.46 -50.09
N LEU E 493 -12.24 2.90 -48.99
CA LEU E 493 -11.01 2.11 -49.03
C LEU E 493 -11.22 0.72 -48.45
N GLY E 494 -12.47 0.25 -48.41
CA GLY E 494 -12.80 -0.91 -47.60
C GLY E 494 -12.33 -2.22 -48.18
N ARG E 495 -11.95 -2.23 -49.45
CA ARG E 495 -11.44 -3.41 -50.14
C ARG E 495 -12.49 -4.52 -50.22
N PHE E 496 -13.72 -4.14 -50.56
CA PHE E 496 -14.73 -5.12 -50.94
C PHE E 496 -14.24 -5.96 -52.10
N GLY E 497 -14.23 -7.27 -51.94
CA GLY E 497 -13.80 -8.16 -53.00
C GLY E 497 -12.42 -8.76 -52.82
N GLU E 498 -11.76 -8.48 -51.70
CA GLU E 498 -10.46 -9.07 -51.44
C GLU E 498 -10.54 -10.60 -51.33
N ALA E 499 -11.71 -11.12 -50.94
CA ALA E 499 -11.94 -12.55 -50.86
C ALA E 499 -13.32 -12.85 -51.43
N ILE E 500 -13.40 -13.85 -52.30
CA ILE E 500 -14.65 -14.25 -52.95
C ILE E 500 -14.66 -15.76 -53.02
N THR E 501 -15.73 -16.38 -52.54
CA THR E 501 -15.82 -17.84 -52.52
C THR E 501 -17.26 -18.28 -52.73
N ALA E 502 -17.42 -19.43 -53.37
CA ALA E 502 -18.72 -20.08 -53.51
C ALA E 502 -18.99 -20.89 -52.24
N LEU E 503 -20.16 -20.68 -51.63
CA LEU E 503 -20.47 -21.18 -50.30
C LEU E 503 -21.32 -22.44 -50.30
N THR E 504 -21.37 -23.17 -51.40
CA THR E 504 -22.40 -24.19 -51.58
C THR E 504 -23.78 -23.57 -51.32
N ASP E 505 -24.66 -24.30 -50.65
CA ASP E 505 -26.01 -23.83 -50.37
C ASP E 505 -26.15 -23.68 -48.87
N ILE E 506 -26.42 -22.45 -48.41
CA ILE E 506 -26.56 -22.19 -46.99
C ILE E 506 -27.99 -21.89 -46.57
N ASN E 507 -28.89 -21.61 -47.51
CA ASN E 507 -30.29 -21.41 -47.16
C ASN E 507 -31.20 -22.48 -47.74
N GLY E 508 -30.63 -23.55 -48.30
CA GLY E 508 -31.42 -24.73 -48.62
C GLY E 508 -32.35 -24.63 -49.82
N ASP E 509 -32.14 -23.67 -50.71
CA ASP E 509 -32.98 -23.54 -51.90
C ASP E 509 -32.40 -24.26 -53.12
N GLY E 510 -31.35 -25.05 -52.94
CA GLY E 510 -30.71 -25.73 -54.04
C GLY E 510 -29.80 -24.88 -54.90
N LEU E 511 -29.64 -23.60 -54.60
CA LEU E 511 -28.81 -22.70 -55.40
C LEU E 511 -27.57 -22.30 -54.61
N VAL E 512 -26.43 -22.25 -55.29
CA VAL E 512 -25.17 -21.92 -54.64
C VAL E 512 -25.15 -20.44 -54.28
N ASP E 513 -24.60 -20.12 -53.12
CA ASP E 513 -24.47 -18.75 -52.63
C ASP E 513 -23.00 -18.35 -52.55
N VAL E 514 -22.76 -17.04 -52.44
CA VAL E 514 -21.40 -16.49 -52.53
C VAL E 514 -21.17 -15.56 -51.35
N ALA E 515 -19.94 -15.58 -50.82
CA ALA E 515 -19.50 -14.65 -49.79
C ALA E 515 -18.40 -13.76 -50.33
N VAL E 516 -18.49 -12.46 -50.02
CA VAL E 516 -17.47 -11.50 -50.41
C VAL E 516 -16.92 -10.86 -49.14
N GLY E 517 -15.61 -10.90 -48.97
CA GLY E 517 -14.97 -10.31 -47.82
C GLY E 517 -14.57 -8.88 -48.11
N ALA E 518 -14.71 -8.02 -47.11
CA ALA E 518 -14.30 -6.62 -47.21
C ALA E 518 -13.53 -6.26 -45.93
N PRO E 519 -12.26 -6.64 -45.85
CA PRO E 519 -11.55 -6.58 -44.56
C PRO E 519 -11.23 -5.17 -44.08
N LEU E 520 -11.39 -4.13 -44.89
CA LEU E 520 -11.06 -2.78 -44.47
C LEU E 520 -12.29 -1.90 -44.32
N GLU E 521 -13.47 -2.49 -44.30
CA GLU E 521 -14.69 -1.75 -43.99
C GLU E 521 -14.76 -1.67 -42.47
N GLU E 522 -14.27 -0.56 -41.92
CA GLU E 522 -14.04 -0.42 -40.49
C GLU E 522 -13.17 -1.56 -39.98
N GLN E 523 -13.74 -2.46 -39.21
CA GLN E 523 -13.00 -3.61 -38.71
C GLN E 523 -13.20 -4.86 -39.58
N GLY E 524 -13.90 -4.74 -40.69
CA GLY E 524 -14.06 -5.85 -41.60
C GLY E 524 -15.49 -6.35 -41.65
N ALA E 525 -15.94 -6.70 -42.86
CA ALA E 525 -17.28 -7.21 -43.08
C ALA E 525 -17.22 -8.36 -44.08
N VAL E 526 -18.22 -9.23 -44.00
CA VAL E 526 -18.45 -10.29 -44.97
C VAL E 526 -19.86 -10.15 -45.51
N TYR E 527 -20.01 -10.18 -46.82
CA TYR E 527 -21.30 -10.05 -47.49
C TYR E 527 -21.76 -11.40 -48.03
N ILE E 528 -23.05 -11.71 -47.87
CA ILE E 528 -23.63 -12.94 -48.38
C ILE E 528 -24.57 -12.60 -49.54
N PHE E 529 -24.27 -13.14 -50.72
CA PHE E 529 -25.10 -12.93 -51.92
C PHE E 529 -25.71 -14.25 -52.33
N ASN E 530 -27.04 -14.33 -52.24
CA ASN E 530 -27.71 -15.60 -52.48
C ASN E 530 -27.85 -15.86 -53.97
N GLY E 531 -27.76 -17.13 -54.34
CA GLY E 531 -27.96 -17.52 -55.73
C GLY E 531 -29.43 -17.53 -56.08
N ARG E 532 -29.78 -16.86 -57.17
CA ARG E 532 -31.14 -16.96 -57.67
CA ARG E 532 -31.11 -16.83 -57.75
C ARG E 532 -31.12 -17.72 -58.99
N HIS E 533 -32.24 -17.74 -59.70
CA HIS E 533 -32.27 -18.36 -61.01
CA HIS E 533 -32.28 -18.36 -61.01
C HIS E 533 -31.77 -17.39 -62.07
N GLY E 534 -30.80 -17.85 -62.86
CA GLY E 534 -30.18 -17.05 -63.88
C GLY E 534 -28.89 -16.39 -63.46
N GLY E 535 -28.50 -16.49 -62.19
CA GLY E 535 -27.26 -15.88 -61.76
C GLY E 535 -27.18 -15.68 -60.25
N LEU E 536 -26.65 -14.53 -59.83
CA LEU E 536 -26.50 -14.20 -58.42
C LEU E 536 -27.32 -12.96 -58.10
N SER E 537 -27.75 -12.88 -56.86
CA SER E 537 -28.45 -11.68 -56.41
C SER E 537 -27.48 -10.51 -56.33
N PRO E 538 -27.72 -9.39 -57.02
CA PRO E 538 -26.78 -8.26 -56.92
C PRO E 538 -26.73 -7.64 -55.54
N GLN E 539 -27.78 -7.77 -54.76
CA GLN E 539 -27.88 -7.21 -53.43
C GLN E 539 -27.66 -8.30 -52.39
N PRO E 540 -26.94 -7.99 -51.32
CA PRO E 540 -26.67 -9.00 -50.29
C PRO E 540 -27.85 -9.20 -49.35
N SER E 541 -27.97 -10.43 -48.85
CA SER E 541 -29.00 -10.76 -47.88
C SER E 541 -28.50 -10.72 -46.44
N GLN E 542 -27.20 -10.53 -46.24
CA GLN E 542 -26.64 -10.43 -44.90
C GLN E 542 -25.30 -9.73 -44.98
N ARG E 543 -25.00 -8.93 -43.97
CA ARG E 543 -23.71 -8.27 -43.81
C ARG E 543 -23.25 -8.53 -42.38
N ILE E 544 -22.23 -9.37 -42.21
CA ILE E 544 -21.68 -9.71 -40.91
C ILE E 544 -20.57 -8.71 -40.60
N GLU E 545 -20.79 -7.85 -39.60
CA GLU E 545 -19.73 -6.96 -39.14
C GLU E 545 -18.78 -7.70 -38.23
N GLY E 546 -17.47 -7.57 -38.48
CA GLY E 546 -16.50 -8.19 -37.61
C GLY E 546 -16.62 -7.73 -36.17
N THR E 547 -17.00 -6.47 -35.96
CA THR E 547 -17.17 -5.94 -34.61
C THR E 547 -18.17 -6.77 -33.80
N GLN E 548 -19.20 -7.29 -34.47
CA GLN E 548 -20.18 -8.09 -33.73
C GLN E 548 -19.59 -9.41 -33.29
N VAL E 549 -18.56 -9.89 -33.97
CA VAL E 549 -17.97 -11.18 -33.62
C VAL E 549 -16.95 -11.01 -32.49
N LEU E 550 -15.99 -10.11 -32.68
CA LEU E 550 -14.95 -9.82 -31.70
C LEU E 550 -14.78 -8.31 -31.59
N SER E 551 -14.60 -7.84 -30.35
CA SER E 551 -14.56 -6.40 -30.11
CA SER E 551 -14.57 -6.41 -30.11
C SER E 551 -13.33 -5.75 -30.71
N GLY E 552 -12.16 -6.39 -30.59
CA GLY E 552 -10.92 -5.78 -31.08
C GLY E 552 -10.45 -6.33 -32.41
N ILE E 553 -11.35 -6.90 -33.19
CA ILE E 553 -10.96 -7.58 -34.42
C ILE E 553 -10.60 -6.56 -35.50
N GLN E 554 -9.71 -6.99 -36.40
CA GLN E 554 -9.34 -6.25 -37.60
C GLN E 554 -9.26 -7.22 -38.77
N TRP E 555 -9.44 -6.66 -39.97
CA TRP E 555 -9.30 -7.41 -41.23
C TRP E 555 -10.27 -8.59 -41.31
N PHE E 556 -11.46 -8.45 -40.74
CA PHE E 556 -12.42 -9.54 -40.79
C PHE E 556 -12.92 -9.68 -42.22
N GLY E 557 -12.75 -10.87 -42.79
CA GLY E 557 -13.13 -11.11 -44.16
C GLY E 557 -11.96 -11.25 -45.10
N ARG E 558 -10.74 -11.28 -44.58
CA ARG E 558 -9.56 -11.38 -45.43
C ARG E 558 -9.50 -12.72 -46.14
N SER E 559 -10.25 -13.71 -45.66
CA SER E 559 -10.22 -15.04 -46.22
CA SER E 559 -10.23 -15.04 -46.23
C SER E 559 -11.50 -15.75 -45.81
N ILE E 560 -12.14 -16.45 -46.76
CA ILE E 560 -13.40 -17.14 -46.49
C ILE E 560 -13.36 -18.50 -47.17
N HIS E 561 -13.93 -19.50 -46.53
CA HIS E 561 -14.08 -20.83 -47.10
C HIS E 561 -15.26 -21.51 -46.43
N GLY E 562 -16.32 -21.79 -47.18
CA GLY E 562 -17.52 -22.38 -46.62
C GLY E 562 -18.12 -23.43 -47.54
N VAL E 563 -17.42 -24.56 -47.66
CA VAL E 563 -17.83 -25.66 -48.52
C VAL E 563 -18.33 -26.85 -47.71
N LYS E 564 -18.21 -26.77 -46.39
CA LYS E 564 -18.13 -27.95 -45.56
C LYS E 564 -19.05 -27.84 -44.34
N ASP E 565 -19.56 -28.98 -43.90
CA ASP E 565 -20.22 -29.15 -42.61
C ASP E 565 -19.23 -29.84 -41.68
N LEU E 566 -18.71 -29.09 -40.71
CA LEU E 566 -17.63 -29.61 -39.87
C LEU E 566 -18.15 -30.58 -38.81
N GLU E 567 -19.23 -30.22 -38.13
CA GLU E 567 -19.74 -31.03 -37.03
C GLU E 567 -20.69 -32.13 -37.47
N GLY E 568 -21.02 -32.20 -38.76
CA GLY E 568 -21.90 -33.25 -39.24
C GLY E 568 -23.32 -33.16 -38.74
N ASP E 569 -23.84 -31.95 -38.53
CA ASP E 569 -25.18 -31.73 -38.03
C ASP E 569 -26.17 -31.31 -39.11
N GLY E 570 -25.78 -31.40 -40.39
CA GLY E 570 -26.66 -31.02 -41.47
C GLY E 570 -26.62 -29.56 -41.87
N LEU E 571 -25.98 -28.71 -41.07
CA LEU E 571 -25.90 -27.28 -41.35
C LEU E 571 -24.57 -26.95 -42.04
N ALA E 572 -24.56 -25.84 -42.76
CA ALA E 572 -23.36 -25.39 -43.44
C ALA E 572 -22.51 -24.54 -42.50
N ASP E 573 -21.19 -24.66 -42.66
CA ASP E 573 -20.23 -23.92 -41.86
C ASP E 573 -19.38 -23.06 -42.78
N VAL E 574 -19.08 -21.85 -42.31
CA VAL E 574 -18.27 -20.89 -43.06
C VAL E 574 -17.11 -20.47 -42.17
N ALA E 575 -15.89 -20.70 -42.66
CA ALA E 575 -14.68 -20.28 -41.97
C ALA E 575 -14.20 -18.95 -42.54
N VAL E 576 -13.98 -17.97 -41.67
CA VAL E 576 -13.58 -16.62 -42.07
C VAL E 576 -12.29 -16.26 -41.35
N GLY E 577 -11.34 -15.69 -42.09
CA GLY E 577 -10.11 -15.24 -41.49
C GLY E 577 -10.16 -13.79 -41.06
N ALA E 578 -9.30 -13.44 -40.12
CA ALA E 578 -9.12 -12.06 -39.69
C ALA E 578 -7.70 -11.91 -39.16
N GLU E 579 -7.39 -10.73 -38.63
CA GLU E 579 -6.10 -10.52 -38.00
C GLU E 579 -5.97 -11.40 -36.76
N SER E 580 -5.00 -12.31 -36.79
CA SER E 580 -4.69 -13.16 -35.64
C SER E 580 -5.86 -14.06 -35.25
N GLN E 581 -6.85 -14.22 -36.13
CA GLN E 581 -8.07 -14.93 -35.78
C GLN E 581 -8.58 -15.73 -36.96
N MET E 582 -9.27 -16.82 -36.64
CA MET E 582 -10.13 -17.54 -37.58
C MET E 582 -11.46 -17.75 -36.90
N ILE E 583 -12.54 -17.58 -37.67
CA ILE E 583 -13.89 -17.56 -37.15
C ILE E 583 -14.75 -18.54 -37.93
N VAL E 584 -15.66 -19.23 -37.23
CA VAL E 584 -16.55 -20.20 -37.83
C VAL E 584 -17.99 -19.76 -37.60
N LEU E 585 -18.74 -19.57 -38.68
CA LEU E 585 -20.16 -19.26 -38.61
C LEU E 585 -20.94 -20.43 -39.18
N SER E 586 -22.06 -20.76 -38.54
CA SER E 586 -22.91 -21.86 -38.96
C SER E 586 -24.22 -21.34 -39.53
N SER E 587 -24.82 -22.15 -40.38
CA SER E 587 -26.12 -21.83 -40.93
C SER E 587 -27.20 -22.36 -39.98
N ARG E 588 -28.23 -21.55 -39.73
CA ARG E 588 -29.34 -21.94 -38.88
C ARG E 588 -30.63 -21.51 -39.53
N PRO E 589 -31.75 -22.15 -39.19
CA PRO E 589 -33.05 -21.63 -39.61
C PRO E 589 -33.38 -20.35 -38.87
N VAL E 590 -34.44 -19.68 -39.31
CA VAL E 590 -34.77 -18.33 -38.85
C VAL E 590 -36.16 -18.29 -38.21
N GLN F 1 -46.91 19.81 -55.91
CA GLN F 1 -48.28 19.84 -56.40
C GLN F 1 -49.07 18.62 -55.96
N GLU F 2 -48.38 17.66 -55.34
CA GLU F 2 -49.01 16.48 -54.77
C GLU F 2 -48.64 16.38 -53.29
N CYS F 3 -49.53 15.76 -52.52
CA CYS F 3 -49.31 15.51 -51.09
C CYS F 3 -49.90 14.15 -50.72
N THR F 4 -49.21 13.47 -49.81
CA THR F 4 -49.64 12.22 -49.22
C THR F 4 -49.57 12.36 -47.70
N LYS F 5 -50.54 11.80 -46.99
CA LYS F 5 -50.68 12.06 -45.56
C LYS F 5 -51.06 10.78 -44.83
N PHE F 6 -50.61 10.70 -43.57
CA PHE F 6 -50.87 9.57 -42.70
C PHE F 6 -51.35 10.01 -41.31
N LYS F 7 -50.44 10.60 -40.53
CA LYS F 7 -50.74 10.85 -39.13
C LYS F 7 -51.54 12.13 -38.93
N VAL F 8 -51.06 13.23 -39.52
CA VAL F 8 -51.57 14.59 -39.36
C VAL F 8 -52.35 14.82 -38.08
N SER F 9 -51.66 15.23 -37.02
CA SER F 9 -52.30 15.89 -35.90
C SER F 9 -51.91 17.35 -35.79
N SER F 10 -51.05 17.84 -36.68
CA SER F 10 -50.46 19.17 -36.48
C SER F 10 -50.02 19.77 -37.80
N CYS F 11 -49.79 21.10 -37.76
CA CYS F 11 -49.24 21.83 -38.90
C CYS F 11 -47.84 21.35 -39.23
N ARG F 12 -47.08 20.97 -38.20
CA ARG F 12 -45.71 20.51 -38.41
C ARG F 12 -45.67 19.12 -38.99
N GLU F 13 -46.46 18.20 -38.43
CA GLU F 13 -46.53 16.85 -38.99
C GLU F 13 -47.00 16.91 -40.43
N CYS F 14 -47.75 17.95 -40.79
CA CYS F 14 -48.17 18.13 -42.17
C CYS F 14 -46.97 18.40 -43.06
N ILE F 15 -46.26 19.49 -42.80
CA ILE F 15 -45.10 19.85 -43.60
C ILE F 15 -44.08 18.72 -43.62
N GLU F 16 -43.95 17.99 -42.51
CA GLU F 16 -43.05 16.84 -42.52
C GLU F 16 -43.51 15.78 -43.49
N SER F 17 -44.82 15.70 -43.76
CA SER F 17 -45.37 14.62 -44.58
C SER F 17 -45.05 14.77 -46.07
N GLY F 18 -44.55 15.93 -46.50
CA GLY F 18 -44.19 16.10 -47.89
C GLY F 18 -44.04 17.54 -48.31
N PRO F 19 -43.40 17.76 -49.47
CA PRO F 19 -43.16 19.13 -49.95
C PRO F 19 -44.38 19.77 -50.59
N GLY F 20 -45.38 18.99 -50.99
CA GLY F 20 -46.58 19.55 -51.57
C GLY F 20 -47.72 19.74 -50.60
N CYS F 21 -47.49 19.45 -49.32
CA CYS F 21 -48.53 19.56 -48.31
C CYS F 21 -48.56 20.98 -47.73
N THR F 22 -49.76 21.48 -47.50
CA THR F 22 -49.99 22.78 -46.92
C THR F 22 -50.96 22.64 -45.75
N TRP F 23 -51.02 23.68 -44.92
CA TRP F 23 -51.84 23.63 -43.71
C TRP F 23 -52.70 24.87 -43.60
N CYS F 24 -53.98 24.67 -43.29
CA CYS F 24 -54.94 25.75 -43.12
C CYS F 24 -54.91 26.23 -41.68
N GLN F 25 -54.80 27.55 -41.51
CA GLN F 25 -54.75 28.13 -40.17
C GLN F 25 -55.92 29.08 -39.93
N LYS F 26 -57.13 28.67 -40.29
CA LYS F 26 -58.31 29.49 -40.07
C LYS F 26 -59.05 29.03 -38.82
N LEU F 27 -59.57 30.00 -38.07
CA LEU F 27 -60.35 29.69 -36.89
C LEU F 27 -61.67 29.04 -37.30
N ASN F 28 -61.98 27.90 -36.69
CA ASN F 28 -63.23 27.17 -36.93
C ASN F 28 -63.32 26.73 -38.39
N PHE F 29 -62.22 26.17 -38.90
CA PHE F 29 -62.18 25.63 -40.26
C PHE F 29 -62.66 24.19 -40.32
N THR F 30 -62.46 23.44 -39.24
CA THR F 30 -62.81 22.03 -39.23
C THR F 30 -64.30 21.83 -38.95
N GLY F 31 -64.85 20.78 -39.54
CA GLY F 31 -66.19 20.33 -39.24
C GLY F 31 -66.25 19.64 -37.90
N PRO F 32 -67.40 19.75 -37.21
CA PRO F 32 -67.50 19.12 -35.89
C PRO F 32 -67.28 17.62 -35.93
N GLY F 33 -67.77 16.95 -36.97
CA GLY F 33 -67.50 15.54 -37.15
C GLY F 33 -66.24 15.23 -37.94
N ASP F 34 -65.66 16.24 -38.59
CA ASP F 34 -64.50 16.06 -39.44
C ASP F 34 -63.21 16.07 -38.58
N PRO F 35 -62.21 15.27 -38.94
CA PRO F 35 -60.96 15.28 -38.19
C PRO F 35 -60.11 16.47 -38.62
N ASP F 36 -58.93 16.58 -38.00
CA ASP F 36 -57.99 17.64 -38.35
C ASP F 36 -57.09 17.26 -39.51
N SER F 37 -57.23 16.06 -40.08
CA SER F 37 -56.52 15.75 -41.31
C SER F 37 -56.94 16.68 -42.45
N ILE F 38 -58.09 17.34 -42.30
CA ILE F 38 -58.60 18.19 -43.37
C ILE F 38 -57.71 19.40 -43.57
N ARG F 39 -57.17 19.95 -42.48
CA ARG F 39 -56.34 21.14 -42.58
C ARG F 39 -55.05 20.91 -43.35
N CYS F 40 -54.69 19.65 -43.61
CA CYS F 40 -53.43 19.31 -44.27
C CYS F 40 -53.75 18.68 -45.63
N ASP F 41 -53.44 19.41 -46.69
CA ASP F 41 -53.56 18.89 -48.05
C ASP F 41 -52.79 19.82 -48.99
N THR F 42 -52.93 19.59 -50.29
CA THR F 42 -52.30 20.46 -51.27
C THR F 42 -52.95 21.84 -51.24
N ARG F 43 -52.23 22.84 -51.77
CA ARG F 43 -52.78 24.19 -51.85
C ARG F 43 -54.10 24.23 -52.61
N PRO F 44 -54.25 23.65 -53.81
CA PRO F 44 -55.55 23.76 -54.49
C PRO F 44 -56.66 23.05 -53.76
N GLN F 45 -56.35 21.93 -53.10
CA GLN F 45 -57.37 21.22 -52.35
C GLN F 45 -57.83 22.02 -51.14
N LEU F 46 -56.91 22.75 -50.49
CA LEU F 46 -57.31 23.59 -49.37
C LEU F 46 -58.16 24.77 -49.85
N LEU F 47 -57.82 25.34 -51.00
CA LEU F 47 -58.65 26.40 -51.56
C LEU F 47 -60.03 25.88 -51.94
N MET F 48 -60.10 24.63 -52.40
CA MET F 48 -61.36 23.97 -52.66
C MET F 48 -62.19 23.88 -51.37
N ARG F 49 -61.52 23.66 -50.24
CA ARG F 49 -62.20 23.52 -48.96
C ARG F 49 -62.46 24.85 -48.26
N GLY F 50 -62.29 25.97 -48.94
CA GLY F 50 -62.64 27.27 -48.39
C GLY F 50 -61.52 27.98 -47.66
N CYS F 51 -60.34 27.38 -47.57
CA CYS F 51 -59.23 28.01 -46.87
C CYS F 51 -58.69 29.17 -47.71
N ALA F 52 -58.70 30.37 -47.14
CA ALA F 52 -58.19 31.54 -47.85
C ALA F 52 -56.68 31.43 -48.04
N ALA F 53 -56.18 32.16 -49.04
CA ALA F 53 -54.75 32.12 -49.34
C ALA F 53 -53.92 32.62 -48.15
N ASP F 54 -54.40 33.66 -47.48
CA ASP F 54 -53.69 34.20 -46.32
C ASP F 54 -53.67 33.23 -45.14
N ASP F 55 -54.46 32.17 -45.18
CA ASP F 55 -54.51 31.21 -44.10
C ASP F 55 -53.89 29.85 -44.46
N ILE F 56 -53.14 29.79 -45.56
CA ILE F 56 -52.46 28.57 -45.99
C ILE F 56 -51.00 28.68 -45.61
N MET F 57 -50.52 27.70 -44.86
CA MET F 57 -49.15 27.66 -44.37
C MET F 57 -48.31 26.78 -45.29
N ASP F 58 -47.46 27.41 -46.09
CA ASP F 58 -46.61 26.73 -47.08
C ASP F 58 -45.20 27.28 -46.98
N PRO F 59 -44.39 26.72 -46.08
CA PRO F 59 -43.03 27.24 -45.91
C PRO F 59 -42.10 26.76 -47.02
N THR F 60 -41.16 27.63 -47.37
CA THR F 60 -40.21 27.35 -48.44
C THR F 60 -38.79 27.41 -47.89
N SER F 61 -37.92 26.60 -48.48
CA SER F 61 -36.53 26.53 -48.05
C SER F 61 -35.84 27.87 -48.23
N LEU F 62 -34.91 28.18 -47.33
CA LEU F 62 -34.28 29.49 -47.31
C LEU F 62 -32.78 29.35 -47.14
N ALA F 63 -32.03 30.32 -47.66
CA ALA F 63 -30.59 30.39 -47.50
C ALA F 63 -30.20 31.77 -47.01
N GLU F 64 -29.37 31.82 -45.97
CA GLU F 64 -28.89 33.08 -45.40
C GLU F 64 -27.37 33.08 -45.35
N THR F 65 -26.76 34.13 -45.89
CA THR F 65 -25.31 34.20 -46.02
C THR F 65 -24.74 35.34 -45.17
N GLN F 66 -23.64 35.05 -44.48
CA GLN F 66 -22.82 36.05 -43.83
C GLN F 66 -21.44 36.01 -44.47
N GLU F 67 -21.02 37.13 -45.07
CA GLU F 67 -19.75 37.15 -45.79
C GLU F 67 -18.60 37.58 -44.89
N ASP F 68 -18.63 38.81 -44.38
CA ASP F 68 -17.57 39.31 -43.51
C ASP F 68 -17.83 39.00 -42.04
N GLN F 73 -8.50 38.47 -49.53
CA GLN F 73 -9.40 37.84 -48.56
C GLN F 73 -10.78 37.59 -49.18
N LYS F 74 -10.82 37.55 -50.51
CA LYS F 74 -12.06 37.39 -51.26
C LYS F 74 -12.11 36.08 -52.05
N GLN F 75 -11.10 35.21 -51.92
CA GLN F 75 -10.97 34.10 -52.88
C GLN F 75 -12.21 33.20 -52.88
N LEU F 76 -12.65 32.79 -51.69
CA LEU F 76 -13.82 31.91 -51.56
C LEU F 76 -14.81 32.58 -50.60
N SER F 77 -15.95 33.00 -51.14
CA SER F 77 -16.99 33.64 -50.34
C SER F 77 -18.38 33.16 -50.75
N PRO F 78 -19.34 33.21 -49.81
CA PRO F 78 -19.22 33.64 -48.41
C PRO F 78 -18.57 32.60 -47.51
N GLN F 79 -18.27 32.98 -46.27
CA GLN F 79 -17.65 32.05 -45.34
C GLN F 79 -18.68 31.18 -44.63
N LYS F 80 -19.80 31.78 -44.25
CA LYS F 80 -20.85 31.09 -43.49
C LYS F 80 -22.17 31.18 -44.23
N VAL F 81 -22.87 30.06 -44.31
CA VAL F 81 -24.22 30.00 -44.86
C VAL F 81 -25.10 29.18 -43.92
N THR F 82 -26.34 29.64 -43.72
CA THR F 82 -27.32 28.92 -42.94
C THR F 82 -28.51 28.56 -43.83
N LEU F 83 -28.86 27.28 -43.83
CA LEU F 83 -29.93 26.75 -44.67
C LEU F 83 -31.09 26.28 -43.81
N TYR F 84 -32.29 26.70 -44.16
CA TYR F 84 -33.53 26.25 -43.52
C TYR F 84 -34.25 25.38 -44.55
N LEU F 85 -34.21 24.07 -44.36
CA LEU F 85 -34.51 23.13 -45.43
C LEU F 85 -35.91 22.56 -45.27
N ARG F 86 -36.73 22.73 -46.30
CA ARG F 86 -38.02 22.07 -46.36
C ARG F 86 -37.85 20.72 -47.04
N PRO F 87 -38.28 19.61 -46.43
CA PRO F 87 -38.04 18.29 -47.05
C PRO F 87 -38.58 18.22 -48.47
N GLY F 88 -37.69 17.87 -49.41
CA GLY F 88 -38.05 17.78 -50.82
C GLY F 88 -37.87 19.06 -51.62
N GLN F 89 -37.58 20.19 -50.96
CA GLN F 89 -37.42 21.47 -51.62
C GLN F 89 -35.99 21.96 -51.43
N ALA F 90 -35.36 22.36 -52.53
CA ALA F 90 -33.96 22.74 -52.52
C ALA F 90 -33.80 24.21 -52.13
N ALA F 91 -32.74 24.49 -51.37
CA ALA F 91 -32.30 25.85 -51.12
C ALA F 91 -31.06 26.11 -51.98
N ALA F 92 -30.98 27.32 -52.54
CA ALA F 92 -29.91 27.70 -53.44
C ALA F 92 -29.13 28.88 -52.88
N PHE F 93 -27.81 28.83 -53.03
CA PHE F 93 -26.96 29.95 -52.67
C PHE F 93 -25.71 29.91 -53.55
N ASN F 94 -25.16 31.08 -53.84
CA ASN F 94 -24.03 31.20 -54.74
C ASN F 94 -22.73 31.29 -53.97
N VAL F 95 -21.73 30.53 -54.40
CA VAL F 95 -20.36 30.64 -53.94
C VAL F 95 -19.55 31.31 -55.04
N THR F 96 -18.84 32.37 -54.69
CA THR F 96 -18.00 33.09 -55.64
C THR F 96 -16.55 32.73 -55.41
N PHE F 97 -15.84 32.38 -56.48
CA PHE F 97 -14.42 32.06 -56.42
C PHE F 97 -13.65 33.09 -57.24
N ARG F 98 -12.65 33.71 -56.62
CA ARG F 98 -11.82 34.73 -57.25
C ARG F 98 -10.36 34.41 -56.98
N ARG F 99 -9.67 33.85 -57.98
CA ARG F 99 -8.26 33.50 -57.85
C ARG F 99 -7.43 34.65 -57.32
N ALA F 100 -6.88 34.48 -56.14
CA ALA F 100 -5.97 35.48 -55.58
C ALA F 100 -4.66 35.48 -56.34
N LYS F 101 -4.06 36.67 -56.49
CA LYS F 101 -2.76 36.74 -57.13
C LYS F 101 -1.73 36.05 -56.24
N GLY F 102 -0.96 35.14 -56.84
CA GLY F 102 0.12 34.40 -56.20
C GLY F 102 0.16 34.17 -54.70
N TYR F 103 -0.45 33.08 -54.23
CA TYR F 103 -0.25 32.61 -52.87
C TYR F 103 1.15 32.01 -52.74
N PRO F 104 1.75 32.03 -51.55
CA PRO F 104 3.06 31.39 -51.39
C PRO F 104 3.00 29.91 -51.73
N ILE F 105 4.12 29.38 -52.24
CA ILE F 105 4.18 28.01 -52.74
C ILE F 105 5.32 27.27 -52.06
N ASP F 106 5.02 26.07 -51.56
CA ASP F 106 6.02 25.07 -51.18
C ASP F 106 6.11 24.01 -52.27
N LEU F 107 7.32 23.72 -52.72
CA LEU F 107 7.55 22.70 -53.75
C LEU F 107 8.55 21.66 -53.25
N TYR F 108 8.07 20.43 -53.04
CA TYR F 108 8.91 19.34 -52.58
C TYR F 108 9.25 18.44 -53.77
N TYR F 109 10.55 18.30 -54.06
CA TYR F 109 11.02 17.57 -55.24
C TYR F 109 11.32 16.14 -54.81
N LEU F 110 10.46 15.20 -55.19
CA LEU F 110 10.62 13.80 -54.81
C LEU F 110 11.12 13.04 -56.02
N MET F 111 12.36 12.54 -55.93
CA MET F 111 13.09 12.04 -57.10
C MET F 111 13.33 10.54 -57.03
N ASP F 112 13.12 9.89 -58.18
CA ASP F 112 13.57 8.52 -58.40
C ASP F 112 15.11 8.48 -58.51
N LEU F 113 15.73 7.54 -57.80
CA LEU F 113 17.18 7.39 -57.81
C LEU F 113 17.62 6.00 -58.28
N SER F 114 16.79 5.34 -59.07
CA SER F 114 17.27 4.13 -59.72
C SER F 114 18.34 4.48 -60.74
N TYR F 115 19.03 3.46 -61.24
CA TYR F 115 20.28 3.71 -61.94
C TYR F 115 20.08 4.49 -63.23
N SER F 116 18.94 4.31 -63.89
CA SER F 116 18.68 5.04 -65.12
C SER F 116 18.46 6.53 -64.87
N MET F 117 18.34 6.96 -63.62
CA MET F 117 18.24 8.37 -63.30
C MET F 117 19.61 8.99 -62.99
N LEU F 118 20.70 8.31 -63.37
CA LEU F 118 22.05 8.81 -63.07
C LEU F 118 22.30 10.17 -63.70
N ASP F 119 22.03 10.29 -65.00
CA ASP F 119 22.18 11.59 -65.65
C ASP F 119 21.18 12.60 -65.12
N ASP F 120 19.97 12.16 -64.74
CA ASP F 120 19.02 13.07 -64.11
C ASP F 120 19.56 13.63 -62.80
N LEU F 121 20.20 12.78 -61.99
CA LEU F 121 20.72 13.24 -60.71
C LEU F 121 21.81 14.29 -60.90
N ARG F 122 22.68 14.09 -61.89
CA ARG F 122 23.73 15.06 -62.18
C ARG F 122 23.14 16.43 -62.49
N ASN F 123 22.03 16.46 -63.24
CA ASN F 123 21.41 17.72 -63.61
C ASN F 123 20.67 18.35 -62.44
N VAL F 124 19.89 17.55 -61.70
CA VAL F 124 19.04 18.10 -60.66
C VAL F 124 19.87 18.71 -59.53
N LYS F 125 21.10 18.22 -59.34
CA LYS F 125 21.98 18.80 -58.33
C LYS F 125 22.35 20.24 -58.64
N LYS F 126 22.12 20.71 -59.86
CA LYS F 126 22.44 22.07 -60.28
C LYS F 126 21.21 22.91 -60.54
N LEU F 127 20.01 22.41 -60.22
CA LEU F 127 18.77 23.09 -60.57
C LEU F 127 18.13 23.81 -59.38
N GLY F 128 18.80 23.87 -58.22
CA GLY F 128 18.21 24.49 -57.05
C GLY F 128 17.87 25.96 -57.25
N GLY F 129 18.78 26.72 -57.84
CA GLY F 129 18.51 28.12 -58.11
C GLY F 129 17.43 28.31 -59.17
N ASP F 130 17.45 27.47 -60.21
CA ASP F 130 16.42 27.59 -61.24
C ASP F 130 15.06 27.22 -60.70
N LEU F 131 15.01 26.25 -59.78
CA LEU F 131 13.74 25.85 -59.18
C LEU F 131 13.14 26.99 -58.36
N LEU F 132 13.95 27.63 -57.51
CA LEU F 132 13.45 28.78 -56.76
C LEU F 132 13.05 29.92 -57.69
N ARG F 133 13.82 30.11 -58.76
CA ARG F 133 13.49 31.18 -59.71
C ARG F 133 12.09 30.98 -60.25
N ALA F 134 11.79 29.80 -60.80
CA ALA F 134 10.46 29.54 -61.36
C ALA F 134 9.38 29.76 -60.32
N LEU F 135 9.62 29.33 -59.08
CA LEU F 135 8.67 29.60 -58.01
C LEU F 135 8.53 31.08 -57.76
N ASN F 136 9.65 31.79 -57.66
CA ASN F 136 9.60 33.22 -57.42
C ASN F 136 9.13 34.03 -58.62
N GLU F 137 8.98 33.41 -59.79
CA GLU F 137 8.34 34.09 -60.92
C GLU F 137 6.83 33.90 -60.94
N ILE F 138 6.33 32.82 -60.33
CA ILE F 138 4.89 32.63 -60.23
C ILE F 138 4.34 33.49 -59.11
N THR F 139 4.82 33.25 -57.89
CA THR F 139 4.46 34.02 -56.71
C THR F 139 5.75 34.44 -56.01
N GLU F 140 5.62 35.17 -54.92
CA GLU F 140 6.79 35.45 -54.08
C GLU F 140 6.75 34.54 -52.86
N SER F 141 7.84 34.54 -52.10
CA SER F 141 7.96 33.70 -50.90
C SER F 141 7.78 32.22 -51.25
N GLY F 142 8.70 31.74 -52.09
CA GLY F 142 8.72 30.34 -52.49
C GLY F 142 9.77 29.56 -51.73
N ARG F 143 9.51 28.26 -51.57
CA ARG F 143 10.45 27.36 -50.90
C ARG F 143 10.54 26.05 -51.65
N ILE F 144 11.72 25.44 -51.60
CA ILE F 144 11.97 24.15 -52.25
C ILE F 144 12.48 23.15 -51.21
N GLY F 145 12.09 21.89 -51.40
CA GLY F 145 12.60 20.80 -50.60
C GLY F 145 12.96 19.64 -51.50
N PHE F 146 13.56 18.60 -50.91
CA PHE F 146 14.02 17.48 -51.71
C PHE F 146 13.96 16.17 -50.96
N GLY F 147 13.60 15.11 -51.67
CA GLY F 147 13.64 13.77 -51.13
C GLY F 147 13.76 12.77 -52.26
N SER F 148 14.20 11.57 -51.91
CA SER F 148 14.50 10.55 -52.91
C SER F 148 13.88 9.23 -52.50
N PHE F 149 13.79 8.33 -53.47
CA PHE F 149 13.21 7.01 -53.26
C PHE F 149 13.78 6.03 -54.27
N VAL F 150 13.75 4.76 -53.90
CA VAL F 150 13.98 3.66 -54.84
C VAL F 150 12.87 2.63 -54.67
N ASP F 151 12.96 1.80 -53.63
CA ASP F 151 11.97 0.75 -53.42
C ASP F 151 12.20 0.12 -52.06
N LYS F 152 11.28 -0.75 -51.66
CA LYS F 152 11.45 -1.55 -50.45
C LYS F 152 12.67 -2.46 -50.59
N THR F 153 13.34 -2.70 -49.48
CA THR F 153 14.62 -3.43 -49.51
C THR F 153 14.44 -4.90 -49.17
N VAL F 154 13.54 -5.58 -49.88
CA VAL F 154 13.35 -7.03 -49.75
C VAL F 154 13.19 -7.61 -51.15
N LEU F 155 13.52 -8.89 -51.28
CA LEU F 155 13.18 -9.65 -52.49
C LEU F 155 11.68 -9.64 -52.78
N PRO F 156 11.29 -9.61 -54.06
CA PRO F 156 12.18 -9.50 -55.22
C PRO F 156 12.34 -8.06 -55.70
N PHE F 157 12.13 -7.11 -54.80
CA PHE F 157 12.17 -5.69 -55.19
C PHE F 157 13.62 -5.18 -55.28
N VAL F 158 14.49 -5.60 -54.36
CA VAL F 158 15.92 -5.39 -54.49
C VAL F 158 16.60 -6.74 -54.37
N ASN F 159 17.86 -6.79 -54.81
CA ASN F 159 18.67 -7.99 -54.66
C ASN F 159 19.34 -7.94 -53.29
N THR F 160 18.99 -8.89 -52.43
CA THR F 160 19.44 -8.90 -51.05
C THR F 160 20.80 -9.56 -50.87
N HIS F 161 21.46 -9.95 -51.97
CA HIS F 161 22.82 -10.44 -51.88
C HIS F 161 23.69 -9.35 -51.25
N PRO F 162 24.47 -9.67 -50.22
CA PRO F 162 25.21 -8.61 -49.52
C PRO F 162 26.07 -7.75 -50.42
N ASP F 163 26.61 -8.29 -51.52
CA ASP F 163 27.40 -7.46 -52.42
C ASP F 163 26.52 -6.42 -53.10
N LYS F 164 25.31 -6.80 -53.48
CA LYS F 164 24.44 -5.91 -54.23
C LYS F 164 23.61 -5.00 -53.34
N LEU F 165 23.43 -5.35 -52.06
CA LEU F 165 22.94 -4.36 -51.12
C LEU F 165 23.98 -3.27 -50.89
N ARG F 166 25.26 -3.63 -50.94
CA ARG F 166 26.32 -2.63 -50.86
C ARG F 166 26.40 -1.80 -52.13
N ASN F 167 26.12 -2.40 -53.28
CA ASN F 167 26.26 -1.73 -54.57
C ASN F 167 25.21 -2.27 -55.50
N PRO F 168 23.99 -1.71 -55.46
CA PRO F 168 22.93 -2.19 -56.36
C PRO F 168 23.17 -1.83 -57.80
N CYS F 169 24.10 -0.91 -58.06
CA CYS F 169 24.40 -0.49 -59.40
C CYS F 169 25.21 -1.56 -60.10
N PRO F 170 25.37 -1.46 -61.42
CA PRO F 170 26.39 -2.29 -62.09
C PRO F 170 27.75 -2.07 -61.45
N ASN F 171 28.52 -3.16 -61.32
CA ASN F 171 29.76 -3.13 -60.56
C ASN F 171 30.81 -2.17 -61.13
N LYS F 172 30.53 -1.57 -62.28
CA LYS F 172 31.38 -0.54 -62.85
C LYS F 172 31.25 0.82 -62.16
N GLU F 173 30.43 0.92 -61.11
CA GLU F 173 30.08 2.20 -60.51
C GLU F 173 30.84 2.41 -59.21
N LYS F 174 31.71 3.42 -59.18
CA LYS F 174 32.44 3.75 -57.96
C LYS F 174 31.53 4.40 -56.92
N GLU F 175 30.58 5.22 -57.38
CA GLU F 175 29.75 6.05 -56.49
C GLU F 175 28.30 5.58 -56.56
N CYS F 176 27.90 4.74 -55.61
CA CYS F 176 26.55 4.19 -55.59
C CYS F 176 26.17 3.94 -54.14
N GLN F 177 24.93 4.29 -53.77
CA GLN F 177 24.53 4.00 -52.39
C GLN F 177 23.60 2.79 -52.34
N PRO F 178 23.53 2.10 -51.20
CA PRO F 178 22.59 0.99 -51.04
C PRO F 178 21.18 1.40 -51.40
N PRO F 179 20.33 0.45 -51.79
CA PRO F 179 18.92 0.77 -52.06
C PRO F 179 18.22 1.21 -50.78
N PHE F 180 17.15 1.97 -50.95
CA PHE F 180 16.38 2.49 -49.81
C PHE F 180 14.97 2.80 -50.30
N ALA F 181 14.04 2.89 -49.35
CA ALA F 181 12.65 3.19 -49.71
C ALA F 181 12.43 4.69 -49.89
N PHE F 182 12.74 5.48 -48.88
CA PHE F 182 12.55 6.93 -48.96
C PHE F 182 13.53 7.62 -48.02
N ARG F 183 14.20 8.66 -48.51
CA ARG F 183 15.07 9.48 -47.68
CA ARG F 183 15.08 9.47 -47.68
C ARG F 183 14.66 10.94 -47.80
N HIS F 184 14.41 11.57 -46.67
CA HIS F 184 14.10 13.00 -46.63
C HIS F 184 15.42 13.74 -46.63
N VAL F 185 15.68 14.48 -47.72
CA VAL F 185 16.99 15.07 -47.91
C VAL F 185 17.02 16.53 -47.47
N LEU F 186 16.00 17.29 -47.83
CA LEU F 186 16.02 18.74 -47.63
C LEU F 186 14.66 19.20 -47.15
N LYS F 187 14.61 19.69 -45.92
CA LYS F 187 13.46 20.44 -45.45
C LYS F 187 13.26 21.67 -46.32
N LEU F 188 11.99 22.02 -46.56
CA LEU F 188 11.63 23.15 -47.41
C LEU F 188 12.37 24.42 -46.98
N THR F 189 12.94 25.12 -47.97
CA THR F 189 13.79 26.27 -47.70
C THR F 189 13.78 27.20 -48.91
N ASN F 190 14.03 28.48 -48.67
CA ASN F 190 14.27 29.45 -49.74
C ASN F 190 15.75 29.63 -50.04
N ASN F 191 16.60 28.77 -49.49
CA ASN F 191 18.05 28.86 -49.65
C ASN F 191 18.45 27.84 -50.71
N SER F 192 18.70 28.33 -51.92
CA SER F 192 19.14 27.46 -52.99
C SER F 192 20.51 26.87 -52.72
N ASN F 193 21.33 27.52 -51.88
CA ASN F 193 22.62 26.94 -51.52
C ASN F 193 22.43 25.69 -50.65
N GLN F 194 21.43 25.70 -49.75
CA GLN F 194 21.14 24.51 -48.97
C GLN F 194 20.73 23.36 -49.88
N PHE F 195 19.95 23.65 -50.93
CA PHE F 195 19.60 22.62 -51.90
C PHE F 195 20.84 22.07 -52.58
N GLN F 196 21.76 22.96 -52.95
CA GLN F 196 22.94 22.54 -53.71
C GLN F 196 23.83 21.62 -52.89
N THR F 197 23.93 21.86 -51.58
CA THR F 197 24.84 21.08 -50.75
C THR F 197 24.23 19.78 -50.28
N GLU F 198 22.94 19.79 -49.91
CA GLU F 198 22.31 18.57 -49.40
C GLU F 198 22.01 17.58 -50.53
N VAL F 199 21.44 18.07 -51.62
CA VAL F 199 21.23 17.20 -52.77
C VAL F 199 22.56 16.73 -53.35
N GLY F 200 23.60 17.56 -53.28
CA GLY F 200 24.91 17.16 -53.77
C GLY F 200 25.46 15.93 -53.08
N LYS F 201 25.06 15.69 -51.83
CA LYS F 201 25.51 14.51 -51.11
C LYS F 201 24.85 13.22 -51.62
N GLN F 202 23.72 13.32 -52.30
CA GLN F 202 22.99 12.11 -52.67
C GLN F 202 23.70 11.36 -53.80
N LEU F 203 23.78 10.04 -53.69
CA LEU F 203 24.37 9.20 -54.71
C LEU F 203 23.28 8.41 -55.44
N ILE F 204 23.60 7.98 -56.66
CA ILE F 204 22.67 7.14 -57.40
C ILE F 204 22.56 5.78 -56.72
N SER F 205 21.49 5.05 -57.06
CA SER F 205 21.25 3.74 -56.47
C SER F 205 20.63 2.84 -57.55
N GLY F 206 19.98 1.78 -57.13
CA GLY F 206 19.35 0.87 -58.07
C GLY F 206 18.51 -0.13 -57.32
N ASN F 207 17.81 -0.97 -58.08
CA ASN F 207 16.98 -2.01 -57.50
C ASN F 207 16.79 -3.09 -58.54
N LEU F 208 15.90 -4.04 -58.25
CA LEU F 208 15.80 -5.27 -59.03
C LEU F 208 14.67 -5.26 -60.05
N ASP F 209 13.43 -5.04 -59.64
CA ASP F 209 12.30 -5.09 -60.56
C ASP F 209 11.95 -3.67 -61.02
N ALA F 210 11.21 -3.58 -62.13
CA ALA F 210 11.05 -2.28 -62.78
C ALA F 210 10.17 -1.32 -61.97
N PRO F 211 8.94 -1.67 -61.59
CA PRO F 211 8.13 -0.70 -60.82
C PRO F 211 8.83 -0.35 -59.52
N GLU F 212 8.66 0.89 -59.10
CA GLU F 212 9.36 1.44 -57.94
CA GLU F 212 9.37 1.34 -57.90
C GLU F 212 8.39 1.73 -56.80
N GLY F 213 8.96 2.08 -55.64
CA GLY F 213 8.15 2.35 -54.47
C GLY F 213 7.96 3.82 -54.14
N GLY F 214 7.80 4.65 -55.17
CA GLY F 214 7.59 6.06 -54.94
C GLY F 214 6.32 6.36 -54.16
N LEU F 215 5.31 5.49 -54.30
CA LEU F 215 4.06 5.69 -53.58
C LEU F 215 4.27 5.63 -52.07
N ASP F 216 5.12 4.72 -51.60
CA ASP F 216 5.56 4.72 -50.21
C ASP F 216 6.11 6.07 -49.81
N ALA F 217 6.97 6.64 -50.68
CA ALA F 217 7.61 7.91 -50.39
C ALA F 217 6.59 9.05 -50.31
N MET F 218 5.74 9.18 -51.34
CA MET F 218 4.73 10.25 -51.31
C MET F 218 3.86 10.15 -50.06
N MET F 219 3.52 8.93 -49.67
CA MET F 219 2.69 8.75 -48.48
C MET F 219 3.41 9.25 -47.24
N GLN F 220 4.71 8.99 -47.15
CA GLN F 220 5.50 9.53 -46.03
C GLN F 220 5.60 11.06 -46.08
N VAL F 221 5.69 11.63 -47.28
CA VAL F 221 5.76 13.09 -47.40
C VAL F 221 4.47 13.72 -46.91
N ALA F 222 3.33 13.09 -47.19
CA ALA F 222 2.05 13.62 -46.77
C ALA F 222 1.77 13.37 -45.30
N ALA F 223 2.28 12.28 -44.74
CA ALA F 223 2.04 11.94 -43.35
C ALA F 223 3.03 12.55 -42.38
N CYS F 224 4.11 13.17 -42.87
CA CYS F 224 5.14 13.74 -42.01
C CYS F 224 5.31 15.24 -42.30
N PRO F 225 4.25 16.04 -42.08
CA PRO F 225 4.32 17.45 -42.51
C PRO F 225 5.31 18.28 -41.70
N GLU F 226 5.51 17.95 -40.42
CA GLU F 226 6.49 18.69 -39.62
C GLU F 226 7.92 18.34 -40.03
N GLU F 227 8.18 17.07 -40.34
CA GLU F 227 9.51 16.70 -40.79
C GLU F 227 9.79 17.26 -42.18
N ILE F 228 8.77 17.32 -43.04
CA ILE F 228 8.97 17.86 -44.38
C ILE F 228 9.10 19.38 -44.31
N GLY F 229 8.39 20.02 -43.39
CA GLY F 229 8.46 21.45 -43.23
C GLY F 229 7.45 22.25 -44.02
N TRP F 230 6.33 21.64 -44.42
CA TRP F 230 5.33 22.39 -45.15
C TRP F 230 4.88 23.61 -44.34
N ARG F 231 4.80 24.74 -45.02
CA ARG F 231 4.01 25.84 -44.49
C ARG F 231 2.53 25.57 -44.77
N LYS F 232 1.67 26.40 -44.19
CA LYS F 232 0.24 26.31 -44.49
C LYS F 232 -0.07 27.22 -45.68
N VAL F 233 0.43 26.78 -46.84
CA VAL F 233 0.26 27.49 -48.11
C VAL F 233 -0.05 26.48 -49.21
N THR F 234 0.13 26.89 -50.47
CA THR F 234 -0.02 25.97 -51.58
C THR F 234 1.14 24.97 -51.59
N ARG F 235 0.83 23.68 -51.63
CA ARG F 235 1.82 22.62 -51.49
C ARG F 235 1.90 21.81 -52.78
N LEU F 236 3.04 21.91 -53.48
CA LEU F 236 3.29 21.13 -54.68
C LEU F 236 4.28 20.02 -54.37
N LEU F 237 3.99 18.82 -54.87
CA LEU F 237 4.86 17.65 -54.72
C LEU F 237 5.22 17.14 -56.12
N VAL F 238 6.45 17.40 -56.56
CA VAL F 238 6.91 16.90 -57.85
C VAL F 238 7.41 15.47 -57.68
N PHE F 239 6.88 14.57 -58.51
CA PHE F 239 7.23 13.15 -58.52
C PHE F 239 7.92 12.84 -59.83
N ALA F 240 9.25 12.65 -59.79
CA ALA F 240 10.06 12.55 -60.99
C ALA F 240 10.61 11.13 -61.12
N THR F 241 10.27 10.45 -62.21
CA THR F 241 10.63 9.04 -62.36
C THR F 241 10.55 8.64 -63.83
N ASP F 242 11.22 7.53 -64.18
CA ASP F 242 11.19 7.01 -65.54
C ASP F 242 10.66 5.57 -65.63
N ASP F 243 9.92 5.10 -64.65
CA ASP F 243 9.14 3.87 -64.88
CA ASP F 243 9.27 3.79 -64.71
C ASP F 243 7.98 3.84 -63.89
N GLY F 244 7.30 2.69 -63.82
CA GLY F 244 6.06 2.59 -63.10
C GLY F 244 6.23 2.52 -61.58
N PHE F 245 5.11 2.27 -60.91
CA PHE F 245 5.07 2.31 -59.45
C PHE F 245 4.33 1.09 -58.90
N HIS F 246 4.85 0.56 -57.79
CA HIS F 246 4.15 -0.46 -57.04
C HIS F 246 2.97 0.15 -56.29
N PHE F 247 1.99 -0.69 -56.00
CA PHE F 247 0.88 -0.32 -55.12
C PHE F 247 0.37 -1.56 -54.41
N ALA F 248 -0.63 -1.36 -53.55
CA ALA F 248 -1.09 -2.37 -52.60
C ALA F 248 -1.38 -3.69 -53.29
N GLY F 249 -0.95 -4.77 -52.66
CA GLY F 249 -1.01 -6.10 -53.22
C GLY F 249 0.32 -6.58 -53.73
N ASP F 250 1.17 -5.68 -54.22
CA ASP F 250 2.48 -6.09 -54.72
C ASP F 250 3.37 -6.59 -53.59
N GLY F 251 3.22 -6.07 -52.37
CA GLY F 251 4.09 -6.48 -51.29
C GLY F 251 4.01 -7.95 -50.96
N LYS F 252 2.91 -8.60 -51.37
CA LYS F 252 2.77 -10.03 -51.18
C LYS F 252 3.94 -10.81 -51.79
N LEU F 253 4.48 -10.33 -52.92
CA LEU F 253 5.66 -10.98 -53.49
C LEU F 253 6.85 -10.95 -52.55
N GLY F 254 6.89 -10.00 -51.62
CA GLY F 254 7.93 -9.96 -50.59
C GLY F 254 7.42 -10.38 -49.23
N ALA F 255 6.31 -11.12 -49.20
CA ALA F 255 5.69 -11.60 -47.96
C ALA F 255 5.38 -10.45 -47.01
N ILE F 256 4.99 -9.31 -47.57
CA ILE F 256 4.52 -8.18 -46.79
C ILE F 256 3.02 -8.10 -46.95
N LEU F 257 2.27 -8.43 -45.89
CA LEU F 257 0.83 -8.57 -45.97
C LEU F 257 0.08 -7.57 -45.10
N THR F 258 0.78 -6.79 -44.30
CA THR F 258 0.12 -5.77 -43.50
C THR F 258 -0.13 -4.53 -44.36
N PRO F 259 -1.35 -4.03 -44.43
CA PRO F 259 -1.62 -2.84 -45.27
C PRO F 259 -0.87 -1.61 -44.77
N ASN F 260 -0.65 -0.67 -45.69
CA ASN F 260 -0.07 0.63 -45.35
C ASN F 260 -0.98 1.35 -44.36
N ASP F 261 -0.41 1.79 -43.23
CA ASP F 261 -1.24 2.39 -42.19
C ASP F 261 -1.42 3.89 -42.33
N GLY F 262 -0.84 4.52 -43.36
CA GLY F 262 -1.06 5.95 -43.54
C GLY F 262 -0.44 6.82 -42.46
N ARG F 263 0.53 6.29 -41.73
CA ARG F 263 1.13 6.97 -40.60
CA ARG F 263 1.13 6.98 -40.60
C ARG F 263 2.55 7.40 -40.96
N CYS F 264 3.05 8.40 -40.22
CA CYS F 264 4.41 8.86 -40.42
C CYS F 264 5.40 7.90 -39.76
N HIS F 265 6.40 7.45 -40.53
CA HIS F 265 7.37 6.50 -40.00
C HIS F 265 8.80 6.96 -40.24
N LEU F 266 9.03 8.25 -40.41
CA LEU F 266 10.37 8.75 -40.63
C LEU F 266 11.21 8.58 -39.37
N GLU F 267 12.26 7.76 -39.46
CA GLU F 267 13.29 7.66 -38.43
C GLU F 267 14.62 7.98 -39.11
N ASP F 268 15.31 9.00 -38.59
CA ASP F 268 16.58 9.46 -39.18
C ASP F 268 16.39 9.91 -40.62
N ASN F 269 15.27 10.58 -40.89
CA ASN F 269 14.92 11.00 -42.25
C ASN F 269 14.81 9.81 -43.20
N LEU F 270 14.53 8.63 -42.66
CA LEU F 270 14.40 7.42 -43.47
C LEU F 270 13.11 6.70 -43.12
N TYR F 271 12.55 6.02 -44.13
CA TYR F 271 11.39 5.15 -43.96
C TYR F 271 11.92 3.75 -43.63
N LYS F 272 12.36 3.60 -42.38
CA LYS F 272 13.06 2.38 -41.97
C LYS F 272 12.14 1.17 -41.91
N ARG F 273 10.89 1.37 -41.49
CA ARG F 273 9.94 0.28 -41.39
C ARG F 273 9.22 0.00 -42.71
N SER F 274 9.79 0.41 -43.84
CA SER F 274 9.09 0.27 -45.11
C SER F 274 8.85 -1.19 -45.46
N ASN F 275 9.69 -2.09 -44.98
CA ASN F 275 9.51 -3.51 -45.28
C ASN F 275 8.50 -4.19 -44.37
N GLU F 276 7.92 -3.46 -43.42
CA GLU F 276 6.87 -4.02 -42.55
C GLU F 276 5.47 -3.73 -43.07
N PHE F 277 5.31 -2.74 -43.95
CA PHE F 277 4.03 -2.28 -44.44
C PHE F 277 3.96 -2.43 -45.95
N ASP F 278 2.80 -2.85 -46.45
CA ASP F 278 2.58 -2.97 -47.89
C ASP F 278 2.57 -1.58 -48.54
N TYR F 279 2.72 -1.56 -49.86
CA TYR F 279 2.53 -0.31 -50.61
C TYR F 279 1.11 0.19 -50.39
N PRO F 280 0.88 1.51 -50.42
CA PRO F 280 -0.49 2.02 -50.32
C PRO F 280 -1.24 1.82 -51.62
N SER F 281 -2.56 1.88 -51.53
CA SER F 281 -3.34 1.91 -52.76
C SER F 281 -3.36 3.34 -53.30
N VAL F 282 -3.69 3.45 -54.58
CA VAL F 282 -3.79 4.77 -55.20
C VAL F 282 -4.88 5.59 -54.53
N GLY F 283 -6.01 4.97 -54.22
CA GLY F 283 -7.09 5.69 -53.55
C GLY F 283 -6.68 6.17 -52.17
N GLN F 284 -6.01 5.30 -51.40
CA GLN F 284 -5.50 5.70 -50.09
C GLN F 284 -4.57 6.90 -50.20
N LEU F 285 -3.64 6.87 -51.15
CA LEU F 285 -2.77 8.01 -51.35
C LEU F 285 -3.57 9.24 -51.77
N ALA F 286 -4.62 9.05 -52.58
CA ALA F 286 -5.45 10.17 -53.00
C ALA F 286 -6.10 10.86 -51.79
N HIS F 287 -6.60 10.08 -50.84
CA HIS F 287 -7.21 10.66 -49.64
C HIS F 287 -6.17 11.39 -48.80
N LYS F 288 -5.01 10.76 -48.59
CA LYS F 288 -3.96 11.35 -47.77
C LYS F 288 -3.46 12.66 -48.36
N LEU F 289 -3.33 12.72 -49.69
CA LEU F 289 -2.85 13.94 -50.32
C LEU F 289 -3.87 15.06 -50.16
N ALA F 290 -5.14 14.75 -50.44
CA ALA F 290 -6.20 15.75 -50.30
C ALA F 290 -6.33 16.23 -48.85
N GLU F 291 -6.23 15.31 -47.88
CA GLU F 291 -6.31 15.71 -46.48
C GLU F 291 -5.27 16.77 -46.15
N ASN F 292 -4.05 16.58 -46.65
CA ASN F 292 -2.96 17.49 -46.36
C ASN F 292 -2.76 18.53 -47.46
N ASN F 293 -3.74 18.65 -48.35
CA ASN F 293 -3.74 19.71 -49.36
CA ASN F 293 -3.77 19.66 -49.42
C ASN F 293 -2.42 19.74 -50.14
N ILE F 294 -1.94 18.57 -50.54
CA ILE F 294 -0.73 18.43 -51.35
C ILE F 294 -1.15 18.05 -52.76
N GLN F 295 -0.66 18.79 -53.75
CA GLN F 295 -1.01 18.58 -55.14
C GLN F 295 0.16 17.97 -55.89
N PRO F 296 0.09 16.70 -56.28
CA PRO F 296 1.24 16.06 -56.91
C PRO F 296 1.40 16.45 -58.37
N ILE F 297 2.65 16.59 -58.78
CA ILE F 297 3.01 16.83 -60.17
C ILE F 297 3.79 15.62 -60.62
N PHE F 298 3.21 14.81 -61.50
CA PHE F 298 3.87 13.61 -61.99
C PHE F 298 4.73 13.97 -63.20
N ALA F 299 6.03 14.11 -62.94
CA ALA F 299 7.03 14.37 -63.98
C ALA F 299 7.62 13.04 -64.41
N VAL F 300 7.09 12.47 -65.49
CA VAL F 300 7.46 11.13 -65.92
C VAL F 300 7.91 11.17 -67.37
N THR F 301 8.72 10.18 -67.75
CA THR F 301 9.25 10.14 -69.10
C THR F 301 8.15 9.76 -70.08
N SER F 302 8.49 9.86 -71.36
CA SER F 302 7.50 9.76 -72.42
C SER F 302 6.70 8.47 -72.33
N ARG F 303 7.39 7.34 -72.16
CA ARG F 303 6.70 6.06 -72.18
C ARG F 303 5.77 5.88 -70.99
N MET F 304 5.90 6.70 -69.95
CA MET F 304 5.09 6.57 -68.75
C MET F 304 3.96 7.59 -68.66
N VAL F 305 3.87 8.53 -69.61
CA VAL F 305 2.93 9.64 -69.48
C VAL F 305 1.49 9.14 -69.40
N LYS F 306 1.09 8.28 -70.34
CA LYS F 306 -0.31 7.86 -70.39
C LYS F 306 -0.71 7.09 -69.15
N THR F 307 0.20 6.31 -68.57
CA THR F 307 -0.11 5.60 -67.34
C THR F 307 -0.39 6.58 -66.21
N TYR F 308 0.52 7.52 -66.00
CA TYR F 308 0.34 8.52 -64.95
C TYR F 308 -0.82 9.48 -65.25
N GLU F 309 -1.24 9.62 -66.52
CA GLU F 309 -2.42 10.42 -66.85
CA GLU F 309 -2.39 10.46 -66.80
C GLU F 309 -3.63 9.93 -66.08
N LYS F 310 -3.81 8.61 -66.04
CA LYS F 310 -5.00 8.03 -65.43
C LYS F 310 -5.11 8.38 -63.97
N LEU F 311 -3.98 8.68 -63.32
CA LEU F 311 -4.02 9.07 -61.91
C LEU F 311 -4.87 10.30 -61.70
N THR F 312 -4.90 11.22 -62.68
CA THR F 312 -5.68 12.44 -62.54
C THR F 312 -7.19 12.17 -62.43
N GLU F 313 -7.63 10.97 -62.82
CA GLU F 313 -9.04 10.60 -62.60
C GLU F 313 -9.31 10.35 -61.13
N ILE F 314 -8.29 9.98 -60.36
CA ILE F 314 -8.43 9.61 -58.96
C ILE F 314 -7.96 10.72 -58.04
N ILE F 315 -6.95 11.47 -58.45
CA ILE F 315 -6.43 12.57 -57.65
C ILE F 315 -6.82 13.87 -58.33
N PRO F 316 -7.90 14.54 -57.91
CA PRO F 316 -8.38 15.71 -58.67
C PRO F 316 -7.33 16.79 -58.88
N LYS F 317 -6.58 17.14 -57.84
CA LYS F 317 -5.56 18.19 -57.92
C LYS F 317 -4.20 17.54 -58.18
N SER F 318 -4.05 17.06 -59.40
CA SER F 318 -2.80 16.47 -59.85
C SER F 318 -2.63 16.79 -61.33
N ALA F 319 -1.37 16.77 -61.77
CA ALA F 319 -1.05 17.08 -63.16
C ALA F 319 0.15 16.22 -63.58
N VAL F 320 0.23 15.97 -64.88
CA VAL F 320 1.28 15.13 -65.45
C VAL F 320 2.03 15.93 -66.52
N GLY F 321 3.35 15.90 -66.45
CA GLY F 321 4.18 16.49 -67.48
C GLY F 321 5.23 15.52 -67.94
N GLU F 322 5.68 15.71 -69.19
CA GLU F 322 6.63 14.79 -69.81
C GLU F 322 8.06 15.20 -69.48
N LEU F 323 8.79 14.29 -68.85
CA LEU F 323 10.14 14.55 -68.36
C LEU F 323 11.17 14.00 -69.34
N SER F 324 12.19 14.79 -69.64
CA SER F 324 13.28 14.33 -70.50
C SER F 324 14.05 13.21 -69.81
N GLU F 325 14.86 12.51 -70.61
CA GLU F 325 15.65 11.40 -70.08
C GLU F 325 16.73 11.84 -69.12
N ASP F 326 17.06 13.13 -69.11
CA ASP F 326 18.04 13.66 -68.18
C ASP F 326 17.45 14.72 -67.26
N SER F 327 16.11 14.81 -67.18
CA SER F 327 15.41 15.77 -66.32
C SER F 327 15.80 17.21 -66.62
N SER F 328 16.36 17.49 -67.81
CA SER F 328 16.82 18.83 -68.13
C SER F 328 15.67 19.80 -68.38
N ASN F 329 14.44 19.32 -68.55
CA ASN F 329 13.30 20.18 -68.84
C ASN F 329 12.35 20.31 -67.66
N VAL F 330 12.79 19.97 -66.45
CA VAL F 330 11.83 19.79 -65.36
C VAL F 330 11.27 21.13 -64.88
N VAL F 331 12.03 22.23 -64.98
CA VAL F 331 11.56 23.52 -64.50
C VAL F 331 10.38 24.00 -65.32
N GLN F 332 10.46 23.88 -66.66
CA GLN F 332 9.32 24.25 -67.50
CA GLN F 332 9.32 24.27 -67.47
C GLN F 332 8.17 23.28 -67.32
N LEU F 333 8.50 22.00 -67.11
CA LEU F 333 7.47 21.01 -66.82
C LEU F 333 6.65 21.42 -65.61
N ILE F 334 7.33 21.87 -64.55
CA ILE F 334 6.64 22.28 -63.32
C ILE F 334 5.77 23.50 -63.57
N LYS F 335 6.30 24.49 -64.30
CA LYS F 335 5.52 25.68 -64.60
C LYS F 335 4.25 25.32 -65.37
N ASN F 336 4.39 24.51 -66.42
CA ASN F 336 3.23 24.06 -67.18
C ASN F 336 2.24 23.31 -66.28
N ALA F 337 2.76 22.51 -65.34
CA ALA F 337 1.90 21.75 -64.45
C ALA F 337 1.19 22.65 -63.45
N TYR F 338 1.88 23.69 -62.95
CA TYR F 338 1.21 24.63 -62.04
C TYR F 338 0.15 25.44 -62.77
N ASN F 339 0.42 25.82 -64.02
CA ASN F 339 -0.59 26.54 -64.79
C ASN F 339 -1.83 25.68 -64.99
N LYS F 340 -1.64 24.38 -65.21
CA LYS F 340 -2.77 23.48 -65.40
C LYS F 340 -3.55 23.31 -64.10
N LEU F 341 -2.83 23.13 -62.99
CA LEU F 341 -3.50 22.90 -61.71
C LEU F 341 -4.29 24.12 -61.27
N SER F 342 -3.70 25.30 -61.38
CA SER F 342 -4.30 26.49 -60.80
C SER F 342 -5.40 27.09 -61.66
N SER F 343 -5.46 26.74 -62.95
CA SER F 343 -6.56 27.18 -63.81
C SER F 343 -7.75 26.23 -63.77
N ARG F 344 -7.64 25.13 -63.05
CA ARG F 344 -8.74 24.18 -62.87
C ARG F 344 -9.20 24.29 -61.43
N VAL F 345 -10.49 24.61 -61.23
CA VAL F 345 -11.04 24.87 -59.90
C VAL F 345 -12.21 23.93 -59.67
N PHE F 346 -12.09 23.07 -58.66
CA PHE F 346 -13.14 22.15 -58.24
C PHE F 346 -13.77 22.62 -56.93
N LEU F 347 -15.10 22.59 -56.87
CA LEU F 347 -15.82 22.93 -55.65
C LEU F 347 -16.53 21.66 -55.17
N ASP F 348 -16.19 21.22 -53.96
CA ASP F 348 -16.71 19.96 -53.46
C ASP F 348 -16.92 20.07 -51.95
N HIS F 349 -17.59 19.07 -51.40
CA HIS F 349 -17.95 19.04 -49.99
C HIS F 349 -17.41 17.77 -49.35
N ASN F 350 -17.34 17.78 -48.03
CA ASN F 350 -16.90 16.62 -47.27
C ASN F 350 -18.02 15.57 -47.25
N ALA F 351 -17.82 14.52 -46.47
CA ALA F 351 -18.80 13.44 -46.42
C ALA F 351 -20.13 13.95 -45.89
N LEU F 352 -21.21 13.58 -46.58
CA LEU F 352 -22.55 13.98 -46.19
C LEU F 352 -23.37 12.76 -45.76
N PRO F 353 -24.31 12.95 -44.84
CA PRO F 353 -25.27 11.89 -44.55
C PRO F 353 -26.18 11.67 -45.74
N ASP F 354 -26.82 10.50 -45.76
CA ASP F 354 -27.76 10.20 -46.83
CA ASP F 354 -27.76 10.20 -46.83
C ASP F 354 -29.00 11.08 -46.78
N THR F 355 -29.19 11.86 -45.72
CA THR F 355 -30.36 12.73 -45.64
C THR F 355 -30.21 13.97 -46.54
N LEU F 356 -28.99 14.45 -46.74
CA LEU F 356 -28.72 15.63 -47.54
C LEU F 356 -28.14 15.24 -48.90
N LYS F 357 -28.58 15.96 -49.93
CA LYS F 357 -28.05 15.84 -51.28
C LYS F 357 -27.64 17.22 -51.76
N VAL F 358 -26.54 17.27 -52.50
CA VAL F 358 -25.95 18.53 -52.96
C VAL F 358 -25.58 18.40 -54.44
N THR F 359 -26.05 19.33 -55.26
CA THR F 359 -25.60 19.47 -56.63
C THR F 359 -25.01 20.86 -56.83
N TYR F 360 -24.20 20.99 -57.88
CA TYR F 360 -23.51 22.24 -58.19
C TYR F 360 -23.77 22.66 -59.62
N ASP F 361 -24.06 23.94 -59.81
CA ASP F 361 -23.95 24.58 -61.11
C ASP F 361 -22.67 25.40 -61.14
N SER F 362 -21.99 25.35 -62.28
CA SER F 362 -20.72 26.04 -62.47
C SER F 362 -20.89 27.06 -63.59
N PHE F 363 -20.77 28.33 -63.25
CA PHE F 363 -20.80 29.44 -64.20
C PHE F 363 -19.36 29.93 -64.35
N CYS F 364 -18.66 29.41 -65.36
CA CYS F 364 -17.25 29.69 -65.54
C CYS F 364 -17.04 30.96 -66.38
N SER F 365 -15.85 31.54 -66.24
CA SER F 365 -15.53 32.78 -66.93
C SER F 365 -15.16 32.56 -68.40
N ASN F 366 -14.84 31.32 -68.79
CA ASN F 366 -14.56 31.00 -70.18
C ASN F 366 -15.83 30.65 -70.96
N GLY F 367 -17.00 31.04 -70.46
CA GLY F 367 -18.26 30.86 -71.14
C GLY F 367 -18.88 29.48 -71.04
N VAL F 368 -18.27 28.54 -70.32
CA VAL F 368 -18.82 27.21 -70.13
C VAL F 368 -19.75 27.22 -68.93
N THR F 369 -20.85 26.47 -69.03
CA THR F 369 -21.82 26.36 -67.94
C THR F 369 -22.17 24.89 -67.72
N HIS F 370 -22.10 24.46 -66.47
CA HIS F 370 -22.57 23.13 -66.05
C HIS F 370 -23.66 23.33 -65.00
N ARG F 371 -24.66 22.47 -65.03
CA ARG F 371 -25.77 22.56 -64.10
C ARG F 371 -26.07 21.20 -63.49
N ASN F 372 -26.40 21.22 -62.21
CA ASN F 372 -26.88 20.04 -61.49
C ASN F 372 -25.87 18.90 -61.53
N GLN F 373 -24.60 19.24 -61.27
CA GLN F 373 -23.52 18.27 -61.27
C GLN F 373 -23.13 17.89 -59.85
N PRO F 374 -22.55 16.71 -59.65
CA PRO F 374 -22.12 16.33 -58.29
C PRO F 374 -20.99 17.19 -57.73
N ARG F 375 -20.28 17.93 -58.58
CA ARG F 375 -19.13 18.71 -58.15
C ARG F 375 -19.02 19.94 -59.04
N GLY F 376 -18.64 21.07 -58.44
CA GLY F 376 -18.33 22.23 -59.23
C GLY F 376 -17.04 22.01 -60.01
N ASP F 377 -17.00 22.55 -61.24
CA ASP F 377 -15.89 22.27 -62.15
C ASP F 377 -15.82 23.40 -63.17
N CYS F 378 -14.76 24.21 -63.08
CA CYS F 378 -14.47 25.24 -64.06
C CYS F 378 -13.02 25.13 -64.51
N ASP F 379 -12.79 25.45 -65.78
CA ASP F 379 -11.46 25.43 -66.37
C ASP F 379 -11.15 26.78 -66.98
N GLY F 380 -9.86 27.03 -67.24
CA GLY F 380 -9.46 28.33 -67.73
C GLY F 380 -9.70 29.45 -66.74
N VAL F 381 -9.76 29.12 -65.44
CA VAL F 381 -9.96 30.14 -64.41
C VAL F 381 -8.72 31.02 -64.33
N GLN F 382 -8.92 32.33 -64.39
CA GLN F 382 -7.84 33.30 -64.49
C GLN F 382 -7.75 34.11 -63.20
N ILE F 383 -6.55 34.65 -62.95
CA ILE F 383 -6.31 35.43 -61.74
C ILE F 383 -7.25 36.62 -61.70
N ASN F 384 -7.92 36.80 -60.56
CA ASN F 384 -8.77 37.96 -60.27
C ASN F 384 -9.96 38.09 -61.22
N VAL F 385 -10.27 37.02 -61.95
CA VAL F 385 -11.47 36.97 -62.78
C VAL F 385 -12.45 36.03 -62.10
N PRO F 386 -13.44 36.54 -61.37
CA PRO F 386 -14.25 35.67 -60.52
C PRO F 386 -15.11 34.69 -61.32
N ILE F 387 -15.46 33.58 -60.67
CA ILE F 387 -16.41 32.61 -61.20
C ILE F 387 -17.43 32.32 -60.10
N THR F 388 -18.56 31.75 -60.51
CA THR F 388 -19.69 31.55 -59.62
C THR F 388 -20.17 30.11 -59.68
N PHE F 389 -20.40 29.52 -58.51
CA PHE F 389 -21.00 28.21 -58.36
C PHE F 389 -22.31 28.36 -57.60
N GLN F 390 -23.33 27.65 -58.03
CA GLN F 390 -24.63 27.68 -57.36
C GLN F 390 -24.84 26.33 -56.69
N VAL F 391 -24.83 26.34 -55.36
CA VAL F 391 -25.02 25.13 -54.56
C VAL F 391 -26.50 24.96 -54.30
N LYS F 392 -27.01 23.75 -54.54
CA LYS F 392 -28.39 23.38 -54.25
C LYS F 392 -28.39 22.22 -53.26
N VAL F 393 -29.05 22.40 -52.13
CA VAL F 393 -29.08 21.41 -51.05
C VAL F 393 -30.53 20.98 -50.82
N THR F 394 -30.76 19.67 -50.78
CA THR F 394 -32.09 19.10 -50.58
C THR F 394 -32.01 18.01 -49.53
N ALA F 395 -32.88 18.11 -48.52
CA ALA F 395 -33.01 17.10 -47.49
C ALA F 395 -34.24 16.24 -47.75
N THR F 396 -34.17 14.98 -47.31
CA THR F 396 -35.28 14.05 -47.44
C THR F 396 -36.10 13.92 -46.16
N GLU F 397 -35.71 14.59 -45.07
CA GLU F 397 -36.43 14.52 -43.81
C GLU F 397 -36.48 15.90 -43.17
N CYS F 398 -37.24 15.99 -42.09
CA CYS F 398 -37.01 17.03 -41.09
C CYS F 398 -35.74 16.64 -40.34
N ILE F 399 -34.67 17.38 -40.57
CA ILE F 399 -33.35 16.96 -40.15
C ILE F 399 -32.98 17.63 -38.83
N GLN F 400 -32.12 16.97 -38.06
CA GLN F 400 -31.52 17.59 -36.90
C GLN F 400 -30.39 18.53 -37.33
N GLU F 401 -30.12 19.53 -36.49
CA GLU F 401 -29.12 20.54 -36.83
C GLU F 401 -27.79 19.90 -37.19
N GLN F 402 -27.06 20.57 -38.07
CA GLN F 402 -25.97 19.95 -38.79
C GLN F 402 -25.17 21.01 -39.52
N SER F 403 -23.91 20.68 -39.81
CA SER F 403 -23.09 21.55 -40.64
C SER F 403 -22.12 20.71 -41.44
N PHE F 404 -21.82 21.19 -42.64
CA PHE F 404 -20.77 20.62 -43.48
C PHE F 404 -20.05 21.79 -44.14
N VAL F 405 -18.90 21.51 -44.74
CA VAL F 405 -18.07 22.55 -45.33
C VAL F 405 -17.96 22.32 -46.83
N ILE F 406 -18.05 23.40 -47.57
CA ILE F 406 -17.76 23.40 -48.99
C ILE F 406 -16.36 23.97 -49.15
N ARG F 407 -15.55 23.34 -50.00
CA ARG F 407 -14.15 23.70 -50.15
CA ARG F 407 -14.16 23.71 -50.16
C ARG F 407 -13.78 23.74 -51.64
N ALA F 408 -12.86 24.64 -51.99
CA ALA F 408 -12.27 24.61 -53.32
C ALA F 408 -11.00 23.78 -53.22
N LEU F 409 -10.96 22.66 -53.97
CA LEU F 409 -9.85 21.72 -53.82
C LEU F 409 -8.53 22.40 -54.15
N GLY F 410 -7.50 22.04 -53.39
CA GLY F 410 -6.23 22.71 -53.49
C GLY F 410 -6.03 23.85 -52.50
N PHE F 411 -7.01 24.15 -51.67
CA PHE F 411 -6.94 25.30 -50.78
C PHE F 411 -7.60 24.97 -49.45
N THR F 412 -7.19 25.70 -48.41
CA THR F 412 -7.72 25.43 -47.08
C THR F 412 -9.02 26.17 -46.79
N ASP F 413 -9.38 27.16 -47.62
CA ASP F 413 -10.57 27.95 -47.36
C ASP F 413 -11.81 27.09 -47.44
N ILE F 414 -12.80 27.42 -46.62
CA ILE F 414 -14.02 26.63 -46.51
C ILE F 414 -15.21 27.56 -46.45
N VAL F 415 -16.35 27.04 -46.91
CA VAL F 415 -17.65 27.66 -46.69
C VAL F 415 -18.40 26.77 -45.70
N THR F 416 -18.58 27.25 -44.48
CA THR F 416 -19.31 26.49 -43.47
C THR F 416 -20.81 26.61 -43.73
N VAL F 417 -21.47 25.48 -43.87
CA VAL F 417 -22.89 25.43 -44.23
C VAL F 417 -23.65 24.79 -43.08
N GLN F 418 -24.37 25.62 -42.31
CA GLN F 418 -25.22 25.15 -41.23
C GLN F 418 -26.61 24.80 -41.76
N VAL F 419 -27.08 23.61 -41.43
CA VAL F 419 -28.32 23.07 -41.98
C VAL F 419 -29.35 22.96 -40.86
N LEU F 420 -30.46 23.67 -41.02
CA LEU F 420 -31.57 23.66 -40.09
C LEU F 420 -32.84 23.23 -40.81
N PRO F 421 -33.76 22.56 -40.12
CA PRO F 421 -35.01 22.15 -40.77
C PRO F 421 -36.03 23.28 -40.78
N GLN F 422 -37.02 23.13 -41.64
CA GLN F 422 -38.21 23.98 -41.64
C GLN F 422 -39.42 23.07 -41.76
N CYS F 423 -39.81 22.49 -40.63
CA CYS F 423 -41.09 21.81 -40.49
C CYS F 423 -41.99 22.57 -39.53
N GLU F 424 -41.53 23.70 -39.03
CA GLU F 424 -42.33 24.62 -38.25
C GLU F 424 -43.02 25.61 -39.18
N CYS F 425 -44.35 25.65 -39.09
CA CYS F 425 -45.08 26.78 -39.65
C CYS F 425 -44.86 28.01 -38.77
N ARG F 426 -44.78 29.17 -39.41
CA ARG F 426 -44.70 30.46 -38.72
C ARG F 426 -46.08 31.10 -38.82
N CYS F 427 -46.94 30.78 -37.86
CA CYS F 427 -48.37 30.98 -37.97
C CYS F 427 -48.79 32.36 -37.49
N ARG F 428 -50.11 32.56 -37.46
CA ARG F 428 -50.68 33.90 -37.33
C ARG F 428 -50.55 34.40 -35.90
N ASP F 429 -50.01 35.60 -35.77
CA ASP F 429 -50.10 36.35 -34.55
C ASP F 429 -51.56 36.50 -34.13
N GLN F 430 -51.95 35.91 -32.97
CA GLN F 430 -53.36 35.91 -32.57
C GLN F 430 -53.93 37.31 -32.28
N SER F 431 -53.15 38.38 -32.44
CA SER F 431 -53.66 39.74 -32.26
C SER F 431 -54.84 39.99 -33.21
N ARG F 432 -55.73 40.91 -32.80
CA ARG F 432 -57.00 41.20 -33.47
C ARG F 432 -58.00 40.05 -33.32
N ASP F 433 -57.53 38.88 -32.90
CA ASP F 433 -58.37 37.73 -32.67
C ASP F 433 -58.43 37.33 -31.19
N ARG F 434 -57.87 38.14 -30.30
CA ARG F 434 -57.92 37.83 -28.88
C ARG F 434 -59.35 37.94 -28.38
N SER F 435 -59.61 37.31 -27.23
CA SER F 435 -60.89 36.78 -26.75
C SER F 435 -60.82 35.31 -27.11
N LEU F 436 -59.89 34.98 -28.00
CA LEU F 436 -59.27 33.67 -28.20
C LEU F 436 -60.35 32.61 -28.41
N CYS F 437 -60.29 31.47 -27.73
CA CYS F 437 -61.16 30.33 -27.98
C CYS F 437 -62.26 30.21 -26.92
N HIS F 438 -62.77 31.34 -26.43
CA HIS F 438 -63.72 31.35 -25.32
C HIS F 438 -63.16 30.56 -24.13
N GLY F 439 -61.86 30.69 -23.93
CA GLY F 439 -61.18 30.02 -22.83
C GLY F 439 -59.77 30.56 -22.72
N LYS F 440 -59.00 29.95 -21.81
CA LYS F 440 -57.62 30.39 -21.59
C LYS F 440 -56.64 29.81 -22.61
N GLY F 441 -57.06 28.82 -23.40
CA GLY F 441 -56.15 28.22 -24.35
C GLY F 441 -55.67 29.21 -25.39
N PHE F 442 -54.41 29.04 -25.82
CA PHE F 442 -53.78 29.94 -26.76
C PHE F 442 -53.86 29.39 -28.18
N LEU F 443 -53.75 30.30 -29.15
CA LEU F 443 -53.85 29.97 -30.55
C LEU F 443 -52.48 29.65 -31.12
N GLU F 444 -52.42 28.62 -31.96
CA GLU F 444 -51.28 28.41 -32.87
C GLU F 444 -51.84 27.92 -34.19
N CYS F 445 -51.75 28.76 -35.22
CA CYS F 445 -52.20 28.41 -36.57
C CYS F 445 -53.71 28.27 -36.65
N GLY F 446 -54.44 29.30 -36.22
CA GLY F 446 -55.89 29.28 -36.34
C GLY F 446 -56.59 28.13 -35.64
N ILE F 447 -55.83 27.12 -35.23
CA ILE F 447 -56.33 26.00 -34.45
C ILE F 447 -55.88 26.19 -33.02
N CYS F 448 -56.85 26.19 -32.10
CA CYS F 448 -56.55 26.38 -30.68
C CYS F 448 -55.84 25.14 -30.15
N ARG F 449 -54.58 25.30 -29.73
CA ARG F 449 -53.89 24.28 -28.96
C ARG F 449 -54.04 24.70 -27.50
N CYS F 450 -55.19 24.36 -26.92
CA CYS F 450 -55.51 24.78 -25.55
C CYS F 450 -54.41 24.36 -24.61
N ASP F 451 -54.14 25.21 -23.61
CA ASP F 451 -53.23 24.83 -22.54
C ASP F 451 -53.76 23.55 -21.89
N THR F 452 -52.88 22.56 -21.76
CA THR F 452 -53.21 21.18 -21.41
C THR F 452 -54.41 21.04 -20.49
N GLY F 453 -55.39 20.27 -20.91
CA GLY F 453 -56.50 19.91 -20.05
C GLY F 453 -57.75 20.73 -20.37
N TYR F 454 -58.40 21.25 -19.32
CA TYR F 454 -59.79 21.69 -19.40
C TYR F 454 -60.55 20.56 -20.08
N ILE F 455 -61.38 20.85 -21.09
CA ILE F 455 -61.89 19.84 -22.01
C ILE F 455 -62.03 20.49 -23.38
N GLY F 456 -61.70 19.74 -24.42
CA GLY F 456 -62.17 20.06 -25.76
C GLY F 456 -61.08 20.63 -26.65
N LYS F 457 -61.41 20.68 -27.95
CA LYS F 457 -60.56 21.23 -29.00
C LYS F 457 -60.75 22.74 -29.17
N ASN F 458 -61.95 23.24 -28.93
CA ASN F 458 -62.28 24.65 -29.04
C ASN F 458 -62.15 25.38 -27.70
N CYS F 459 -61.60 24.70 -26.68
CA CYS F 459 -61.53 25.18 -25.30
C CYS F 459 -62.88 25.75 -24.88
MG MG G . 56.57 23.36 68.33
CA CA H . 4.20 20.55 79.73
CA CA I . -5.98 29.33 77.84
CA CA J . -1.78 45.29 75.47
C1 NAG K . 31.99 43.29 55.28
C2 NAG K . 32.22 42.12 56.20
C3 NAG K . 33.05 42.59 57.39
C4 NAG K . 34.33 43.24 56.91
C5 NAG K . 34.10 44.27 55.79
C6 NAG K . 35.37 44.68 55.10
C7 NAG K . 30.66 40.24 56.33
C8 NAG K . 29.34 39.76 56.84
N2 NAG K . 30.98 41.51 56.63
O3 NAG K . 33.32 41.48 58.26
O4 NAG K . 34.94 43.94 58.00
O5 NAG K . 33.22 43.76 54.78
O6 NAG K . 35.52 46.09 55.08
O7 NAG K . 31.41 39.52 55.69
CA CA L . 16.46 10.14 28.17
CA CA M . 14.68 22.12 38.34
C1 NAG N . -32.32 1.53 41.52
C2 NAG N . -31.77 0.37 42.34
C3 NAG N . -32.93 -0.53 42.81
C4 NAG N . -34.13 0.28 43.31
C5 NAG N . -34.39 1.51 42.45
C6 NAG N . -35.40 2.47 43.01
C7 NAG N . -30.21 -1.52 42.04
C8 NAG N . -29.24 -2.18 41.11
N2 NAG N . -30.81 -0.42 41.57
O3 NAG N . -32.47 -1.40 43.85
O4 NAG N . -35.29 -0.54 43.30
O5 NAG N . -33.18 2.26 42.29
O6 NAG N . -35.77 3.43 42.03
O7 NAG N . -30.42 -1.95 43.17
C1 NAG O . -7.83 18.86 9.51
C2 NAG O . -8.64 18.73 8.21
C3 NAG O . -9.16 20.11 7.78
C4 NAG O . -9.84 20.84 8.94
C5 NAG O . -8.97 20.83 10.18
C6 NAG O . -9.68 21.37 11.40
C7 NAG O . -7.93 16.87 6.78
C8 NAG O . -7.05 16.44 5.65
N2 NAG O . -7.85 18.15 7.14
O3 NAG O . -10.07 19.96 6.70
O4 NAG O . -10.07 22.20 8.57
O5 NAG O . -8.61 19.48 10.49
O6 NAG O . -9.09 22.59 11.83
O7 NAG O . -8.69 16.08 7.35
MG MG P . 41.29 -51.35 14.37
CA CA Q . -12.19 -39.41 21.09
CA CA R . -18.00 -28.57 27.09
CA CA S . -9.37 -18.96 37.22
C1 NAG T . 27.09 -20.03 20.48
C2 NAG T . 26.34 -20.84 19.45
C3 NAG T . 26.91 -22.25 19.38
C4 NAG T . 28.41 -22.20 19.12
C5 NAG T . 29.11 -21.28 20.13
C6 NAG T . 30.56 -21.07 19.81
C7 NAG T . 24.02 -20.17 19.00
C8 NAG T . 24.57 -19.37 17.85
N2 NAG T . 24.91 -20.86 19.72
O3 NAG T . 26.25 -22.96 18.34
O4 NAG T . 28.94 -23.52 19.20
O5 NAG T . 28.49 -19.99 20.14
O6 NAG T . 31.30 -22.29 19.82
O7 NAG T . 22.83 -20.19 19.27
CA CA U . 11.98 -15.26 -20.23
CA CA V . 10.69 -14.41 -4.63
C1 NAG W . -38.50 -9.65 -18.60
C2 NAG W . -40.02 -9.76 -18.40
C3 NAG W . -40.50 -11.20 -18.61
C4 NAG W . -39.95 -11.76 -19.91
C5 NAG W . -38.44 -11.61 -19.93
C6 NAG W . -37.80 -12.15 -21.20
C7 NAG W . -41.15 -8.21 -16.88
C8 NAG W . -41.45 -7.86 -15.44
N2 NAG W . -40.40 -9.29 -17.08
O3 NAG W . -41.93 -11.20 -18.63
O4 NAG W . -40.30 -13.14 -20.05
O5 NAG W . -38.13 -10.22 -19.85
O6 NAG W . -38.12 -11.33 -22.31
O7 NAG W . -41.59 -7.54 -17.81
C1 NAG X . -3.89 12.48 -25.53
C2 NAG X . -3.42 13.87 -25.07
C3 NAG X . -4.60 14.87 -25.23
C4 NAG X . -5.22 14.77 -26.62
C5 NAG X . -5.53 13.32 -27.02
C6 NAG X . -5.96 13.18 -28.46
C7 NAG X . -3.26 14.56 -22.63
C8 NAG X . -2.47 14.33 -21.38
N2 NAG X . -2.87 13.85 -23.72
O3 NAG X . -4.20 16.20 -24.95
O4 NAG X . -6.45 15.50 -26.65
O5 NAG X . -4.33 12.53 -26.88
O6 NAG X . -6.46 11.87 -28.73
O7 NAG X . -4.19 15.38 -22.65
MG MG Y . 22.66 -47.11 -79.77
CA CA Z . -24.18 -23.77 -63.90
CA CA AA . -28.75 -20.90 -51.77
CA CA BA . -22.78 -26.92 -38.92
C1 NAG CA . 16.98 -31.13 -48.82
C2 NAG CA . 16.78 -30.27 -50.08
C3 NAG CA . 17.45 -30.98 -51.26
C4 NAG CA . 18.89 -31.36 -50.96
C5 NAG CA . 19.04 -32.02 -49.58
C6 NAG CA . 20.47 -32.18 -49.14
C7 NAG CA . 14.89 -28.77 -50.43
C8 NAG CA . 13.43 -28.66 -50.75
N2 NAG CA . 15.39 -30.00 -50.36
O3 NAG CA . 17.38 -30.19 -52.44
O4 NAG CA . 19.37 -32.28 -51.93
O5 NAG CA . 18.37 -31.26 -48.57
O6 NAG CA . 20.62 -33.35 -48.35
O7 NAG CA . 15.58 -27.77 -50.23
CA CA DA . 17.92 9.08 -67.22
CA CA EA . 11.40 -1.91 -57.95
C1 NAG FA . -26.33 32.87 -58.66
C2 NAG FA . -27.78 33.26 -58.36
C3 NAG FA . -28.69 32.78 -59.49
C4 NAG FA . -28.17 33.22 -60.85
C5 NAG FA . -26.70 32.85 -61.02
C6 NAG FA . -26.09 33.41 -62.28
C7 NAG FA . -29.17 33.17 -56.33
C8 NAG FA . -29.44 32.43 -55.06
N2 NAG FA . -28.20 32.68 -57.10
O3 NAG FA . -30.01 33.28 -59.29
O4 NAG FA . -28.91 32.58 -61.88
O5 NAG FA . -25.95 33.38 -59.92
O6 NAG FA . -24.85 34.05 -62.05
O7 NAG FA . -29.83 34.16 -56.67
C1 NAG GA . 13.66 32.81 -46.19
C2 NAG GA . 14.29 34.20 -46.20
C3 NAG GA . 14.54 34.68 -44.76
C4 NAG GA . 13.28 34.54 -43.91
C5 NAG GA . 12.70 33.13 -44.03
C6 NAG GA . 11.36 32.99 -43.33
C7 NAG GA . 15.64 34.65 -48.21
C8 NAG GA . 17.01 34.58 -48.82
N2 NAG GA . 15.53 34.22 -46.94
O3 NAG GA . 14.98 36.03 -44.79
O4 NAG GA . 13.59 34.79 -42.55
O5 NAG GA . 12.48 32.83 -45.41
O6 NAG GA . 11.26 31.74 -42.66
O7 NAG GA . 14.66 35.06 -48.83
#